data_9CLN
#
_entry.id   9CLN
#
_cell.length_a   1.00
_cell.length_b   1.00
_cell.length_c   1.00
_cell.angle_alpha   90.00
_cell.angle_beta   90.00
_cell.angle_gamma   90.00
#
_symmetry.space_group_name_H-M   'P 1'
#
loop_
_entity.id
_entity.type
_entity.pdbx_description
1 polymer 'Hexon protein'
2 polymer Prothrombin
3 non-polymer 'CALCIUM ION'
#
loop_
_entity_poly.entity_id
_entity_poly.type
_entity_poly.pdbx_seq_one_letter_code
_entity_poly.pdbx_strand_id
1 'polypeptide(L)'
;MATPSMMPQWSYMHISGQDASEYLSPGLVQFARATETYFSLNNKFRNPTVAPTHDVTTDRSQRLTLRFIPVDREDTAYSY
KARFTLAVGDNRVLDMASTYFDIRGVLDRGPTFKPYSGTAYNALAPKGAPNPCEWDEAATALEINLEEEDDDNEDEVDEQ
AEQQKTHVFGQAPYSGINITKEGIQIGVEGQTPKYADKTFQPEPQIGESQWYETEINHAAGRVLKKTTPMKPCYGSYAKP
TNENGGQGILVKQQNGKLESQVEMQFFSTTEATAGNGDNLTPKVVLYSEDVDIETPDTHISYMPTIKEGNSRELMGQQSM
PNRPNYIAFRDNFIGLMYYNSTGNMGVLAGQASQLNAVVDLQDRNTELSYQLLLDSIGDRTRYFSMWNQAVDSYDPDVRI
IENHGTEDELPNYCFPLGGVINTETLTKVKPKTGQENGWEKDATEFSDKNEIRVGNNFAMEINLNANLWRNFLYSNIALY
LPDKLKYSPSNVKISDNPNTYDYMNKRVVAPGLVDCYINLGARWSLDYMDNVNPFNHHRNAGLRYRSMLLGNGRYVPFHI
QVPQKFFAIKNLLLLPGSYTYEWNFRKDVNMVLQSSLGNDLRVDGASIKFDSICLYATFFPMAHNTASTLEAMLRNDTND
QSFNDYLSAANMLYPIPANATNVPISIPSRNWAAFRGWAFTRLKTKETPSLGSGYDPYYTYSGSIPYLDGTFYLNHTFKK
VAITFDSSVSWPGNDRLLTPNEFEIKRSVDGEGYNVAQCNMTKDWFLVQMLANYNIGYQGFYIPESYKDRMYSFFRNFQP
MSRQVVDDTKYKDYQQVGILHQHNNSGFVGYLAPTMREGQAYPANFPYPLIGKTAVDSITQKKFLCDRTLWRIPFSSNFM
SMGALTDLGQNLLYANSAHALDMTFEVDPMDEPTLLYVLFEVFDVVRVHRPHRGVIETVYLRTPFSAGNATT
;
J,K,L
2 'polypeptide(L)'
;MAHVRGLQLPGCLALAALCSLVHSQHVFLAPQQARSLLQRVRRANTFL(CGU)(CGU)VRKGNL(CGU)R(CGU)CV
(CGU)(CGU)TCSY(CGU)(CGU)AF(CGU)AL(CGU)SSTATDVFWAKYTACETARTPRDKLAACLEGNCAEGLGTNYR
GHVNITRSGIECQLWRSRYPHKPEINSTTHPGADLQENFCRNPDSSTTGPWCYTTDPTVRRQECSIPVCGQDQVTVAMTP
RSEGSSVNLSPPLEQCVPDRGQQYQGRLAVTTHGLPCLAWASAQAKALSKHQDFNSAVQLVENFCRNPDGDEEGVWCYVA
GKPGDFGYCDLNYCEEAVEEETGDGLDEDSDRAIEGRTATSEYQTFFNPRTFGSGEADCGLRPLFEKKSLEDKTERELLE
SYIDGRIVEGSDAEIGMSPWQVMLFRKSPQELLCGASLISDRWVLTAAHCLLYPPWDKNFTENDLLVRIGKHSRTRYERN
IEKISMLEKIYIHPRYNWRENLDRDIALMKLKKPVAFSDYIHPVCLPDRETAASLLQAGYKGRVTGWGNLKETWTANVGK
GQPSVLQVVNLPIVERPVCKDSTRIRITDNMFCAGYKPDEGKRGDACEGDSGGPFVMKSPFNNRWYQMGIVSWGEGCDRD
GKYGFYTHVFRLKKWIQKVIDQFGE
;
Z
#
# COMPACT_ATOMS: atom_id res chain seq x y z
N ALA A 2 70.80 12.39 -6.45
CA ALA A 2 71.84 13.14 -5.75
C ALA A 2 71.22 14.01 -4.67
N THR A 3 72.06 14.54 -3.79
CA THR A 3 71.60 15.48 -2.79
C THR A 3 70.99 16.70 -3.47
N PRO A 4 69.77 17.12 -3.09
CA PRO A 4 69.11 18.20 -3.84
C PRO A 4 69.92 19.47 -3.92
N SER A 5 70.64 19.82 -2.85
CA SER A 5 71.45 21.03 -2.86
C SER A 5 72.51 21.02 -3.96
N MET A 6 72.69 19.90 -4.65
CA MET A 6 73.57 19.90 -5.82
C MET A 6 73.03 20.81 -6.91
N MET A 7 71.72 20.78 -7.15
CA MET A 7 71.19 21.73 -8.11
C MET A 7 70.52 22.88 -7.37
N PRO A 8 70.82 24.13 -7.72
CA PRO A 8 70.30 25.26 -6.94
C PRO A 8 68.85 25.59 -7.21
N GLN A 9 68.34 25.33 -8.41
CA GLN A 9 66.98 25.75 -8.74
C GLN A 9 65.97 25.13 -7.79
N TRP A 10 66.09 23.82 -7.54
CA TRP A 10 65.17 23.16 -6.63
C TRP A 10 65.21 23.79 -5.25
N SER A 11 66.34 24.36 -4.87
CA SER A 11 66.38 25.12 -3.63
C SER A 11 65.74 26.48 -3.79
N TYR A 12 65.81 27.05 -4.99
CA TYR A 12 65.30 28.41 -5.18
C TYR A 12 63.78 28.42 -5.17
N MET A 13 63.16 27.44 -5.81
CA MET A 13 61.70 27.36 -5.86
C MET A 13 61.13 26.61 -4.67
N HIS A 14 61.88 26.53 -3.58
CA HIS A 14 61.41 25.90 -2.35
C HIS A 14 61.01 24.45 -2.55
N ILE A 15 61.57 23.78 -3.56
CA ILE A 15 61.24 22.38 -3.76
C ILE A 15 61.99 21.51 -2.77
N SER A 16 63.17 21.93 -2.35
CA SER A 16 63.97 21.17 -1.39
C SER A 16 65.01 22.10 -0.78
N GLY A 17 65.15 22.02 0.54
CA GLY A 17 66.08 22.90 1.23
C GLY A 17 65.61 23.23 2.63
N GLN A 18 65.51 24.51 2.94
CA GLN A 18 65.09 24.92 4.26
C GLN A 18 63.56 24.96 4.34
N ASP A 19 63.07 25.28 5.53
CA ASP A 19 61.64 25.35 5.78
C ASP A 19 61.16 26.79 5.79
N ALA A 20 59.91 26.97 6.18
CA ALA A 20 59.33 28.32 6.21
C ALA A 20 60.02 29.20 7.23
N SER A 21 60.29 28.67 8.42
CA SER A 21 60.81 29.49 9.50
C SER A 21 62.26 29.91 9.28
N GLU A 22 62.94 29.36 8.29
CA GLU A 22 64.36 29.62 8.15
C GLU A 22 64.65 30.80 7.23
N TYR A 23 64.24 30.72 5.97
CA TYR A 23 64.66 31.74 5.01
C TYR A 23 64.08 33.11 5.30
N LEU A 24 62.96 33.19 6.01
CA LEU A 24 62.36 34.48 6.26
C LEU A 24 63.20 35.31 7.22
N SER A 25 63.23 36.61 6.99
CA SER A 25 63.87 37.51 7.94
C SER A 25 63.10 37.47 9.25
N PRO A 26 63.77 37.26 10.38
CA PRO A 26 63.05 36.83 11.58
C PRO A 26 61.97 37.77 12.03
N GLY A 27 62.08 39.06 11.71
CA GLY A 27 61.05 40.00 12.10
C GLY A 27 59.68 39.60 11.58
N LEU A 28 59.61 39.18 10.31
CA LEU A 28 58.33 38.79 9.75
C LEU A 28 57.82 37.50 10.36
N VAL A 29 58.71 36.57 10.70
CA VAL A 29 58.28 35.35 11.37
C VAL A 29 57.62 35.69 12.71
N GLN A 30 58.25 36.59 13.47
CA GLN A 30 57.63 36.99 14.73
C GLN A 30 56.31 37.69 14.48
N PHE A 31 56.24 38.54 13.46
CA PHE A 31 55.00 39.21 13.14
C PHE A 31 53.89 38.21 12.87
N ALA A 32 54.17 37.22 12.03
CA ALA A 32 53.15 36.22 11.74
C ALA A 32 52.73 35.48 12.99
N ARG A 33 53.70 35.04 13.80
CA ARG A 33 53.33 34.34 15.02
C ARG A 33 52.59 35.24 15.99
N ALA A 34 52.62 36.55 15.77
CA ALA A 34 51.93 37.46 16.67
C ALA A 34 50.47 37.67 16.28
N THR A 35 50.14 37.46 14.99
CA THR A 35 48.79 37.73 14.53
C THR A 35 48.20 36.52 13.80
N GLU A 36 48.33 35.34 14.39
CA GLU A 36 47.81 34.15 13.73
C GLU A 36 46.30 34.15 13.67
N THR A 37 45.64 34.82 14.61
CA THR A 37 44.18 34.73 14.71
C THR A 37 43.49 35.65 13.71
N TYR A 38 43.69 36.95 13.86
CA TYR A 38 42.83 37.90 13.17
C TYR A 38 43.34 38.36 11.81
N PHE A 39 44.53 37.93 11.39
CA PHE A 39 44.96 38.16 10.01
C PHE A 39 46.00 37.10 9.67
N SER A 40 45.57 36.06 8.97
CA SER A 40 46.41 34.90 8.78
C SER A 40 47.53 35.19 7.78
N LEU A 41 48.60 34.41 7.90
CA LEU A 41 49.61 34.34 6.86
C LEU A 41 50.15 32.93 6.70
N ASN A 42 49.48 31.93 7.26
CA ASN A 42 50.05 30.60 7.37
C ASN A 42 49.94 29.77 6.10
N ASN A 43 49.65 30.38 4.95
CA ASN A 43 49.57 29.59 3.73
C ASN A 43 50.17 30.32 2.53
N LYS A 44 50.94 31.37 2.74
CA LYS A 44 51.50 32.13 1.63
C LYS A 44 52.86 31.61 1.18
N PHE A 45 53.37 30.53 1.76
CA PHE A 45 54.64 29.97 1.32
C PHE A 45 54.64 28.48 1.62
N ARG A 46 55.08 27.68 0.65
CA ARG A 46 55.09 26.22 0.81
C ARG A 46 56.47 25.75 1.23
N ASN A 47 56.50 24.93 2.29
CA ASN A 47 57.74 24.39 2.82
C ASN A 47 57.86 22.93 2.45
N PRO A 48 58.88 22.53 1.70
CA PRO A 48 58.88 21.19 1.11
C PRO A 48 59.20 20.11 2.11
N THR A 49 59.20 18.87 1.60
CA THR A 49 59.55 17.68 2.35
C THR A 49 60.28 16.73 1.42
N VAL A 50 61.20 15.94 1.97
CA VAL A 50 61.99 15.00 1.19
C VAL A 50 61.96 13.64 1.89
N ALA A 51 61.87 12.59 1.09
CA ALA A 51 61.91 11.24 1.64
C ALA A 51 63.36 10.73 1.69
N PRO A 52 63.67 9.85 2.62
CA PRO A 52 65.04 9.36 2.74
C PRO A 52 65.42 8.46 1.57
N THR A 53 66.72 8.40 1.29
CA THR A 53 67.23 7.60 0.19
C THR A 53 68.32 6.63 0.61
N HIS A 54 68.50 6.39 1.91
CA HIS A 54 69.58 5.54 2.38
C HIS A 54 69.05 4.50 3.35
N ASP A 55 69.21 3.23 2.97
CA ASP A 55 68.92 2.10 3.85
C ASP A 55 67.48 2.11 4.34
N VAL A 56 66.56 2.05 3.38
CA VAL A 56 65.17 1.74 3.67
C VAL A 56 64.77 0.53 2.85
N THR A 57 65.10 0.55 1.57
CA THR A 57 64.67 -0.45 0.61
C THR A 57 65.86 -1.23 0.09
N THR A 58 65.70 -2.54 -0.04
CA THR A 58 66.72 -3.32 -0.71
C THR A 58 66.70 -3.03 -2.21
N ASP A 59 67.70 -3.55 -2.90
CA ASP A 59 67.73 -3.51 -4.35
C ASP A 59 68.01 -4.86 -4.96
N ARG A 60 68.09 -5.91 -4.17
CA ARG A 60 68.18 -7.26 -4.70
C ARG A 60 66.78 -7.70 -5.13
N SER A 61 66.62 -8.97 -5.46
CA SER A 61 65.34 -9.48 -5.98
C SER A 61 64.63 -10.22 -4.87
N GLN A 62 63.84 -9.48 -4.09
CA GLN A 62 63.06 -10.05 -3.01
C GLN A 62 61.58 -9.85 -3.31
N ARG A 63 60.75 -10.82 -2.89
CA ARG A 63 59.28 -10.82 -3.18
C ARG A 63 58.35 -10.23 -2.16
N LEU A 64 57.13 -9.86 -2.56
CA LEU A 64 56.24 -9.14 -1.66
C LEU A 64 55.21 -9.95 -0.93
N THR A 65 54.66 -10.99 -1.53
CA THR A 65 53.73 -11.86 -0.79
C THR A 65 54.29 -13.27 -0.69
N LEU A 66 53.45 -14.24 -0.41
CA LEU A 66 53.92 -15.62 -0.36
C LEU A 66 52.79 -16.58 -0.08
N ARG A 67 52.82 -17.78 -0.62
CA ARG A 67 51.71 -18.71 -0.48
C ARG A 67 52.08 -20.07 0.01
N PHE A 68 51.77 -20.43 1.24
CA PHE A 68 52.23 -21.71 1.74
C PHE A 68 51.21 -22.79 1.49
N ILE A 69 51.62 -24.05 1.56
CA ILE A 69 50.70 -25.10 1.22
C ILE A 69 50.64 -26.19 2.22
N PRO A 70 49.49 -26.43 2.77
CA PRO A 70 49.33 -27.43 3.80
C PRO A 70 50.34 -28.51 3.77
N VAL A 71 51.54 -28.35 4.32
CA VAL A 71 52.44 -29.48 4.32
C VAL A 71 51.67 -30.77 4.60
N ASP A 72 50.74 -30.73 5.53
CA ASP A 72 49.92 -31.90 5.75
C ASP A 72 48.52 -31.48 6.16
N ARG A 73 47.56 -32.37 5.90
CA ARG A 73 46.17 -32.11 6.22
C ARG A 73 45.53 -33.42 6.64
N GLU A 74 44.91 -33.45 7.80
CA GLU A 74 44.19 -34.62 8.26
C GLU A 74 42.74 -34.26 8.48
N ASP A 75 41.85 -35.20 8.19
CA ASP A 75 40.42 -34.98 8.20
C ASP A 75 39.75 -35.93 9.19
N THR A 76 38.57 -35.54 9.64
CA THR A 76 37.81 -36.33 10.59
C THR A 76 36.33 -36.24 10.21
N ALA A 77 35.46 -36.65 11.12
CA ALA A 77 34.03 -36.60 10.86
C ALA A 77 33.57 -35.17 10.60
N TYR A 78 33.88 -34.27 11.53
CA TYR A 78 33.39 -32.90 11.42
C TYR A 78 34.45 -31.88 11.81
N SER A 79 35.72 -32.27 11.79
CA SER A 79 36.80 -31.37 12.13
C SER A 79 38.02 -31.79 11.34
N TYR A 80 38.92 -30.84 11.11
CA TYR A 80 40.11 -31.21 10.36
C TYR A 80 41.23 -30.22 10.65
N LYS A 81 42.47 -30.72 10.55
CA LYS A 81 43.64 -29.93 10.94
C LYS A 81 44.63 -29.85 9.79
N ALA A 82 45.40 -28.76 9.76
CA ALA A 82 46.37 -28.54 8.70
C ALA A 82 47.65 -27.95 9.27
N ARG A 83 48.78 -28.37 8.71
CA ARG A 83 50.11 -27.98 9.16
C ARG A 83 50.93 -27.43 7.99
N PHE A 84 51.49 -26.24 8.19
CA PHE A 84 52.38 -25.58 7.26
C PHE A 84 53.77 -25.43 7.87
N THR A 85 54.75 -25.31 6.99
CA THR A 85 56.14 -25.06 7.38
C THR A 85 56.46 -23.63 6.98
N LEU A 86 56.23 -22.70 7.90
CA LEU A 86 56.54 -21.30 7.66
C LEU A 86 58.05 -21.11 7.60
N ALA A 87 58.50 -20.29 6.67
CA ALA A 87 59.92 -20.00 6.49
C ALA A 87 60.12 -18.49 6.49
N VAL A 88 61.19 -18.05 7.14
CA VAL A 88 61.57 -16.63 7.14
C VAL A 88 63.06 -16.60 6.86
N GLY A 89 63.43 -16.27 5.62
CA GLY A 89 64.83 -16.16 5.28
C GLY A 89 65.48 -14.97 5.95
N ASP A 90 66.79 -15.08 6.14
CA ASP A 90 67.51 -14.07 6.92
C ASP A 90 67.47 -12.73 6.20
N ASN A 91 67.83 -11.69 6.96
CA ASN A 91 67.70 -10.31 6.51
C ASN A 91 66.25 -9.97 6.18
N ARG A 92 65.33 -10.48 6.98
CA ARG A 92 63.91 -10.12 6.85
C ARG A 92 63.30 -10.04 8.23
N VAL A 93 62.14 -9.39 8.29
CA VAL A 93 61.32 -9.36 9.51
C VAL A 93 59.87 -9.57 9.10
N LEU A 94 59.15 -10.37 9.88
CA LEU A 94 57.76 -10.68 9.59
C LEU A 94 56.89 -10.25 10.76
N ASP A 95 55.84 -9.49 10.45
CA ASP A 95 54.87 -9.07 11.44
C ASP A 95 53.64 -9.96 11.31
N MET A 96 53.23 -10.58 12.41
CA MET A 96 52.12 -11.53 12.35
C MET A 96 50.80 -10.87 12.00
N ALA A 97 50.72 -9.55 12.04
CA ALA A 97 49.48 -8.87 11.70
C ALA A 97 49.07 -9.10 10.25
N SER A 98 49.98 -9.58 9.41
CA SER A 98 49.74 -9.72 7.99
C SER A 98 49.72 -11.17 7.56
N THR A 99 49.05 -12.02 8.32
CA THR A 99 48.81 -13.40 7.91
C THR A 99 47.34 -13.72 8.02
N TYR A 100 46.84 -14.50 7.07
CA TYR A 100 45.47 -14.96 7.10
C TYR A 100 45.39 -16.28 6.35
N PHE A 101 44.37 -17.06 6.65
CA PHE A 101 44.16 -18.30 5.93
C PHE A 101 43.24 -18.07 4.75
N ASP A 102 43.45 -18.85 3.69
CA ASP A 102 42.64 -18.77 2.48
C ASP A 102 41.92 -20.10 2.31
N ILE A 103 40.59 -20.05 2.19
CA ILE A 103 39.76 -21.24 2.12
C ILE A 103 38.87 -21.17 0.90
N ARG A 104 38.65 -22.31 0.25
CA ARG A 104 37.71 -22.42 -0.85
C ARG A 104 36.82 -23.63 -0.62
N GLY A 105 35.57 -23.53 -1.06
CA GLY A 105 34.67 -24.65 -0.86
C GLY A 105 33.31 -24.40 -1.48
N VAL A 106 32.39 -25.32 -1.16
CA VAL A 106 31.03 -25.33 -1.68
C VAL A 106 30.05 -25.34 -0.52
N LEU A 107 28.97 -24.59 -0.66
CA LEU A 107 28.01 -24.39 0.42
C LEU A 107 26.60 -24.63 -0.09
N ASP A 108 25.80 -25.34 0.71
CA ASP A 108 24.40 -25.59 0.40
C ASP A 108 23.58 -25.29 1.65
N ARG A 109 22.76 -24.24 1.70
CA ARG A 109 22.10 -23.81 2.97
C ARG A 109 21.00 -24.59 3.62
N GLY A 110 20.15 -25.25 2.86
CA GLY A 110 19.03 -25.93 3.47
C GLY A 110 17.76 -25.92 2.67
N PRO A 111 16.64 -26.27 3.29
CA PRO A 111 15.38 -26.17 2.61
C PRO A 111 14.65 -25.23 3.49
N THR A 112 15.22 -24.06 3.71
CA THR A 112 14.61 -23.16 4.62
C THR A 112 15.35 -21.88 4.66
N PHE A 113 15.49 -21.22 3.53
CA PHE A 113 16.23 -19.99 3.48
C PHE A 113 15.44 -19.04 2.68
N LYS A 114 14.46 -18.40 3.25
CA LYS A 114 13.69 -17.55 2.40
C LYS A 114 14.05 -16.14 2.63
N PRO A 115 14.79 -15.57 1.72
CA PRO A 115 15.24 -14.22 1.88
C PRO A 115 14.17 -13.20 1.59
N TYR A 116 13.06 -13.54 0.95
CA TYR A 116 12.09 -12.52 0.56
C TYR A 116 10.78 -12.55 1.22
N SER A 117 10.44 -11.44 1.83
CA SER A 117 9.17 -11.35 2.51
C SER A 117 8.13 -11.10 1.48
N GLY A 118 7.05 -11.84 1.54
CA GLY A 118 6.00 -11.66 0.59
C GLY A 118 6.08 -12.86 -0.27
N THR A 119 5.72 -12.75 -1.54
CA THR A 119 5.89 -13.89 -2.39
C THR A 119 6.20 -13.38 -3.72
N ALA A 120 6.57 -14.27 -4.59
CA ALA A 120 6.78 -13.83 -5.93
C ALA A 120 6.17 -14.81 -6.84
N TYR A 121 4.91 -14.58 -7.11
CA TYR A 121 4.23 -15.42 -8.02
C TYR A 121 2.87 -14.75 -8.18
N ASN A 122 2.75 -13.85 -9.16
CA ASN A 122 1.45 -13.20 -9.23
C ASN A 122 1.11 -12.54 -7.90
N ALA A 123 1.93 -11.57 -7.52
CA ALA A 123 1.74 -10.93 -6.22
C ALA A 123 0.54 -10.01 -6.22
N LEU A 124 0.15 -9.48 -7.38
CA LEU A 124 -0.93 -8.51 -7.41
C LEU A 124 -2.29 -9.17 -7.22
N ALA A 125 -2.44 -10.42 -7.64
CA ALA A 125 -3.75 -11.05 -7.64
C ALA A 125 -4.28 -11.18 -6.21
N PRO A 126 -5.57 -11.03 -5.99
CA PRO A 126 -6.11 -11.15 -4.64
C PRO A 126 -5.97 -12.57 -4.12
N LYS A 127 -6.00 -12.68 -2.80
CA LYS A 127 -5.68 -13.94 -2.14
C LYS A 127 -6.86 -14.89 -2.05
N GLY A 128 -7.85 -14.78 -2.89
CA GLY A 128 -8.93 -15.72 -2.72
C GLY A 128 -9.37 -16.38 -3.98
N ALA A 129 -9.29 -15.66 -5.06
CA ALA A 129 -9.81 -16.21 -6.29
C ALA A 129 -9.25 -17.52 -6.49
N PRO A 130 -10.04 -18.36 -7.05
CA PRO A 130 -9.52 -19.65 -7.37
C PRO A 130 -9.01 -19.58 -8.75
N ASN A 131 -8.38 -20.64 -9.21
CA ASN A 131 -7.90 -20.69 -10.56
C ASN A 131 -8.95 -21.31 -11.38
N PRO A 132 -9.02 -20.93 -12.63
CA PRO A 132 -10.01 -21.64 -13.41
C PRO A 132 -10.00 -23.08 -13.03
N CYS A 133 -10.98 -23.53 -12.28
CA CYS A 133 -10.98 -24.89 -11.79
C CYS A 133 -12.10 -25.68 -12.41
N GLU A 134 -11.86 -26.93 -12.81
CA GLU A 134 -12.92 -27.78 -13.33
C GLU A 134 -13.03 -28.89 -12.37
N TRP A 135 -14.11 -29.64 -12.38
CA TRP A 135 -14.23 -30.67 -11.36
C TRP A 135 -15.56 -31.40 -11.50
N ASP A 136 -15.58 -32.63 -10.99
CA ASP A 136 -16.67 -33.56 -11.23
C ASP A 136 -17.54 -33.71 -9.99
N GLU A 137 -18.85 -33.73 -10.21
CA GLU A 137 -19.81 -34.02 -9.16
C GLU A 137 -20.78 -35.09 -9.64
N ALA A 138 -21.47 -35.70 -8.70
CA ALA A 138 -22.46 -36.73 -9.01
C ALA A 138 -23.64 -36.14 -9.79
N GLN A 164 -21.66 -39.20 -14.00
CA GLN A 164 -21.57 -38.06 -13.09
C GLN A 164 -20.98 -36.87 -13.84
N LYS A 165 -21.57 -35.70 -13.67
CA LYS A 165 -21.33 -34.57 -14.55
C LYS A 165 -20.13 -33.76 -14.08
N THR A 166 -19.76 -32.78 -14.89
CA THR A 166 -18.61 -31.93 -14.63
C THR A 166 -19.07 -30.48 -14.49
N HIS A 167 -18.14 -29.63 -14.06
CA HIS A 167 -18.39 -28.20 -13.94
C HIS A 167 -17.10 -27.46 -14.23
N VAL A 168 -17.22 -26.33 -14.93
CA VAL A 168 -16.09 -25.61 -15.49
C VAL A 168 -16.16 -24.16 -15.06
N PHE A 169 -15.04 -23.63 -14.58
CA PHE A 169 -14.93 -22.23 -14.19
C PHE A 169 -13.70 -21.66 -14.86
N GLY A 170 -13.85 -20.52 -15.52
CA GLY A 170 -12.74 -19.93 -16.25
C GLY A 170 -13.01 -18.54 -16.76
N GLN A 171 -12.39 -18.23 -17.89
CA GLN A 171 -12.44 -16.88 -18.46
C GLN A 171 -12.02 -16.99 -19.93
N ALA A 172 -12.24 -15.90 -20.65
CA ALA A 172 -11.82 -15.85 -22.05
C ALA A 172 -11.62 -14.41 -22.47
N PRO A 173 -10.40 -13.92 -22.49
CA PRO A 173 -10.17 -12.51 -22.81
C PRO A 173 -10.03 -12.21 -24.29
N TYR A 174 -9.55 -13.18 -25.05
CA TYR A 174 -9.11 -12.91 -26.42
C TYR A 174 -10.30 -12.77 -27.35
N SER A 175 -10.18 -11.86 -28.32
CA SER A 175 -11.20 -11.66 -29.33
C SER A 175 -10.66 -12.13 -30.68
N GLY A 176 -11.39 -13.04 -31.33
CA GLY A 176 -10.98 -13.53 -32.62
C GLY A 176 -11.83 -12.96 -33.73
N ILE A 177 -12.13 -13.78 -34.74
CA ILE A 177 -13.06 -13.36 -35.79
C ILE A 177 -14.15 -14.41 -35.95
N ASN A 178 -13.75 -15.66 -36.15
CA ASN A 178 -14.70 -16.72 -36.45
C ASN A 178 -14.14 -18.04 -35.96
N ILE A 179 -15.04 -19.00 -35.73
CA ILE A 179 -14.68 -20.33 -35.26
C ILE A 179 -15.07 -21.34 -36.32
N THR A 180 -14.28 -22.40 -36.43
CA THR A 180 -14.63 -23.60 -37.18
C THR A 180 -14.31 -24.81 -36.33
N LYS A 181 -14.52 -26.00 -36.89
CA LYS A 181 -14.14 -27.20 -36.18
C LYS A 181 -12.64 -27.28 -35.97
N GLU A 182 -11.86 -26.62 -36.82
CA GLU A 182 -10.41 -26.66 -36.68
C GLU A 182 -9.91 -25.82 -35.52
N GLY A 183 -10.69 -24.84 -35.08
CA GLY A 183 -10.24 -23.94 -34.05
C GLY A 183 -10.75 -22.53 -34.21
N ILE A 184 -9.97 -21.54 -33.80
CA ILE A 184 -10.35 -20.14 -33.85
C ILE A 184 -9.38 -19.42 -34.77
N GLN A 185 -9.92 -18.74 -35.78
CA GLN A 185 -9.09 -18.04 -36.74
C GLN A 185 -8.54 -16.75 -36.13
N ILE A 186 -7.26 -16.50 -36.37
CA ILE A 186 -6.64 -15.25 -35.93
C ILE A 186 -6.10 -14.43 -37.08
N GLY A 187 -5.97 -14.98 -38.27
CA GLY A 187 -5.46 -14.21 -39.38
C GLY A 187 -5.65 -14.94 -40.69
N VAL A 188 -5.05 -14.40 -41.74
CA VAL A 188 -5.14 -14.97 -43.08
C VAL A 188 -3.82 -14.75 -43.80
N GLU A 189 -3.16 -15.84 -44.19
CA GLU A 189 -2.01 -15.77 -45.06
C GLU A 189 -2.52 -15.80 -46.50
N GLY A 190 -2.85 -14.62 -47.01
CA GLY A 190 -3.50 -14.49 -48.30
C GLY A 190 -5.00 -14.45 -48.17
N GLN A 191 -5.65 -15.59 -48.38
CA GLN A 191 -7.09 -15.69 -48.22
C GLN A 191 -7.45 -16.86 -47.32
N THR A 192 -6.62 -17.89 -47.32
CA THR A 192 -6.86 -19.05 -46.48
C THR A 192 -6.85 -18.63 -45.00
N PRO A 193 -7.81 -19.08 -44.22
CA PRO A 193 -7.80 -18.74 -42.79
C PRO A 193 -6.56 -19.29 -42.10
N LYS A 194 -6.04 -18.51 -41.16
CA LYS A 194 -4.87 -18.87 -40.37
C LYS A 194 -5.30 -19.06 -38.93
N TYR A 195 -4.99 -20.22 -38.37
CA TYR A 195 -5.55 -20.65 -37.09
C TYR A 195 -4.49 -20.69 -36.02
N ALA A 196 -4.88 -20.32 -34.80
CA ALA A 196 -3.96 -20.31 -33.67
C ALA A 196 -3.48 -21.72 -33.35
N ASP A 197 -2.23 -21.80 -32.89
CA ASP A 197 -1.61 -23.08 -32.58
C ASP A 197 -1.88 -23.45 -31.13
N LYS A 198 -2.29 -24.69 -30.92
CA LYS A 198 -2.64 -25.14 -29.57
C LYS A 198 -1.45 -25.21 -28.65
N THR A 199 -0.24 -25.26 -29.19
CA THR A 199 0.93 -25.43 -28.34
C THR A 199 1.15 -24.23 -27.43
N PHE A 200 1.01 -23.01 -27.97
CA PHE A 200 1.32 -21.82 -27.17
C PHE A 200 0.35 -20.67 -27.38
N GLN A 201 -0.83 -20.91 -27.96
CA GLN A 201 -1.76 -19.83 -28.21
C GLN A 201 -3.14 -20.19 -27.72
N PRO A 202 -3.98 -19.19 -27.41
CA PRO A 202 -3.61 -17.78 -27.35
C PRO A 202 -2.87 -17.48 -26.07
N GLU A 203 -1.99 -16.49 -26.10
CA GLU A 203 -1.16 -16.20 -24.94
C GLU A 203 -2.03 -15.62 -23.82
N PRO A 204 -1.92 -16.12 -22.60
CA PRO A 204 -2.77 -15.61 -21.52
C PRO A 204 -2.60 -14.13 -21.28
N GLN A 205 -1.39 -13.61 -21.45
CA GLN A 205 -1.11 -12.22 -21.18
C GLN A 205 -1.67 -11.28 -22.22
N ILE A 206 -2.44 -11.79 -23.18
CA ILE A 206 -3.02 -10.97 -24.23
C ILE A 206 -4.48 -10.71 -23.86
N GLY A 207 -4.85 -9.43 -23.80
CA GLY A 207 -6.21 -9.05 -23.52
C GLY A 207 -6.75 -8.11 -24.57
N GLU A 208 -7.80 -7.37 -24.24
CA GLU A 208 -8.36 -6.37 -25.15
C GLU A 208 -8.18 -4.99 -24.55
N SER A 209 -7.85 -4.02 -25.40
CA SER A 209 -7.28 -2.76 -24.94
C SER A 209 -8.35 -1.79 -24.45
N GLN A 210 -9.27 -1.38 -25.32
CA GLN A 210 -10.15 -0.26 -25.01
C GLN A 210 -11.04 -0.58 -23.82
N TRP A 211 -11.31 0.45 -23.01
CA TRP A 211 -11.99 0.23 -21.74
C TRP A 211 -13.47 -0.05 -21.92
N TYR A 212 -14.13 0.67 -22.82
CA TYR A 212 -15.56 0.50 -22.99
C TYR A 212 -15.85 -0.84 -23.65
N GLU A 213 -17.08 -1.31 -23.45
CA GLU A 213 -17.47 -2.63 -23.91
C GLU A 213 -17.76 -2.65 -25.41
N THR A 214 -17.51 -3.80 -26.02
CA THR A 214 -17.85 -4.04 -27.41
C THR A 214 -18.33 -5.48 -27.55
N GLU A 215 -19.14 -5.71 -28.58
CA GLU A 215 -19.80 -7.00 -28.76
C GLU A 215 -18.81 -8.02 -29.28
N ILE A 216 -18.60 -9.08 -28.51
CA ILE A 216 -17.64 -10.12 -28.81
C ILE A 216 -18.40 -11.37 -29.22
N ASN A 217 -17.93 -12.05 -30.27
CA ASN A 217 -18.64 -13.19 -30.82
C ASN A 217 -17.82 -14.47 -30.86
N HIS A 218 -16.50 -14.40 -30.74
CA HIS A 218 -15.66 -15.57 -30.90
C HIS A 218 -14.51 -15.58 -29.89
N ALA A 219 -14.82 -15.34 -28.62
CA ALA A 219 -13.80 -15.29 -27.58
C ALA A 219 -13.18 -16.68 -27.34
N ALA A 220 -12.02 -16.66 -26.69
CA ALA A 220 -11.27 -17.89 -26.44
C ALA A 220 -10.46 -17.75 -25.17
N GLY A 221 -10.08 -18.91 -24.62
CA GLY A 221 -9.31 -18.95 -23.38
C GLY A 221 -8.64 -20.29 -23.15
N ARG A 222 -8.02 -20.41 -21.98
CA ARG A 222 -7.33 -21.64 -21.59
C ARG A 222 -7.75 -22.05 -20.18
N VAL A 223 -7.78 -23.37 -19.95
CA VAL A 223 -8.22 -23.94 -18.69
C VAL A 223 -7.42 -25.20 -18.39
N LEU A 224 -7.10 -25.40 -17.11
CA LEU A 224 -6.38 -26.59 -16.66
C LEU A 224 -7.34 -27.74 -16.42
N LYS A 225 -6.91 -28.95 -16.79
CA LYS A 225 -7.77 -30.11 -16.68
C LYS A 225 -8.00 -30.49 -15.22
N LYS A 226 -8.88 -31.48 -15.03
CA LYS A 226 -9.32 -31.84 -13.69
C LYS A 226 -8.31 -32.66 -12.91
N THR A 227 -7.51 -33.49 -13.58
CA THR A 227 -6.58 -34.35 -12.86
C THR A 227 -5.52 -33.55 -12.12
N THR A 228 -5.21 -32.36 -12.63
CA THR A 228 -4.28 -31.48 -11.93
C THR A 228 -4.93 -30.97 -10.65
N PRO A 229 -4.31 -31.09 -9.47
CA PRO A 229 -5.04 -30.67 -8.25
C PRO A 229 -5.50 -29.21 -8.21
N MET A 230 -6.01 -28.73 -7.08
CA MET A 230 -6.57 -27.36 -7.05
C MET A 230 -6.01 -26.45 -5.97
N LYS A 231 -5.41 -25.32 -6.36
CA LYS A 231 -4.79 -24.41 -5.42
C LYS A 231 -5.44 -23.08 -5.47
N PRO A 232 -5.10 -22.19 -4.55
CA PRO A 232 -5.68 -20.87 -4.72
C PRO A 232 -4.89 -20.26 -5.83
N CYS A 233 -4.78 -18.95 -5.91
CA CYS A 233 -3.93 -18.41 -6.94
C CYS A 233 -2.68 -17.95 -6.29
N TYR A 234 -2.78 -16.93 -5.45
CA TYR A 234 -1.61 -16.41 -4.75
C TYR A 234 -0.47 -17.40 -4.66
N GLY A 235 0.27 -17.59 -5.75
CA GLY A 235 1.42 -18.48 -5.77
C GLY A 235 1.28 -19.61 -6.75
N SER A 236 1.58 -19.39 -8.03
CA SER A 236 1.44 -20.56 -8.87
C SER A 236 2.36 -20.45 -10.07
N TYR A 237 3.18 -21.48 -10.28
CA TYR A 237 4.12 -21.48 -11.38
C TYR A 237 4.29 -22.90 -11.89
N ALA A 238 4.47 -23.02 -13.21
CA ALA A 238 4.85 -24.28 -13.82
C ALA A 238 5.96 -24.03 -14.82
N LYS A 239 6.89 -24.96 -14.93
CA LYS A 239 8.04 -24.76 -15.79
C LYS A 239 7.59 -24.71 -17.25
N PRO A 240 8.15 -23.80 -18.05
CA PRO A 240 7.84 -23.80 -19.48
C PRO A 240 8.39 -25.04 -20.15
N THR A 241 7.79 -25.38 -21.29
CA THR A 241 8.13 -26.61 -22.00
C THR A 241 8.20 -26.40 -23.51
N ASN A 242 8.61 -25.22 -23.94
CA ASN A 242 8.78 -24.95 -25.36
C ASN A 242 9.46 -23.61 -25.52
N GLU A 243 10.26 -23.49 -26.59
CA GLU A 243 10.94 -22.24 -26.87
C GLU A 243 9.97 -21.10 -27.11
N ASN A 244 8.73 -21.40 -27.45
CA ASN A 244 7.76 -20.33 -27.68
C ASN A 244 7.18 -19.77 -26.39
N GLY A 245 7.30 -20.50 -25.29
CA GLY A 245 6.91 -19.96 -24.01
C GLY A 245 5.51 -20.31 -23.53
N GLY A 246 5.18 -21.59 -23.56
CA GLY A 246 3.92 -22.03 -23.01
C GLY A 246 4.07 -23.28 -22.17
N GLN A 247 3.46 -23.30 -21.00
CA GLN A 247 3.56 -24.48 -20.14
C GLN A 247 2.60 -25.55 -20.63
N GLY A 248 3.10 -26.78 -20.75
CA GLY A 248 2.25 -27.89 -21.14
C GLY A 248 2.98 -29.21 -21.10
N ILE A 249 2.38 -30.21 -20.47
CA ILE A 249 3.06 -31.48 -20.25
C ILE A 249 3.12 -32.26 -21.55
N LEU A 250 4.20 -32.99 -21.74
CA LEU A 250 4.37 -33.85 -22.90
C LEU A 250 4.28 -35.31 -22.48
N VAL A 251 4.10 -36.17 -23.49
CA VAL A 251 4.01 -37.61 -23.30
C VAL A 251 4.52 -38.28 -24.57
N LYS A 252 4.69 -39.59 -24.53
CA LYS A 252 5.32 -40.34 -25.60
C LYS A 252 4.33 -41.24 -26.30
N GLN A 253 4.36 -41.24 -27.64
CA GLN A 253 3.65 -42.26 -28.42
C GLN A 253 4.60 -42.79 -29.50
N GLN A 254 5.50 -43.68 -29.10
CA GLN A 254 6.18 -44.63 -29.98
C GLN A 254 7.07 -43.97 -31.02
N ASN A 255 7.04 -42.64 -31.11
CA ASN A 255 7.82 -41.88 -32.08
C ASN A 255 7.65 -40.41 -31.77
N GLY A 256 8.71 -39.64 -31.92
CA GLY A 256 8.65 -38.26 -31.47
C GLY A 256 8.64 -38.23 -29.96
N LYS A 257 7.64 -38.88 -29.38
CA LYS A 257 7.58 -39.26 -27.97
C LYS A 257 7.55 -38.08 -27.02
N LEU A 258 7.35 -36.87 -27.51
CA LEU A 258 7.25 -35.69 -26.66
C LEU A 258 6.08 -34.84 -27.12
N GLU A 259 4.93 -35.47 -27.34
CA GLU A 259 3.78 -34.77 -27.89
C GLU A 259 2.89 -34.21 -26.79
N SER A 260 2.10 -33.22 -27.15
CA SER A 260 1.30 -32.46 -26.20
C SER A 260 -0.15 -32.91 -26.23
N GLN A 261 -0.74 -33.06 -25.05
CA GLN A 261 -2.13 -33.49 -24.93
C GLN A 261 -2.98 -32.26 -24.61
N VAL A 262 -3.32 -31.53 -25.66
CA VAL A 262 -4.08 -30.29 -25.56
C VAL A 262 -5.38 -30.48 -26.31
N GLU A 263 -6.50 -30.12 -25.68
CA GLU A 263 -7.80 -30.38 -26.26
C GLU A 263 -8.58 -29.08 -26.44
N MET A 264 -9.41 -29.05 -27.47
CA MET A 264 -10.26 -27.89 -27.74
C MET A 264 -11.69 -28.19 -27.32
N GLN A 265 -12.33 -27.23 -26.68
CA GLN A 265 -13.71 -27.37 -26.23
C GLN A 265 -14.51 -26.15 -26.66
N PHE A 266 -15.80 -26.35 -26.88
CA PHE A 266 -16.64 -25.36 -27.55
C PHE A 266 -17.86 -25.04 -26.71
N PHE A 267 -18.40 -23.84 -26.89
CA PHE A 267 -19.60 -23.46 -26.18
C PHE A 267 -20.42 -22.46 -27.00
N SER A 268 -21.71 -22.42 -26.69
CA SER A 268 -22.63 -21.47 -27.29
C SER A 268 -23.71 -21.11 -26.26
N THR A 269 -24.46 -20.06 -26.57
CA THR A 269 -25.38 -19.49 -25.60
C THR A 269 -26.51 -20.45 -25.25
N THR A 270 -26.91 -20.44 -24.00
CA THR A 270 -27.97 -21.34 -23.58
C THR A 270 -29.19 -21.13 -24.41
N GLU A 271 -29.97 -20.13 -24.02
CA GLU A 271 -31.22 -19.90 -24.72
C GLU A 271 -31.00 -19.92 -26.21
N ALA A 272 -29.77 -19.73 -26.64
CA ALA A 272 -29.53 -19.83 -28.03
C ALA A 272 -29.86 -21.24 -28.29
N THR A 273 -28.96 -22.11 -27.86
CA THR A 273 -29.18 -23.50 -28.08
C THR A 273 -30.60 -23.74 -27.73
N ALA A 274 -30.98 -23.29 -26.56
CA ALA A 274 -32.31 -23.56 -26.10
C ALA A 274 -32.92 -24.69 -26.90
N GLY A 275 -33.68 -24.32 -27.92
CA GLY A 275 -34.36 -25.32 -28.72
C GLY A 275 -33.52 -26.08 -29.71
N ASN A 276 -33.95 -26.08 -30.97
CA ASN A 276 -33.27 -26.88 -31.99
C ASN A 276 -31.93 -26.34 -32.42
N GLY A 277 -31.28 -27.07 -33.31
CA GLY A 277 -29.98 -26.65 -33.81
C GLY A 277 -30.13 -25.73 -34.98
N ASP A 278 -31.10 -24.81 -34.91
CA ASP A 278 -31.29 -23.84 -35.97
C ASP A 278 -30.01 -23.08 -36.14
N ASN A 279 -29.03 -23.70 -36.76
CA ASN A 279 -27.75 -23.07 -36.90
C ASN A 279 -27.22 -22.67 -35.54
N LEU A 280 -26.56 -23.59 -34.86
CA LEU A 280 -26.04 -23.29 -33.56
C LEU A 280 -24.57 -23.05 -33.70
N THR A 281 -24.19 -21.88 -34.18
CA THR A 281 -22.76 -21.59 -34.22
C THR A 281 -22.23 -21.43 -32.81
N PRO A 282 -21.19 -22.16 -32.42
CA PRO A 282 -20.65 -22.01 -31.07
C PRO A 282 -20.11 -20.60 -30.86
N LYS A 283 -20.18 -20.13 -29.62
CA LYS A 283 -19.80 -18.76 -29.36
C LYS A 283 -18.39 -18.62 -28.80
N VAL A 284 -17.97 -19.54 -27.93
CA VAL A 284 -16.71 -19.38 -27.22
C VAL A 284 -15.90 -20.67 -27.32
N VAL A 285 -14.57 -20.51 -27.26
CA VAL A 285 -13.66 -21.64 -27.39
C VAL A 285 -12.69 -21.65 -26.21
N LEU A 286 -12.46 -22.84 -25.65
CA LEU A 286 -11.51 -23.01 -24.57
C LEU A 286 -10.50 -24.09 -24.95
N TYR A 287 -9.30 -23.96 -24.38
CA TYR A 287 -8.23 -24.93 -24.58
C TYR A 287 -7.90 -25.57 -23.24
N SER A 288 -8.20 -26.85 -23.11
CA SER A 288 -7.94 -27.57 -21.88
C SER A 288 -6.59 -28.26 -21.97
N GLU A 289 -5.76 -28.03 -20.96
CA GLU A 289 -4.46 -28.68 -20.86
C GLU A 289 -4.21 -29.02 -19.40
N ASP A 290 -3.00 -29.48 -19.10
CA ASP A 290 -2.60 -29.68 -17.72
C ASP A 290 -1.09 -29.44 -17.62
N VAL A 291 -0.68 -28.91 -16.47
CA VAL A 291 0.70 -28.52 -16.25
C VAL A 291 1.08 -28.84 -14.81
N ASP A 292 2.39 -29.02 -14.61
CA ASP A 292 2.88 -29.36 -13.28
C ASP A 292 2.85 -28.12 -12.39
N ILE A 293 1.69 -27.86 -11.78
CA ILE A 293 1.59 -26.76 -10.85
C ILE A 293 2.32 -27.11 -9.54
N GLU A 294 2.74 -26.08 -8.82
CA GLU A 294 3.41 -26.24 -7.54
C GLU A 294 3.53 -24.89 -6.87
N THR A 295 3.42 -24.89 -5.54
CA THR A 295 3.69 -23.70 -4.75
C THR A 295 5.07 -23.83 -4.16
N PRO A 296 6.02 -23.00 -4.51
CA PRO A 296 7.36 -23.13 -3.95
C PRO A 296 7.57 -22.39 -2.65
N ASP A 297 6.81 -21.31 -2.41
CA ASP A 297 7.14 -20.46 -1.27
C ASP A 297 5.92 -19.98 -0.48
N THR A 298 4.76 -20.60 -0.64
CA THR A 298 3.57 -20.19 0.10
C THR A 298 2.83 -21.42 0.58
N HIS A 299 2.10 -21.26 1.68
CA HIS A 299 1.31 -22.35 2.22
C HIS A 299 -0.17 -21.95 2.23
N ILE A 300 -1.00 -22.83 2.77
CA ILE A 300 -2.45 -22.67 2.71
C ILE A 300 -2.95 -22.29 4.09
N SER A 301 -3.50 -21.09 4.21
CA SER A 301 -3.88 -20.54 5.49
C SER A 301 -5.31 -20.86 5.90
N TYR A 302 -6.05 -21.60 5.06
CA TYR A 302 -7.43 -21.92 5.38
C TYR A 302 -7.86 -23.11 4.52
N MET A 303 -8.18 -24.22 5.16
CA MET A 303 -8.62 -25.41 4.45
C MET A 303 -10.04 -25.75 4.88
N PRO A 304 -11.05 -25.48 4.05
CA PRO A 304 -12.43 -25.75 4.47
C PRO A 304 -12.70 -27.21 4.75
N THR A 305 -12.06 -28.12 4.02
CA THR A 305 -12.42 -29.54 4.09
C THR A 305 -11.20 -30.39 4.38
N ILE A 306 -11.45 -31.53 5.03
CA ILE A 306 -10.43 -32.57 5.13
C ILE A 306 -10.55 -33.59 4.00
N LYS A 307 -11.67 -33.60 3.28
CA LYS A 307 -11.77 -34.42 2.08
C LYS A 307 -10.76 -33.95 1.05
N GLU A 308 -10.17 -34.89 0.32
CA GLU A 308 -9.10 -34.59 -0.61
C GLU A 308 -9.48 -34.99 -2.03
N GLY A 309 -8.90 -34.27 -2.98
CA GLY A 309 -9.29 -34.36 -4.38
C GLY A 309 -10.20 -33.20 -4.76
N ASN A 310 -10.13 -32.83 -6.04
CA ASN A 310 -10.90 -31.70 -6.54
C ASN A 310 -12.39 -31.89 -6.28
N SER A 311 -12.95 -31.11 -5.36
CA SER A 311 -14.35 -31.20 -4.99
C SER A 311 -15.00 -29.84 -5.15
N ARG A 312 -16.29 -29.78 -4.80
CA ARG A 312 -16.99 -28.52 -4.82
C ARG A 312 -16.41 -27.56 -3.79
N GLU A 313 -16.08 -28.07 -2.61
CA GLU A 313 -15.70 -27.20 -1.50
C GLU A 313 -14.34 -26.56 -1.74
N LEU A 314 -13.35 -27.35 -2.14
CA LEU A 314 -11.96 -26.89 -2.16
C LEU A 314 -11.76 -25.63 -2.97
N MET A 315 -12.74 -25.22 -3.76
CA MET A 315 -12.61 -23.99 -4.52
C MET A 315 -12.65 -22.75 -3.64
N GLY A 316 -12.71 -22.89 -2.32
CA GLY A 316 -12.71 -21.74 -1.44
C GLY A 316 -11.44 -21.49 -0.66
N GLN A 317 -10.36 -22.19 -0.95
CA GLN A 317 -9.17 -22.11 -0.12
C GLN A 317 -8.45 -20.77 -0.28
N GLN A 318 -7.60 -20.46 0.69
CA GLN A 318 -6.81 -19.24 0.69
C GLN A 318 -5.37 -19.55 1.08
N SER A 319 -4.44 -18.78 0.55
CA SER A 319 -3.02 -19.03 0.76
C SER A 319 -2.41 -17.93 1.62
N MET A 320 -1.09 -18.02 1.81
CA MET A 320 -0.33 -17.13 2.67
C MET A 320 1.16 -17.28 2.38
N PRO A 321 1.90 -16.18 2.32
CA PRO A 321 3.33 -16.27 1.98
C PRO A 321 4.19 -16.64 3.17
N ASN A 322 5.23 -17.43 2.91
CA ASN A 322 6.07 -17.93 3.98
C ASN A 322 6.91 -16.82 4.60
N ARG A 323 7.29 -17.05 5.85
CA ARG A 323 8.09 -16.06 6.57
C ARG A 323 9.47 -15.94 5.93
N PRO A 324 10.05 -14.75 5.92
CA PRO A 324 11.43 -14.62 5.45
C PRO A 324 12.38 -15.25 6.43
N ASN A 325 13.51 -15.75 5.92
CA ASN A 325 14.46 -16.44 6.78
C ASN A 325 15.83 -16.38 6.14
N TYR A 326 16.72 -15.57 6.71
CA TYR A 326 18.07 -15.40 6.18
C TYR A 326 19.02 -16.44 6.76
N ILE A 327 20.20 -16.55 6.14
CA ILE A 327 21.23 -17.47 6.60
C ILE A 327 22.55 -17.04 5.98
N ALA A 328 23.62 -17.13 6.76
CA ALA A 328 24.92 -16.68 6.28
C ALA A 328 26.02 -17.13 7.24
N PHE A 329 27.24 -16.67 6.98
CA PHE A 329 28.36 -16.83 7.90
C PHE A 329 28.28 -15.78 9.00
N ARG A 330 28.81 -16.14 10.17
CA ARG A 330 28.70 -15.25 11.31
C ARG A 330 29.56 -14.01 11.11
N ASP A 331 29.52 -13.12 12.08
CA ASP A 331 30.41 -11.97 12.08
C ASP A 331 31.81 -12.39 12.49
N ASN A 332 32.81 -11.88 11.78
CA ASN A 332 34.22 -12.19 12.07
C ASN A 332 34.47 -13.69 12.11
N PHE A 333 33.58 -14.48 11.50
CA PHE A 333 33.78 -15.91 11.34
C PHE A 333 33.89 -16.61 12.70
N ILE A 334 33.20 -16.07 13.70
CA ILE A 334 33.24 -16.64 15.04
C ILE A 334 32.97 -18.13 14.98
N GLY A 335 33.78 -18.90 15.69
CA GLY A 335 33.60 -20.33 15.78
C GLY A 335 34.20 -21.12 14.64
N LEU A 336 34.59 -20.46 13.56
CA LEU A 336 35.18 -21.18 12.44
C LEU A 336 36.50 -21.83 12.86
N MET A 337 37.31 -21.13 13.64
CA MET A 337 38.59 -21.64 14.10
C MET A 337 38.44 -22.15 15.52
N TYR A 338 38.94 -23.36 15.78
CA TYR A 338 38.85 -23.91 17.12
C TYR A 338 39.66 -23.06 18.08
N TYR A 339 39.18 -22.95 19.32
CA TYR A 339 39.80 -22.08 20.30
C TYR A 339 39.60 -22.64 21.70
N ASN A 340 40.43 -22.17 22.62
CA ASN A 340 40.18 -22.28 24.05
C ASN A 340 39.76 -23.68 24.47
N SER A 341 40.24 -24.69 23.77
CA SER A 341 39.89 -26.07 24.10
C SER A 341 41.13 -26.93 24.00
N THR A 342 41.39 -27.71 25.05
CA THR A 342 42.56 -28.57 25.06
C THR A 342 42.50 -29.64 23.97
N GLY A 343 41.31 -29.89 23.41
CA GLY A 343 41.20 -30.96 22.43
C GLY A 343 42.04 -30.72 21.19
N ASN A 344 41.95 -29.51 20.63
CA ASN A 344 42.58 -29.24 19.34
C ASN A 344 43.29 -27.90 19.37
N MET A 345 43.97 -27.61 20.47
CA MET A 345 44.69 -26.36 20.59
C MET A 345 45.68 -26.19 19.46
N GLY A 346 45.69 -25.00 18.85
CA GLY A 346 46.59 -24.75 17.75
C GLY A 346 48.03 -24.79 18.18
N VAL A 347 48.94 -24.89 17.21
CA VAL A 347 50.35 -25.02 17.51
C VAL A 347 51.15 -24.09 16.62
N LEU A 348 51.97 -23.24 17.24
CA LEU A 348 53.03 -22.51 16.58
C LEU A 348 54.32 -22.80 17.32
N ALA A 349 55.35 -23.21 16.60
CA ALA A 349 56.55 -23.65 17.28
C ALA A 349 57.77 -23.45 16.40
N GLY A 350 58.93 -23.41 17.03
CA GLY A 350 60.18 -23.45 16.28
C GLY A 350 60.44 -24.87 15.81
N GLN A 351 60.88 -24.99 14.56
CA GLN A 351 61.09 -26.31 13.99
C GLN A 351 62.21 -27.07 14.70
N ALA A 352 63.06 -26.37 15.44
CA ALA A 352 64.23 -27.01 16.02
C ALA A 352 63.84 -28.09 17.03
N SER A 353 62.99 -27.76 17.98
CA SER A 353 62.85 -28.57 19.19
C SER A 353 61.41 -28.93 19.54
N GLN A 354 60.50 -29.01 18.55
CA GLN A 354 59.14 -29.47 18.80
C GLN A 354 58.46 -28.69 19.92
N LEU A 355 59.03 -27.55 20.30
CA LEU A 355 58.65 -26.86 21.52
C LEU A 355 57.48 -25.92 21.25
N ASN A 356 56.36 -26.19 21.89
CA ASN A 356 55.16 -25.40 21.69
C ASN A 356 55.33 -24.00 22.25
N ALA A 357 54.70 -23.03 21.58
CA ALA A 357 54.74 -21.64 22.02
C ALA A 357 53.41 -21.14 22.54
N VAL A 358 52.32 -21.89 22.38
CA VAL A 358 51.01 -21.47 22.84
C VAL A 358 50.52 -22.47 23.88
N VAL A 359 50.13 -21.97 25.04
CA VAL A 359 49.56 -22.78 26.11
C VAL A 359 48.24 -22.10 26.48
N ASP A 360 47.15 -22.55 25.89
CA ASP A 360 45.86 -21.90 26.11
C ASP A 360 45.06 -22.63 27.16
N LEU A 361 44.13 -21.90 27.77
CA LEU A 361 43.27 -22.42 28.82
C LEU A 361 41.85 -22.54 28.33
N GLN A 362 41.06 -23.35 29.05
CA GLN A 362 39.67 -23.51 28.67
C GLN A 362 38.86 -22.26 28.96
N ASP A 363 39.09 -21.64 30.12
CA ASP A 363 38.24 -20.55 30.59
C ASP A 363 38.84 -19.18 30.34
N ARG A 364 39.60 -19.03 29.26
CA ARG A 364 39.98 -17.71 28.78
C ARG A 364 39.18 -17.47 27.51
N ASN A 365 38.09 -16.73 27.64
CA ASN A 365 37.23 -16.47 26.48
C ASN A 365 37.95 -15.54 25.52
N THR A 366 38.00 -15.94 24.26
CA THR A 366 38.76 -15.21 23.26
C THR A 366 37.88 -14.40 22.32
N GLU A 367 36.90 -15.05 21.68
CA GLU A 367 36.10 -14.36 20.67
C GLU A 367 35.42 -13.15 21.26
N LEU A 368 34.88 -13.28 22.47
CA LEU A 368 34.29 -12.13 23.13
C LEU A 368 35.32 -11.01 23.30
N SER A 369 36.52 -11.37 23.71
CA SER A 369 37.56 -10.36 23.94
C SER A 369 37.91 -9.65 22.65
N TYR A 370 38.10 -10.40 21.57
CA TYR A 370 38.44 -9.78 20.30
C TYR A 370 37.32 -8.86 19.85
N GLN A 371 36.07 -9.32 19.95
CA GLN A 371 34.95 -8.48 19.56
C GLN A 371 34.95 -7.19 20.35
N LEU A 372 35.05 -7.29 21.66
CA LEU A 372 34.98 -6.09 22.49
C LEU A 372 36.11 -5.13 22.18
N LEU A 373 37.32 -5.66 21.97
CA LEU A 373 38.45 -4.81 21.66
C LEU A 373 38.27 -4.10 20.34
N LEU A 374 37.74 -4.80 19.33
CA LEU A 374 37.69 -4.23 18.00
C LEU A 374 36.86 -2.96 17.95
N ASP A 375 35.92 -2.79 18.88
CA ASP A 375 35.16 -1.55 18.91
C ASP A 375 35.98 -0.40 19.47
N SER A 376 36.76 -0.67 20.52
CA SER A 376 37.43 0.42 21.24
C SER A 376 38.42 1.16 20.37
N ILE A 377 38.92 0.55 19.29
CA ILE A 377 39.94 1.19 18.49
C ILE A 377 39.39 1.96 17.30
N GLY A 378 38.15 1.69 16.88
CA GLY A 378 37.65 2.36 15.70
C GLY A 378 36.13 2.27 15.64
N ASP A 379 35.58 2.98 14.67
CA ASP A 379 34.14 3.01 14.50
C ASP A 379 33.62 1.63 14.14
N ARG A 380 32.34 1.41 14.44
CA ARG A 380 31.74 0.09 14.27
C ARG A 380 30.65 0.03 13.21
N THR A 381 30.00 1.15 12.89
CA THR A 381 28.85 1.07 11.99
C THR A 381 29.26 0.69 10.58
N ARG A 382 30.42 1.16 10.12
CA ARG A 382 30.84 0.87 8.76
C ARG A 382 31.15 -0.61 8.60
N TYR A 383 30.73 -1.18 7.48
CA TYR A 383 30.96 -2.57 7.17
C TYR A 383 32.26 -2.74 6.40
N PHE A 384 32.91 -3.88 6.59
CA PHE A 384 34.12 -4.22 5.85
C PHE A 384 33.92 -5.57 5.20
N SER A 385 34.07 -5.61 3.87
CA SER A 385 33.85 -6.87 3.16
C SER A 385 34.93 -7.88 3.46
N MET A 386 36.20 -7.45 3.44
CA MET A 386 37.31 -8.39 3.34
C MET A 386 37.31 -9.39 4.51
N TRP A 387 37.20 -8.89 5.73
CA TRP A 387 37.05 -9.78 6.86
C TRP A 387 35.61 -10.20 7.09
N ASN A 388 34.69 -9.74 6.25
CA ASN A 388 33.28 -10.01 6.44
C ASN A 388 32.85 -9.53 7.82
N GLN A 389 32.95 -8.22 7.99
CA GLN A 389 32.80 -7.55 9.26
C GLN A 389 31.49 -6.80 9.27
N ALA A 390 30.60 -7.17 10.19
CA ALA A 390 29.36 -6.43 10.39
C ALA A 390 28.88 -6.71 11.79
N VAL A 391 28.23 -5.74 12.41
CA VAL A 391 27.75 -5.86 13.78
C VAL A 391 26.24 -6.02 13.74
N ASP A 392 25.75 -7.09 14.34
CA ASP A 392 24.32 -7.37 14.33
C ASP A 392 23.59 -6.38 15.22
N SER A 393 22.57 -5.73 14.67
CA SER A 393 21.90 -4.66 15.40
C SER A 393 20.43 -4.66 15.08
N TYR A 394 19.59 -4.69 16.11
CA TYR A 394 18.16 -4.59 15.92
C TYR A 394 17.77 -3.18 15.55
N ASP A 395 16.76 -3.05 14.70
CA ASP A 395 16.24 -1.74 14.39
C ASP A 395 15.64 -1.13 15.66
N PRO A 396 15.80 0.18 15.87
CA PRO A 396 15.20 0.80 17.06
C PRO A 396 13.69 0.69 17.11
N ASP A 397 13.02 0.73 15.98
CA ASP A 397 11.56 0.75 15.95
C ASP A 397 10.96 -0.64 15.97
N VAL A 398 11.67 -1.62 16.50
CA VAL A 398 11.15 -2.96 16.72
C VAL A 398 11.26 -3.34 18.19
N ARG A 399 12.43 -3.13 18.78
CA ARG A 399 12.58 -3.37 20.21
C ARG A 399 11.65 -2.50 21.02
N ILE A 400 11.59 -1.21 20.68
CA ILE A 400 10.72 -0.26 21.35
C ILE A 400 9.63 0.15 20.39
N ILE A 401 8.38 0.08 20.85
CA ILE A 401 7.23 0.45 20.03
C ILE A 401 6.85 1.87 20.37
N GLU A 402 6.96 2.76 19.39
CA GLU A 402 6.43 4.11 19.49
C GLU A 402 5.13 4.13 18.70
N ASN A 403 4.17 4.94 19.15
CA ASN A 403 2.84 4.89 18.56
C ASN A 403 2.18 6.26 18.66
N HIS A 404 2.22 7.02 17.57
CA HIS A 404 1.53 8.29 17.47
C HIS A 404 0.21 8.15 16.72
N GLY A 405 -0.21 6.94 16.43
CA GLY A 405 -1.37 6.77 15.59
C GLY A 405 -1.02 7.02 14.14
N THR A 406 -2.03 7.31 13.34
CA THR A 406 -1.85 7.55 11.92
C THR A 406 -2.47 8.89 11.54
N GLU A 407 -1.91 9.51 10.53
CA GLU A 407 -2.40 10.80 10.02
C GLU A 407 -3.32 10.52 8.84
N ASP A 408 -4.61 10.38 9.13
CA ASP A 408 -5.60 9.97 8.14
C ASP A 408 -6.86 10.83 8.24
N GLU A 409 -6.67 12.15 8.25
CA GLU A 409 -7.78 13.07 8.38
C GLU A 409 -8.51 13.31 7.06
N LEU A 410 -8.33 12.44 6.07
CA LEU A 410 -9.01 12.59 4.79
C LEU A 410 -9.36 11.21 4.25
N PRO A 411 -10.39 11.13 3.40
CA PRO A 411 -10.72 9.86 2.77
C PRO A 411 -9.99 9.63 1.45
N ASN A 412 -9.95 8.39 1.05
CA ASN A 412 -9.30 8.11 -0.20
C ASN A 412 -10.21 7.30 -1.08
N TYR A 413 -11.36 7.86 -1.40
CA TYR A 413 -12.30 7.19 -2.22
C TYR A 413 -11.67 6.74 -3.48
N CYS A 414 -12.12 5.65 -4.06
CA CYS A 414 -11.63 5.24 -5.36
C CYS A 414 -12.67 5.68 -6.38
N PHE A 415 -12.68 5.11 -7.56
CA PHE A 415 -13.72 5.44 -8.54
C PHE A 415 -13.81 4.35 -9.59
N PRO A 416 -14.78 4.41 -10.48
CA PRO A 416 -14.81 3.34 -11.46
C PRO A 416 -13.92 3.64 -12.61
N LEU A 417 -13.47 2.65 -13.37
CA LEU A 417 -12.45 2.85 -14.38
C LEU A 417 -12.80 3.97 -15.34
N GLY A 418 -14.04 4.03 -15.81
CA GLY A 418 -14.43 5.10 -16.70
C GLY A 418 -14.94 6.35 -16.03
N GLY A 419 -15.05 6.35 -14.71
CA GLY A 419 -15.61 7.46 -13.98
C GLY A 419 -17.11 7.42 -13.83
N VAL A 420 -17.79 6.64 -14.66
CA VAL A 420 -19.23 6.53 -14.58
C VAL A 420 -19.61 5.17 -15.09
N ILE A 421 -20.41 4.41 -14.36
CA ILE A 421 -20.87 3.14 -14.87
C ILE A 421 -22.38 3.07 -14.91
N ASN A 422 -23.04 3.59 -13.88
CA ASN A 422 -24.49 3.53 -13.82
C ASN A 422 -25.14 4.61 -14.64
N THR A 423 -24.92 4.60 -15.94
CA THR A 423 -25.45 5.67 -16.76
C THR A 423 -26.89 5.39 -17.13
N GLU A 424 -27.60 6.38 -17.66
CA GLU A 424 -29.00 6.22 -18.00
C GLU A 424 -29.29 6.85 -19.35
N THR A 425 -30.11 6.19 -20.16
CA THR A 425 -30.37 6.70 -21.51
C THR A 425 -31.40 7.78 -21.43
N LEU A 426 -31.43 8.66 -22.41
CA LEU A 426 -32.45 9.68 -22.44
C LEU A 426 -32.61 10.14 -23.87
N THR A 427 -33.46 11.12 -24.12
CA THR A 427 -33.75 11.55 -25.49
C THR A 427 -33.91 13.06 -25.55
N LYS A 428 -33.66 13.61 -26.74
CA LYS A 428 -33.70 15.06 -26.92
C LYS A 428 -35.09 15.59 -26.71
N VAL A 429 -35.18 16.77 -26.10
CA VAL A 429 -36.44 17.45 -25.85
C VAL A 429 -36.30 18.90 -26.25
N LYS A 430 -37.24 19.41 -27.02
CA LYS A 430 -37.17 20.80 -27.46
C LYS A 430 -38.46 21.52 -27.12
N PRO A 431 -38.39 22.82 -26.87
CA PRO A 431 -39.62 23.56 -26.53
C PRO A 431 -40.51 23.69 -27.75
N LYS A 432 -41.79 23.35 -27.57
CA LYS A 432 -42.74 23.51 -28.67
C LYS A 432 -42.97 24.97 -28.95
N THR A 433 -43.01 25.31 -30.24
CA THR A 433 -43.19 26.70 -30.64
C THR A 433 -44.59 27.19 -30.28
N GLY A 434 -44.79 28.50 -30.42
CA GLY A 434 -46.10 29.06 -30.16
C GLY A 434 -46.50 28.95 -28.70
N GLN A 435 -47.43 28.04 -28.44
CA GLN A 435 -47.97 27.85 -27.08
C GLN A 435 -46.86 27.67 -26.06
N GLU A 436 -46.97 28.39 -24.96
CA GLU A 436 -45.98 28.36 -23.90
C GLU A 436 -46.00 27.02 -23.17
N ASN A 437 -44.90 26.73 -22.48
CA ASN A 437 -44.70 25.49 -21.75
C ASN A 437 -44.78 24.26 -22.65
N GLY A 438 -44.82 24.46 -23.96
CA GLY A 438 -44.90 23.34 -24.86
C GLY A 438 -43.58 22.62 -25.00
N TRP A 439 -43.67 21.34 -25.34
CA TRP A 439 -42.50 20.51 -25.54
C TRP A 439 -42.78 19.52 -26.65
N GLU A 440 -41.72 19.04 -27.27
CA GLU A 440 -41.85 18.01 -28.29
C GLU A 440 -40.50 17.36 -28.51
N LYS A 441 -40.48 16.39 -29.42
CA LYS A 441 -39.29 15.59 -29.65
C LYS A 441 -38.60 16.03 -30.93
N ASP A 442 -37.28 16.16 -30.85
CA ASP A 442 -36.44 16.49 -31.99
C ASP A 442 -35.47 15.33 -32.17
N ALA A 443 -35.54 14.66 -33.32
CA ALA A 443 -34.66 13.55 -33.63
C ALA A 443 -33.89 13.77 -34.93
N THR A 444 -33.87 15.01 -35.42
CA THR A 444 -33.20 15.28 -36.69
C THR A 444 -31.69 15.14 -36.56
N GLU A 445 -31.10 15.74 -35.54
CA GLU A 445 -29.66 15.81 -35.42
C GLU A 445 -29.13 15.06 -34.21
N PHE A 446 -29.66 15.34 -33.03
CA PHE A 446 -29.25 14.60 -31.84
C PHE A 446 -29.75 13.18 -31.93
N SER A 447 -28.86 12.22 -31.64
CA SER A 447 -29.23 10.82 -31.79
C SER A 447 -30.33 10.46 -30.81
N ASP A 448 -31.03 9.36 -31.13
CA ASP A 448 -32.17 8.94 -30.32
C ASP A 448 -31.76 8.64 -28.89
N LYS A 449 -30.61 8.01 -28.72
CA LYS A 449 -30.17 7.53 -27.42
C LYS A 449 -28.95 8.32 -26.97
N ASN A 450 -29.07 8.97 -25.82
CA ASN A 450 -27.94 9.65 -25.21
C ASN A 450 -27.79 9.18 -23.78
N GLU A 451 -26.60 8.68 -23.46
CA GLU A 451 -26.32 8.17 -22.13
C GLU A 451 -25.91 9.32 -21.22
N ILE A 452 -26.47 9.33 -20.01
CA ILE A 452 -26.24 10.41 -19.06
C ILE A 452 -26.34 9.85 -17.66
N ARG A 453 -25.49 10.35 -16.77
CA ARG A 453 -25.55 10.03 -15.35
C ARG A 453 -26.15 11.19 -14.59
N VAL A 454 -26.88 10.89 -13.53
CA VAL A 454 -27.43 11.89 -12.63
C VAL A 454 -26.89 11.65 -11.24
N GLY A 455 -26.60 12.73 -10.52
CA GLY A 455 -26.02 12.63 -9.19
C GLY A 455 -24.52 12.38 -9.24
N ASN A 456 -23.96 12.13 -8.07
CA ASN A 456 -22.55 11.82 -7.98
C ASN A 456 -22.26 10.49 -8.67
N ASN A 457 -20.98 10.14 -8.73
CA ASN A 457 -20.56 8.89 -9.33
C ASN A 457 -20.14 7.88 -8.27
N PHE A 458 -20.06 6.63 -8.70
CA PHE A 458 -19.66 5.54 -7.80
C PHE A 458 -18.28 5.83 -7.22
N ALA A 459 -18.01 5.23 -6.06
CA ALA A 459 -16.73 5.39 -5.38
C ALA A 459 -16.68 4.40 -4.22
N MET A 460 -15.49 3.93 -3.87
CA MET A 460 -15.33 3.04 -2.74
C MET A 460 -14.29 3.60 -1.79
N GLU A 461 -14.64 3.69 -0.51
CA GLU A 461 -13.76 4.29 0.48
C GLU A 461 -12.70 3.30 0.94
N ILE A 462 -11.57 3.84 1.40
CA ILE A 462 -10.52 3.05 2.03
C ILE A 462 -9.70 3.99 2.91
N ASN A 463 -9.14 3.43 3.97
CA ASN A 463 -8.26 4.18 4.85
C ASN A 463 -6.84 3.63 4.69
N LEU A 464 -5.93 4.47 4.22
CA LEU A 464 -4.61 4.00 3.81
C LEU A 464 -3.67 3.83 5.00
N ASN A 465 -3.34 4.93 5.67
CA ASN A 465 -2.28 4.90 6.66
C ASN A 465 -2.56 3.87 7.73
N ALA A 466 -3.81 3.74 8.13
CA ALA A 466 -4.16 2.72 9.11
C ALA A 466 -3.80 1.34 8.59
N ASN A 467 -4.10 1.07 7.32
CA ASN A 467 -3.77 -0.23 6.77
C ASN A 467 -2.27 -0.47 6.73
N LEU A 468 -1.50 0.55 6.31
CA LEU A 468 -0.06 0.39 6.27
C LEU A 468 0.48 0.07 7.65
N TRP A 469 0.05 0.84 8.65
CA TRP A 469 0.53 0.62 10.00
C TRP A 469 0.15 -0.76 10.50
N ARG A 470 -1.11 -1.06 10.31
CA ARG A 470 -1.59 -2.30 10.81
C ARG A 470 -0.67 -3.30 10.22
N ASN A 471 -0.61 -3.37 8.91
CA ASN A 471 0.19 -4.40 8.34
C ASN A 471 1.49 -4.49 9.07
N PHE A 472 2.21 -3.40 9.18
CA PHE A 472 3.55 -3.47 9.79
C PHE A 472 3.59 -4.00 11.20
N LEU A 473 2.90 -3.29 12.09
CA LEU A 473 2.96 -3.67 13.46
C LEU A 473 2.80 -5.10 13.37
N TYR A 474 1.69 -5.52 12.78
CA TYR A 474 1.39 -6.93 12.74
C TYR A 474 2.65 -7.60 12.41
N SER A 475 2.87 -7.82 11.13
CA SER A 475 4.04 -8.56 10.78
C SER A 475 4.98 -8.64 11.94
N ASN A 476 5.75 -7.58 12.05
CA ASN A 476 6.83 -7.73 13.04
C ASN A 476 6.43 -8.27 14.39
N ILE A 477 5.90 -7.36 15.18
CA ILE A 477 5.71 -7.77 16.55
C ILE A 477 4.86 -9.03 16.70
N ALA A 478 3.88 -9.19 15.87
CA ALA A 478 3.02 -10.30 16.13
C ALA A 478 3.74 -11.56 15.93
N LEU A 479 4.01 -11.89 14.69
CA LEU A 479 4.58 -13.18 14.43
C LEU A 479 5.89 -13.43 15.16
N TYR A 480 6.08 -12.83 16.34
CA TYR A 480 7.29 -13.09 17.11
C TYR A 480 6.98 -12.96 18.57
N LEU A 481 5.87 -13.49 19.05
CA LEU A 481 5.65 -13.40 20.48
C LEU A 481 5.90 -14.73 21.08
N PRO A 482 6.08 -14.77 22.38
CA PRO A 482 6.44 -16.04 22.94
C PRO A 482 5.48 -17.09 22.48
N ASP A 483 5.92 -18.31 22.21
CA ASP A 483 5.03 -19.32 21.65
C ASP A 483 3.86 -19.59 22.49
N LYS A 484 3.98 -19.33 23.76
CA LYS A 484 2.89 -19.64 24.63
C LYS A 484 1.69 -18.90 24.15
N LEU A 485 1.74 -18.32 22.96
CA LEU A 485 0.55 -17.55 22.60
C LEU A 485 -0.01 -17.90 21.23
N LYS A 486 0.36 -19.03 20.66
CA LYS A 486 -0.15 -19.45 19.37
C LYS A 486 -1.04 -20.67 19.53
N TYR A 487 -1.56 -21.16 18.41
CA TYR A 487 -2.36 -22.38 18.43
C TYR A 487 -2.29 -23.05 17.07
N SER A 488 -2.39 -24.36 17.08
CA SER A 488 -2.19 -25.15 15.88
C SER A 488 -3.27 -24.85 14.85
N PRO A 489 -2.99 -25.07 13.57
CA PRO A 489 -3.99 -24.87 12.54
C PRO A 489 -4.97 -26.03 12.53
N SER A 490 -6.02 -25.89 11.73
CA SER A 490 -7.11 -26.86 11.70
C SER A 490 -6.98 -27.72 10.45
N ASN A 491 -6.97 -29.04 10.65
CA ASN A 491 -7.01 -30.04 9.58
C ASN A 491 -5.96 -29.78 8.49
N VAL A 492 -4.75 -29.43 8.92
CA VAL A 492 -3.62 -29.24 8.01
C VAL A 492 -2.42 -29.98 8.57
N LYS A 493 -1.66 -30.62 7.69
CA LYS A 493 -0.48 -31.35 8.13
C LYS A 493 0.54 -30.40 8.75
N ILE A 494 1.14 -30.84 9.84
CA ILE A 494 2.13 -30.05 10.57
C ILE A 494 3.20 -30.99 11.11
N SER A 495 4.33 -30.40 11.47
CA SER A 495 5.42 -31.16 12.08
C SER A 495 5.19 -31.30 13.58
N ASP A 496 6.05 -32.06 14.22
CA ASP A 496 5.97 -32.31 15.66
C ASP A 496 7.17 -31.79 16.42
N ASN A 497 8.35 -31.76 15.81
CA ASN A 497 9.53 -31.21 16.47
C ASN A 497 9.39 -29.71 16.62
N PRO A 498 9.42 -29.17 17.83
CA PRO A 498 9.19 -27.73 18.01
C PRO A 498 10.35 -26.84 17.61
N ASN A 499 11.33 -27.36 16.88
CA ASN A 499 12.47 -26.56 16.44
C ASN A 499 12.70 -26.63 14.94
N THR A 500 11.80 -27.21 14.17
CA THR A 500 12.00 -27.29 12.73
C THR A 500 11.57 -26.01 12.05
N TYR A 501 11.65 -25.98 10.72
CA TYR A 501 11.06 -24.88 9.97
C TYR A 501 9.55 -25.01 9.93
N ASP A 502 9.06 -26.23 9.72
CA ASP A 502 7.63 -26.45 9.53
C ASP A 502 6.85 -25.94 10.72
N TYR A 503 7.29 -26.26 11.93
CA TYR A 503 6.55 -25.86 13.12
C TYR A 503 6.53 -24.35 13.26
N MET A 504 7.67 -23.70 13.02
CA MET A 504 7.67 -22.24 13.12
C MET A 504 6.92 -21.58 11.98
N ASN A 505 6.61 -22.31 10.91
CA ASN A 505 5.99 -21.71 9.75
C ASN A 505 4.49 -21.86 9.73
N LYS A 506 3.96 -23.04 10.00
CA LYS A 506 2.54 -23.28 9.86
C LYS A 506 1.74 -22.94 11.11
N ARG A 507 2.40 -22.52 12.19
CA ARG A 507 1.69 -21.99 13.33
C ARG A 507 1.01 -20.67 12.97
N VAL A 508 -0.08 -20.36 13.66
CA VAL A 508 -0.85 -19.15 13.40
C VAL A 508 -1.07 -18.42 14.71
N VAL A 509 -1.32 -17.12 14.62
CA VAL A 509 -1.42 -16.26 15.79
C VAL A 509 -2.37 -15.12 15.48
N ALA A 510 -3.32 -14.89 16.38
CA ALA A 510 -4.42 -13.96 16.11
C ALA A 510 -3.92 -12.51 16.14
N PRO A 511 -4.30 -11.70 15.13
CA PRO A 511 -3.86 -10.30 15.13
C PRO A 511 -4.39 -9.49 16.28
N GLY A 512 -5.44 -9.95 16.95
CA GLY A 512 -5.98 -9.19 18.07
C GLY A 512 -4.99 -8.97 19.19
N LEU A 513 -3.97 -9.82 19.29
CA LEU A 513 -2.96 -9.62 20.32
C LEU A 513 -2.23 -8.31 20.13
N VAL A 514 -1.96 -7.93 18.89
CA VAL A 514 -1.23 -6.71 18.59
C VAL A 514 -1.87 -6.07 17.37
N ASP A 515 -2.47 -4.89 17.55
CA ASP A 515 -3.10 -4.18 16.47
C ASP A 515 -2.77 -2.70 16.65
N CYS A 516 -3.49 -1.83 15.94
CA CYS A 516 -3.14 -0.42 15.90
C CYS A 516 -3.72 0.36 17.06
N TYR A 517 -4.01 -0.29 18.17
CA TYR A 517 -4.57 0.37 19.35
C TYR A 517 -3.92 -0.14 20.63
N ILE A 518 -2.62 -0.38 20.59
CA ILE A 518 -1.90 -0.95 21.73
C ILE A 518 -1.16 0.18 22.44
N ASN A 519 -1.65 0.52 23.64
CA ASN A 519 -1.01 1.52 24.48
C ASN A 519 -0.73 2.79 23.68
N LEU A 520 -1.79 3.32 23.10
CA LEU A 520 -1.65 4.45 22.20
C LEU A 520 -0.95 5.61 22.88
N GLY A 521 -0.24 6.41 22.09
CA GLY A 521 0.42 7.58 22.62
C GLY A 521 1.47 7.31 23.66
N ALA A 522 1.98 6.09 23.73
CA ALA A 522 2.93 5.73 24.77
C ALA A 522 4.15 5.08 24.13
N ARG A 523 5.33 5.54 24.52
CA ARG A 523 6.58 4.91 24.11
C ARG A 523 6.84 3.74 25.04
N TRP A 524 6.82 2.52 24.50
CA TRP A 524 6.78 1.36 25.36
C TRP A 524 7.18 0.13 24.56
N SER A 525 7.52 -0.94 25.29
CA SER A 525 7.84 -2.23 24.70
C SER A 525 7.06 -3.31 25.43
N LEU A 526 6.60 -4.31 24.68
CA LEU A 526 5.68 -5.30 25.22
C LEU A 526 6.40 -6.24 26.18
N ASP A 527 5.69 -6.63 27.25
CA ASP A 527 6.31 -7.47 28.27
C ASP A 527 6.71 -8.83 27.71
N TYR A 528 5.85 -9.43 26.89
CA TYR A 528 6.16 -10.74 26.34
C TYR A 528 7.46 -10.71 25.54
N MET A 529 7.82 -9.56 24.98
CA MET A 529 9.02 -9.45 24.17
C MET A 529 10.27 -9.13 24.97
N ASP A 530 10.15 -8.82 26.26
CA ASP A 530 11.32 -8.45 27.04
C ASP A 530 12.32 -9.59 27.08
N ASN A 531 11.86 -10.81 27.31
CA ASN A 531 12.73 -11.96 27.41
C ASN A 531 12.78 -12.79 26.14
N VAL A 532 12.72 -12.13 24.98
CA VAL A 532 12.87 -12.81 23.70
C VAL A 532 13.90 -12.03 22.89
N ASN A 533 14.83 -12.75 22.28
CA ASN A 533 15.96 -12.16 21.61
C ASN A 533 15.51 -11.18 20.54
N PRO A 534 15.94 -9.92 20.58
CA PRO A 534 15.63 -8.98 19.51
C PRO A 534 16.64 -8.96 18.38
N PHE A 535 17.63 -9.83 18.41
CA PHE A 535 18.56 -9.92 17.29
C PHE A 535 18.18 -11.03 16.33
N ASN A 536 17.40 -11.94 16.84
CA ASN A 536 16.92 -12.96 16.00
C ASN A 536 15.67 -12.33 15.52
N HIS A 537 15.78 -11.14 14.97
CA HIS A 537 14.62 -10.52 14.36
C HIS A 537 14.73 -10.72 12.88
N HIS A 538 14.42 -9.71 12.11
CA HIS A 538 14.62 -9.87 10.69
C HIS A 538 15.01 -8.56 10.15
N ARG A 539 15.71 -7.80 10.97
CA ARG A 539 16.23 -6.55 10.47
C ARG A 539 17.69 -6.34 10.91
N ASN A 540 18.35 -7.38 11.42
CA ASN A 540 19.76 -7.29 11.77
C ASN A 540 20.51 -6.89 10.55
N ALA A 541 20.44 -5.63 10.23
CA ALA A 541 21.10 -5.10 9.04
C ALA A 541 22.40 -5.82 8.76
N GLY A 542 23.18 -6.12 9.80
CA GLY A 542 24.39 -6.89 9.61
C GLY A 542 24.10 -8.30 9.10
N LEU A 543 23.12 -8.95 9.70
CA LEU A 543 22.77 -10.30 9.25
C LEU A 543 22.27 -10.27 7.83
N ARG A 544 21.47 -9.28 7.49
CA ARG A 544 21.00 -9.15 6.12
C ARG A 544 22.16 -8.95 5.17
N TYR A 545 23.12 -8.09 5.53
CA TYR A 545 24.24 -7.85 4.65
C TYR A 545 25.05 -9.11 4.44
N ARG A 546 25.31 -9.85 5.52
CA ARG A 546 26.10 -11.07 5.37
C ARG A 546 25.37 -12.09 4.52
N SER A 547 24.04 -12.17 4.65
CA SER A 547 23.29 -13.10 3.82
C SER A 547 23.33 -12.67 2.37
N MET A 548 23.19 -11.38 2.10
CA MET A 548 23.17 -10.91 0.73
C MET A 548 24.51 -11.11 0.04
N LEU A 549 25.61 -10.83 0.74
CA LEU A 549 26.90 -10.81 0.09
C LEU A 549 27.27 -12.17 -0.46
N LEU A 550 26.89 -13.23 0.24
CA LEU A 550 27.12 -14.57 -0.32
C LEU A 550 26.34 -14.77 -1.59
N GLY A 551 25.09 -14.30 -1.64
CA GLY A 551 24.28 -14.44 -2.83
C GLY A 551 22.84 -14.76 -2.52
N ASN A 552 22.01 -14.91 -3.55
CA ASN A 552 20.58 -15.16 -3.39
C ASN A 552 20.19 -16.54 -3.88
N GLY A 553 21.05 -17.53 -3.68
CA GLY A 553 20.83 -18.86 -4.17
C GLY A 553 20.83 -19.90 -3.09
N ARG A 554 21.01 -21.14 -3.50
CA ARG A 554 21.06 -22.27 -2.60
C ARG A 554 22.33 -23.10 -2.73
N TYR A 555 23.00 -23.05 -3.88
CA TYR A 555 24.23 -23.78 -4.12
C TYR A 555 25.29 -22.75 -4.45
N VAL A 556 26.08 -22.35 -3.45
CA VAL A 556 27.01 -21.24 -3.60
C VAL A 556 28.44 -21.75 -3.46
N PRO A 557 29.28 -21.59 -4.46
CA PRO A 557 30.72 -21.79 -4.25
C PRO A 557 31.32 -20.52 -3.68
N PHE A 558 32.21 -20.68 -2.70
CA PHE A 558 32.73 -19.53 -1.99
C PHE A 558 34.21 -19.72 -1.73
N HIS A 559 34.88 -18.59 -1.50
CA HIS A 559 36.27 -18.61 -1.04
C HIS A 559 36.51 -17.35 -0.23
N ILE A 560 37.16 -17.51 0.92
CA ILE A 560 37.27 -16.46 1.92
C ILE A 560 38.67 -16.44 2.50
N GLN A 561 38.94 -15.41 3.30
CA GLN A 561 40.18 -15.26 4.04
C GLN A 561 39.82 -15.01 5.50
N VAL A 562 40.47 -15.74 6.39
CA VAL A 562 40.13 -15.73 7.81
C VAL A 562 41.32 -15.18 8.58
N PRO A 563 41.12 -14.26 9.52
CA PRO A 563 42.24 -13.71 10.28
C PRO A 563 42.58 -14.53 11.51
N GLN A 564 43.58 -14.08 12.26
CA GLN A 564 44.06 -14.75 13.46
C GLN A 564 43.84 -13.84 14.66
N LYS A 565 43.22 -14.38 15.71
CA LYS A 565 42.73 -13.56 16.80
C LYS A 565 43.43 -13.76 18.12
N PHE A 566 44.30 -14.75 18.24
CA PHE A 566 44.95 -15.00 19.53
C PHE A 566 45.83 -13.82 19.91
N PHE A 567 45.58 -13.27 21.10
CA PHE A 567 46.31 -12.08 21.52
C PHE A 567 47.79 -12.36 21.69
N ALA A 568 48.16 -13.60 22.00
CA ALA A 568 49.56 -13.91 22.21
C ALA A 568 50.37 -13.67 20.96
N ILE A 569 49.85 -14.06 19.80
CA ILE A 569 50.60 -13.96 18.56
C ILE A 569 49.89 -13.06 17.56
N LYS A 570 49.00 -12.20 18.03
CA LYS A 570 48.31 -11.29 17.12
C LYS A 570 49.27 -10.27 16.52
N ASN A 571 50.21 -9.77 17.31
CA ASN A 571 51.12 -8.73 16.85
C ASN A 571 52.58 -9.13 17.06
N LEU A 572 52.87 -10.42 17.09
CA LEU A 572 54.24 -10.86 17.30
C LEU A 572 55.12 -10.42 16.13
N LEU A 573 56.36 -10.05 16.44
CA LEU A 573 57.35 -9.72 15.44
C LEU A 573 58.33 -10.87 15.35
N LEU A 574 58.16 -11.73 14.36
CA LEU A 574 59.01 -12.89 14.23
C LEU A 574 60.38 -12.50 13.69
N LEU A 575 61.31 -13.44 13.77
CA LEU A 575 62.68 -13.26 13.34
C LEU A 575 63.10 -14.44 12.48
N PRO A 576 64.16 -14.28 11.68
CA PRO A 576 64.50 -15.32 10.71
C PRO A 576 64.56 -16.71 11.31
N GLY A 577 64.07 -17.68 10.56
CA GLY A 577 64.06 -19.06 11.01
C GLY A 577 62.94 -19.83 10.34
N SER A 578 62.90 -21.12 10.65
CA SER A 578 61.88 -22.02 10.13
C SER A 578 60.99 -22.49 11.27
N TYR A 579 59.68 -22.34 11.08
CA TYR A 579 58.73 -22.61 12.14
C TYR A 579 57.62 -23.50 11.61
N THR A 580 57.00 -24.23 12.51
CA THR A 580 55.87 -25.09 12.20
C THR A 580 54.60 -24.42 12.70
N TYR A 581 53.56 -24.39 11.86
CA TYR A 581 52.34 -23.64 12.14
C TYR A 581 51.16 -24.50 11.73
N GLU A 582 50.41 -25.02 12.70
CA GLU A 582 49.29 -25.89 12.39
C GLU A 582 48.09 -25.50 13.24
N TRP A 583 46.91 -25.75 12.68
CA TRP A 583 45.68 -25.30 13.32
C TRP A 583 44.51 -26.15 12.86
N ASN A 584 43.44 -26.11 13.65
CA ASN A 584 42.26 -26.93 13.44
C ASN A 584 41.07 -26.09 13.00
N PHE A 585 40.07 -26.76 12.41
CA PHE A 585 38.84 -26.11 11.99
C PHE A 585 37.66 -27.05 12.20
N ARG A 586 36.48 -26.45 12.34
CA ARG A 586 35.22 -27.14 12.55
C ARG A 586 34.46 -27.30 11.24
N LYS A 587 33.60 -28.32 11.20
CA LYS A 587 32.70 -28.54 10.08
C LYS A 587 31.25 -28.65 10.48
N ASP A 588 30.94 -28.59 11.77
CA ASP A 588 29.55 -28.63 12.21
C ASP A 588 28.81 -27.45 11.64
N VAL A 589 27.63 -27.71 11.06
CA VAL A 589 26.91 -26.67 10.36
C VAL A 589 26.08 -25.78 11.25
N ASN A 590 25.88 -26.15 12.52
CA ASN A 590 25.21 -25.24 13.43
C ASN A 590 26.13 -24.09 13.82
N MET A 591 27.38 -24.40 14.15
CA MET A 591 28.29 -23.37 14.66
C MET A 591 28.68 -22.39 13.58
N VAL A 592 29.12 -22.89 12.41
CA VAL A 592 29.74 -22.02 11.42
C VAL A 592 28.74 -21.17 10.66
N LEU A 593 27.44 -21.43 10.77
CA LEU A 593 26.44 -20.65 10.08
C LEU A 593 25.56 -19.94 11.10
N GLN A 594 24.70 -19.05 10.60
CA GLN A 594 23.70 -18.42 11.45
C GLN A 594 22.46 -18.16 10.63
N SER A 595 21.31 -18.32 11.28
CA SER A 595 20.00 -18.12 10.67
C SER A 595 19.21 -17.11 11.48
N SER A 596 18.46 -16.27 10.79
CA SER A 596 17.69 -15.22 11.44
C SER A 596 16.44 -15.75 12.12
N LEU A 597 16.23 -17.06 12.18
CA LEU A 597 15.05 -17.61 12.82
C LEU A 597 15.42 -18.47 14.02
N GLY A 598 16.29 -19.44 13.81
CA GLY A 598 16.72 -20.32 14.87
C GLY A 598 16.39 -21.78 14.67
N ASN A 599 16.05 -22.20 13.46
CA ASN A 599 15.84 -23.61 13.20
C ASN A 599 17.19 -24.32 13.14
N ASP A 600 17.29 -25.45 13.81
CA ASP A 600 18.49 -26.27 13.68
C ASP A 600 18.69 -26.65 12.23
N LEU A 601 19.92 -26.58 11.77
CA LEU A 601 20.19 -26.89 10.37
C LEU A 601 20.55 -28.34 10.14
N ARG A 602 20.83 -29.11 11.19
CA ARG A 602 21.14 -30.52 10.99
C ARG A 602 19.94 -31.26 10.41
N VAL A 603 18.75 -31.03 10.97
CA VAL A 603 17.56 -31.67 10.45
C VAL A 603 17.26 -31.18 9.04
N ASP A 604 17.36 -29.88 8.81
CA ASP A 604 17.11 -29.36 7.47
C ASP A 604 18.20 -29.73 6.49
N GLY A 605 19.31 -30.30 6.96
CA GLY A 605 20.30 -30.85 6.07
C GLY A 605 21.05 -29.89 5.19
N ALA A 606 21.51 -28.77 5.74
CA ALA A 606 22.49 -27.97 5.02
C ALA A 606 23.83 -28.69 5.03
N SER A 607 24.70 -28.32 4.10
CA SER A 607 25.99 -28.99 3.98
C SER A 607 27.04 -28.01 3.50
N ILE A 608 28.30 -28.36 3.74
CA ILE A 608 29.43 -27.51 3.42
C ILE A 608 30.66 -28.38 3.25
N LYS A 609 31.32 -28.42 2.12
CA LYS A 609 32.34 -29.45 1.97
C LYS A 609 33.75 -29.17 2.46
N PHE A 610 34.10 -27.91 2.61
CA PHE A 610 35.45 -27.57 3.00
C PHE A 610 36.37 -28.27 2.05
N ASP A 611 36.53 -27.67 0.90
CA ASP A 611 37.39 -28.25 -0.09
C ASP A 611 38.80 -28.17 0.36
N SER A 612 39.45 -27.03 0.15
CA SER A 612 40.87 -26.94 0.48
C SER A 612 41.33 -25.60 1.05
N ILE A 613 42.34 -25.62 1.92
CA ILE A 613 42.89 -24.39 2.53
C ILE A 613 44.15 -23.88 1.88
N CYS A 614 44.79 -22.89 2.51
CA CYS A 614 46.02 -22.31 2.00
C CYS A 614 46.29 -21.12 2.94
N LEU A 615 47.55 -20.80 3.27
CA LEU A 615 47.90 -19.66 4.13
C LEU A 615 48.70 -18.62 3.42
N TYR A 616 48.39 -17.36 3.62
CA TYR A 616 49.06 -16.32 2.87
C TYR A 616 49.77 -15.40 3.80
N ALA A 617 50.65 -14.54 3.31
CA ALA A 617 51.29 -13.55 4.17
C ALA A 617 52.13 -12.60 3.38
N THR A 618 52.44 -11.46 3.94
CA THR A 618 53.19 -10.47 3.21
C THR A 618 54.36 -9.93 4.00
N PHE A 619 55.55 -10.00 3.44
CA PHE A 619 56.73 -9.53 4.11
C PHE A 619 56.90 -8.09 3.73
N PHE A 620 57.91 -7.40 4.25
CA PHE A 620 58.04 -5.97 3.98
C PHE A 620 59.37 -5.63 3.40
N PRO A 621 59.43 -5.36 2.11
CA PRO A 621 60.76 -5.14 1.59
C PRO A 621 61.50 -4.21 2.57
N MET A 622 62.72 -4.56 3.02
CA MET A 622 63.50 -3.74 3.97
C MET A 622 64.98 -3.75 3.63
N ALA A 623 65.72 -2.64 3.80
CA ALA A 623 67.11 -2.71 3.40
C ALA A 623 67.89 -3.68 4.29
N HIS A 624 68.78 -4.46 3.68
CA HIS A 624 69.38 -5.59 4.39
C HIS A 624 70.11 -5.16 5.64
N ASN A 625 70.90 -4.09 5.55
CA ASN A 625 71.66 -3.67 6.72
C ASN A 625 70.76 -3.32 7.88
N THR A 626 69.70 -2.57 7.61
CA THR A 626 68.79 -2.19 8.69
C THR A 626 68.12 -3.42 9.29
N ALA A 627 67.76 -4.38 8.44
CA ALA A 627 67.16 -5.61 8.95
C ALA A 627 68.13 -6.34 9.86
N SER A 628 69.39 -6.42 9.47
CA SER A 628 70.38 -7.08 10.31
C SER A 628 70.53 -6.37 11.64
N THR A 629 70.57 -5.04 11.60
CA THR A 629 70.72 -4.29 12.85
C THR A 629 69.54 -4.56 13.77
N LEU A 630 68.33 -4.55 13.21
CA LEU A 630 67.15 -4.79 14.03
C LEU A 630 67.18 -6.20 14.60
N GLU A 631 67.56 -7.18 13.78
CA GLU A 631 67.62 -8.56 14.25
C GLU A 631 68.60 -8.71 15.41
N ALA A 632 69.77 -8.09 15.28
CA ALA A 632 70.74 -8.16 16.37
C ALA A 632 70.21 -7.48 17.62
N MET A 633 69.58 -6.32 17.46
CA MET A 633 69.13 -5.57 18.63
C MET A 633 68.01 -6.30 19.36
N LEU A 634 67.17 -7.03 18.64
CA LEU A 634 65.95 -7.56 19.25
C LEU A 634 66.16 -8.88 19.98
N ARG A 635 67.37 -9.42 20.03
CA ARG A 635 67.59 -10.70 20.68
C ARG A 635 68.20 -10.57 22.06
N ASN A 636 68.44 -9.36 22.55
CA ASN A 636 68.92 -9.20 23.92
C ASN A 636 67.74 -9.32 24.87
N ASP A 637 67.92 -10.13 25.93
CA ASP A 637 66.80 -10.49 26.78
C ASP A 637 66.10 -9.28 27.35
N THR A 638 66.81 -8.18 27.56
CA THR A 638 66.16 -7.01 28.14
C THR A 638 65.22 -6.32 27.19
N ASN A 639 65.17 -6.76 25.93
CA ASN A 639 64.25 -6.16 24.97
C ASN A 639 63.28 -7.19 24.43
N ASP A 640 62.68 -7.97 25.31
CA ASP A 640 61.72 -8.98 24.87
C ASP A 640 60.46 -8.33 24.34
N GLN A 641 59.52 -9.15 23.93
CA GLN A 641 58.21 -8.67 23.49
C GLN A 641 57.20 -8.92 24.60
N SER A 642 56.40 -7.90 24.89
CA SER A 642 55.35 -8.01 25.89
C SER A 642 54.00 -8.00 25.20
N PHE A 643 53.00 -8.64 25.83
CA PHE A 643 51.68 -8.65 25.23
C PHE A 643 50.62 -8.80 26.30
N ASN A 644 49.49 -8.11 26.11
CA ASN A 644 48.40 -8.12 27.05
C ASN A 644 47.07 -8.23 26.32
N ASP A 645 46.17 -9.04 26.87
CA ASP A 645 44.82 -9.19 26.34
C ASP A 645 43.98 -7.97 26.71
N TYR A 646 42.85 -7.80 26.02
CA TYR A 646 41.97 -6.68 26.35
C TYR A 646 40.97 -7.04 27.45
N LEU A 647 40.12 -8.03 27.20
CA LEU A 647 39.14 -8.40 28.21
C LEU A 647 39.83 -8.91 29.46
N SER A 648 40.58 -10.00 29.33
CA SER A 648 41.51 -10.45 30.35
C SER A 648 40.78 -10.71 31.68
N ALA A 649 39.91 -11.72 31.64
CA ALA A 649 39.15 -12.06 32.83
C ALA A 649 39.07 -13.58 32.96
N ALA A 650 38.76 -14.01 34.17
CA ALA A 650 38.42 -15.39 34.43
C ALA A 650 36.91 -15.55 34.41
N ASN A 651 36.44 -16.55 33.67
CA ASN A 651 35.02 -16.68 33.34
C ASN A 651 34.42 -17.89 34.03
N MET A 652 33.24 -17.70 34.61
CA MET A 652 32.56 -18.81 35.26
C MET A 652 31.08 -18.78 34.92
N LEU A 653 30.47 -19.97 34.93
CA LEU A 653 29.06 -20.15 34.61
C LEU A 653 28.39 -20.92 35.72
N TYR A 654 27.20 -20.48 36.11
CA TYR A 654 26.51 -21.24 37.13
C TYR A 654 25.06 -21.45 36.72
N PRO A 655 24.48 -22.61 37.04
CA PRO A 655 23.15 -22.92 36.55
C PRO A 655 22.09 -22.17 37.35
N ILE A 656 20.93 -22.00 36.71
CA ILE A 656 19.79 -21.35 37.32
C ILE A 656 18.56 -22.15 36.92
N PRO A 657 18.01 -22.97 37.81
CA PRO A 657 16.87 -23.81 37.44
C PRO A 657 15.64 -22.97 37.19
N ALA A 658 14.64 -23.60 36.56
CA ALA A 658 13.41 -22.92 36.21
C ALA A 658 12.78 -22.30 37.44
N ASN A 659 12.36 -21.04 37.32
CA ASN A 659 11.69 -20.29 38.38
C ASN A 659 12.53 -20.23 39.65
N ALA A 660 13.84 -20.15 39.50
CA ALA A 660 14.68 -19.92 40.65
C ALA A 660 14.67 -18.43 41.01
N THR A 661 15.06 -18.14 42.24
CA THR A 661 15.03 -16.76 42.70
C THR A 661 16.40 -16.22 43.09
N ASN A 662 17.11 -16.90 43.99
CA ASN A 662 18.37 -16.40 44.51
C ASN A 662 19.44 -17.47 44.39
N VAL A 663 20.58 -17.08 43.83
CA VAL A 663 21.68 -17.98 43.54
C VAL A 663 22.88 -17.63 44.41
N PRO A 664 23.38 -18.54 45.21
CA PRO A 664 24.62 -18.29 45.94
C PRO A 664 25.85 -18.87 45.24
N ILE A 665 27.01 -18.24 45.44
CA ILE A 665 28.29 -18.81 45.02
C ILE A 665 29.32 -18.54 46.10
N SER A 666 30.28 -19.45 46.23
CA SER A 666 31.28 -19.38 47.29
C SER A 666 32.67 -19.67 46.72
N ILE A 667 33.68 -19.11 47.38
CA ILE A 667 35.08 -19.37 47.05
C ILE A 667 35.85 -19.57 48.35
N PRO A 668 36.42 -20.76 48.57
CA PRO A 668 36.91 -21.12 49.90
C PRO A 668 38.00 -20.22 50.46
N SER A 669 39.16 -20.16 49.79
CA SER A 669 40.24 -19.33 50.29
C SER A 669 41.34 -19.27 49.24
N ARG A 670 41.88 -18.08 49.02
CA ARG A 670 42.92 -17.89 48.04
C ARG A 670 43.44 -16.47 48.17
N ASN A 671 44.62 -16.22 47.62
CA ASN A 671 45.16 -14.87 47.59
C ASN A 671 44.31 -13.99 46.68
N TRP A 672 44.26 -12.70 46.99
CA TRP A 672 43.48 -11.74 46.23
C TRP A 672 44.31 -10.57 45.72
N ALA A 673 45.63 -10.70 45.75
CA ALA A 673 46.49 -9.59 45.35
C ALA A 673 46.25 -9.21 43.89
N ALA A 674 46.19 -7.90 43.64
CA ALA A 674 46.02 -7.37 42.29
C ALA A 674 44.75 -7.90 41.62
N PHE A 675 43.62 -7.55 42.21
CA PHE A 675 42.31 -7.82 41.64
C PHE A 675 41.84 -6.59 40.88
N ARG A 676 40.77 -6.75 40.11
CA ARG A 676 40.23 -5.56 39.48
C ARG A 676 38.73 -5.37 39.71
N GLY A 677 37.94 -6.43 39.68
CA GLY A 677 36.53 -6.31 39.95
C GLY A 677 35.72 -7.38 39.24
N TRP A 678 34.40 -7.26 39.36
CA TRP A 678 33.45 -8.19 38.79
C TRP A 678 32.74 -7.57 37.60
N ALA A 679 32.28 -8.44 36.70
CA ALA A 679 31.41 -8.03 35.60
C ALA A 679 30.54 -9.21 35.24
N PHE A 680 29.22 -9.03 35.31
CA PHE A 680 28.31 -10.15 35.19
C PHE A 680 27.18 -9.85 34.22
N THR A 681 26.56 -10.94 33.73
CA THR A 681 25.35 -10.91 32.91
C THR A 681 24.63 -12.26 33.04
N ARG A 682 23.57 -12.42 32.27
CA ARG A 682 22.70 -13.61 32.31
C ARG A 682 22.55 -14.17 30.91
N LEU A 683 22.35 -15.49 30.80
CA LEU A 683 22.34 -16.16 29.51
C LEU A 683 21.25 -17.22 29.46
N LYS A 684 20.86 -17.57 28.24
CA LYS A 684 19.83 -18.56 27.98
C LYS A 684 20.47 -19.89 27.61
N THR A 685 20.10 -20.94 28.36
CA THR A 685 20.81 -22.22 28.24
C THR A 685 20.76 -22.76 26.83
N LYS A 686 19.60 -22.66 26.18
CA LYS A 686 19.44 -23.22 24.85
C LYS A 686 20.39 -22.59 23.84
N GLU A 687 20.95 -21.44 24.15
CA GLU A 687 21.75 -20.68 23.20
C GLU A 687 23.19 -20.53 23.65
N THR A 688 23.77 -21.59 24.18
CA THR A 688 25.19 -21.52 24.51
C THR A 688 25.83 -22.91 24.45
N PRO A 689 26.72 -23.14 23.49
CA PRO A 689 27.26 -24.49 23.30
C PRO A 689 28.07 -24.93 24.49
N SER A 690 28.11 -26.24 24.70
CA SER A 690 28.88 -26.83 25.78
C SER A 690 30.32 -26.33 25.72
N LEU A 691 30.81 -25.79 26.84
CA LEU A 691 32.07 -25.07 26.82
C LEU A 691 33.23 -25.98 26.42
N GLY A 692 33.85 -25.66 25.30
CA GLY A 692 35.12 -26.26 24.91
C GLY A 692 35.10 -27.63 24.29
N SER A 693 34.08 -28.44 24.61
CA SER A 693 34.04 -29.82 24.15
C SER A 693 34.06 -29.88 22.64
N GLY A 694 34.63 -30.97 22.12
CA GLY A 694 34.86 -31.09 20.69
C GLY A 694 33.59 -31.04 19.85
N TYR A 695 32.52 -31.68 20.31
CA TYR A 695 31.31 -31.74 19.52
C TYR A 695 30.15 -32.06 20.43
N ASP A 696 28.98 -31.55 20.10
CA ASP A 696 27.75 -31.86 20.84
C ASP A 696 26.68 -32.33 19.86
N PRO A 697 26.11 -33.52 20.05
CA PRO A 697 24.96 -33.92 19.24
C PRO A 697 23.63 -33.41 19.79
N TYR A 698 23.63 -32.73 20.92
CA TYR A 698 22.42 -32.27 21.56
C TYR A 698 22.33 -30.75 21.55
N TYR A 699 22.73 -30.15 20.44
CA TYR A 699 22.75 -28.70 20.28
C TYR A 699 21.87 -28.34 19.10
N THR A 700 20.77 -27.63 19.36
CA THR A 700 19.78 -27.30 18.34
C THR A 700 19.39 -25.83 18.47
N TYR A 701 20.13 -24.97 17.78
CA TYR A 701 19.85 -23.54 17.73
C TYR A 701 20.82 -22.91 16.75
N SER A 702 20.39 -21.86 16.08
CA SER A 702 21.22 -21.31 15.02
C SER A 702 21.19 -19.79 14.95
N GLY A 703 20.74 -19.11 15.99
CA GLY A 703 20.72 -17.67 16.01
C GLY A 703 22.01 -17.11 16.58
N SER A 704 21.98 -15.82 16.85
CA SER A 704 23.16 -15.17 17.43
C SER A 704 23.43 -15.72 18.80
N ILE A 705 24.71 -15.94 19.10
CA ILE A 705 25.12 -16.56 20.35
C ILE A 705 25.70 -15.50 21.26
N PRO A 706 24.98 -15.06 22.28
CA PRO A 706 25.46 -13.96 23.10
C PRO A 706 26.80 -14.23 23.76
N TYR A 707 27.07 -15.48 24.13
CA TYR A 707 28.31 -15.79 24.83
C TYR A 707 29.54 -15.48 24.01
N LEU A 708 29.41 -15.35 22.68
CA LEU A 708 30.56 -15.05 21.84
C LEU A 708 30.44 -13.68 21.19
N ASP A 709 29.38 -13.42 20.43
CA ASP A 709 29.33 -12.19 19.65
C ASP A 709 29.14 -10.95 20.51
N GLY A 710 28.61 -11.10 21.72
CA GLY A 710 28.37 -9.94 22.55
C GLY A 710 27.07 -9.22 22.21
N THR A 711 25.95 -9.93 22.36
CA THR A 711 24.61 -9.36 22.19
C THR A 711 23.76 -9.91 23.32
N PHE A 712 23.62 -9.12 24.38
CA PHE A 712 22.96 -9.56 25.59
C PHE A 712 21.65 -8.82 25.77
N TYR A 713 20.60 -9.54 26.14
CA TYR A 713 19.29 -8.94 26.30
C TYR A 713 18.61 -9.23 27.63
N LEU A 714 18.97 -10.30 28.33
CA LEU A 714 18.35 -10.57 29.62
C LEU A 714 18.88 -9.67 30.72
N ASN A 715 19.56 -8.59 30.34
CA ASN A 715 20.36 -7.81 31.27
C ASN A 715 19.53 -7.00 32.26
N HIS A 716 18.22 -6.97 32.12
CA HIS A 716 17.37 -6.14 32.96
C HIS A 716 16.51 -6.98 33.90
N THR A 717 17.00 -8.12 34.34
CA THR A 717 16.24 -8.99 35.22
C THR A 717 16.97 -9.25 36.53
N PHE A 718 17.88 -8.36 36.92
CA PHE A 718 18.62 -8.49 38.17
C PHE A 718 17.98 -7.64 39.24
N LYS A 719 17.82 -8.19 40.45
CA LYS A 719 17.30 -7.42 41.56
C LYS A 719 18.41 -6.84 42.42
N LYS A 720 19.24 -7.69 43.02
CA LYS A 720 20.26 -7.18 43.93
C LYS A 720 21.35 -8.21 44.14
N VAL A 721 22.48 -7.74 44.69
CA VAL A 721 23.67 -8.54 44.89
C VAL A 721 24.30 -8.18 46.22
N ALA A 722 24.73 -9.19 46.98
CA ALA A 722 25.41 -8.97 48.25
C ALA A 722 26.70 -9.77 48.27
N ILE A 723 27.72 -9.22 48.94
CA ILE A 723 29.06 -9.80 48.95
C ILE A 723 29.61 -9.74 50.36
N THR A 724 30.24 -10.84 50.78
CA THR A 724 30.87 -10.91 52.10
C THR A 724 32.23 -11.56 51.98
N PHE A 725 33.13 -11.16 52.86
CA PHE A 725 34.44 -11.79 52.99
C PHE A 725 34.48 -12.56 54.31
N ASP A 726 34.93 -13.81 54.23
CA ASP A 726 35.08 -14.67 55.41
C ASP A 726 33.79 -14.76 56.21
N SER A 727 32.65 -14.64 55.52
CA SER A 727 31.34 -14.84 56.13
C SER A 727 31.10 -13.94 57.34
N SER A 728 31.91 -12.89 57.48
CA SER A 728 31.88 -12.13 58.71
C SER A 728 31.76 -10.64 58.47
N VAL A 729 32.30 -10.17 57.35
CA VAL A 729 32.35 -8.75 57.07
C VAL A 729 31.71 -8.48 55.71
N SER A 730 30.76 -7.57 55.69
CA SER A 730 30.16 -7.14 54.45
C SER A 730 31.07 -6.14 53.75
N TRP A 731 30.98 -6.10 52.43
CA TRP A 731 31.78 -5.20 51.64
C TRP A 731 30.87 -4.41 50.71
N PRO A 732 31.17 -3.13 50.47
CA PRO A 732 32.29 -2.38 51.00
C PRO A 732 32.06 -1.90 52.41
N GLY A 733 30.82 -1.93 52.85
CA GLY A 733 30.63 -1.55 54.22
C GLY A 733 30.93 -0.08 54.47
N ASN A 734 31.08 0.24 55.75
CA ASN A 734 31.38 1.59 56.20
C ASN A 734 30.36 2.62 55.72
N ASP A 735 29.12 2.16 55.50
CA ASP A 735 28.02 3.05 55.17
C ASP A 735 28.32 3.89 53.93
N ARG A 736 29.04 3.30 52.98
CA ARG A 736 29.26 4.01 51.73
C ARG A 736 27.94 4.25 51.00
N LEU A 737 27.06 3.26 51.01
CA LEU A 737 25.84 3.29 50.23
C LEU A 737 24.63 3.39 51.15
N LEU A 738 23.54 3.94 50.60
CA LEU A 738 22.34 4.17 51.39
C LEU A 738 21.82 2.88 52.00
N THR A 739 21.64 1.86 51.18
CA THR A 739 21.45 0.53 51.75
C THR A 739 22.83 0.04 52.15
N PRO A 740 23.13 -0.02 53.45
CA PRO A 740 24.51 -0.21 53.88
C PRO A 740 25.06 -1.61 53.73
N ASN A 741 24.36 -2.52 53.05
CA ASN A 741 24.77 -3.90 53.06
C ASN A 741 24.83 -4.57 51.69
N GLU A 742 24.34 -3.92 50.63
CA GLU A 742 24.37 -4.56 49.32
C GLU A 742 24.04 -3.52 48.26
N PHE A 743 24.35 -3.86 47.01
CA PHE A 743 23.94 -3.06 45.87
C PHE A 743 22.51 -3.43 45.53
N GLU A 744 21.59 -2.50 45.74
CA GLU A 744 20.18 -2.73 45.40
C GLU A 744 19.91 -2.09 44.05
N ILE A 745 19.73 -2.92 43.02
CA ILE A 745 19.71 -2.38 41.66
C ILE A 745 18.38 -1.72 41.36
N LYS A 746 17.29 -2.50 41.36
CA LYS A 746 15.99 -1.94 41.05
C LYS A 746 15.02 -2.22 42.19
N ARG A 747 14.33 -1.17 42.64
CA ARG A 747 13.36 -1.27 43.72
C ARG A 747 11.96 -1.17 43.13
N SER A 748 11.16 -2.22 43.34
CA SER A 748 9.78 -2.18 42.88
C SER A 748 8.93 -1.30 43.77
N VAL A 749 9.10 -1.40 45.08
CA VAL A 749 8.30 -0.66 46.06
C VAL A 749 9.23 0.21 46.89
N ASP A 750 8.90 1.49 46.99
CA ASP A 750 9.76 2.42 47.73
C ASP A 750 8.95 3.63 48.14
N GLY A 751 8.76 3.81 49.43
CA GLY A 751 8.13 5.01 49.95
C GLY A 751 9.17 6.02 50.39
N GLU A 752 10.43 5.59 50.45
CA GLU A 752 11.52 6.45 50.86
C GLU A 752 12.11 7.23 49.70
N GLY A 753 11.54 7.12 48.51
CA GLY A 753 11.98 7.91 47.37
C GLY A 753 13.38 7.61 46.91
N TYR A 754 13.73 6.33 46.77
CA TYR A 754 15.08 5.97 46.35
C TYR A 754 15.19 5.69 44.86
N ASN A 755 14.12 5.91 44.10
CA ASN A 755 14.22 5.76 42.66
C ASN A 755 14.87 7.00 42.05
N VAL A 756 15.07 7.00 40.74
CA VAL A 756 15.72 8.12 40.07
C VAL A 756 15.46 8.04 38.57
N ALA A 757 15.60 9.17 37.89
CA ALA A 757 15.59 9.25 36.44
C ALA A 757 14.27 8.79 35.84
N GLN A 758 13.18 8.92 36.60
CA GLN A 758 11.86 8.51 36.14
C GLN A 758 11.91 7.06 35.68
N CYS A 759 12.28 6.20 36.61
CA CYS A 759 12.42 4.77 36.36
C CYS A 759 12.36 4.08 37.71
N ASN A 760 12.79 2.82 37.75
CA ASN A 760 12.91 2.14 39.02
C ASN A 760 14.30 1.57 39.19
N MET A 761 15.32 2.38 38.92
CA MET A 761 16.71 2.04 39.19
C MET A 761 17.19 2.89 40.36
N THR A 762 17.76 2.24 41.37
CA THR A 762 18.13 2.97 42.57
C THR A 762 19.26 3.95 42.28
N LYS A 763 19.26 5.04 43.04
CA LYS A 763 20.30 6.06 42.85
C LYS A 763 21.68 5.47 43.02
N ASP A 764 21.85 4.60 44.01
CA ASP A 764 23.15 4.01 44.28
C ASP A 764 23.68 3.27 43.05
N TRP A 765 22.85 2.44 42.44
CA TRP A 765 23.30 1.69 41.28
C TRP A 765 23.68 2.63 40.15
N PHE A 766 22.91 3.70 39.98
CA PHE A 766 23.19 4.63 38.90
C PHE A 766 24.53 5.33 39.13
N LEU A 767 24.77 5.78 40.35
CA LEU A 767 26.04 6.43 40.67
C LEU A 767 27.20 5.48 40.45
N VAL A 768 27.04 4.22 40.89
CA VAL A 768 28.11 3.25 40.73
C VAL A 768 28.43 3.05 39.26
N GLN A 769 27.39 2.88 38.43
CA GLN A 769 27.66 2.66 37.01
C GLN A 769 28.34 3.87 36.39
N MET A 770 27.84 5.06 36.70
CA MET A 770 28.40 6.26 36.08
C MET A 770 29.88 6.43 36.45
N LEU A 771 30.20 6.29 37.73
CA LEU A 771 31.60 6.36 38.12
C LEU A 771 32.41 5.30 37.42
N ALA A 772 32.06 4.03 37.64
CA ALA A 772 32.89 2.94 37.18
C ALA A 772 33.06 2.93 35.67
N ASN A 773 32.20 3.61 34.93
CA ASN A 773 32.43 3.65 33.50
C ASN A 773 33.12 4.93 33.04
N TYR A 774 32.73 6.09 33.55
CA TYR A 774 33.23 7.34 33.00
C TYR A 774 33.96 8.20 34.01
N ASN A 775 34.16 7.74 35.24
CA ASN A 775 34.70 8.58 36.30
C ASN A 775 33.92 9.88 36.39
N ILE A 776 32.60 9.77 36.29
CA ILE A 776 31.71 10.92 36.24
C ILE A 776 30.77 10.85 37.43
N GLY A 777 30.64 11.95 38.15
CA GLY A 777 29.57 12.03 39.12
C GLY A 777 29.84 12.72 40.43
N TYR A 778 31.06 12.67 40.94
CA TYR A 778 31.31 13.33 42.22
C TYR A 778 31.12 14.84 42.14
N GLN A 779 30.91 15.38 40.95
CA GLN A 779 30.69 16.80 40.75
C GLN A 779 29.53 17.01 39.78
N GLY A 780 28.42 16.32 40.04
CA GLY A 780 27.26 16.43 39.18
C GLY A 780 27.31 15.47 38.02
N PHE A 781 26.26 15.52 37.20
CA PHE A 781 26.13 14.63 36.06
C PHE A 781 25.98 15.44 34.78
N TYR A 782 26.29 14.79 33.67
CA TYR A 782 26.06 15.32 32.32
C TYR A 782 26.45 14.22 31.34
N ILE A 783 26.14 14.46 30.07
CA ILE A 783 26.36 13.42 29.06
C ILE A 783 27.84 13.33 28.75
N PRO A 784 28.45 12.15 28.83
CA PRO A 784 29.87 12.03 28.51
C PRO A 784 30.13 12.29 27.04
N GLU A 785 31.36 12.71 26.74
CA GLU A 785 31.75 13.04 25.39
C GLU A 785 31.69 11.80 24.50
N SER A 786 31.82 12.04 23.19
CA SER A 786 31.56 10.98 22.21
C SER A 786 32.55 9.83 22.37
N TYR A 787 33.85 10.13 22.37
CA TYR A 787 34.81 9.05 22.31
C TYR A 787 34.81 8.18 23.55
N LYS A 788 34.32 8.69 24.68
CA LYS A 788 34.25 7.86 25.87
C LYS A 788 33.04 6.94 25.87
N ASP A 789 32.14 7.07 24.91
CA ASP A 789 30.91 6.29 24.85
C ASP A 789 30.87 5.55 23.51
N ARG A 790 31.36 4.32 23.51
CA ARG A 790 31.42 3.53 22.30
C ARG A 790 30.15 2.69 22.17
N MET A 791 30.17 1.73 21.24
CA MET A 791 28.97 0.96 20.96
C MET A 791 28.53 0.14 22.17
N TYR A 792 29.43 -0.63 22.74
CA TYR A 792 29.07 -1.52 23.84
C TYR A 792 29.05 -0.81 25.18
N SER A 793 29.05 0.52 25.20
CA SER A 793 29.13 1.25 26.45
C SER A 793 27.79 1.11 27.19
N PHE A 794 27.66 1.80 28.31
CA PHE A 794 26.43 1.73 29.10
C PHE A 794 25.44 2.82 28.73
N PHE A 795 25.86 4.08 28.85
CA PHE A 795 24.92 5.19 28.72
C PHE A 795 24.30 5.26 27.34
N ARG A 796 24.97 4.72 26.33
CA ARG A 796 24.37 4.66 25.01
C ARG A 796 23.10 3.83 25.02
N ASN A 797 23.10 2.74 25.78
CA ASN A 797 22.00 1.76 25.78
C ASN A 797 21.14 1.89 27.03
N PHE A 798 20.88 3.09 27.50
CA PHE A 798 19.95 3.31 28.59
C PHE A 798 18.60 3.69 28.00
N GLN A 799 17.54 3.01 28.43
CA GLN A 799 16.20 3.27 27.90
C GLN A 799 15.15 3.13 28.99
N PRO A 800 14.73 4.23 29.60
CA PRO A 800 13.62 4.17 30.57
C PRO A 800 12.27 4.28 29.89
N MET A 801 11.28 3.60 30.46
CA MET A 801 9.96 3.53 29.86
C MET A 801 8.89 3.47 30.95
N SER A 802 7.71 3.99 30.62
CA SER A 802 6.59 3.99 31.55
C SER A 802 5.28 4.03 30.77
N ARG A 803 4.20 3.62 31.44
CA ARG A 803 2.89 3.56 30.82
C ARG A 803 1.81 3.58 31.89
N GLN A 804 0.56 3.64 31.45
CA GLN A 804 -0.59 3.57 32.33
C GLN A 804 -1.54 2.49 31.86
N VAL A 805 -2.22 1.86 32.81
CA VAL A 805 -3.32 0.95 32.54
C VAL A 805 -4.43 1.24 33.53
N VAL A 806 -5.52 0.48 33.41
CA VAL A 806 -6.68 0.70 34.25
C VAL A 806 -6.65 -0.26 35.42
N ASP A 807 -6.73 0.27 36.63
CA ASP A 807 -6.76 -0.57 37.83
C ASP A 807 -7.98 -1.48 37.81
N ASP A 808 -7.86 -2.68 38.36
CA ASP A 808 -9.00 -3.58 38.35
C ASP A 808 -9.81 -3.55 39.63
N THR A 809 -9.45 -2.70 40.59
CA THR A 809 -10.13 -2.66 41.88
C THR A 809 -10.85 -1.34 42.14
N LYS A 810 -10.14 -0.22 42.07
CA LYS A 810 -10.77 1.06 42.36
C LYS A 810 -11.75 1.47 41.27
N TYR A 811 -11.64 0.91 40.07
CA TYR A 811 -12.61 1.21 39.03
C TYR A 811 -13.98 0.66 39.42
N LYS A 812 -15.01 1.38 39.01
CA LYS A 812 -16.36 1.02 39.44
C LYS A 812 -16.89 -0.18 38.67
N ASP A 813 -16.55 -0.28 37.39
CA ASP A 813 -17.19 -1.23 36.49
C ASP A 813 -16.18 -1.98 35.67
N TYR A 814 -15.10 -2.46 36.28
CA TYR A 814 -14.14 -3.26 35.54
C TYR A 814 -14.75 -4.58 35.14
N GLN A 815 -14.48 -5.00 33.91
CA GLN A 815 -14.96 -6.29 33.41
C GLN A 815 -13.86 -6.91 32.56
N GLN A 816 -13.31 -8.02 33.02
CA GLN A 816 -12.28 -8.70 32.26
C GLN A 816 -12.85 -9.28 30.97
N VAL A 817 -12.20 -8.98 29.85
CA VAL A 817 -12.63 -9.46 28.55
C VAL A 817 -11.43 -10.10 27.85
N GLY A 818 -11.54 -11.39 27.57
CA GLY A 818 -10.44 -12.11 26.96
C GLY A 818 -10.28 -11.79 25.48
N ILE A 819 -9.28 -12.44 24.88
CA ILE A 819 -9.03 -12.27 23.46
C ILE A 819 -10.14 -12.89 22.62
N LEU A 820 -10.96 -13.76 23.20
CA LEU A 820 -11.94 -14.50 22.43
C LEU A 820 -13.22 -13.72 22.16
N HIS A 821 -13.38 -12.52 22.72
CA HIS A 821 -14.63 -11.79 22.54
C HIS A 821 -14.45 -10.32 22.23
N GLN A 822 -13.23 -9.80 22.19
CA GLN A 822 -13.03 -8.42 21.79
C GLN A 822 -13.43 -8.26 20.34
N HIS A 823 -14.21 -7.22 20.04
CA HIS A 823 -14.78 -7.09 18.72
C HIS A 823 -14.61 -5.68 18.17
N ASN A 824 -13.40 -5.16 18.23
CA ASN A 824 -13.14 -3.89 17.57
C ASN A 824 -12.92 -4.11 16.09
N ASN A 825 -13.34 -3.12 15.28
CA ASN A 825 -13.32 -3.22 13.83
C ASN A 825 -14.00 -4.50 13.38
N SER A 826 -15.18 -4.75 13.93
CA SER A 826 -15.84 -6.04 13.80
C SER A 826 -16.01 -6.44 12.34
N GLY A 827 -16.53 -5.54 11.53
CA GLY A 827 -16.91 -5.94 10.19
C GLY A 827 -15.83 -5.82 9.14
N PHE A 828 -14.57 -5.68 9.52
CA PHE A 828 -13.54 -5.44 8.52
C PHE A 828 -12.24 -6.18 8.80
N VAL A 829 -12.32 -7.36 9.40
CA VAL A 829 -11.12 -8.15 9.67
C VAL A 829 -11.55 -9.57 9.97
N GLY A 830 -10.62 -10.50 9.82
CA GLY A 830 -10.91 -11.89 10.13
C GLY A 830 -11.04 -12.13 11.61
N TYR A 831 -11.52 -13.31 11.96
CA TYR A 831 -11.76 -13.70 13.34
C TYR A 831 -10.64 -14.62 13.79
N LEU A 832 -9.68 -14.07 14.52
CA LEU A 832 -8.56 -14.82 15.07
C LEU A 832 -7.78 -15.52 13.96
N ALA A 833 -7.46 -14.78 12.91
CA ALA A 833 -6.74 -15.30 11.77
C ALA A 833 -6.41 -14.14 10.84
N PRO A 834 -5.54 -14.35 9.87
CA PRO A 834 -5.34 -13.34 8.84
C PRO A 834 -6.24 -13.58 7.64
N THR A 835 -7.23 -14.45 7.81
CA THR A 835 -8.04 -14.88 6.69
C THR A 835 -9.00 -13.76 6.26
N MET A 836 -9.91 -14.08 5.36
CA MET A 836 -10.78 -13.10 4.75
C MET A 836 -11.61 -12.37 5.81
N ARG A 837 -12.06 -11.17 5.45
CA ARG A 837 -12.85 -10.37 6.36
C ARG A 837 -14.25 -10.96 6.53
N GLU A 838 -14.93 -10.51 7.56
CA GLU A 838 -16.26 -11.00 7.91
C GLU A 838 -16.89 -10.03 8.90
N GLY A 839 -18.00 -10.43 9.47
CA GLY A 839 -18.62 -9.68 10.54
C GLY A 839 -19.41 -8.49 10.04
N GLN A 840 -20.03 -7.80 10.98
CA GLN A 840 -20.85 -6.64 10.69
C GLN A 840 -20.45 -5.50 11.61
N ALA A 841 -20.62 -4.27 11.11
CA ALA A 841 -20.20 -3.11 11.87
C ALA A 841 -21.04 -2.97 13.14
N TYR A 842 -20.43 -2.41 14.17
CA TYR A 842 -21.07 -2.30 15.47
C TYR A 842 -20.18 -1.45 16.37
N PRO A 843 -20.76 -0.72 17.33
CA PRO A 843 -19.92 0.00 18.28
C PRO A 843 -19.00 -0.96 19.03
N ALA A 844 -17.78 -0.51 19.29
CA ALA A 844 -16.73 -1.39 19.76
C ALA A 844 -16.96 -1.79 21.22
N ASN A 845 -16.00 -2.55 21.77
CA ASN A 845 -16.08 -3.00 23.14
C ASN A 845 -14.75 -2.93 23.87
N PHE A 846 -13.69 -2.42 23.25
CA PHE A 846 -12.35 -2.51 23.80
C PHE A 846 -11.41 -1.67 22.94
N PRO A 847 -10.35 -1.09 23.50
CA PRO A 847 -9.91 -1.02 24.89
C PRO A 847 -10.47 0.18 25.62
N TYR A 848 -10.31 0.21 26.93
CA TYR A 848 -10.94 1.23 27.75
C TYR A 848 -10.40 2.61 27.38
N PRO A 849 -11.17 3.66 27.65
CA PRO A 849 -10.70 5.01 27.35
C PRO A 849 -9.79 5.52 28.45
N LEU A 850 -8.68 6.13 28.06
CA LEU A 850 -7.73 6.68 29.01
C LEU A 850 -7.55 8.18 28.89
N ILE A 851 -8.27 8.83 27.98
CA ILE A 851 -8.22 10.27 27.82
C ILE A 851 -9.65 10.78 27.75
N GLY A 852 -9.79 12.08 27.56
CA GLY A 852 -11.11 12.68 27.49
C GLY A 852 -11.77 12.72 28.85
N LYS A 853 -12.98 13.28 28.86
CA LYS A 853 -13.67 13.58 30.10
C LYS A 853 -14.32 12.35 30.73
N THR A 854 -13.98 11.16 30.29
CA THR A 854 -14.56 9.93 30.85
C THR A 854 -13.47 8.89 31.07
N ALA A 855 -12.24 9.33 31.30
CA ALA A 855 -11.17 8.37 31.50
C ALA A 855 -11.34 7.63 32.82
N VAL A 856 -11.02 6.35 32.79
CA VAL A 856 -11.20 5.49 33.93
C VAL A 856 -10.08 5.73 34.94
N ASP A 857 -10.24 5.21 36.14
CA ASP A 857 -9.18 5.24 37.13
C ASP A 857 -8.00 4.43 36.61
N SER A 858 -6.78 4.92 36.88
CA SER A 858 -5.60 4.36 36.26
C SER A 858 -4.48 4.18 37.26
N ILE A 859 -3.62 3.21 36.97
CA ILE A 859 -2.36 3.06 37.68
C ILE A 859 -1.24 3.04 36.65
N THR A 860 -0.02 3.15 37.15
CA THR A 860 1.16 3.37 36.32
C THR A 860 2.17 2.25 36.49
N GLN A 861 3.00 2.06 35.47
CA GLN A 861 4.04 1.07 35.48
C GLN A 861 5.31 1.65 34.88
N LYS A 862 6.45 1.30 35.46
CA LYS A 862 7.76 1.81 35.03
C LYS A 862 8.75 0.67 34.92
N LYS A 863 9.66 0.77 33.95
CA LYS A 863 10.72 -0.22 33.79
C LYS A 863 11.81 0.39 32.91
N PHE A 864 12.86 -0.39 32.70
CA PHE A 864 13.99 0.10 31.91
C PHE A 864 14.58 -1.05 31.10
N LEU A 865 15.27 -0.66 30.03
CA LEU A 865 15.93 -1.58 29.12
C LEU A 865 17.36 -1.12 28.93
N CYS A 866 18.28 -2.09 28.93
CA CYS A 866 19.70 -1.79 28.78
C CYS A 866 20.39 -3.06 28.28
N ASP A 867 20.86 -3.05 27.03
CA ASP A 867 21.38 -4.24 26.38
C ASP A 867 22.74 -3.94 25.76
N ARG A 868 23.41 -5.02 25.33
CA ARG A 868 24.76 -4.96 24.76
C ARG A 868 25.77 -4.44 25.77
N THR A 869 25.69 -4.91 27.01
CA THR A 869 26.64 -4.47 28.02
C THR A 869 26.63 -5.45 29.19
N LEU A 870 27.51 -5.20 30.15
CA LEU A 870 27.67 -6.04 31.32
C LEU A 870 27.63 -5.15 32.55
N TRP A 871 27.04 -5.65 33.64
CA TRP A 871 27.08 -4.86 34.86
C TRP A 871 28.43 -5.07 35.52
N ARG A 872 29.19 -3.99 35.74
CA ARG A 872 30.54 -4.08 36.26
C ARG A 872 30.65 -3.37 37.60
N ILE A 873 31.18 -4.07 38.60
CA ILE A 873 31.46 -3.54 39.92
C ILE A 873 32.97 -3.55 40.11
N PRO A 874 33.63 -2.40 40.08
CA PRO A 874 35.09 -2.39 40.13
C PRO A 874 35.62 -2.45 41.56
N PHE A 875 36.75 -3.14 41.70
CA PHE A 875 37.40 -3.32 43.00
C PHE A 875 38.30 -2.11 43.21
N SER A 876 37.80 -1.14 43.94
CA SER A 876 38.57 0.05 44.28
C SER A 876 37.99 0.68 45.53
N SER A 877 38.72 1.62 46.11
CA SER A 877 38.23 2.30 47.30
C SER A 877 37.00 3.14 46.99
N ASN A 878 36.99 3.82 45.84
CA ASN A 878 35.88 4.70 45.52
C ASN A 878 35.46 4.57 44.05
N PHE A 879 35.59 3.37 43.49
CA PHE A 879 35.00 2.95 42.23
C PHE A 879 35.53 3.71 41.01
N MET A 880 36.40 4.70 41.18
CA MET A 880 36.89 5.41 40.02
C MET A 880 37.93 4.58 39.30
N SER A 881 38.40 5.09 38.17
CA SER A 881 39.40 4.40 37.36
C SER A 881 40.69 5.22 37.40
N MET A 882 41.51 4.97 38.41
CA MET A 882 42.75 5.69 38.62
C MET A 882 43.96 4.92 38.10
N GLY A 883 43.80 4.21 36.99
CA GLY A 883 44.88 3.41 36.46
C GLY A 883 44.50 1.96 36.36
N ALA A 884 45.10 1.23 35.40
CA ALA A 884 44.68 -0.13 35.15
C ALA A 884 44.77 -1.00 36.39
N LEU A 885 45.87 -0.89 37.13
CA LEU A 885 45.99 -1.55 38.42
C LEU A 885 45.28 -0.70 39.46
N THR A 886 44.58 -1.35 40.38
CA THR A 886 43.79 -0.64 41.36
C THR A 886 44.69 -0.18 42.50
N ASP A 887 44.08 0.28 43.59
CA ASP A 887 44.80 0.54 44.83
C ASP A 887 44.54 -0.54 45.86
N LEU A 888 43.28 -0.91 46.07
CA LEU A 888 42.98 -1.98 47.02
C LEU A 888 43.62 -3.29 46.60
N GLY A 889 43.93 -3.46 45.32
CA GLY A 889 44.70 -4.61 44.92
C GLY A 889 46.08 -4.63 45.51
N GLN A 890 46.56 -3.48 45.99
CA GLN A 890 47.86 -3.38 46.63
C GLN A 890 47.78 -3.39 48.15
N ASN A 891 46.65 -3.01 48.72
CA ASN A 891 46.55 -2.91 50.16
C ASN A 891 46.85 -4.26 50.81
N LEU A 892 47.71 -4.23 51.83
CA LEU A 892 48.26 -5.47 52.37
C LEU A 892 47.18 -6.38 52.93
N LEU A 893 46.10 -5.80 53.44
CA LEU A 893 45.09 -6.59 54.13
C LEU A 893 44.56 -7.70 53.23
N TYR A 894 44.22 -7.37 51.99
CA TYR A 894 43.81 -8.37 51.02
C TYR A 894 44.98 -8.88 50.20
N ALA A 895 46.20 -8.84 50.74
CA ALA A 895 47.39 -9.13 49.95
C ALA A 895 48.36 -10.12 50.58
N ASN A 896 48.29 -10.39 51.88
CA ASN A 896 49.24 -11.31 52.50
C ASN A 896 48.53 -12.42 53.27
N SER A 897 47.51 -13.01 52.67
CA SER A 897 46.80 -14.12 53.28
C SER A 897 45.91 -14.76 52.23
N ALA A 898 45.03 -15.66 52.68
CA ALA A 898 43.92 -16.14 51.89
C ALA A 898 42.62 -15.74 52.60
N HIS A 899 41.55 -15.62 51.83
CA HIS A 899 40.29 -15.18 52.40
C HIS A 899 39.15 -15.94 51.75
N ALA A 900 38.04 -16.02 52.47
CA ALA A 900 36.83 -16.61 51.95
C ALA A 900 35.95 -15.56 51.30
N LEU A 901 35.37 -15.91 50.17
CA LEU A 901 34.52 -15.00 49.42
C LEU A 901 33.13 -15.61 49.26
N ASP A 902 32.10 -14.79 49.46
CA ASP A 902 30.72 -15.25 49.29
C ASP A 902 29.93 -14.21 48.52
N MET A 903 29.21 -14.66 47.51
CA MET A 903 28.34 -13.79 46.73
C MET A 903 26.94 -14.37 46.71
N THR A 904 25.95 -13.49 46.80
CA THR A 904 24.55 -13.86 46.73
C THR A 904 23.87 -12.97 45.71
N PHE A 905 23.21 -13.58 44.73
CA PHE A 905 22.48 -12.84 43.70
C PHE A 905 21.00 -13.11 43.86
N GLU A 906 20.18 -12.09 43.59
CA GLU A 906 18.72 -12.23 43.58
C GLU A 906 18.21 -11.55 42.32
N VAL A 907 17.41 -12.28 41.54
CA VAL A 907 17.00 -11.86 40.21
C VAL A 907 15.51 -12.09 40.04
N ASP A 908 15.01 -11.76 38.85
CA ASP A 908 13.64 -12.03 38.45
C ASP A 908 13.46 -13.51 38.10
N PRO A 909 12.25 -14.03 38.22
CA PRO A 909 12.00 -15.42 37.86
C PRO A 909 11.80 -15.57 36.36
N MET A 910 12.15 -16.77 35.88
CA MET A 910 11.95 -17.12 34.48
C MET A 910 11.58 -18.59 34.38
N ASP A 911 10.80 -18.92 33.36
CA ASP A 911 10.33 -20.28 33.14
C ASP A 911 11.23 -21.04 32.17
N GLU A 912 12.53 -21.03 32.45
CA GLU A 912 13.47 -21.68 31.55
C GLU A 912 14.82 -21.79 32.23
N PRO A 913 15.54 -22.90 32.07
CA PRO A 913 16.87 -23.00 32.69
C PRO A 913 17.80 -21.95 32.09
N THR A 914 18.39 -21.15 32.96
CA THR A 914 19.27 -20.08 32.51
C THR A 914 20.64 -20.22 33.16
N LEU A 915 21.56 -19.36 32.75
CA LEU A 915 22.92 -19.38 33.27
C LEU A 915 23.27 -18.00 33.79
N LEU A 916 24.08 -17.97 34.85
CA LEU A 916 24.65 -16.75 35.37
C LEU A 916 26.11 -16.71 34.96
N TYR A 917 26.53 -15.64 34.30
CA TYR A 917 27.83 -15.55 33.66
C TYR A 917 28.65 -14.49 34.38
N VAL A 918 29.74 -14.92 35.02
CA VAL A 918 30.55 -14.08 35.88
C VAL A 918 31.93 -13.91 35.27
N LEU A 919 32.46 -12.69 35.33
CA LEU A 919 33.82 -12.40 34.88
C LEU A 919 34.55 -11.71 36.01
N PHE A 920 35.68 -12.26 36.39
CA PHE A 920 36.60 -11.60 37.32
C PHE A 920 37.69 -10.96 36.49
N GLU A 921 37.70 -9.63 36.43
CA GLU A 921 38.72 -8.95 35.65
C GLU A 921 40.07 -9.04 36.36
N VAL A 922 41.03 -9.68 35.71
CA VAL A 922 42.33 -9.95 36.33
C VAL A 922 43.42 -9.59 35.34
N PHE A 923 44.65 -9.64 35.81
CA PHE A 923 45.81 -9.39 34.96
C PHE A 923 46.19 -10.67 34.24
N ASP A 924 46.43 -10.56 32.94
CA ASP A 924 46.85 -11.70 32.12
C ASP A 924 47.86 -11.18 31.11
N VAL A 925 49.07 -11.72 31.11
CA VAL A 925 50.16 -11.17 30.32
C VAL A 925 51.06 -12.26 29.77
N VAL A 926 51.80 -11.90 28.72
CA VAL A 926 52.70 -12.81 28.03
C VAL A 926 54.01 -12.09 27.76
N ARG A 927 55.12 -12.79 27.95
CA ARG A 927 56.43 -12.31 27.52
C ARG A 927 57.05 -13.31 26.57
N VAL A 928 57.59 -12.82 25.46
CA VAL A 928 58.12 -13.65 24.40
C VAL A 928 59.57 -13.27 24.18
N HIS A 929 60.45 -14.27 24.18
CA HIS A 929 61.89 -14.04 24.10
C HIS A 929 62.48 -15.06 23.14
N ARG A 930 63.36 -14.60 22.25
CA ARG A 930 63.96 -15.45 21.22
C ARG A 930 65.46 -15.27 21.20
N PRO A 931 66.19 -16.00 22.01
CA PRO A 931 67.64 -15.85 22.03
C PRO A 931 68.30 -16.24 20.72
N HIS A 932 68.10 -17.47 20.27
CA HIS A 932 68.83 -18.03 19.15
C HIS A 932 67.92 -18.21 17.95
N ARG A 933 68.51 -18.09 16.77
CA ARG A 933 67.77 -18.27 15.53
C ARG A 933 67.07 -19.62 15.52
N GLY A 934 65.78 -19.60 15.20
CA GLY A 934 65.01 -20.83 15.18
C GLY A 934 64.61 -21.34 16.53
N VAL A 935 64.58 -20.49 17.55
CA VAL A 935 64.11 -20.88 18.88
C VAL A 935 63.15 -19.80 19.36
N ILE A 936 62.22 -20.18 20.23
CA ILE A 936 61.26 -19.25 20.80
C ILE A 936 60.83 -19.74 22.16
N GLU A 937 60.96 -18.90 23.17
CA GLU A 937 60.51 -19.20 24.52
C GLU A 937 59.44 -18.22 24.94
N THR A 938 58.48 -18.70 25.72
CA THR A 938 57.33 -17.92 26.14
C THR A 938 57.14 -18.06 27.63
N VAL A 939 56.59 -17.01 28.24
CA VAL A 939 56.19 -17.06 29.64
C VAL A 939 54.80 -16.47 29.75
N TYR A 940 53.84 -17.27 30.21
CA TYR A 940 52.48 -16.82 30.46
C TYR A 940 52.31 -16.54 31.94
N LEU A 941 51.45 -15.58 32.25
CA LEU A 941 51.15 -15.31 33.65
C LEU A 941 49.74 -14.77 33.77
N ARG A 942 49.03 -15.24 34.79
CA ARG A 942 47.65 -14.81 35.01
C ARG A 942 47.39 -14.76 36.49
N THR A 943 47.06 -13.58 37.00
CA THR A 943 46.86 -13.36 38.42
C THR A 943 45.59 -12.54 38.63
N PRO A 944 44.87 -12.75 39.74
CA PRO A 944 45.16 -13.66 40.86
C PRO A 944 44.58 -15.06 40.71
N PHE A 945 44.58 -15.61 39.50
CA PHE A 945 44.19 -17.00 39.28
C PHE A 945 45.27 -17.63 38.41
N SER A 946 46.31 -18.14 39.05
CA SER A 946 47.36 -18.83 38.32
C SER A 946 46.83 -20.13 37.76
N ALA A 947 47.50 -20.61 36.71
CA ALA A 947 47.11 -21.89 36.13
C ALA A 947 47.20 -22.99 37.17
N GLY A 948 46.33 -23.98 37.04
CA GLY A 948 46.29 -25.05 38.01
C GLY A 948 45.78 -24.64 39.37
N ASN A 949 45.29 -23.42 39.52
CA ASN A 949 44.70 -22.94 40.77
C ASN A 949 43.37 -22.28 40.47
N ALA A 950 42.54 -22.96 39.68
CA ALA A 950 41.31 -22.36 39.18
C ALA A 950 40.33 -22.05 40.30
N THR A 951 40.12 -22.98 41.22
CA THR A 951 39.18 -22.77 42.30
C THR A 951 39.67 -23.35 43.61
N SER B 5 64.30 -15.21 36.65
CA SER B 5 64.42 -15.74 38.01
C SER B 5 65.27 -14.82 38.89
N MET B 6 65.61 -13.65 38.37
CA MET B 6 66.39 -12.67 39.10
C MET B 6 65.60 -11.43 39.49
N MET B 7 64.32 -11.37 39.14
CA MET B 7 63.49 -10.19 39.36
C MET B 7 62.16 -10.60 39.96
N PRO B 8 61.49 -9.69 40.66
CA PRO B 8 60.16 -9.99 41.18
C PRO B 8 59.19 -10.29 40.04
N GLN B 9 58.23 -11.15 40.32
CA GLN B 9 57.36 -11.66 39.27
C GLN B 9 56.61 -10.53 38.59
N TRP B 10 56.07 -9.59 39.36
CA TRP B 10 55.35 -8.47 38.76
C TRP B 10 56.25 -7.69 37.81
N SER B 11 57.42 -7.27 38.30
CA SER B 11 58.29 -6.44 37.48
C SER B 11 58.75 -7.15 36.24
N TYR B 12 58.72 -8.49 36.23
CA TYR B 12 59.10 -9.20 35.02
C TYR B 12 58.10 -8.95 33.91
N MET B 13 56.82 -9.13 34.19
CA MET B 13 55.80 -8.93 33.18
C MET B 13 55.37 -7.49 33.06
N HIS B 14 56.15 -6.56 33.60
CA HIS B 14 55.88 -5.13 33.48
C HIS B 14 54.50 -4.76 34.01
N ILE B 15 54.05 -5.42 35.06
CA ILE B 15 52.84 -4.96 35.73
C ILE B 15 53.09 -3.61 36.38
N SER B 16 54.28 -3.41 36.94
CA SER B 16 54.61 -2.18 37.63
C SER B 16 56.13 -2.03 37.64
N GLY B 17 56.61 -0.82 37.41
CA GLY B 17 58.04 -0.59 37.41
C GLY B 17 58.43 0.42 36.35
N GLN B 18 59.61 0.21 35.79
CA GLN B 18 60.12 1.15 34.80
C GLN B 18 59.28 1.10 33.53
N ASP B 19 59.38 2.16 32.74
CA ASP B 19 58.62 2.28 31.51
C ASP B 19 59.48 1.92 30.31
N ALA B 20 58.83 1.84 29.15
CA ALA B 20 59.52 1.40 27.94
C ALA B 20 60.74 2.25 27.66
N SER B 21 60.66 3.54 27.92
CA SER B 21 61.84 4.35 27.72
C SER B 21 62.89 4.11 28.75
N GLU B 22 62.78 3.10 29.62
CA GLU B 22 63.73 2.97 30.70
C GLU B 22 64.38 1.60 30.74
N TYR B 23 63.69 0.56 30.29
CA TYR B 23 64.26 -0.78 30.31
C TYR B 23 64.64 -1.27 28.92
N LEU B 24 64.91 -0.37 27.99
CA LEU B 24 65.32 -0.75 26.65
C LEU B 24 66.71 -0.23 26.34
N SER B 25 67.42 -0.97 25.50
CA SER B 25 68.72 -0.51 25.05
C SER B 25 68.56 0.80 24.28
N PRO B 26 69.46 1.77 24.49
CA PRO B 26 69.29 3.07 23.82
C PRO B 26 69.28 2.96 22.31
N GLY B 27 70.01 2.00 21.74
CA GLY B 27 69.96 1.81 20.30
C GLY B 27 68.57 1.49 19.80
N LEU B 28 67.86 0.61 20.51
CA LEU B 28 66.49 0.29 20.12
C LEU B 28 65.59 1.51 20.21
N VAL B 29 65.76 2.31 21.26
CA VAL B 29 64.96 3.51 21.42
C VAL B 29 65.17 4.46 20.24
N GLN B 30 66.43 4.69 19.89
CA GLN B 30 66.72 5.57 18.77
C GLN B 30 66.17 5.00 17.48
N PHE B 31 66.26 3.68 17.30
CA PHE B 31 65.70 3.06 16.11
C PHE B 31 64.20 3.31 16.03
N ALA B 32 63.49 3.06 17.13
CA ALA B 32 62.05 3.21 17.12
C ALA B 32 61.65 4.64 16.80
N ARG B 33 62.31 5.61 17.42
CA ARG B 33 61.99 6.99 17.10
C ARG B 33 62.48 7.37 15.71
N ALA B 34 63.34 6.56 15.11
CA ALA B 34 63.90 6.92 13.81
C ALA B 34 62.90 6.72 12.69
N THR B 35 62.16 5.61 12.74
CA THR B 35 61.23 5.27 11.66
C THR B 35 59.83 5.04 12.21
N GLU B 36 59.40 5.92 13.11
CA GLU B 36 58.08 5.74 13.72
C GLU B 36 56.97 5.87 12.70
N THR B 37 57.13 6.76 11.73
CA THR B 37 56.07 7.06 10.79
C THR B 37 55.65 5.85 9.97
N TYR B 38 56.55 5.34 9.13
CA TYR B 38 56.17 4.32 8.18
C TYR B 38 56.46 2.90 8.66
N PHE B 39 56.95 2.72 9.88
CA PHE B 39 57.01 1.39 10.47
C PHE B 39 57.06 1.56 11.98
N SER B 40 55.91 1.40 12.64
CA SER B 40 55.84 1.67 14.07
C SER B 40 56.14 0.43 14.88
N LEU B 41 56.43 0.66 16.16
CA LEU B 41 56.67 -0.42 17.10
C LEU B 41 56.05 -0.19 18.47
N ASN B 42 55.29 0.89 18.66
CA ASN B 42 54.83 1.23 20.01
C ASN B 42 53.94 0.15 20.60
N ASN B 43 53.03 -0.42 19.81
CA ASN B 43 52.06 -1.34 20.36
C ASN B 43 52.68 -2.65 20.83
N LYS B 44 53.92 -2.93 20.47
CA LYS B 44 54.53 -4.22 20.77
C LYS B 44 55.12 -4.31 22.17
N PHE B 45 55.13 -3.22 22.94
CA PHE B 45 55.76 -3.22 24.25
C PHE B 45 54.81 -2.67 25.30
N ARG B 46 54.78 -3.34 26.44
CA ARG B 46 53.92 -2.95 27.54
C ARG B 46 54.33 -1.59 28.09
N ASN B 47 53.50 -1.03 28.95
CA ASN B 47 53.81 0.23 29.60
C ASN B 47 52.95 0.37 30.85
N PRO B 48 53.40 -0.14 32.00
CA PRO B 48 52.50 -0.30 33.14
C PRO B 48 51.92 1.01 33.65
N THR B 49 50.82 0.90 34.36
CA THR B 49 50.15 2.01 35.01
C THR B 49 49.85 1.65 36.45
N VAL B 50 50.04 2.60 37.36
CA VAL B 50 49.85 2.36 38.78
C VAL B 50 48.91 3.42 39.34
N ALA B 51 48.25 3.10 40.42
CA ALA B 51 47.34 4.02 41.05
C ALA B 51 47.89 4.47 42.40
N PRO B 52 47.79 5.76 42.70
CA PRO B 52 48.31 6.25 43.99
C PRO B 52 47.61 5.57 45.14
N THR B 53 48.36 5.34 46.22
CA THR B 53 47.86 4.58 47.35
C THR B 53 48.19 5.26 48.67
N HIS B 54 48.31 6.58 48.67
CA HIS B 54 48.60 7.33 49.89
C HIS B 54 47.92 8.68 49.82
N ASP B 55 47.11 8.97 50.84
CA ASP B 55 46.55 10.31 51.05
C ASP B 55 45.76 10.80 49.84
N VAL B 56 44.93 9.92 49.29
CA VAL B 56 43.88 10.29 48.35
C VAL B 56 42.51 9.92 48.89
N THR B 57 42.34 8.67 49.29
CA THR B 57 41.07 8.18 49.80
C THR B 57 41.20 7.88 51.28
N THR B 58 40.30 8.45 52.08
CA THR B 58 40.25 8.06 53.47
C THR B 58 39.83 6.60 53.61
N ASP B 59 39.92 6.10 54.83
CA ASP B 59 39.34 4.81 55.16
C ASP B 59 38.55 4.81 56.45
N ARG B 60 38.52 5.93 57.16
CA ARG B 60 37.52 6.07 58.21
C ARG B 60 36.13 6.04 57.59
N SER B 61 35.16 5.55 58.35
CA SER B 61 33.83 5.34 57.80
C SER B 61 33.16 6.68 57.49
N GLN B 62 32.78 6.85 56.22
CA GLN B 62 32.09 8.05 55.79
C GLN B 62 30.99 7.64 54.82
N ARG B 63 30.08 8.58 54.55
CA ARG B 63 28.89 8.34 53.75
C ARG B 63 29.00 9.04 52.41
N LEU B 64 28.71 8.32 51.34
CA LEU B 64 28.84 8.91 50.01
C LEU B 64 27.73 9.91 49.71
N THR B 65 26.50 9.59 50.11
CA THR B 65 25.34 10.40 49.73
C THR B 65 24.53 10.74 50.96
N LEU B 66 24.04 11.98 51.01
CA LEU B 66 23.30 12.49 52.15
C LEU B 66 21.92 12.96 51.72
N ARG B 67 20.94 12.68 52.59
CA ARG B 67 19.53 13.03 52.38
C ARG B 67 19.08 13.95 53.50
N PHE B 68 18.40 15.03 53.13
CA PHE B 68 17.96 16.04 54.08
C PHE B 68 16.44 16.17 54.01
N ILE B 69 15.79 15.98 55.15
CA ILE B 69 14.38 16.23 55.36
C ILE B 69 14.18 17.74 55.51
N PRO B 70 13.18 18.33 54.87
CA PRO B 70 13.00 19.78 54.98
C PRO B 70 12.81 20.19 56.42
N VAL B 71 13.53 21.24 56.83
CA VAL B 71 13.31 21.78 58.16
C VAL B 71 11.98 22.49 58.22
N ASP B 72 11.62 23.22 57.17
CA ASP B 72 10.32 23.89 57.20
C ASP B 72 9.66 23.90 55.83
N ARG B 73 8.37 23.58 55.81
CA ARG B 73 7.53 23.69 54.63
C ARG B 73 6.47 24.76 54.85
N GLU B 74 6.33 25.62 53.86
CA GLU B 74 5.30 26.67 53.95
C GLU B 74 4.57 26.73 52.62
N ASP B 75 3.24 26.82 52.68
CA ASP B 75 2.42 26.71 51.49
C ASP B 75 1.48 27.89 51.39
N THR B 76 1.13 28.24 50.14
CA THR B 76 0.22 29.35 49.89
C THR B 76 -0.50 29.11 48.58
N ALA B 77 -1.17 30.15 48.09
CA ALA B 77 -1.98 30.03 46.88
C ALA B 77 -1.13 29.73 45.66
N TYR B 78 0.03 30.34 45.55
CA TYR B 78 0.80 30.26 44.32
C TYR B 78 2.15 29.59 44.46
N SER B 79 2.79 29.64 45.63
CA SER B 79 4.16 29.21 45.75
C SER B 79 4.31 28.21 46.90
N TYR B 80 5.36 27.41 46.81
CA TYR B 80 5.68 26.39 47.81
C TYR B 80 7.10 26.62 48.26
N LYS B 81 7.31 26.85 49.56
CA LYS B 81 8.58 27.30 50.08
C LYS B 81 9.18 26.26 51.02
N ALA B 82 10.47 25.95 50.81
CA ALA B 82 11.17 24.95 51.59
C ALA B 82 12.42 25.54 52.20
N ARG B 83 12.74 25.08 53.41
CA ARG B 83 13.92 25.56 54.13
C ARG B 83 14.67 24.38 54.72
N PHE B 84 15.98 24.33 54.47
CA PHE B 84 16.85 23.23 54.86
C PHE B 84 18.06 23.73 55.63
N THR B 85 18.52 22.90 56.55
CA THR B 85 19.80 23.08 57.23
C THR B 85 20.81 22.11 56.63
N LEU B 86 21.79 22.66 55.93
CA LEU B 86 22.80 21.87 55.24
C LEU B 86 24.06 21.88 56.07
N ALA B 87 24.52 20.69 56.47
CA ALA B 87 25.66 20.57 57.37
C ALA B 87 26.79 19.83 56.66
N VAL B 88 27.99 20.44 56.65
CA VAL B 88 29.18 19.81 56.12
C VAL B 88 30.17 19.67 57.26
N GLY B 89 30.44 18.42 57.65
CA GLY B 89 31.34 18.18 58.75
C GLY B 89 32.78 18.49 58.40
N ASP B 90 33.62 18.52 59.43
CA ASP B 90 35.02 18.84 59.24
C ASP B 90 35.70 17.78 58.39
N ASN B 91 36.93 18.09 57.96
CA ASN B 91 37.71 17.20 57.12
C ASN B 91 36.95 16.79 55.87
N ARG B 92 36.11 17.67 55.34
CA ARG B 92 35.30 17.32 54.18
C ARG B 92 35.15 18.53 53.29
N VAL B 93 34.70 18.27 52.07
CA VAL B 93 34.41 19.33 51.11
C VAL B 93 33.09 19.00 50.44
N LEU B 94 32.49 20.02 49.83
CA LEU B 94 31.23 19.86 49.11
C LEU B 94 31.23 20.76 47.89
N ASP B 95 31.09 20.16 46.72
CA ASP B 95 30.93 20.89 45.48
C ASP B 95 29.43 20.96 45.17
N MET B 96 28.94 22.17 44.91
CA MET B 96 27.51 22.34 44.71
C MET B 96 27.00 21.67 43.44
N ALA B 97 27.88 21.32 42.52
CA ALA B 97 27.42 20.70 41.27
C ALA B 97 26.67 19.39 41.53
N SER B 98 26.89 18.75 42.67
CA SER B 98 26.16 17.52 42.94
C SER B 98 24.75 17.79 43.40
N THR B 99 24.52 18.87 44.15
CA THR B 99 23.25 19.05 44.85
C THR B 99 22.10 19.24 43.86
N TYR B 100 20.95 18.69 44.23
CA TYR B 100 19.73 18.88 43.45
C TYR B 100 18.53 18.67 44.37
N PHE B 101 17.37 19.10 43.90
CA PHE B 101 16.14 18.96 44.65
C PHE B 101 15.37 17.73 44.19
N ASP B 102 14.62 17.12 45.11
CA ASP B 102 13.82 15.95 44.81
C ASP B 102 12.37 16.24 45.13
N ILE B 103 11.47 15.90 44.21
CA ILE B 103 10.06 16.27 44.28
C ILE B 103 9.21 15.06 43.94
N ARG B 104 8.09 14.90 44.66
CA ARG B 104 7.08 13.92 44.32
C ARG B 104 5.69 14.54 44.44
N GLY B 105 4.75 14.00 43.67
CA GLY B 105 3.39 14.50 43.76
C GLY B 105 2.49 13.88 42.72
N VAL B 106 1.34 14.50 42.53
CA VAL B 106 0.31 14.01 41.63
C VAL B 106 -0.04 15.08 40.60
N LEU B 107 -0.54 14.63 39.45
CA LEU B 107 -0.81 15.52 38.33
C LEU B 107 -2.05 15.05 37.59
N ASP B 108 -2.93 15.99 37.26
CA ASP B 108 -4.10 15.74 36.43
C ASP B 108 -3.98 16.66 35.22
N ARG B 109 -3.70 16.06 34.06
CA ARG B 109 -3.49 16.85 32.85
C ARG B 109 -4.76 17.61 32.47
N GLY B 110 -5.87 16.91 32.35
CA GLY B 110 -7.11 17.52 31.96
C GLY B 110 -7.75 16.83 30.78
N PRO B 111 -9.04 17.08 30.57
CA PRO B 111 -9.77 16.35 29.52
C PRO B 111 -9.29 16.67 28.12
N THR B 112 -8.50 17.72 27.93
CA THR B 112 -8.05 18.13 26.61
C THR B 112 -6.74 17.50 26.21
N PHE B 113 -6.44 16.30 26.70
CA PHE B 113 -5.21 15.60 26.39
C PHE B 113 -5.49 14.54 25.32
N LYS B 114 -4.69 14.54 24.28
CA LYS B 114 -4.85 13.56 23.22
C LYS B 114 -3.53 13.40 22.50
N PRO B 115 -2.77 12.34 22.80
CA PRO B 115 -1.40 12.21 22.31
C PRO B 115 -1.22 11.51 20.97
N TYR B 116 -2.27 11.27 20.20
CA TYR B 116 -2.12 10.51 18.97
C TYR B 116 -2.95 11.10 17.85
N SER B 117 -2.48 10.92 16.63
CA SER B 117 -3.21 11.36 15.45
C SER B 117 -4.08 10.22 14.94
N GLY B 118 -5.28 10.57 14.51
CA GLY B 118 -6.26 9.58 14.15
C GLY B 118 -7.12 9.21 15.34
N THR B 119 -7.96 8.20 15.12
CA THR B 119 -8.88 7.74 16.13
C THR B 119 -8.36 6.48 16.79
N ALA B 120 -9.20 5.86 17.62
CA ALA B 120 -8.77 4.68 18.34
C ALA B 120 -9.83 3.58 18.39
N TYR B 121 -10.89 3.66 17.60
CA TYR B 121 -11.95 2.67 17.65
C TYR B 121 -12.57 2.51 16.28
N ASN B 122 -12.59 1.28 15.78
CA ASN B 122 -13.15 1.00 14.45
C ASN B 122 -12.53 1.89 13.40
N ALA B 123 -11.21 2.10 13.51
CA ALA B 123 -10.56 3.04 12.62
C ALA B 123 -10.62 2.61 11.17
N LEU B 124 -10.82 1.32 10.91
CA LEU B 124 -10.85 0.85 9.54
C LEU B 124 -12.19 1.08 8.87
N ALA B 125 -13.25 1.35 9.62
CA ALA B 125 -14.55 1.49 9.01
C ALA B 125 -14.62 2.76 8.17
N PRO B 126 -15.33 2.73 7.06
CA PRO B 126 -15.43 3.92 6.22
C PRO B 126 -16.13 5.05 6.95
N LYS B 127 -15.78 6.28 6.60
CA LYS B 127 -16.29 7.43 7.33
C LYS B 127 -17.77 7.70 7.07
N GLY B 128 -18.44 6.88 6.27
CA GLY B 128 -19.83 7.15 5.98
C GLY B 128 -20.81 6.10 6.48
N ALA B 129 -20.38 4.86 6.53
CA ALA B 129 -21.28 3.78 6.88
C ALA B 129 -21.76 3.95 8.32
N PRO B 130 -23.05 3.97 8.57
CA PRO B 130 -23.55 4.12 9.93
C PRO B 130 -23.84 2.77 10.57
N ASN B 131 -24.10 2.83 11.88
CA ASN B 131 -24.41 1.65 12.65
C ASN B 131 -25.83 1.18 12.39
N PRO B 132 -26.11 -0.09 12.66
CA PRO B 132 -27.50 -0.56 12.58
C PRO B 132 -28.36 0.19 13.58
N CYS B 133 -29.58 0.53 13.18
CA CYS B 133 -30.44 1.33 14.04
C CYS B 133 -31.88 1.21 13.59
N GLU B 134 -32.77 1.81 14.37
CA GLU B 134 -34.19 1.88 14.06
C GLU B 134 -34.69 3.25 14.50
N TRP B 135 -35.48 3.90 13.65
CA TRP B 135 -36.03 5.20 13.98
C TRP B 135 -37.50 5.24 13.59
N ASP B 136 -38.12 6.40 13.73
CA ASP B 136 -39.56 6.52 13.52
C ASP B 136 -39.86 7.61 12.49
N GLU B 137 -40.91 7.37 11.71
CA GLU B 137 -41.34 8.28 10.66
C GLU B 137 -42.86 8.26 10.58
N ALA B 138 -43.41 9.03 9.65
CA ALA B 138 -44.85 9.12 9.47
C ALA B 138 -45.41 7.82 8.91
N GLN B 164 -47.31 7.12 12.49
CA GLN B 164 -46.03 7.03 13.20
C GLN B 164 -45.54 5.60 13.29
N LYS B 165 -44.88 5.13 12.23
CA LYS B 165 -44.31 3.80 12.20
C LYS B 165 -42.80 3.86 12.40
N THR B 166 -42.16 2.70 12.36
CA THR B 166 -40.74 2.57 12.64
C THR B 166 -40.04 1.91 11.46
N HIS B 167 -38.88 2.45 11.10
CA HIS B 167 -38.05 1.89 10.04
C HIS B 167 -36.76 1.34 10.64
N VAL B 168 -36.30 0.24 10.07
CA VAL B 168 -35.17 -0.53 10.59
C VAL B 168 -34.12 -0.63 9.50
N PHE B 169 -32.87 -0.34 9.86
CA PHE B 169 -31.75 -0.45 8.93
C PHE B 169 -30.64 -1.24 9.61
N GLY B 170 -30.14 -2.26 8.93
CA GLY B 170 -29.12 -3.10 9.55
C GLY B 170 -28.83 -4.33 8.70
N GLN B 171 -28.19 -5.31 9.33
CA GLN B 171 -27.72 -6.49 8.63
C GLN B 171 -27.56 -7.62 9.63
N ALA B 172 -27.48 -8.84 9.10
CA ALA B 172 -27.31 -10.04 9.93
C ALA B 172 -26.39 -11.00 9.21
N PRO B 173 -25.14 -11.12 9.65
CA PRO B 173 -24.17 -11.96 8.93
C PRO B 173 -24.16 -13.42 9.36
N TYR B 174 -24.52 -13.71 10.59
CA TYR B 174 -24.35 -15.06 11.11
C TYR B 174 -25.33 -16.04 10.45
N SER B 175 -24.88 -17.28 10.28
CA SER B 175 -25.68 -18.34 9.70
C SER B 175 -26.05 -19.36 10.77
N GLY B 176 -27.25 -19.93 10.64
CA GLY B 176 -27.77 -20.83 11.63
C GLY B 176 -28.31 -22.11 11.01
N ILE B 177 -29.27 -22.71 11.71
CA ILE B 177 -29.90 -23.94 11.27
C ILE B 177 -31.41 -23.75 11.20
N ASN B 178 -32.03 -23.44 12.33
CA ASN B 178 -33.47 -23.39 12.44
C ASN B 178 -33.87 -22.32 13.43
N ILE B 179 -35.08 -21.81 13.27
CA ILE B 179 -35.61 -20.73 14.10
C ILE B 179 -36.93 -21.17 14.71
N THR B 180 -37.11 -20.88 15.99
CA THR B 180 -38.38 -21.06 16.67
C THR B 180 -38.73 -19.78 17.39
N LYS B 181 -39.93 -19.75 17.95
CA LYS B 181 -40.33 -18.59 18.74
C LYS B 181 -39.45 -18.43 19.96
N GLU B 182 -38.73 -19.48 20.34
CA GLU B 182 -37.80 -19.41 21.45
C GLU B 182 -36.45 -18.83 21.06
N GLY B 183 -36.19 -18.64 19.77
CA GLY B 183 -34.93 -18.09 19.35
C GLY B 183 -34.39 -18.75 18.09
N ILE B 184 -33.07 -18.92 18.01
CA ILE B 184 -32.42 -19.57 16.88
C ILE B 184 -31.51 -20.66 17.43
N GLN B 185 -31.64 -21.87 16.90
CA GLN B 185 -30.84 -22.98 17.40
C GLN B 185 -29.49 -22.99 16.71
N ILE B 186 -28.42 -23.14 17.49
CA ILE B 186 -27.07 -23.21 16.93
C ILE B 186 -26.37 -24.46 17.40
N GLY B 187 -26.77 -24.99 18.55
CA GLY B 187 -26.17 -26.18 19.09
C GLY B 187 -27.22 -27.25 19.32
N VAL B 188 -26.80 -28.50 19.15
CA VAL B 188 -27.65 -29.66 19.37
C VAL B 188 -26.90 -30.58 20.32
N GLU B 189 -27.16 -30.44 21.62
CA GLU B 189 -26.51 -31.31 22.59
C GLU B 189 -27.16 -32.68 22.54
N GLY B 190 -26.76 -33.49 21.57
CA GLY B 190 -27.39 -34.78 21.39
C GLY B 190 -28.66 -34.63 20.61
N GLN B 191 -29.79 -34.67 21.31
CA GLN B 191 -31.10 -34.55 20.69
C GLN B 191 -31.76 -33.19 20.91
N THR B 192 -31.70 -32.66 22.12
CA THR B 192 -32.37 -31.41 22.40
C THR B 192 -31.65 -30.25 21.74
N PRO B 193 -32.32 -29.44 20.93
CA PRO B 193 -31.66 -28.27 20.34
C PRO B 193 -31.31 -27.25 21.41
N LYS B 194 -30.26 -26.47 21.14
CA LYS B 194 -29.84 -25.41 22.03
C LYS B 194 -29.79 -24.10 21.27
N TYR B 195 -30.39 -23.07 21.85
CA TYR B 195 -30.43 -21.75 21.24
C TYR B 195 -29.21 -20.94 21.65
N ALA B 196 -29.25 -19.65 21.36
CA ALA B 196 -28.15 -18.76 21.67
C ALA B 196 -28.49 -17.90 22.87
N ASP B 197 -27.57 -17.80 23.82
CA ASP B 197 -27.74 -16.93 24.97
C ASP B 197 -27.83 -15.49 24.48
N LYS B 198 -29.00 -14.87 24.65
CA LYS B 198 -29.23 -13.55 24.08
C LYS B 198 -28.38 -12.47 24.71
N THR B 199 -27.74 -12.74 25.85
CA THR B 199 -26.92 -11.72 26.49
C THR B 199 -25.75 -11.33 25.60
N PHE B 200 -25.09 -12.31 24.98
CA PHE B 200 -23.91 -12.00 24.20
C PHE B 200 -23.79 -12.81 22.91
N GLN B 201 -24.82 -13.53 22.50
CA GLN B 201 -24.71 -14.23 21.23
C GLN B 201 -25.77 -13.72 20.27
N PRO B 202 -25.50 -13.72 18.97
CA PRO B 202 -24.24 -14.10 18.32
C PRO B 202 -23.22 -12.99 18.41
N GLU B 203 -21.95 -13.34 18.43
CA GLU B 203 -20.91 -12.33 18.50
C GLU B 203 -20.73 -11.69 17.13
N PRO B 204 -20.82 -10.36 17.03
CA PRO B 204 -20.80 -9.72 15.70
C PRO B 204 -19.56 -10.01 14.90
N GLN B 205 -18.44 -10.29 15.55
CA GLN B 205 -17.21 -10.59 14.82
C GLN B 205 -17.35 -11.86 14.00
N ILE B 206 -18.02 -12.88 14.53
CA ILE B 206 -18.18 -14.12 13.80
C ILE B 206 -18.96 -13.85 12.51
N GLY B 207 -18.79 -14.73 11.54
CA GLY B 207 -19.52 -14.59 10.31
C GLY B 207 -19.17 -15.67 9.32
N GLU B 208 -19.74 -15.55 8.13
CA GLU B 208 -19.46 -16.49 7.05
C GLU B 208 -18.00 -16.37 6.63
N SER B 209 -17.44 -17.47 6.16
CA SER B 209 -16.02 -17.55 5.84
C SER B 209 -15.75 -17.65 4.35
N GLN B 210 -16.31 -18.64 3.67
CA GLN B 210 -16.00 -18.86 2.26
C GLN B 210 -16.56 -17.72 1.42
N TRP B 211 -15.76 -17.29 0.44
CA TRP B 211 -16.14 -16.13 -0.36
C TRP B 211 -17.25 -16.45 -1.35
N TYR B 212 -17.17 -17.61 -1.99
CA TYR B 212 -18.11 -17.91 -3.07
C TYR B 212 -19.51 -18.08 -2.51
N GLU B 213 -20.50 -17.80 -3.36
CA GLU B 213 -21.86 -17.56 -2.89
C GLU B 213 -22.61 -18.86 -2.69
N THR B 214 -22.78 -19.23 -1.43
CA THR B 214 -23.78 -20.20 -1.02
C THR B 214 -25.01 -19.44 -0.53
N GLU B 215 -25.96 -20.15 0.05
CA GLU B 215 -27.20 -19.55 0.50
C GLU B 215 -27.40 -19.83 1.98
N ILE B 216 -27.92 -18.84 2.70
CA ILE B 216 -28.18 -18.94 4.12
C ILE B 216 -29.65 -18.67 4.36
N ASN B 217 -30.30 -19.53 5.16
CA ASN B 217 -31.73 -19.49 5.30
C ASN B 217 -32.22 -19.07 6.69
N HIS B 218 -31.34 -19.01 7.69
CA HIS B 218 -31.76 -18.74 9.05
C HIS B 218 -30.83 -17.74 9.72
N ALA B 219 -30.55 -16.63 9.04
CA ALA B 219 -29.57 -15.68 9.52
C ALA B 219 -30.05 -14.96 10.78
N ALA B 220 -29.07 -14.58 11.61
CA ALA B 220 -29.31 -13.85 12.85
C ALA B 220 -28.36 -12.67 12.95
N GLY B 221 -28.76 -11.66 13.71
CA GLY B 221 -27.96 -10.46 13.82
C GLY B 221 -28.30 -9.65 15.05
N ARG B 222 -27.60 -8.51 15.18
CA ARG B 222 -27.70 -7.66 16.36
C ARG B 222 -27.97 -6.22 15.96
N VAL B 223 -28.86 -5.56 16.71
CA VAL B 223 -29.25 -4.16 16.48
C VAL B 223 -29.61 -3.52 17.80
N LEU B 224 -29.68 -2.20 17.80
CA LEU B 224 -30.00 -1.41 18.97
C LEU B 224 -31.32 -0.69 18.79
N LYS B 225 -32.05 -0.51 19.89
CA LYS B 225 -33.37 0.08 19.84
C LYS B 225 -33.28 1.55 19.44
N LYS B 226 -34.46 2.18 19.35
CA LYS B 226 -34.54 3.59 18.97
C LYS B 226 -34.31 4.54 20.12
N THR B 227 -34.10 4.04 21.34
CA THR B 227 -33.98 4.93 22.49
C THR B 227 -32.67 5.71 22.47
N THR B 228 -31.57 5.04 22.14
CA THR B 228 -30.26 5.68 22.16
C THR B 228 -30.00 6.43 20.85
N PRO B 229 -29.13 7.44 20.88
CA PRO B 229 -28.88 8.21 19.66
C PRO B 229 -28.15 7.40 18.59
N MET B 230 -27.89 8.02 17.45
CA MET B 230 -27.31 7.36 16.29
C MET B 230 -26.05 8.10 15.87
N LYS B 231 -24.92 7.40 15.80
CA LYS B 231 -23.66 7.98 15.42
C LYS B 231 -22.90 7.00 14.53
N PRO B 232 -22.08 7.51 13.61
CA PRO B 232 -21.44 6.63 12.62
C PRO B 232 -20.52 5.61 13.26
N CYS B 233 -20.19 4.58 12.47
CA CYS B 233 -19.35 3.50 12.95
C CYS B 233 -17.94 3.96 13.29
N TYR B 234 -17.53 5.10 12.74
CA TYR B 234 -16.17 5.59 12.95
C TYR B 234 -16.00 6.07 14.37
N GLY B 235 -15.53 5.20 15.25
CA GLY B 235 -15.23 5.59 16.61
C GLY B 235 -16.34 5.44 17.61
N SER B 236 -17.36 4.65 17.31
CA SER B 236 -18.43 4.42 18.26
C SER B 236 -18.01 3.35 19.26
N TYR B 237 -17.99 3.71 20.54
CA TYR B 237 -17.56 2.79 21.58
C TYR B 237 -18.53 2.84 22.75
N ALA B 238 -18.72 1.69 23.40
CA ALA B 238 -19.55 1.60 24.58
C ALA B 238 -18.97 0.52 25.49
N LYS B 239 -18.96 0.78 26.78
CA LYS B 239 -18.27 -0.10 27.71
C LYS B 239 -18.97 -1.46 27.78
N PRO B 240 -18.23 -2.53 27.99
CA PRO B 240 -18.84 -3.85 28.15
C PRO B 240 -19.62 -3.93 29.45
N THR B 241 -20.41 -4.98 29.57
CA THR B 241 -21.38 -5.09 30.64
C THR B 241 -21.40 -6.45 31.34
N ASN B 242 -20.76 -7.48 30.80
CA ASN B 242 -20.73 -8.77 31.44
C ASN B 242 -19.34 -9.38 31.30
N GLU B 243 -19.21 -10.63 31.77
CA GLU B 243 -17.93 -11.31 31.71
C GLU B 243 -17.56 -11.69 30.28
N ASN B 244 -18.51 -12.26 29.53
CA ASN B 244 -18.20 -12.69 28.18
C ASN B 244 -18.00 -11.53 27.24
N GLY B 245 -18.44 -10.33 27.62
CA GLY B 245 -18.15 -9.15 26.83
C GLY B 245 -19.28 -8.63 25.98
N GLY B 246 -20.50 -8.64 26.52
CA GLY B 246 -21.66 -8.11 25.85
C GLY B 246 -21.99 -6.73 26.36
N GLN B 247 -22.72 -5.97 25.56
CA GLN B 247 -23.10 -4.61 25.91
C GLN B 247 -24.62 -4.55 26.05
N GLY B 248 -25.08 -4.13 27.22
CA GLY B 248 -26.51 -3.94 27.43
C GLY B 248 -26.79 -3.21 28.71
N ILE B 249 -27.62 -2.17 28.66
CA ILE B 249 -27.83 -1.31 29.82
C ILE B 249 -28.60 -2.10 30.86
N LEU B 250 -27.92 -2.51 31.92
CA LEU B 250 -28.54 -3.35 32.93
C LEU B 250 -29.46 -2.53 33.83
N VAL B 251 -30.60 -3.10 34.18
CA VAL B 251 -31.60 -2.43 35.00
C VAL B 251 -32.10 -3.40 36.05
N LYS B 252 -32.43 -2.90 37.23
CA LYS B 252 -32.91 -3.77 38.28
C LYS B 252 -34.40 -4.02 38.14
N GLN B 253 -34.90 -4.90 39.00
CA GLN B 253 -36.32 -5.19 39.09
C GLN B 253 -36.85 -4.66 40.43
N GLN B 254 -38.10 -4.96 40.73
CA GLN B 254 -38.67 -4.56 42.00
C GLN B 254 -37.95 -5.19 43.18
N ASN B 255 -37.19 -6.26 42.97
CA ASN B 255 -36.61 -7.04 44.05
C ASN B 255 -35.11 -7.27 43.90
N GLY B 256 -34.33 -6.21 43.70
CA GLY B 256 -32.90 -6.41 43.70
C GLY B 256 -32.24 -6.51 42.35
N LYS B 257 -32.05 -7.76 41.89
CA LYS B 257 -31.17 -8.14 40.80
C LYS B 257 -31.29 -7.25 39.57
N LEU B 258 -30.21 -7.15 38.80
CA LEU B 258 -30.05 -6.17 37.73
C LEU B 258 -30.11 -6.83 36.35
N GLU B 259 -31.00 -7.79 36.17
CA GLU B 259 -31.03 -8.57 34.94
C GLU B 259 -31.23 -7.67 33.72
N SER B 260 -30.90 -8.22 32.55
CA SER B 260 -30.82 -7.46 31.33
C SER B 260 -32.19 -7.32 30.66
N GLN B 261 -32.21 -6.62 29.54
CA GLN B 261 -33.42 -6.40 28.75
C GLN B 261 -33.03 -6.44 27.27
N VAL B 262 -33.28 -7.57 26.63
CA VAL B 262 -33.03 -7.72 25.19
C VAL B 262 -34.29 -8.27 24.55
N GLU B 263 -34.72 -7.64 23.46
CA GLU B 263 -35.91 -8.10 22.77
C GLU B 263 -35.52 -8.73 21.44
N MET B 264 -36.46 -9.47 20.86
CA MET B 264 -36.20 -10.19 19.63
C MET B 264 -37.21 -9.78 18.57
N GLN B 265 -36.75 -9.71 17.32
CA GLN B 265 -37.58 -9.34 16.20
C GLN B 265 -37.35 -10.33 15.07
N PHE B 266 -38.42 -10.63 14.33
CA PHE B 266 -38.41 -11.72 13.36
C PHE B 266 -38.82 -11.21 11.99
N PHE B 267 -38.38 -11.91 10.95
CA PHE B 267 -38.65 -11.47 9.59
C PHE B 267 -38.69 -12.66 8.63
N SER B 268 -39.46 -12.50 7.57
CA SER B 268 -39.50 -13.52 6.54
C SER B 268 -39.82 -12.82 5.23
N THR B 269 -39.64 -13.52 4.12
CA THR B 269 -39.82 -12.89 2.80
C THR B 269 -41.16 -12.32 2.49
N THR B 270 -41.17 -11.09 2.00
CA THR B 270 -42.43 -10.44 1.71
C THR B 270 -43.23 -11.32 0.79
N GLU B 271 -42.55 -12.00 -0.11
CA GLU B 271 -43.29 -12.79 -1.07
C GLU B 271 -44.15 -13.73 -0.29
N ALA B 272 -43.84 -13.92 0.96
CA ALA B 272 -44.71 -14.72 1.76
C ALA B 272 -45.91 -13.85 1.96
N THR B 273 -45.99 -13.24 3.12
CA THR B 273 -47.11 -12.37 3.42
C THR B 273 -48.33 -12.80 2.64
N ALA B 274 -48.85 -13.98 2.94
CA ALA B 274 -49.97 -14.49 2.18
C ALA B 274 -50.56 -15.76 2.77
N GLY B 275 -50.10 -16.91 2.30
CA GLY B 275 -50.65 -18.18 2.75
C GLY B 275 -50.41 -18.52 4.19
N ASN B 276 -49.96 -19.74 4.44
CA ASN B 276 -49.84 -20.13 5.83
C ASN B 276 -48.98 -21.33 6.08
N GLY B 277 -49.07 -21.88 7.29
CA GLY B 277 -48.33 -23.08 7.63
C GLY B 277 -46.86 -22.96 7.31
N ASP B 278 -46.54 -22.93 6.01
CA ASP B 278 -45.23 -22.54 5.55
C ASP B 278 -45.16 -21.05 5.24
N ASN B 279 -46.21 -20.32 5.60
CA ASN B 279 -46.35 -18.91 5.27
C ASN B 279 -45.10 -18.12 5.63
N LEU B 280 -44.78 -18.09 6.91
CA LEU B 280 -43.88 -17.10 7.46
C LEU B 280 -42.85 -17.76 8.35
N THR B 281 -42.23 -18.82 7.83
CA THR B 281 -41.08 -19.37 8.51
C THR B 281 -40.04 -18.27 8.65
N PRO B 282 -39.59 -17.96 9.85
CA PRO B 282 -38.68 -16.83 10.04
C PRO B 282 -37.39 -17.04 9.27
N LYS B 283 -37.11 -16.15 8.32
CA LYS B 283 -35.86 -16.20 7.59
C LYS B 283 -34.75 -15.44 8.28
N VAL B 284 -35.08 -14.38 9.00
CA VAL B 284 -34.07 -13.55 9.65
C VAL B 284 -34.52 -13.21 11.06
N VAL B 285 -33.58 -13.23 12.00
CA VAL B 285 -33.87 -12.85 13.37
C VAL B 285 -32.87 -11.80 13.81
N LEU B 286 -33.36 -10.71 14.40
CA LEU B 286 -32.50 -9.68 14.94
C LEU B 286 -32.74 -9.56 16.44
N TYR B 287 -31.68 -9.29 17.19
CA TYR B 287 -31.77 -9.04 18.61
C TYR B 287 -31.58 -7.55 18.86
N SER B 288 -32.54 -6.94 19.54
CA SER B 288 -32.49 -5.52 19.86
C SER B 288 -32.06 -5.33 21.31
N GLU B 289 -31.03 -4.53 21.51
CA GLU B 289 -30.55 -4.21 22.85
C GLU B 289 -30.27 -2.71 22.94
N ASP B 290 -29.72 -2.27 24.06
CA ASP B 290 -29.38 -0.89 24.29
C ASP B 290 -27.93 -0.78 24.73
N VAL B 291 -27.26 0.30 24.33
CA VAL B 291 -25.86 0.50 24.66
C VAL B 291 -25.66 1.90 25.19
N ASP B 292 -24.58 2.07 25.94
CA ASP B 292 -24.18 3.39 26.45
C ASP B 292 -23.16 4.01 25.49
N ILE B 293 -23.60 4.17 24.24
CA ILE B 293 -22.70 4.57 23.16
C ILE B 293 -22.18 5.98 23.42
N GLU B 294 -20.89 6.18 23.11
CA GLU B 294 -20.29 7.50 23.21
C GLU B 294 -19.07 7.55 22.30
N THR B 295 -18.63 8.76 22.01
CA THR B 295 -17.44 8.98 21.18
C THR B 295 -16.42 9.78 21.99
N PRO B 296 -15.25 9.24 22.25
CA PRO B 296 -14.29 9.94 23.10
C PRO B 296 -13.48 11.01 22.39
N ASP B 297 -13.15 10.79 21.11
CA ASP B 297 -12.13 11.63 20.49
C ASP B 297 -12.49 12.06 19.07
N THR B 298 -13.77 12.08 18.70
CA THR B 298 -14.17 12.47 17.37
C THR B 298 -15.31 13.47 17.44
N HIS B 299 -15.37 14.34 16.43
CA HIS B 299 -16.44 15.30 16.31
C HIS B 299 -17.23 15.04 15.04
N ILE B 300 -18.37 15.71 14.94
CA ILE B 300 -19.30 15.51 13.84
C ILE B 300 -19.03 16.57 12.79
N SER B 301 -18.71 16.22 11.57
CA SER B 301 -18.36 17.30 10.62
C SER B 301 -19.46 17.84 9.73
N TYR B 302 -20.62 17.18 9.68
CA TYR B 302 -21.75 17.69 8.90
C TYR B 302 -23.03 17.26 9.54
N MET B 303 -23.77 18.21 10.11
CA MET B 303 -25.03 17.89 10.79
C MET B 303 -26.15 18.34 9.92
N PRO B 304 -26.55 17.52 8.97
CA PRO B 304 -27.56 17.96 8.03
C PRO B 304 -28.62 18.89 8.57
N THR B 305 -29.07 18.73 9.80
CA THR B 305 -30.17 19.59 10.25
C THR B 305 -29.84 20.56 11.34
N ILE B 306 -30.80 20.80 12.23
CA ILE B 306 -30.62 21.77 13.30
C ILE B 306 -31.45 21.44 14.51
N LYS B 307 -32.14 20.31 14.45
CA LYS B 307 -32.99 19.92 15.56
C LYS B 307 -32.41 18.74 16.29
N GLU B 308 -33.20 18.07 17.12
CA GLU B 308 -32.68 16.99 17.92
C GLU B 308 -33.62 15.84 18.15
N GLY B 309 -33.08 14.69 18.52
CA GLY B 309 -33.88 13.53 18.82
C GLY B 309 -33.53 12.33 18.01
N ASN B 310 -33.96 12.31 16.76
CA ASN B 310 -33.73 11.18 15.90
C ASN B 310 -34.68 11.46 14.78
N SER B 311 -34.23 11.39 13.55
CA SER B 311 -35.08 11.73 12.44
C SER B 311 -34.38 11.42 11.18
N ARG B 312 -35.04 10.73 10.27
CA ARG B 312 -34.37 10.31 9.07
C ARG B 312 -33.41 11.38 8.71
N GLU B 313 -33.83 12.62 8.85
CA GLU B 313 -32.98 13.72 8.45
C GLU B 313 -31.53 13.39 8.69
N LEU B 314 -31.23 12.85 9.86
CA LEU B 314 -29.85 12.61 10.21
C LEU B 314 -29.30 11.47 9.45
N MET B 315 -29.18 10.35 10.11
CA MET B 315 -28.59 9.21 9.50
C MET B 315 -28.00 9.57 8.18
N GLY B 316 -26.99 10.43 8.19
CA GLY B 316 -26.32 10.79 6.95
C GLY B 316 -25.10 11.58 7.32
N GLN B 317 -24.95 11.81 8.60
CA GLN B 317 -23.84 12.56 9.13
C GLN B 317 -22.51 11.91 8.77
N GLN B 318 -21.42 12.58 9.14
CA GLN B 318 -20.06 12.07 8.97
C GLN B 318 -19.22 12.48 10.17
N SER B 319 -18.18 11.71 10.44
CA SER B 319 -17.34 11.95 11.62
C SER B 319 -15.95 12.41 11.22
N MET B 320 -15.18 12.83 12.22
CA MET B 320 -13.84 13.35 11.98
C MET B 320 -13.02 13.31 13.26
N PRO B 321 -11.78 12.82 13.21
CA PRO B 321 -10.98 12.70 14.43
C PRO B 321 -10.54 14.04 14.96
N ASN B 322 -10.30 14.09 16.27
CA ASN B 322 -9.83 15.30 16.92
C ASN B 322 -8.33 15.49 16.73
N ARG B 323 -7.91 16.75 16.76
CA ARG B 323 -6.51 17.05 16.54
C ARG B 323 -5.66 16.52 17.70
N PRO B 324 -4.42 16.14 17.43
CA PRO B 324 -3.54 15.67 18.49
C PRO B 324 -3.10 16.83 19.37
N ASN B 325 -2.72 16.49 20.60
CA ASN B 325 -2.34 17.54 21.56
C ASN B 325 -1.54 16.90 22.69
N TYR B 326 -0.26 17.27 22.80
CA TYR B 326 0.61 16.79 23.86
C TYR B 326 0.72 17.82 24.97
N ILE B 327 0.96 17.34 26.19
CA ILE B 327 1.13 18.19 27.36
C ILE B 327 2.09 17.52 28.31
N ALA B 328 3.10 18.27 28.78
CA ALA B 328 4.10 17.72 29.69
C ALA B 328 4.94 18.85 30.25
N PHE B 329 5.93 18.52 31.08
CA PHE B 329 6.85 19.50 31.58
C PHE B 329 7.73 20.05 30.45
N ARG B 330 8.30 21.22 30.68
CA ARG B 330 9.08 21.89 29.66
C ARG B 330 10.45 21.24 29.54
N ASP B 331 11.36 21.89 28.84
CA ASP B 331 12.74 21.45 28.80
C ASP B 331 13.48 21.98 30.03
N ASN B 332 14.18 21.08 30.72
CA ASN B 332 14.97 21.44 31.90
C ASN B 332 14.12 22.13 32.96
N PHE B 333 12.82 21.83 32.99
CA PHE B 333 11.95 22.26 34.07
C PHE B 333 11.94 23.78 34.23
N ILE B 334 12.04 24.49 33.11
CA ILE B 334 12.00 25.95 33.17
C ILE B 334 10.79 26.40 33.96
N GLY B 335 10.96 27.44 34.75
CA GLY B 335 9.87 27.99 35.52
C GLY B 335 9.50 27.21 36.75
N LEU B 336 10.15 26.07 36.99
CA LEU B 336 9.85 25.31 38.20
C LEU B 336 10.43 25.95 39.44
N MET B 337 11.49 26.73 39.29
CA MET B 337 12.10 27.45 40.39
C MET B 337 12.10 28.93 40.07
N TYR B 338 11.80 29.75 41.06
CA TYR B 338 11.76 31.19 40.84
C TYR B 338 13.16 31.71 40.50
N TYR B 339 13.20 32.79 39.71
CA TYR B 339 14.44 33.47 39.40
C TYR B 339 14.14 34.93 39.11
N ASN B 340 15.09 35.79 39.48
CA ASN B 340 15.03 37.21 39.15
C ASN B 340 13.70 37.82 39.60
N SER B 341 13.28 37.47 40.80
CA SER B 341 12.00 37.92 41.32
C SER B 341 12.19 38.37 42.76
N THR B 342 12.20 39.68 42.98
CA THR B 342 12.50 40.22 44.30
C THR B 342 11.51 39.74 45.34
N GLY B 343 10.33 39.26 44.92
CA GLY B 343 9.41 38.69 45.88
C GLY B 343 9.94 37.41 46.49
N ASN B 344 10.68 36.62 45.71
CA ASN B 344 11.02 35.26 46.10
C ASN B 344 12.50 34.97 45.88
N MET B 345 13.35 35.85 46.38
CA MET B 345 14.79 35.64 46.28
C MET B 345 15.20 34.42 47.08
N GLY B 346 15.94 33.51 46.46
CA GLY B 346 16.45 32.35 47.19
C GLY B 346 17.51 32.76 48.20
N VAL B 347 17.73 31.88 49.18
CA VAL B 347 18.69 32.20 50.24
C VAL B 347 19.64 31.03 50.43
N LEU B 348 20.94 31.33 50.40
CA LEU B 348 22.00 30.40 50.78
C LEU B 348 22.98 31.19 51.65
N ALA B 349 23.05 30.86 52.94
CA ALA B 349 23.88 31.68 53.82
C ALA B 349 24.36 30.85 55.00
N GLY B 350 25.23 31.47 55.80
CA GLY B 350 25.70 30.81 57.00
C GLY B 350 24.68 30.94 58.12
N GLN B 351 24.50 29.84 58.85
CA GLN B 351 23.36 29.73 59.77
C GLN B 351 23.27 30.93 60.71
N ALA B 352 24.40 31.41 61.21
CA ALA B 352 24.38 32.58 62.07
C ALA B 352 24.42 33.90 61.30
N SER B 353 24.75 33.86 60.02
CA SER B 353 25.00 35.10 59.28
C SER B 353 23.72 35.89 59.09
N GLN B 354 23.85 37.21 59.08
CA GLN B 354 22.73 38.11 58.82
C GLN B 354 22.74 38.64 57.40
N LEU B 355 23.54 38.06 56.52
CA LEU B 355 23.63 38.51 55.14
C LEU B 355 23.41 37.33 54.20
N ASN B 356 22.66 37.58 53.14
CA ASN B 356 22.48 36.58 52.10
C ASN B 356 23.65 36.61 51.14
N ALA B 357 24.02 35.44 50.65
CA ALA B 357 25.07 35.33 49.65
C ALA B 357 24.55 35.37 48.23
N VAL B 358 23.25 35.55 48.05
CA VAL B 358 22.64 35.63 46.72
C VAL B 358 21.99 36.99 46.57
N VAL B 359 22.36 37.72 45.53
CA VAL B 359 21.77 39.01 45.23
C VAL B 359 21.49 39.04 43.74
N ASP B 360 20.24 38.83 43.36
CA ASP B 360 19.84 38.75 41.96
C ASP B 360 19.10 40.03 41.56
N LEU B 361 19.54 40.62 40.45
CA LEU B 361 18.87 41.80 39.92
C LEU B 361 17.51 41.39 39.36
N GLN B 362 16.76 42.35 38.85
CA GLN B 362 15.43 42.11 38.34
C GLN B 362 15.41 41.90 36.84
N ASP B 363 16.57 41.85 36.17
CA ASP B 363 16.56 41.67 34.73
C ASP B 363 17.67 40.75 34.22
N ARG B 364 18.16 39.83 35.03
CA ARG B 364 19.20 38.91 34.57
C ARG B 364 18.54 37.62 34.12
N ASN B 365 18.49 37.41 32.81
CA ASN B 365 17.80 36.27 32.24
C ASN B 365 18.57 34.98 32.50
N THR B 366 18.23 34.29 33.59
CA THR B 366 18.99 33.10 33.96
C THR B 366 18.76 31.96 32.97
N GLU B 367 17.49 31.68 32.66
CA GLU B 367 17.15 30.47 31.93
C GLU B 367 17.81 30.45 30.55
N LEU B 368 17.74 31.57 29.84
CA LEU B 368 18.40 31.65 28.55
C LEU B 368 19.89 31.41 28.69
N SER B 369 20.49 31.91 29.76
CA SER B 369 21.92 31.71 29.98
C SER B 369 22.22 30.23 30.12
N TYR B 370 21.47 29.53 30.95
CA TYR B 370 21.74 28.11 31.12
C TYR B 370 21.57 27.38 29.81
N GLN B 371 20.54 27.74 29.04
CA GLN B 371 20.32 27.06 27.76
C GLN B 371 21.53 27.22 26.85
N LEU B 372 22.00 28.45 26.71
CA LEU B 372 23.14 28.69 25.82
C LEU B 372 24.37 27.96 26.32
N LEU B 373 24.59 27.95 27.63
CA LEU B 373 25.77 27.28 28.18
C LEU B 373 25.72 25.80 27.87
N LEU B 374 24.58 25.16 28.12
CA LEU B 374 24.46 23.73 27.88
C LEU B 374 24.60 23.42 26.40
N ASP B 375 24.24 24.37 25.54
CA ASP B 375 24.54 24.19 24.13
C ASP B 375 26.04 24.23 23.89
N SER B 376 26.72 25.18 24.52
CA SER B 376 28.12 25.42 24.19
C SER B 376 29.01 24.25 24.59
N ILE B 377 28.88 23.79 25.84
CA ILE B 377 29.87 22.85 26.36
C ILE B 377 29.66 21.42 25.91
N GLY B 378 28.58 21.11 25.20
CA GLY B 378 28.37 19.73 24.85
C GLY B 378 27.39 19.59 23.70
N ASP B 379 27.22 18.34 23.26
CA ASP B 379 26.30 18.05 22.17
C ASP B 379 24.87 18.32 22.61
N ARG B 380 23.97 18.39 21.63
CA ARG B 380 22.62 18.82 21.92
C ARG B 380 21.54 17.85 21.49
N THR B 381 21.72 17.16 20.36
CA THR B 381 20.65 16.30 19.87
C THR B 381 20.35 15.16 20.83
N ARG B 382 21.37 14.55 21.40
CA ARG B 382 21.14 13.42 22.30
C ARG B 382 20.38 13.86 23.53
N TYR B 383 19.47 13.00 23.99
CA TYR B 383 18.61 13.30 25.13
C TYR B 383 19.12 12.63 26.38
N PHE B 384 18.91 13.29 27.52
CA PHE B 384 19.22 12.74 28.82
C PHE B 384 17.96 12.79 29.67
N SER B 385 17.51 11.63 30.13
CA SER B 385 16.22 11.56 30.80
C SER B 385 16.21 12.39 32.08
N MET B 386 17.19 12.15 32.96
CA MET B 386 17.08 12.58 34.35
C MET B 386 16.79 14.06 34.47
N TRP B 387 17.41 14.88 33.63
CA TRP B 387 17.19 16.31 33.70
C TRP B 387 16.08 16.77 32.78
N ASN B 388 15.30 15.85 32.22
CA ASN B 388 14.28 16.20 31.24
C ASN B 388 14.90 16.98 30.09
N GLN B 389 16.11 16.59 29.71
CA GLN B 389 16.92 17.35 28.76
C GLN B 389 16.55 16.95 27.35
N ALA B 390 15.94 17.88 26.62
CA ALA B 390 15.60 17.67 25.22
C ALA B 390 15.50 19.02 24.55
N VAL B 391 15.59 19.03 23.23
CA VAL B 391 15.56 20.26 22.46
C VAL B 391 14.33 20.24 21.56
N ASP B 392 13.56 21.32 21.63
CA ASP B 392 12.42 21.46 20.74
C ASP B 392 12.90 21.67 19.32
N SER B 393 12.32 20.93 18.38
CA SER B 393 12.75 20.98 16.99
C SER B 393 11.50 20.94 16.11
N TYR B 394 11.73 20.73 14.82
CA TYR B 394 10.65 20.64 13.85
C TYR B 394 11.17 19.99 12.59
N ASP B 395 10.35 19.16 11.97
CA ASP B 395 10.78 18.50 10.76
C ASP B 395 11.00 19.55 9.69
N PRO B 396 12.20 19.65 9.12
CA PRO B 396 12.47 20.72 8.15
C PRO B 396 11.55 20.68 6.95
N ASP B 397 11.01 19.52 6.60
CA ASP B 397 10.07 19.44 5.50
C ASP B 397 8.69 19.94 5.88
N VAL B 398 8.57 20.66 6.98
CA VAL B 398 7.33 21.29 7.38
C VAL B 398 7.45 22.81 7.34
N ARG B 399 8.50 23.35 7.94
CA ARG B 399 8.74 24.79 7.88
C ARG B 399 9.02 25.22 6.45
N ILE B 400 9.71 24.40 5.69
CA ILE B 400 10.01 24.65 4.28
C ILE B 400 9.44 23.50 3.47
N ILE B 401 8.62 23.83 2.47
CA ILE B 401 7.93 22.83 1.67
C ILE B 401 8.74 22.57 0.43
N GLU B 402 9.32 21.38 0.34
CA GLU B 402 10.11 20.95 -0.81
C GLU B 402 9.22 20.00 -1.60
N ASN B 403 8.45 20.55 -2.53
CA ASN B 403 7.41 19.81 -3.23
C ASN B 403 7.93 19.38 -4.59
N HIS B 404 8.34 18.12 -4.70
CA HIS B 404 8.85 17.57 -5.94
C HIS B 404 7.76 16.97 -6.81
N GLY B 405 6.53 16.92 -6.34
CA GLY B 405 5.52 16.16 -7.04
C GLY B 405 5.52 14.71 -6.57
N THR B 406 4.97 13.84 -7.42
CA THR B 406 4.83 12.44 -7.07
C THR B 406 5.10 11.57 -8.28
N GLU B 407 5.50 10.33 -8.00
CA GLU B 407 5.76 9.33 -9.02
C GLU B 407 4.52 8.45 -9.16
N ASP B 408 3.77 8.65 -10.24
CA ASP B 408 2.54 7.90 -10.48
C ASP B 408 2.42 7.53 -11.95
N GLU B 409 3.51 7.03 -12.53
CA GLU B 409 3.47 6.64 -13.93
C GLU B 409 2.68 5.36 -14.15
N LEU B 410 2.47 4.56 -13.12
CA LEU B 410 1.72 3.34 -13.25
C LEU B 410 0.42 3.43 -12.47
N PRO B 411 -0.66 2.82 -12.96
CA PRO B 411 -1.91 2.81 -12.21
C PRO B 411 -1.93 1.73 -11.15
N ASN B 412 -2.83 1.88 -10.21
CA ASN B 412 -2.99 0.88 -9.17
C ASN B 412 -4.44 0.46 -9.22
N TYR B 413 -4.72 -0.81 -9.49
CA TYR B 413 -6.09 -1.25 -9.65
C TYR B 413 -6.49 -2.20 -8.57
N CYS B 414 -7.60 -1.95 -7.91
CA CYS B 414 -8.09 -2.87 -6.90
C CYS B 414 -9.05 -3.79 -7.55
N PHE B 415 -8.85 -5.07 -7.38
CA PHE B 415 -9.65 -6.04 -8.07
C PHE B 415 -10.73 -6.63 -7.19
N PRO B 416 -11.74 -7.24 -7.80
CA PRO B 416 -12.85 -7.80 -7.04
C PRO B 416 -12.27 -8.88 -6.28
N LEU B 417 -13.02 -9.45 -5.38
CA LEU B 417 -12.44 -10.44 -4.47
C LEU B 417 -12.36 -11.81 -5.11
N GLY B 418 -13.36 -12.17 -5.92
CA GLY B 418 -13.41 -13.49 -6.48
C GLY B 418 -12.83 -13.59 -7.86
N GLY B 419 -11.94 -12.69 -8.18
CA GLY B 419 -11.39 -12.72 -9.52
C GLY B 419 -12.34 -12.09 -10.50
N VAL B 420 -13.49 -12.71 -10.74
CA VAL B 420 -14.46 -12.12 -11.64
C VAL B 420 -15.82 -12.14 -11.02
N ILE B 421 -16.71 -11.31 -11.53
CA ILE B 421 -18.04 -11.22 -10.97
C ILE B 421 -19.05 -11.20 -12.08
N ASN B 422 -18.89 -10.26 -12.98
CA ASN B 422 -19.79 -10.19 -14.11
C ASN B 422 -19.61 -11.40 -14.97
N THR B 423 -20.56 -12.32 -15.00
CA THR B 423 -20.41 -13.43 -15.93
C THR B 423 -21.72 -14.04 -16.38
N GLU B 424 -21.71 -14.63 -17.57
CA GLU B 424 -22.91 -15.20 -18.12
C GLU B 424 -22.87 -16.69 -17.96
N THR B 425 -23.90 -17.36 -18.47
CA THR B 425 -23.91 -18.79 -18.39
C THR B 425 -23.67 -19.29 -19.78
N LEU B 426 -23.45 -20.59 -19.92
CA LEU B 426 -23.31 -21.15 -21.26
C LEU B 426 -23.70 -22.63 -21.30
N THR B 427 -23.46 -23.29 -22.42
CA THR B 427 -23.88 -24.67 -22.60
C THR B 427 -22.89 -25.40 -23.49
N LYS B 428 -22.66 -26.67 -23.17
CA LYS B 428 -21.72 -27.50 -23.93
C LYS B 428 -22.21 -27.69 -25.35
N VAL B 429 -21.25 -27.85 -26.26
CA VAL B 429 -21.54 -28.04 -27.69
C VAL B 429 -20.47 -28.98 -28.25
N LYS B 430 -20.87 -29.84 -29.17
CA LYS B 430 -19.93 -30.70 -29.87
C LYS B 430 -20.21 -30.66 -31.35
N PRO B 431 -19.24 -30.98 -32.19
CA PRO B 431 -19.48 -30.97 -33.64
C PRO B 431 -20.46 -32.06 -34.04
N LYS B 432 -21.23 -31.78 -35.09
CA LYS B 432 -22.14 -32.75 -35.67
C LYS B 432 -21.38 -33.52 -36.74
N THR B 433 -21.21 -34.82 -36.51
CA THR B 433 -20.39 -35.63 -37.39
C THR B 433 -20.99 -35.74 -38.78
N GLY B 434 -20.12 -35.91 -39.77
CA GLY B 434 -20.56 -36.17 -41.12
C GLY B 434 -21.44 -35.11 -41.73
N GLN B 435 -21.14 -33.84 -41.50
CA GLN B 435 -21.90 -32.77 -42.13
C GLN B 435 -21.03 -31.60 -42.58
N GLU B 436 -19.72 -31.64 -42.33
CA GLU B 436 -18.76 -30.60 -42.70
C GLU B 436 -18.95 -29.37 -41.83
N ASN B 437 -20.03 -29.33 -41.07
CA ASN B 437 -20.35 -28.26 -40.15
C ASN B 437 -21.50 -28.75 -39.27
N GLY B 438 -22.07 -27.86 -38.49
CA GLY B 438 -23.19 -28.23 -37.64
C GLY B 438 -22.73 -28.71 -36.28
N TRP B 439 -23.63 -28.60 -35.31
CA TRP B 439 -23.29 -28.79 -33.92
C TRP B 439 -24.47 -29.38 -33.19
N GLU B 440 -24.20 -29.95 -32.02
CA GLU B 440 -25.23 -30.61 -31.26
C GLU B 440 -24.91 -30.53 -29.77
N LYS B 441 -25.95 -30.67 -28.97
CA LYS B 441 -25.81 -30.57 -27.52
C LYS B 441 -25.18 -31.83 -26.96
N ASP B 442 -24.31 -31.66 -25.96
CA ASP B 442 -23.68 -32.77 -25.26
C ASP B 442 -23.77 -32.48 -23.77
N ALA B 443 -24.86 -32.92 -23.14
CA ALA B 443 -25.02 -32.85 -21.70
C ALA B 443 -24.84 -34.19 -21.04
N THR B 444 -24.22 -35.15 -21.75
CA THR B 444 -24.06 -36.49 -21.21
C THR B 444 -23.22 -36.47 -19.94
N GLU B 445 -22.11 -35.73 -19.96
CA GLU B 445 -21.17 -35.73 -18.85
C GLU B 445 -20.82 -34.33 -18.37
N PHE B 446 -21.43 -33.29 -18.93
CA PHE B 446 -21.14 -31.92 -18.56
C PHE B 446 -22.41 -31.22 -18.10
N SER B 447 -22.25 -30.34 -17.12
CA SER B 447 -23.37 -29.51 -16.70
C SER B 447 -23.87 -28.68 -17.85
N ASP B 448 -25.20 -28.61 -17.98
CA ASP B 448 -25.80 -27.82 -19.05
C ASP B 448 -25.70 -26.32 -18.81
N LYS B 449 -25.15 -25.91 -17.66
CA LYS B 449 -25.07 -24.50 -17.30
C LYS B 449 -23.73 -24.26 -16.60
N ASN B 450 -22.78 -23.70 -17.33
CA ASN B 450 -21.45 -23.44 -16.78
C ASN B 450 -21.20 -21.95 -16.77
N GLU B 451 -20.20 -21.55 -15.97
CA GLU B 451 -19.88 -20.14 -15.77
C GLU B 451 -18.68 -19.74 -16.63
N ILE B 452 -18.81 -18.61 -17.31
CA ILE B 452 -17.73 -18.08 -18.15
C ILE B 452 -17.88 -16.57 -18.22
N ARG B 453 -16.76 -15.86 -18.14
CA ARG B 453 -16.73 -14.43 -18.36
C ARG B 453 -16.00 -14.12 -19.65
N VAL B 454 -16.56 -13.21 -20.44
CA VAL B 454 -15.98 -12.79 -21.70
C VAL B 454 -15.35 -11.43 -21.50
N GLY B 455 -14.12 -11.26 -21.98
CA GLY B 455 -13.43 -9.99 -21.90
C GLY B 455 -12.59 -9.85 -20.64
N ASN B 456 -11.86 -8.73 -20.60
CA ASN B 456 -11.05 -8.43 -19.44
C ASN B 456 -11.93 -8.28 -18.21
N ASN B 457 -11.42 -8.69 -17.06
CA ASN B 457 -12.19 -8.60 -15.83
C ASN B 457 -12.36 -7.15 -15.41
N PHE B 458 -13.30 -6.92 -14.50
CA PHE B 458 -13.66 -5.58 -14.08
C PHE B 458 -12.91 -5.22 -12.79
N ALA B 459 -12.32 -4.03 -12.77
CA ALA B 459 -11.53 -3.61 -11.61
C ALA B 459 -11.49 -2.09 -11.56
N MET B 460 -11.48 -1.54 -10.36
CA MET B 460 -11.53 -0.10 -10.16
C MET B 460 -10.13 0.47 -9.97
N GLU B 461 -9.99 1.75 -10.27
CA GLU B 461 -8.70 2.42 -10.28
C GLU B 461 -8.53 3.31 -9.05
N ILE B 462 -7.29 3.67 -8.77
CA ILE B 462 -6.96 4.65 -7.74
C ILE B 462 -5.64 5.32 -8.13
N ASN B 463 -5.28 6.37 -7.40
CA ASN B 463 -3.95 6.96 -7.49
C ASN B 463 -3.39 7.10 -6.08
N LEU B 464 -2.27 6.44 -5.81
CA LEU B 464 -1.80 6.28 -4.44
C LEU B 464 -0.94 7.44 -3.97
N ASN B 465 0.20 7.66 -4.63
CA ASN B 465 1.16 8.62 -4.13
C ASN B 465 0.54 10.01 -4.02
N ALA B 466 -0.31 10.37 -4.97
CA ALA B 466 -0.98 11.66 -4.89
C ALA B 466 -1.80 11.75 -3.62
N ASN B 467 -2.56 10.70 -3.31
CA ASN B 467 -3.40 10.74 -2.13
C ASN B 467 -2.57 10.79 -0.85
N LEU B 468 -1.48 10.03 -0.79
CA LEU B 468 -0.65 10.05 0.41
C LEU B 468 -0.06 11.42 0.63
N TRP B 469 0.53 12.00 -0.41
CA TRP B 469 1.11 13.33 -0.29
C TRP B 469 0.06 14.37 0.07
N ARG B 470 -1.14 14.22 -0.49
CA ARG B 470 -2.22 15.15 -0.19
C ARG B 470 -2.63 15.05 1.28
N ASN B 471 -2.78 13.83 1.79
CA ASN B 471 -3.10 13.66 3.20
C ASN B 471 -2.05 14.30 4.07
N PHE B 472 -0.77 14.07 3.74
CA PHE B 472 0.30 14.63 4.55
C PHE B 472 0.23 16.14 4.56
N LEU B 473 0.06 16.76 3.39
CA LEU B 473 0.03 18.22 3.34
C LEU B 473 -1.15 18.78 4.11
N TYR B 474 -2.32 18.17 3.98
CA TYR B 474 -3.47 18.67 4.73
C TYR B 474 -3.26 18.50 6.22
N SER B 475 -2.71 17.36 6.63
CA SER B 475 -2.68 17.03 8.05
C SER B 475 -1.63 17.84 8.80
N ASN B 476 -0.44 18.00 8.23
CA ASN B 476 0.64 18.62 8.98
C ASN B 476 0.80 20.11 8.74
N ILE B 477 0.03 20.70 7.84
CA ILE B 477 0.23 22.11 7.54
C ILE B 477 -1.06 22.91 7.65
N ALA B 478 -2.10 22.49 6.91
CA ALA B 478 -3.24 23.35 6.68
C ALA B 478 -3.94 23.75 7.97
N LEU B 479 -4.13 22.79 8.89
CA LEU B 479 -4.86 23.07 10.11
C LEU B 479 -4.22 24.22 10.90
N TYR B 480 -2.91 24.32 10.85
CA TYR B 480 -2.21 25.32 11.65
C TYR B 480 -2.26 26.69 11.06
N LEU B 481 -3.07 26.95 10.04
CA LEU B 481 -3.09 28.28 9.44
C LEU B 481 -3.63 29.30 10.43
N PRO B 482 -3.41 30.58 10.18
CA PRO B 482 -3.96 31.60 11.07
C PRO B 482 -5.48 31.54 11.09
N ASP B 483 -6.04 31.83 12.27
CA ASP B 483 -7.48 31.78 12.45
C ASP B 483 -8.23 32.68 11.48
N LYS B 484 -7.59 33.75 11.01
CA LYS B 484 -8.27 34.71 10.14
C LYS B 484 -8.76 34.08 8.85
N LEU B 485 -8.22 32.94 8.44
CA LEU B 485 -8.63 32.32 7.20
C LEU B 485 -9.59 31.16 7.37
N LYS B 486 -9.84 30.72 8.59
CA LYS B 486 -10.82 29.68 8.79
C LYS B 486 -12.22 30.29 8.83
N TYR B 487 -13.24 29.43 8.91
CA TYR B 487 -14.61 29.88 9.00
C TYR B 487 -15.38 28.94 9.90
N SER B 488 -16.45 29.48 10.50
CA SER B 488 -17.22 28.72 11.45
C SER B 488 -17.93 27.56 10.77
N PRO B 489 -18.22 26.49 11.49
CA PRO B 489 -19.00 25.40 10.92
C PRO B 489 -20.47 25.73 10.89
N SER B 490 -21.30 24.78 10.49
CA SER B 490 -22.74 25.00 10.40
C SER B 490 -23.48 24.15 11.43
N ASN B 491 -24.40 24.78 12.15
CA ASN B 491 -25.35 24.11 13.03
C ASN B 491 -24.66 23.29 14.13
N VAL B 492 -23.52 23.76 14.64
CA VAL B 492 -22.82 23.10 15.72
C VAL B 492 -22.39 24.14 16.74
N LYS B 493 -22.63 23.86 18.01
CA LYS B 493 -22.24 24.80 19.06
C LYS B 493 -20.73 24.78 19.24
N ILE B 494 -20.12 25.97 19.23
CA ILE B 494 -18.73 26.13 19.61
C ILE B 494 -18.66 27.22 20.67
N SER B 495 -17.59 27.21 21.46
CA SER B 495 -17.46 28.20 22.50
C SER B 495 -17.15 29.57 21.91
N ASP B 496 -17.24 30.58 22.76
CA ASP B 496 -16.96 31.95 22.34
C ASP B 496 -15.50 32.33 22.54
N ASN B 497 -14.85 31.80 23.58
CA ASN B 497 -13.47 32.16 23.85
C ASN B 497 -12.58 31.68 22.72
N PRO B 498 -11.82 32.57 22.11
CA PRO B 498 -11.00 32.17 20.96
C PRO B 498 -9.75 31.41 21.34
N ASN B 499 -9.66 30.92 22.58
CA ASN B 499 -8.46 30.23 23.02
C ASN B 499 -8.67 28.78 23.43
N THR B 500 -9.87 28.39 23.83
CA THR B 500 -10.06 27.07 24.39
C THR B 500 -9.80 25.98 23.35
N TYR B 501 -9.53 24.77 23.83
CA TYR B 501 -9.25 23.67 22.93
C TYR B 501 -10.43 23.38 22.02
N ASP B 502 -11.65 23.49 22.55
CA ASP B 502 -12.83 23.18 21.75
C ASP B 502 -12.93 24.09 20.54
N TYR B 503 -12.70 25.40 20.74
CA TYR B 503 -12.83 26.35 19.64
C TYR B 503 -11.83 26.05 18.54
N MET B 504 -10.61 25.66 18.90
CA MET B 504 -9.64 25.29 17.88
C MET B 504 -10.02 23.99 17.20
N ASN B 505 -10.60 23.06 17.95
CA ASN B 505 -10.87 21.75 17.39
C ASN B 505 -12.03 21.78 16.40
N LYS B 506 -13.10 22.49 16.73
CA LYS B 506 -14.34 22.40 15.95
C LYS B 506 -14.40 23.39 14.82
N ARG B 507 -13.36 24.17 14.58
CA ARG B 507 -13.31 25.01 13.40
C ARG B 507 -13.10 24.15 12.15
N VAL B 508 -13.01 24.79 11.00
CA VAL B 508 -12.87 24.07 9.74
C VAL B 508 -12.20 24.97 8.72
N VAL B 509 -11.36 24.38 7.88
CA VAL B 509 -10.53 25.11 6.94
C VAL B 509 -10.56 24.40 5.60
N ALA B 510 -10.79 25.16 4.53
CA ALA B 510 -11.01 24.56 3.22
C ALA B 510 -9.75 23.85 2.73
N PRO B 511 -9.84 22.58 2.32
CA PRO B 511 -8.65 21.91 1.78
C PRO B 511 -8.15 22.54 0.51
N GLY B 512 -8.98 23.30 -0.19
CA GLY B 512 -8.56 23.89 -1.44
C GLY B 512 -7.45 24.91 -1.29
N LEU B 513 -7.25 25.44 -0.09
CA LEU B 513 -6.19 26.42 0.12
C LEU B 513 -4.82 25.83 -0.18
N VAL B 514 -4.58 24.60 0.29
CA VAL B 514 -3.29 23.95 0.10
C VAL B 514 -3.55 22.52 -0.36
N ASP B 515 -2.97 22.15 -1.48
CA ASP B 515 -3.07 20.79 -2.01
C ASP B 515 -1.88 20.58 -2.95
N CYS B 516 -1.88 19.45 -3.64
CA CYS B 516 -0.72 19.09 -4.43
C CYS B 516 -0.54 19.95 -5.64
N TYR B 517 -1.28 21.05 -5.82
CA TYR B 517 -1.14 21.91 -6.98
C TYR B 517 -0.65 23.31 -6.60
N ILE B 518 0.16 23.42 -5.55
CA ILE B 518 0.63 24.72 -5.07
C ILE B 518 2.14 24.78 -5.24
N ASN B 519 2.62 25.91 -5.77
CA ASN B 519 4.05 26.25 -5.78
C ASN B 519 4.89 25.07 -6.24
N LEU B 520 4.43 24.38 -7.28
CA LEU B 520 5.06 23.14 -7.68
C LEU B 520 6.51 23.38 -8.09
N GLY B 521 7.40 22.56 -7.55
CA GLY B 521 8.79 22.56 -7.93
C GLY B 521 9.65 23.57 -7.21
N ALA B 522 9.08 24.49 -6.46
CA ALA B 522 9.84 25.58 -5.87
C ALA B 522 9.90 25.38 -4.36
N ARG B 523 11.09 25.08 -3.86
CA ARG B 523 11.36 25.08 -2.42
C ARG B 523 10.93 26.43 -1.86
N TRP B 524 9.93 26.44 -0.99
CA TRP B 524 9.34 27.71 -0.59
C TRP B 524 8.55 27.54 0.69
N SER B 525 8.39 28.64 1.41
CA SER B 525 7.57 28.69 2.62
C SER B 525 6.48 29.72 2.43
N LEU B 526 5.27 29.40 2.89
CA LEU B 526 4.12 30.26 2.65
C LEU B 526 4.17 31.51 3.51
N ASP B 527 3.69 32.62 2.96
CA ASP B 527 3.72 33.89 3.67
C ASP B 527 2.88 33.84 4.93
N TYR B 528 1.70 33.22 4.86
CA TYR B 528 0.84 33.15 6.02
C TYR B 528 1.48 32.39 7.17
N MET B 529 2.51 31.60 6.89
CA MET B 529 3.13 30.79 7.91
C MET B 529 4.42 31.37 8.46
N ASP B 530 4.98 32.40 7.83
CA ASP B 530 6.25 32.95 8.30
C ASP B 530 6.13 33.50 9.71
N ASN B 531 5.06 34.23 10.00
CA ASN B 531 4.93 34.86 11.29
C ASN B 531 4.16 34.02 12.29
N VAL B 532 3.73 32.83 11.91
CA VAL B 532 3.18 31.88 12.87
C VAL B 532 4.34 31.12 13.49
N ASN B 533 4.27 30.88 14.79
CA ASN B 533 5.33 30.14 15.45
C ASN B 533 5.42 28.74 14.86
N PRO B 534 6.57 28.34 14.35
CA PRO B 534 6.73 26.97 13.86
C PRO B 534 7.21 26.04 14.95
N PHE B 535 7.15 26.45 16.21
CA PHE B 535 7.53 25.55 17.27
C PHE B 535 6.34 24.92 17.98
N ASN B 536 5.24 25.65 18.15
CA ASN B 536 4.05 25.04 18.72
C ASN B 536 3.43 24.13 17.68
N HIS B 537 3.92 22.89 17.62
CA HIS B 537 3.58 21.99 16.53
C HIS B 537 3.56 20.56 17.07
N HIS B 538 2.85 19.68 16.38
CA HIS B 538 2.60 18.36 16.92
C HIS B 538 3.61 17.32 16.47
N ARG B 539 4.58 17.68 15.64
CA ARG B 539 5.63 16.74 15.24
C ARG B 539 6.97 17.07 15.88
N ASN B 540 7.01 18.07 16.76
CA ASN B 540 8.26 18.46 17.41
C ASN B 540 8.80 17.31 18.24
N ALA B 541 9.93 16.75 17.82
CA ALA B 541 10.40 15.48 18.38
C ALA B 541 10.64 15.60 19.88
N GLY B 542 11.30 16.66 20.32
CA GLY B 542 11.59 16.80 21.74
C GLY B 542 10.33 16.89 22.58
N LEU B 543 9.37 17.70 22.16
CA LEU B 543 8.15 17.85 22.93
C LEU B 543 7.40 16.54 23.01
N ARG B 544 7.33 15.82 21.90
CA ARG B 544 6.69 14.51 21.90
C ARG B 544 7.39 13.55 22.84
N TYR B 545 8.72 13.55 22.83
CA TYR B 545 9.48 12.69 23.73
C TYR B 545 9.12 13.01 25.17
N ARG B 546 9.09 14.30 25.50
CA ARG B 546 8.80 14.68 26.89
C ARG B 546 7.39 14.28 27.27
N SER B 547 6.43 14.43 26.36
CA SER B 547 5.06 14.07 26.69
C SER B 547 4.93 12.57 26.90
N MET B 548 5.58 11.77 26.06
CA MET B 548 5.53 10.33 26.25
C MET B 548 6.18 9.94 27.55
N LEU B 549 7.28 10.60 27.91
CA LEU B 549 8.09 10.15 29.04
C LEU B 549 7.32 10.16 30.34
N LEU B 550 6.23 10.91 30.42
CA LEU B 550 5.37 10.87 31.59
C LEU B 550 4.25 9.85 31.46
N GLY B 551 4.26 9.05 30.41
CA GLY B 551 3.19 8.11 30.16
C GLY B 551 2.23 8.62 29.11
N ASN B 552 1.03 8.04 29.11
CA ASN B 552 0.02 8.40 28.12
C ASN B 552 -1.38 8.48 28.73
N GLY B 553 -1.48 8.76 30.02
CA GLY B 553 -2.75 8.83 30.68
C GLY B 553 -3.19 10.25 31.00
N ARG B 554 -4.15 10.34 31.90
CA ARG B 554 -4.66 11.62 32.39
C ARG B 554 -4.31 11.89 33.83
N TYR B 555 -4.22 10.86 34.67
CA TYR B 555 -3.83 11.00 36.06
C TYR B 555 -2.48 10.32 36.25
N VAL B 556 -1.52 11.04 36.81
CA VAL B 556 -0.17 10.50 36.92
C VAL B 556 0.49 10.90 38.24
N PRO B 557 1.00 9.93 39.00
CA PRO B 557 1.92 10.26 40.10
C PRO B 557 3.34 10.40 39.56
N PHE B 558 3.93 11.57 39.76
CA PHE B 558 5.25 11.85 39.21
C PHE B 558 6.26 12.08 40.34
N HIS B 559 7.53 11.86 39.99
CA HIS B 559 8.59 11.83 40.98
C HIS B 559 9.91 12.14 40.25
N ILE B 560 10.39 13.38 40.41
CA ILE B 560 11.48 13.90 39.59
C ILE B 560 12.50 14.60 40.48
N GLN B 561 13.57 15.08 39.85
CA GLN B 561 14.63 15.84 40.51
C GLN B 561 15.05 17.00 39.63
N VAL B 562 15.46 18.09 40.27
CA VAL B 562 15.67 19.37 39.60
C VAL B 562 17.06 19.92 39.92
N PRO B 563 17.77 20.47 38.95
CA PRO B 563 19.09 21.03 39.20
C PRO B 563 19.00 22.46 39.73
N GLN B 564 20.16 23.05 39.95
CA GLN B 564 20.30 24.44 40.35
C GLN B 564 21.06 25.17 39.26
N LYS B 565 20.57 26.34 38.85
CA LYS B 565 21.08 27.00 37.66
C LYS B 565 21.70 28.37 37.91
N PHE B 566 21.71 28.86 39.14
CA PHE B 566 22.30 30.17 39.37
C PHE B 566 23.81 30.10 39.23
N PHE B 567 24.38 31.06 38.51
CA PHE B 567 25.82 30.99 38.24
C PHE B 567 26.63 31.15 39.53
N ALA B 568 26.21 32.03 40.42
CA ALA B 568 27.04 32.37 41.57
C ALA B 568 27.19 31.23 42.55
N ILE B 569 26.38 30.18 42.44
CA ILE B 569 26.58 29.02 43.29
C ILE B 569 26.52 27.76 42.44
N LYS B 570 26.63 27.92 41.13
CA LYS B 570 26.56 26.75 40.26
C LYS B 570 27.71 25.80 40.52
N ASN B 571 28.91 26.33 40.77
CA ASN B 571 30.09 25.50 40.98
C ASN B 571 30.90 25.93 42.20
N LEU B 572 30.32 26.69 43.11
CA LEU B 572 31.04 27.11 44.31
C LEU B 572 31.42 25.90 45.14
N LEU B 573 32.64 25.92 45.65
CA LEU B 573 33.16 24.85 46.50
C LEU B 573 33.01 25.27 47.96
N LEU B 574 32.29 24.47 48.74
CA LEU B 574 31.99 24.84 50.11
C LEU B 574 33.07 24.34 51.05
N LEU B 575 33.21 25.05 52.17
CA LEU B 575 34.06 24.66 53.28
C LEU B 575 33.19 24.28 54.46
N PRO B 576 33.68 23.43 55.36
CA PRO B 576 32.80 22.82 56.36
C PRO B 576 32.08 23.86 57.19
N GLY B 577 30.82 23.55 57.53
CA GLY B 577 30.01 24.45 58.31
C GLY B 577 28.55 24.13 58.17
N SER B 578 27.74 24.93 58.86
CA SER B 578 26.28 24.79 58.86
C SER B 578 25.66 25.98 58.15
N TYR B 579 24.77 25.70 57.20
CA TYR B 579 24.23 26.73 56.34
C TYR B 579 22.72 26.58 56.23
N THR B 580 22.07 27.70 55.95
CA THR B 580 20.64 27.71 55.67
C THR B 580 20.44 27.84 54.17
N TYR B 581 19.58 26.98 53.63
CA TYR B 581 19.35 26.89 52.19
C TYR B 581 17.85 26.82 51.98
N GLU B 582 17.25 27.87 51.44
CA GLU B 582 15.81 27.88 51.29
C GLU B 582 15.41 28.51 49.97
N TRP B 583 14.27 28.06 49.45
CA TRP B 583 13.90 28.39 48.07
C TRP B 583 12.40 28.23 47.90
N ASN B 584 11.89 28.70 46.77
CA ASN B 584 10.47 28.72 46.46
C ASN B 584 10.22 28.08 45.10
N PHE B 585 9.01 27.58 44.92
CA PHE B 585 8.63 26.95 43.67
C PHE B 585 7.25 27.42 43.24
N ARG B 586 7.02 27.37 41.93
CA ARG B 586 5.80 27.84 41.30
C ARG B 586 4.71 26.77 41.33
N LYS B 587 3.46 27.23 41.39
CA LYS B 587 2.30 26.37 41.24
C LYS B 587 1.41 26.77 40.09
N ASP B 588 1.69 27.86 39.39
CA ASP B 588 0.87 28.26 38.25
C ASP B 588 0.92 27.21 37.16
N VAL B 589 -0.20 26.54 36.93
CA VAL B 589 -0.25 25.44 35.98
C VAL B 589 -0.03 25.89 34.55
N ASN B 590 0.05 27.19 34.30
CA ASN B 590 0.29 27.68 32.95
C ASN B 590 1.75 27.97 32.68
N MET B 591 2.64 27.71 33.63
CA MET B 591 4.07 27.88 33.44
C MET B 591 4.83 26.57 33.51
N VAL B 592 4.60 25.78 34.55
CA VAL B 592 5.32 24.53 34.74
C VAL B 592 4.94 23.48 33.71
N LEU B 593 3.91 23.72 32.92
CA LEU B 593 3.46 22.77 31.91
C LEU B 593 3.60 23.39 30.52
N GLN B 594 3.45 22.54 29.52
CA GLN B 594 3.55 22.98 28.13
C GLN B 594 2.65 22.10 27.28
N SER B 595 1.96 22.75 26.35
CA SER B 595 1.06 22.10 25.42
C SER B 595 1.55 22.35 24.01
N SER B 596 1.17 21.46 23.09
CA SER B 596 1.57 21.61 21.71
C SER B 596 0.77 22.67 20.98
N LEU B 597 -0.39 23.04 21.50
CA LEU B 597 -1.29 23.95 20.80
C LEU B 597 -1.30 25.35 21.40
N GLY B 598 -1.48 25.46 22.71
CA GLY B 598 -1.48 26.73 23.37
C GLY B 598 -2.78 27.15 24.02
N ASN B 599 -3.71 26.21 24.23
CA ASN B 599 -4.91 26.54 24.98
C ASN B 599 -4.54 26.95 26.39
N ASP B 600 -5.28 27.92 26.92
CA ASP B 600 -5.03 28.41 28.28
C ASP B 600 -5.36 27.30 29.26
N LEU B 601 -4.31 26.67 29.80
CA LEU B 601 -4.51 25.54 30.69
C LEU B 601 -5.25 25.92 31.96
N ARG B 602 -5.24 27.19 32.34
CA ARG B 602 -5.92 27.61 33.55
C ARG B 602 -7.42 27.35 33.48
N VAL B 603 -7.98 27.18 32.29
CA VAL B 603 -9.42 27.00 32.15
C VAL B 603 -9.75 25.64 31.58
N ASP B 604 -8.82 24.68 31.64
CA ASP B 604 -9.12 23.33 31.20
C ASP B 604 -8.91 22.29 32.29
N GLY B 605 -8.89 22.70 33.56
CA GLY B 605 -8.94 21.77 34.66
C GLY B 605 -7.65 21.09 35.03
N ALA B 606 -6.51 21.55 34.52
CA ALA B 606 -5.23 20.94 34.89
C ALA B 606 -4.90 21.23 36.34
N SER B 607 -4.47 20.21 37.07
CA SER B 607 -4.15 20.37 38.48
C SER B 607 -2.83 19.68 38.78
N ILE B 608 -2.15 20.18 39.81
CA ILE B 608 -0.83 19.67 40.17
C ILE B 608 -0.64 19.82 41.67
N LYS B 609 -0.37 18.72 42.36
CA LYS B 609 -0.33 18.70 43.81
C LYS B 609 1.01 18.15 44.28
N PHE B 610 1.85 19.03 44.82
CA PHE B 610 3.11 18.59 45.41
C PHE B 610 2.85 17.87 46.73
N ASP B 611 3.59 16.79 46.97
CA ASP B 611 3.41 16.03 48.20
C ASP B 611 4.63 16.11 49.10
N SER B 612 5.80 15.73 48.61
CA SER B 612 6.98 15.63 49.44
C SER B 612 8.19 16.19 48.70
N ILE B 613 9.09 16.78 49.46
CA ILE B 613 10.34 17.30 48.95
C ILE B 613 11.46 16.80 49.83
N CYS B 614 12.55 16.35 49.20
CA CYS B 614 13.72 15.93 49.95
C CYS B 614 14.94 16.49 49.24
N LEU B 615 16.04 16.63 49.97
CA LEU B 615 17.27 17.16 49.42
C LEU B 615 18.34 16.07 49.38
N TYR B 616 19.16 16.07 48.35
CA TYR B 616 20.23 15.10 48.22
C TYR B 616 21.54 15.79 47.89
N ALA B 617 22.64 15.19 48.34
CA ALA B 617 23.96 15.69 48.00
C ALA B 617 24.95 14.54 48.03
N THR B 618 26.07 14.72 47.35
CA THR B 618 27.09 13.68 47.25
C THR B 618 28.45 14.26 47.58
N PHE B 619 29.19 13.59 48.45
CA PHE B 619 30.48 14.04 48.90
C PHE B 619 31.59 13.27 48.18
N PHE B 620 32.83 13.49 48.62
CA PHE B 620 33.98 12.75 48.11
C PHE B 620 34.72 12.17 49.31
N PRO B 621 35.10 10.92 49.27
CA PRO B 621 35.85 10.36 50.40
C PRO B 621 37.31 10.76 50.36
N MET B 622 37.58 12.04 50.63
CA MET B 622 38.94 12.53 50.67
C MET B 622 39.55 12.28 52.04
N ALA B 623 40.83 11.90 52.06
CA ALA B 623 41.52 11.69 53.33
C ALA B 623 41.51 12.96 54.17
N HIS B 624 41.34 12.79 55.48
CA HIS B 624 41.03 13.93 56.34
C HIS B 624 42.10 15.00 56.28
N ASN B 625 43.36 14.62 56.53
CA ASN B 625 44.41 15.63 56.65
C ASN B 625 44.59 16.39 55.35
N THR B 626 44.46 15.69 54.22
CA THR B 626 44.49 16.39 52.94
C THR B 626 43.40 17.43 52.86
N ALA B 627 42.20 17.08 53.30
CA ALA B 627 41.10 18.04 53.31
C ALA B 627 41.43 19.23 54.19
N SER B 628 42.01 18.98 55.36
CA SER B 628 42.34 20.07 56.25
C SER B 628 43.38 20.99 55.61
N THR B 629 44.38 20.40 54.95
CA THR B 629 45.38 21.21 54.29
C THR B 629 44.76 22.07 53.20
N LEU B 630 43.88 21.48 52.39
CA LEU B 630 43.22 22.26 51.35
C LEU B 630 42.39 23.37 51.96
N GLU B 631 41.64 23.07 53.01
CA GLU B 631 40.83 24.08 53.67
C GLU B 631 41.69 25.24 54.13
N ALA B 632 42.78 24.94 54.83
CA ALA B 632 43.64 26.00 55.35
C ALA B 632 44.21 26.83 54.20
N MET B 633 44.65 26.18 53.13
CA MET B 633 45.20 26.92 52.01
C MET B 633 44.13 27.70 51.26
N LEU B 634 42.86 27.41 51.48
CA LEU B 634 41.79 28.07 50.76
C LEU B 634 41.02 29.06 51.62
N ARG B 635 41.71 29.77 52.51
CA ARG B 635 41.05 30.76 53.34
C ARG B 635 41.79 32.08 53.41
N ASN B 636 42.72 32.35 52.49
CA ASN B 636 43.35 33.65 52.38
C ASN B 636 42.71 34.42 51.25
N ASP B 637 42.45 35.70 51.48
CA ASP B 637 41.75 36.49 50.45
C ASP B 637 42.53 36.51 49.16
N THR B 638 43.83 36.22 49.18
CA THR B 638 44.55 36.02 47.94
C THR B 638 44.20 34.71 47.26
N ASN B 639 43.34 33.91 47.85
CA ASN B 639 42.89 32.65 47.26
C ASN B 639 41.37 32.56 47.30
N ASP B 640 40.71 33.62 46.85
CA ASP B 640 39.26 33.69 46.86
C ASP B 640 38.69 32.79 45.78
N GLN B 641 37.37 32.86 45.62
CA GLN B 641 36.68 32.18 44.55
C GLN B 641 36.09 33.21 43.59
N SER B 642 36.26 32.99 42.29
CA SER B 642 35.70 33.88 41.29
C SER B 642 34.67 33.13 40.46
N PHE B 643 33.71 33.87 39.94
CA PHE B 643 32.70 33.27 39.07
C PHE B 643 32.19 34.31 38.10
N ASN B 644 31.76 33.83 36.94
CA ASN B 644 31.25 34.70 35.89
C ASN B 644 30.10 34.03 35.17
N ASP B 645 29.04 34.79 34.93
CA ASP B 645 27.89 34.29 34.18
C ASP B 645 28.28 34.10 32.71
N TYR B 646 27.59 33.18 32.03
CA TYR B 646 27.88 33.00 30.62
C TYR B 646 27.24 34.09 29.78
N LEU B 647 25.92 34.19 29.79
CA LEU B 647 25.26 35.17 28.94
C LEU B 647 25.74 36.57 29.28
N SER B 648 25.65 36.93 30.56
CA SER B 648 26.29 38.14 31.07
C SER B 648 25.85 39.37 30.30
N ALA B 649 24.55 39.66 30.39
CA ALA B 649 24.03 40.79 29.65
C ALA B 649 22.82 41.36 30.37
N ALA B 650 22.53 42.61 30.05
CA ALA B 650 21.36 43.31 30.57
C ALA B 650 20.25 43.23 29.54
N ASN B 651 19.05 42.89 30.01
CA ASN B 651 17.88 42.73 29.14
C ASN B 651 17.02 43.97 29.20
N MET B 652 16.52 44.40 28.04
CA MET B 652 15.54 45.47 28.00
C MET B 652 14.47 45.12 26.98
N LEU B 653 13.25 45.54 27.28
CA LEU B 653 12.08 45.25 26.47
C LEU B 653 11.38 46.55 26.11
N TYR B 654 10.96 46.67 24.85
CA TYR B 654 10.24 47.88 24.50
C TYR B 654 8.95 47.54 23.76
N PRO B 655 7.89 48.30 23.99
CA PRO B 655 6.61 47.98 23.34
C PRO B 655 6.62 48.36 21.87
N ILE B 656 5.77 47.68 21.10
CA ILE B 656 5.57 47.99 19.69
C ILE B 656 4.08 47.89 19.40
N PRO B 657 3.41 49.02 19.15
CA PRO B 657 1.97 48.99 18.90
C PRO B 657 1.67 48.28 17.60
N ALA B 658 0.45 47.80 17.47
CA ALA B 658 0.05 47.06 16.29
C ALA B 658 0.18 47.93 15.04
N ASN B 659 0.62 47.31 13.95
CA ASN B 659 0.78 47.97 12.67
C ASN B 659 1.72 49.17 12.75
N ALA B 660 2.74 49.08 13.60
CA ALA B 660 3.75 50.12 13.69
C ALA B 660 4.95 49.74 12.82
N THR B 661 5.81 50.70 12.61
CA THR B 661 6.95 50.44 11.74
C THR B 661 8.28 50.83 12.36
N ASN B 662 8.33 51.93 13.11
CA ASN B 662 9.58 52.52 13.55
C ASN B 662 9.59 52.60 15.07
N VAL B 663 10.75 52.32 15.66
CA VAL B 663 10.90 52.28 17.11
C VAL B 663 12.11 53.10 17.52
N PRO B 664 11.94 54.17 18.29
CA PRO B 664 13.08 54.86 18.89
C PRO B 664 13.37 54.40 20.31
N ILE B 665 14.65 54.45 20.68
CA ILE B 665 15.05 54.24 22.06
C ILE B 665 16.24 55.13 22.36
N SER B 666 16.28 55.66 23.58
CA SER B 666 17.32 56.58 23.97
C SER B 666 17.66 56.37 25.43
N ILE B 667 18.96 56.18 25.70
CA ILE B 667 19.48 56.03 27.04
C ILE B 667 20.09 57.37 27.44
N PRO B 668 19.67 57.96 28.57
CA PRO B 668 19.88 59.39 28.79
C PRO B 668 21.33 59.82 28.84
N SER B 669 22.11 59.26 29.77
CA SER B 669 23.52 59.58 29.86
C SER B 669 24.18 58.63 30.84
N ARG B 670 25.39 58.21 30.53
CA ARG B 670 26.04 57.19 31.34
C ARG B 670 27.55 57.28 31.17
N ASN B 671 28.24 56.47 31.95
CA ASN B 671 29.62 56.11 31.70
C ASN B 671 29.63 54.75 31.01
N TRP B 672 30.37 54.65 29.92
CA TRP B 672 30.33 53.47 29.06
C TRP B 672 31.57 52.60 29.20
N ALA B 673 32.08 52.49 30.41
CA ALA B 673 33.29 51.71 30.63
C ALA B 673 33.06 50.24 30.29
N ALA B 674 33.98 49.67 29.52
CA ALA B 674 34.06 48.23 29.29
C ALA B 674 32.78 47.67 28.68
N PHE B 675 32.18 48.42 27.77
CA PHE B 675 31.03 47.89 27.05
C PHE B 675 31.46 46.76 26.12
N ARG B 676 30.51 45.98 25.68
CA ARG B 676 30.96 44.87 24.85
C ARG B 676 30.24 44.73 23.52
N GLY B 677 28.94 45.00 23.47
CA GLY B 677 28.22 44.86 22.21
C GLY B 677 26.72 44.70 22.43
N TRP B 678 26.03 44.48 21.31
CA TRP B 678 24.57 44.45 21.27
C TRP B 678 24.06 43.15 20.69
N ALA B 679 22.84 42.79 21.06
CA ALA B 679 22.16 41.66 20.44
C ALA B 679 20.66 41.86 20.49
N PHE B 680 19.98 41.82 19.35
CA PHE B 680 18.56 42.14 19.35
C PHE B 680 17.74 41.07 18.66
N THR B 681 16.44 41.08 18.99
CA THR B 681 15.43 40.21 18.42
C THR B 681 14.05 40.84 18.58
N ARG B 682 13.03 40.16 18.05
CA ARG B 682 11.64 40.59 18.10
C ARG B 682 10.77 39.49 18.69
N LEU B 683 9.82 39.87 19.55
CA LEU B 683 9.01 38.93 20.29
C LEU B 683 7.53 39.27 20.13
N LYS B 684 6.68 38.27 20.37
CA LYS B 684 5.24 38.43 20.27
C LYS B 684 4.64 38.63 21.66
N THR B 685 3.88 39.71 21.83
CA THR B 685 3.39 40.10 23.15
C THR B 685 2.57 39.01 23.81
N LYS B 686 1.78 38.29 23.02
CA LYS B 686 0.86 37.29 23.57
C LYS B 686 1.59 36.18 24.29
N GLU B 687 2.90 36.05 24.08
CA GLU B 687 3.67 34.92 24.58
C GLU B 687 4.85 35.41 25.43
N THR B 688 4.58 36.31 26.35
CA THR B 688 5.63 36.71 27.26
C THR B 688 5.06 37.16 28.59
N PRO B 689 5.35 36.44 29.64
CA PRO B 689 4.79 36.80 30.95
C PRO B 689 5.33 38.13 31.44
N SER B 690 4.80 38.62 32.55
CA SER B 690 5.36 39.83 33.14
C SER B 690 6.81 39.56 33.53
N LEU B 691 7.63 40.59 33.40
CA LEU B 691 9.06 40.40 33.56
C LEU B 691 9.42 39.93 34.96
N GLY B 692 8.80 40.51 35.99
CA GLY B 692 9.26 40.26 37.34
C GLY B 692 8.29 39.60 38.30
N SER B 693 6.99 39.79 38.10
CA SER B 693 6.03 39.35 39.10
C SER B 693 6.05 37.84 39.24
N GLY B 694 5.67 37.37 40.43
CA GLY B 694 5.58 35.96 40.68
C GLY B 694 4.39 35.27 40.08
N TYR B 695 3.44 36.04 39.55
CA TYR B 695 2.24 35.49 38.94
C TYR B 695 1.72 36.49 37.92
N ASP B 696 1.14 35.98 36.85
CA ASP B 696 0.69 36.80 35.73
C ASP B 696 -0.77 36.47 35.41
N PRO B 697 -1.72 37.17 36.02
CA PRO B 697 -3.13 36.87 35.75
C PRO B 697 -3.51 37.07 34.29
N TYR B 698 -2.86 38.01 33.61
CA TYR B 698 -3.19 38.28 32.21
C TYR B 698 -2.66 37.21 31.27
N TYR B 699 -1.84 36.28 31.76
CA TYR B 699 -1.13 35.33 30.91
C TYR B 699 -2.08 34.21 30.49
N THR B 700 -2.40 34.15 29.20
CA THR B 700 -3.24 33.08 28.65
C THR B 700 -2.53 32.51 27.44
N TYR B 701 -1.64 31.54 27.65
CA TYR B 701 -0.91 30.88 26.58
C TYR B 701 -0.05 29.75 27.13
N SER B 702 0.10 28.67 26.38
CA SER B 702 0.79 27.50 26.89
C SER B 702 1.70 26.90 25.82
N GLY B 703 2.43 27.75 25.11
CA GLY B 703 3.42 27.29 24.16
C GLY B 703 4.83 27.57 24.60
N SER B 704 5.77 27.21 23.71
CA SER B 704 7.18 27.37 24.01
C SER B 704 7.53 28.85 24.10
N ILE B 705 7.80 29.33 25.31
CA ILE B 705 8.10 30.74 25.53
C ILE B 705 9.46 31.05 24.93
N PRO B 706 9.54 31.91 23.93
CA PRO B 706 10.86 32.21 23.33
C PRO B 706 11.80 32.91 24.29
N TYR B 707 11.28 33.78 25.14
CA TYR B 707 12.13 34.56 26.04
C TYR B 707 12.78 33.71 27.11
N LEU B 708 12.39 32.46 27.27
CA LEU B 708 13.02 31.59 28.26
C LEU B 708 13.70 30.39 27.65
N ASP B 709 13.05 29.71 26.70
CA ASP B 709 13.66 28.50 26.16
C ASP B 709 14.77 28.82 25.16
N GLY B 710 14.62 29.91 24.41
CA GLY B 710 15.58 30.23 23.37
C GLY B 710 15.15 29.72 22.01
N THR B 711 13.92 30.01 21.61
CA THR B 711 13.40 29.65 20.29
C THR B 711 12.77 30.88 19.68
N PHE B 712 13.48 31.54 18.78
CA PHE B 712 12.99 32.73 18.11
C PHE B 712 12.54 32.39 16.69
N TYR B 713 11.55 33.12 16.21
CA TYR B 713 11.06 32.89 14.85
C TYR B 713 10.70 34.18 14.13
N LEU B 714 11.38 35.26 14.43
CA LEU B 714 10.98 36.54 13.88
C LEU B 714 12.11 37.33 13.24
N ASN B 715 13.33 36.80 13.23
CA ASN B 715 14.48 37.61 12.81
C ASN B 715 14.28 38.20 11.43
N HIS B 716 13.58 37.51 10.55
CA HIS B 716 13.45 37.93 9.17
C HIS B 716 12.40 38.99 8.98
N THR B 717 12.04 39.73 10.03
CA THR B 717 11.10 40.82 9.90
C THR B 717 11.72 42.19 10.10
N PHE B 718 13.00 42.26 10.45
CA PHE B 718 13.67 43.55 10.63
C PHE B 718 13.94 44.22 9.29
N LYS B 719 14.11 45.54 9.32
CA LYS B 719 14.43 46.29 8.11
C LYS B 719 15.76 47.02 8.19
N LYS B 720 15.98 47.84 9.22
CA LYS B 720 17.23 48.57 9.32
C LYS B 720 17.45 49.10 10.72
N VAL B 721 18.71 49.46 11.00
CA VAL B 721 19.16 49.88 12.33
C VAL B 721 20.07 51.10 12.19
N ALA B 722 19.90 52.07 13.08
CA ALA B 722 20.77 53.23 13.13
C ALA B 722 21.17 53.54 14.57
N ILE B 723 22.45 53.85 14.79
CA ILE B 723 23.00 54.05 16.12
C ILE B 723 23.75 55.38 16.15
N THR B 724 23.59 56.13 17.25
CA THR B 724 24.27 57.41 17.40
C THR B 724 24.61 57.67 18.85
N PHE B 725 25.70 58.40 19.06
CA PHE B 725 26.09 58.88 20.37
C PHE B 725 25.79 60.38 20.45
N ASP B 726 25.00 60.77 21.45
CA ASP B 726 24.69 62.18 21.71
C ASP B 726 24.03 62.84 20.51
N SER B 727 23.23 62.09 19.77
CA SER B 727 22.33 62.60 18.74
C SER B 727 23.05 63.36 17.64
N SER B 728 24.37 63.34 17.59
CA SER B 728 25.06 64.10 16.56
C SER B 728 26.27 63.39 15.98
N VAL B 729 26.54 62.16 16.38
CA VAL B 729 27.72 61.43 15.92
C VAL B 729 27.29 60.04 15.48
N SER B 730 27.65 59.67 14.26
CA SER B 730 27.28 58.36 13.73
C SER B 730 28.17 57.30 14.37
N TRP B 731 28.05 56.08 13.90
CA TRP B 731 28.87 54.99 14.38
C TRP B 731 28.81 53.83 13.40
N PRO B 732 29.94 53.28 12.97
CA PRO B 732 31.26 53.75 13.38
C PRO B 732 31.72 54.89 12.49
N GLY B 733 30.84 55.31 11.59
CA GLY B 733 31.12 56.45 10.75
C GLY B 733 32.32 56.21 9.85
N ASN B 734 33.00 57.29 9.53
CA ASN B 734 34.23 57.26 8.73
C ASN B 734 34.04 56.50 7.43
N ASP B 735 32.80 56.45 6.93
CA ASP B 735 32.46 55.74 5.71
C ASP B 735 33.00 54.31 5.74
N ARG B 736 32.76 53.64 6.86
CA ARG B 736 33.15 52.24 6.97
C ARG B 736 32.33 51.31 6.08
N LEU B 737 31.18 51.77 5.59
CA LEU B 737 30.21 50.87 4.98
C LEU B 737 29.80 51.37 3.59
N LEU B 738 29.28 50.44 2.80
CA LEU B 738 28.74 50.80 1.49
C LEU B 738 27.56 51.75 1.64
N THR B 739 26.65 51.43 2.55
CA THR B 739 25.58 52.36 2.87
C THR B 739 26.17 53.57 3.57
N PRO B 740 25.53 54.74 3.44
CA PRO B 740 26.16 55.97 3.95
C PRO B 740 26.45 55.98 5.44
N ASN B 741 25.42 55.88 6.29
CA ASN B 741 25.69 55.95 7.72
C ASN B 741 24.79 55.06 8.57
N GLU B 742 24.34 53.91 8.06
CA GLU B 742 23.45 53.08 8.85
C GLU B 742 23.42 51.68 8.28
N PHE B 743 23.30 50.70 9.18
CA PHE B 743 23.18 49.32 8.76
C PHE B 743 21.90 49.14 7.95
N GLU B 744 21.99 48.42 6.84
CA GLU B 744 20.84 48.11 6.01
C GLU B 744 20.77 46.60 5.83
N ILE B 745 19.82 45.97 6.51
CA ILE B 745 19.83 44.51 6.61
C ILE B 745 19.31 43.88 5.32
N LYS B 746 18.10 44.25 4.91
CA LYS B 746 17.52 43.69 3.70
C LYS B 746 16.88 44.79 2.87
N ARG B 747 17.00 44.66 1.56
CA ARG B 747 16.53 45.65 0.62
C ARG B 747 15.43 45.06 -0.27
N SER B 748 14.44 45.89 -0.57
CA SER B 748 13.32 45.43 -1.39
C SER B 748 13.67 45.48 -2.88
N VAL B 749 13.93 46.67 -3.40
CA VAL B 749 14.30 46.85 -4.80
C VAL B 749 15.68 47.47 -4.83
N ASP B 750 16.61 46.79 -5.51
CA ASP B 750 18.02 47.14 -5.45
C ASP B 750 18.43 47.86 -6.73
N GLY B 751 19.01 49.05 -6.57
CA GLY B 751 19.51 49.78 -7.72
C GLY B 751 20.88 49.34 -8.16
N GLU B 752 21.73 48.92 -7.22
CA GLU B 752 23.11 48.57 -7.54
C GLU B 752 23.48 47.18 -7.03
N GLY B 753 22.49 46.28 -6.97
CA GLY B 753 22.77 44.88 -6.75
C GLY B 753 23.51 44.54 -5.47
N TYR B 754 23.13 45.15 -4.35
CA TYR B 754 23.78 44.81 -3.10
C TYR B 754 23.32 43.47 -2.54
N ASN B 755 22.30 42.84 -3.14
CA ASN B 755 21.91 41.52 -2.68
C ASN B 755 23.03 40.54 -2.91
N VAL B 756 23.08 39.49 -2.08
CA VAL B 756 24.08 38.46 -2.17
C VAL B 756 23.46 37.13 -1.78
N ALA B 757 24.23 36.05 -1.93
CA ALA B 757 23.80 34.70 -1.61
C ALA B 757 22.50 34.33 -2.33
N GLN B 758 22.15 35.07 -3.37
CA GLN B 758 20.88 34.91 -4.06
C GLN B 758 19.70 35.06 -3.09
N CYS B 759 19.84 35.98 -2.15
CA CYS B 759 18.76 36.30 -1.24
C CYS B 759 18.52 37.80 -1.28
N ASN B 760 17.66 38.31 -0.40
CA ASN B 760 17.38 39.75 -0.36
C ASN B 760 18.17 40.46 0.72
N MET B 761 19.41 40.04 0.95
CA MET B 761 20.24 40.60 2.01
C MET B 761 21.41 41.37 1.42
N THR B 762 21.71 42.53 2.01
CA THR B 762 22.83 43.31 1.56
C THR B 762 24.14 42.65 1.97
N LYS B 763 25.20 42.94 1.22
CA LYS B 763 26.50 42.35 1.52
C LYS B 763 26.96 42.70 2.91
N ASP B 764 26.78 43.96 3.30
CA ASP B 764 27.39 44.46 4.53
C ASP B 764 26.89 43.68 5.75
N TRP B 765 25.59 43.43 5.82
CA TRP B 765 25.10 42.67 6.95
C TRP B 765 25.65 41.26 6.97
N PHE B 766 25.76 40.63 5.79
CA PHE B 766 26.34 39.30 5.73
C PHE B 766 27.76 39.31 6.26
N LEU B 767 28.55 40.29 5.83
CA LEU B 767 29.92 40.37 6.29
C LEU B 767 29.96 40.58 7.80
N VAL B 768 29.10 41.44 8.32
CA VAL B 768 29.14 41.72 9.74
C VAL B 768 28.82 40.48 10.55
N GLN B 769 27.80 39.74 10.14
CA GLN B 769 27.47 38.52 10.88
C GLN B 769 28.58 37.50 10.80
N MET B 770 29.12 37.28 9.60
CA MET B 770 30.18 36.31 9.46
C MET B 770 31.36 36.66 10.35
N LEU B 771 31.77 37.93 10.36
CA LEU B 771 32.85 38.34 11.24
C LEU B 771 32.48 38.08 12.70
N ALA B 772 31.35 38.61 13.13
CA ALA B 772 31.04 38.61 14.55
C ALA B 772 30.86 37.21 15.10
N ASN B 773 30.63 36.22 14.25
CA ASN B 773 30.48 34.87 14.76
C ASN B 773 31.60 33.91 14.38
N TYR B 774 32.47 34.28 13.46
CA TYR B 774 33.55 33.37 13.12
C TYR B 774 34.90 34.04 12.85
N ASN B 775 35.00 35.35 12.96
CA ASN B 775 36.20 36.07 12.56
C ASN B 775 36.58 35.70 11.12
N ILE B 776 35.57 35.49 10.29
CA ILE B 776 35.76 35.06 8.92
C ILE B 776 35.15 36.09 7.99
N GLY B 777 35.85 36.40 6.91
CA GLY B 777 35.31 37.27 5.90
C GLY B 777 36.31 38.23 5.30
N TYR B 778 37.28 38.69 6.10
CA TYR B 778 38.31 39.55 5.55
C TYR B 778 39.20 38.84 4.55
N GLN B 779 39.12 37.52 4.48
CA GLN B 779 39.94 36.72 3.59
C GLN B 779 39.09 35.73 2.83
N GLY B 780 37.99 36.21 2.26
CA GLY B 780 37.08 35.37 1.52
C GLY B 780 35.95 34.85 2.38
N PHE B 781 35.28 33.82 1.86
CA PHE B 781 34.24 33.13 2.59
C PHE B 781 34.38 31.63 2.36
N TYR B 782 33.99 30.85 3.36
CA TYR B 782 33.97 29.41 3.23
C TYR B 782 33.13 28.85 4.37
N ILE B 783 33.10 27.53 4.49
CA ILE B 783 32.26 26.87 5.46
C ILE B 783 33.03 26.72 6.77
N PRO B 784 32.60 27.37 7.84
CA PRO B 784 33.32 27.24 9.11
C PRO B 784 33.22 25.83 9.67
N GLU B 785 34.22 25.47 10.47
CA GLU B 785 34.33 24.13 11.01
C GLU B 785 33.19 23.82 11.98
N SER B 786 32.92 22.54 12.14
CA SER B 786 31.75 22.12 12.89
C SER B 786 31.83 22.56 14.35
N TYR B 787 32.94 22.24 15.02
CA TYR B 787 33.03 22.54 16.44
C TYR B 787 33.02 24.04 16.73
N LYS B 788 33.32 24.87 15.74
CA LYS B 788 33.16 26.30 15.90
C LYS B 788 31.78 26.78 15.49
N ASP B 789 30.88 25.89 15.11
CA ASP B 789 29.55 26.23 14.65
C ASP B 789 28.54 25.36 15.38
N ARG B 790 28.07 25.84 16.52
CA ARG B 790 27.15 25.07 17.35
C ARG B 790 25.73 25.26 16.85
N MET B 791 24.77 24.68 17.57
CA MET B 791 23.38 24.65 17.11
C MET B 791 22.81 26.04 16.94
N TYR B 792 22.99 26.88 17.94
CA TYR B 792 22.40 28.21 17.93
C TYR B 792 23.19 29.21 17.11
N SER B 793 24.14 28.74 16.30
CA SER B 793 25.00 29.65 15.57
C SER B 793 24.22 30.34 14.46
N PHE B 794 24.91 31.18 13.70
CA PHE B 794 24.27 31.88 12.59
C PHE B 794 24.13 30.97 11.38
N PHE B 795 25.23 30.38 10.93
CA PHE B 795 25.26 29.78 9.61
C PHE B 795 24.33 28.58 9.48
N ARG B 796 24.24 27.75 10.51
CA ARG B 796 23.43 26.54 10.39
C ARG B 796 21.96 26.86 10.17
N ASN B 797 21.52 28.05 10.56
CA ASN B 797 20.10 28.37 10.53
C ASN B 797 19.79 29.50 9.55
N PHE B 798 20.36 29.44 8.35
CA PHE B 798 20.18 30.46 7.33
C PHE B 798 19.70 29.77 6.06
N GLN B 799 18.46 30.03 5.66
CA GLN B 799 17.88 29.37 4.50
C GLN B 799 17.37 30.41 3.53
N PRO B 800 17.90 30.49 2.30
CA PRO B 800 17.33 31.39 1.30
C PRO B 800 16.29 30.71 0.44
N MET B 801 15.22 31.44 0.13
CA MET B 801 14.11 30.90 -0.63
C MET B 801 13.66 31.91 -1.67
N SER B 802 13.16 31.41 -2.79
CA SER B 802 12.76 32.25 -3.91
C SER B 802 11.76 31.51 -4.79
N ARG B 803 10.83 32.25 -5.38
CA ARG B 803 9.86 31.65 -6.29
C ARG B 803 9.47 32.66 -7.36
N GLN B 804 8.77 32.16 -8.38
CA GLN B 804 8.16 32.97 -9.41
C GLN B 804 6.65 32.91 -9.27
N VAL B 805 5.98 33.98 -9.67
CA VAL B 805 4.53 34.05 -9.63
C VAL B 805 4.03 34.81 -10.85
N VAL B 806 2.73 34.67 -11.10
CA VAL B 806 2.14 35.28 -12.28
C VAL B 806 2.17 36.80 -12.15
N ASP B 807 2.30 37.47 -13.27
CA ASP B 807 2.38 38.92 -13.30
C ASP B 807 1.00 39.49 -13.55
N ASP B 808 0.57 40.38 -12.67
CA ASP B 808 -0.80 40.89 -12.74
C ASP B 808 -1.03 41.71 -14.01
N THR B 809 -0.06 42.55 -14.38
CA THR B 809 -0.32 43.55 -15.40
C THR B 809 0.23 43.14 -16.76
N LYS B 810 1.50 42.72 -16.81
CA LYS B 810 2.14 42.50 -18.10
C LYS B 810 1.42 41.40 -18.89
N TYR B 811 1.05 40.33 -18.22
CA TYR B 811 0.14 39.37 -18.84
C TYR B 811 -1.22 40.02 -19.00
N LYS B 812 -1.84 39.83 -20.16
CA LYS B 812 -3.07 40.54 -20.49
C LYS B 812 -4.33 39.71 -20.24
N ASP B 813 -4.21 38.51 -19.69
CA ASP B 813 -5.36 37.68 -19.40
C ASP B 813 -5.50 37.40 -17.92
N TYR B 814 -4.79 38.14 -17.07
CA TYR B 814 -4.88 37.92 -15.64
C TYR B 814 -6.32 38.13 -15.16
N GLN B 815 -6.83 37.15 -14.43
CA GLN B 815 -8.19 37.20 -13.92
C GLN B 815 -8.20 36.67 -12.50
N GLN B 816 -8.41 37.56 -11.54
CA GLN B 816 -8.32 37.21 -10.13
C GLN B 816 -9.42 36.22 -9.80
N VAL B 817 -9.05 34.96 -9.69
CA VAL B 817 -10.00 33.89 -9.35
C VAL B 817 -9.98 33.72 -7.85
N GLY B 818 -11.11 34.00 -7.21
CA GLY B 818 -11.23 33.78 -5.79
C GLY B 818 -11.10 32.32 -5.43
N ILE B 819 -11.12 32.05 -4.13
CA ILE B 819 -11.07 30.67 -3.68
C ILE B 819 -12.35 29.93 -4.02
N LEU B 820 -13.50 30.60 -3.96
CA LEU B 820 -14.78 29.93 -4.12
C LEU B 820 -15.04 29.41 -5.52
N HIS B 821 -14.08 29.54 -6.44
CA HIS B 821 -14.32 29.09 -7.80
C HIS B 821 -13.10 28.42 -8.41
N GLN B 822 -12.21 27.89 -7.59
CA GLN B 822 -11.09 27.10 -8.08
C GLN B 822 -11.54 25.65 -8.10
N HIS B 823 -11.73 25.09 -9.29
CA HIS B 823 -12.32 23.76 -9.42
C HIS B 823 -11.34 22.74 -9.97
N ASN B 824 -10.08 22.80 -9.55
CA ASN B 824 -9.16 21.71 -9.83
C ASN B 824 -9.59 20.47 -9.06
N ASN B 825 -9.30 19.30 -9.63
CA ASN B 825 -9.87 18.05 -9.15
C ASN B 825 -11.37 18.21 -8.96
N SER B 826 -12.04 18.46 -10.09
CA SER B 826 -13.42 18.92 -10.06
C SER B 826 -14.33 17.94 -9.33
N GLY B 827 -14.47 16.74 -9.86
CA GLY B 827 -15.48 15.84 -9.37
C GLY B 827 -15.01 14.75 -8.43
N PHE B 828 -13.85 14.92 -7.81
CA PHE B 828 -13.27 13.83 -7.04
C PHE B 828 -12.94 14.20 -5.60
N VAL B 829 -13.44 15.33 -5.09
CA VAL B 829 -13.21 15.69 -3.70
C VAL B 829 -14.21 16.76 -3.29
N GLY B 830 -14.41 16.91 -1.99
CA GLY B 830 -15.41 17.80 -1.45
C GLY B 830 -15.15 19.26 -1.78
N TYR B 831 -16.09 20.09 -1.35
CA TYR B 831 -16.14 21.50 -1.70
C TYR B 831 -15.94 22.33 -0.45
N LEU B 832 -14.78 22.98 -0.35
CA LEU B 832 -14.47 23.88 0.76
C LEU B 832 -14.64 23.18 2.10
N ALA B 833 -14.34 21.89 2.13
CA ALA B 833 -14.51 21.07 3.31
C ALA B 833 -13.87 19.73 3.07
N PRO B 834 -13.48 19.03 4.11
CA PRO B 834 -12.91 17.69 3.95
C PRO B 834 -13.96 16.62 3.81
N THR B 835 -15.19 17.01 3.50
CA THR B 835 -16.33 16.09 3.52
C THR B 835 -16.31 15.17 2.30
N MET B 836 -17.42 14.47 2.08
CA MET B 836 -17.48 13.46 1.04
C MET B 836 -17.30 14.07 -0.35
N ARG B 837 -17.00 13.22 -1.32
CA ARG B 837 -16.79 13.68 -2.68
C ARG B 837 -18.10 14.12 -3.31
N GLU B 838 -17.97 14.85 -4.42
CA GLU B 838 -19.12 15.37 -5.16
C GLU B 838 -18.61 15.85 -6.52
N GLY B 839 -19.48 16.53 -7.26
CA GLY B 839 -19.07 17.22 -8.46
C GLY B 839 -18.86 16.29 -9.64
N GLN B 840 -18.90 16.91 -10.82
CA GLN B 840 -18.76 16.16 -12.04
C GLN B 840 -17.40 16.42 -12.59
N ALA B 841 -17.08 15.78 -13.70
CA ALA B 841 -15.76 15.94 -14.23
C ALA B 841 -15.78 17.04 -15.26
N TYR B 842 -14.64 17.68 -15.53
CA TYR B 842 -14.64 18.81 -16.43
C TYR B 842 -13.28 19.40 -16.35
N PRO B 843 -12.66 19.71 -17.48
CA PRO B 843 -11.29 20.21 -17.41
C PRO B 843 -11.19 21.29 -16.34
N ALA B 844 -10.00 21.61 -15.80
CA ALA B 844 -9.91 22.57 -14.67
C ALA B 844 -9.65 24.05 -15.00
N ASN B 845 -9.33 24.86 -13.99
CA ASN B 845 -9.16 26.28 -14.24
C ASN B 845 -8.06 26.92 -13.41
N PHE B 846 -7.19 26.13 -12.79
CA PHE B 846 -6.25 26.67 -11.82
C PHE B 846 -5.20 25.62 -11.48
N PRO B 847 -3.93 26.00 -11.27
CA PRO B 847 -3.34 27.33 -11.41
C PRO B 847 -2.68 27.50 -12.76
N TYR B 848 -2.16 28.70 -13.02
CA TYR B 848 -1.57 28.98 -14.31
C TYR B 848 -0.32 28.13 -14.52
N PRO B 849 0.04 27.86 -15.76
CA PRO B 849 1.26 27.09 -16.02
C PRO B 849 2.48 27.98 -16.13
N LEU B 850 3.48 27.73 -15.30
CA LEU B 850 4.73 28.48 -15.33
C LEU B 850 5.78 27.83 -16.20
N ILE B 851 5.44 26.73 -16.87
CA ILE B 851 6.37 25.96 -17.67
C ILE B 851 5.71 25.64 -18.99
N GLY B 852 6.39 24.87 -19.84
CA GLY B 852 5.83 24.44 -21.10
C GLY B 852 5.83 25.56 -22.12
N LYS B 853 5.34 25.23 -23.32
CA LYS B 853 5.46 26.15 -24.43
C LYS B 853 4.53 27.35 -24.32
N THR B 854 3.56 27.30 -23.42
CA THR B 854 2.58 28.36 -23.28
C THR B 854 2.70 29.04 -21.92
N ALA B 855 3.92 29.30 -21.49
CA ALA B 855 4.12 29.92 -20.19
C ALA B 855 3.59 31.34 -20.18
N VAL B 856 3.33 31.84 -18.98
CA VAL B 856 2.80 33.18 -18.79
C VAL B 856 3.86 34.03 -18.10
N ASP B 857 3.97 35.29 -18.54
CA ASP B 857 5.01 36.16 -18.03
C ASP B 857 4.88 36.35 -16.53
N SER B 858 6.02 36.36 -15.86
CA SER B 858 6.06 36.19 -14.41
C SER B 858 6.99 37.20 -13.78
N ILE B 859 6.89 37.33 -12.46
CA ILE B 859 7.84 38.09 -11.67
C ILE B 859 8.38 37.18 -10.58
N THR B 860 9.39 37.68 -9.87
CA THR B 860 10.15 36.90 -8.91
C THR B 860 10.03 37.50 -7.52
N GLN B 861 10.04 36.64 -6.50
CA GLN B 861 10.02 37.07 -5.11
C GLN B 861 11.04 36.26 -4.33
N LYS B 862 11.85 36.95 -3.54
CA LYS B 862 12.92 36.32 -2.77
C LYS B 862 12.78 36.70 -1.30
N LYS B 863 13.29 35.82 -0.44
CA LYS B 863 13.40 36.14 0.98
C LYS B 863 14.33 35.12 1.61
N PHE B 864 14.63 35.33 2.89
CA PHE B 864 15.43 34.37 3.63
C PHE B 864 14.72 34.05 4.93
N LEU B 865 15.24 33.06 5.62
CA LEU B 865 14.66 32.60 6.87
C LEU B 865 15.80 32.28 7.83
N CYS B 866 15.63 32.69 9.09
CA CYS B 866 16.68 32.50 10.09
C CYS B 866 16.04 32.50 11.45
N ASP B 867 16.31 31.46 12.23
CA ASP B 867 15.68 31.29 13.54
C ASP B 867 16.67 30.62 14.48
N ARG B 868 16.26 30.52 15.74
CA ARG B 868 17.11 29.99 16.81
C ARG B 868 18.38 30.83 16.97
N THR B 869 18.29 32.12 16.68
CA THR B 869 19.44 33.00 16.85
C THR B 869 18.97 34.44 16.95
N LEU B 870 19.75 35.24 17.66
CA LEU B 870 19.50 36.66 17.79
C LEU B 870 20.61 37.42 17.08
N TRP B 871 20.25 38.51 16.42
CA TRP B 871 21.28 39.21 15.65
C TRP B 871 22.28 39.82 16.60
N ARG B 872 23.56 39.70 16.28
CA ARG B 872 24.66 40.12 17.13
C ARG B 872 25.43 41.25 16.46
N ILE B 873 25.89 42.21 17.25
CA ILE B 873 26.73 43.29 16.76
C ILE B 873 27.84 43.57 17.77
N PRO B 874 29.09 43.27 17.44
CA PRO B 874 30.17 43.45 18.41
C PRO B 874 30.66 44.89 18.45
N PHE B 875 31.14 45.28 19.62
CA PHE B 875 31.66 46.63 19.83
C PHE B 875 33.18 46.64 19.70
N SER B 876 33.63 46.38 18.47
CA SER B 876 35.05 46.43 18.16
C SER B 876 35.33 47.57 17.20
N SER B 877 36.62 47.83 17.00
CA SER B 877 37.01 48.84 16.01
C SER B 877 36.75 48.34 14.61
N ASN B 878 36.85 47.02 14.40
CA ASN B 878 36.61 46.44 13.09
C ASN B 878 35.85 45.14 13.20
N PHE B 879 35.03 45.00 14.25
CA PHE B 879 34.05 43.93 14.43
C PHE B 879 34.68 42.57 14.66
N MET B 880 36.00 42.44 14.63
CA MET B 880 36.64 41.14 14.78
C MET B 880 36.74 40.79 16.25
N SER B 881 36.28 39.59 16.60
CA SER B 881 36.38 39.11 17.98
C SER B 881 37.84 38.89 18.32
N MET B 882 38.38 39.69 19.24
CA MET B 882 39.80 39.60 19.58
C MET B 882 40.00 39.47 21.09
N GLY B 883 39.02 38.95 21.80
CA GLY B 883 39.21 38.73 23.22
C GLY B 883 37.99 39.04 24.09
N ALA B 884 38.06 38.66 25.36
CA ALA B 884 36.91 38.85 26.24
C ALA B 884 36.64 40.31 26.52
N LEU B 885 37.56 41.20 26.17
CA LEU B 885 37.36 42.63 26.28
C LEU B 885 37.48 43.23 24.89
N THR B 886 37.34 44.55 24.81
CA THR B 886 37.46 45.24 23.54
C THR B 886 38.45 46.38 23.65
N ASP B 887 39.02 46.74 22.50
CA ASP B 887 39.81 47.96 22.44
C ASP B 887 38.94 49.18 22.68
N LEU B 888 37.81 49.27 21.98
CA LEU B 888 36.93 50.40 22.17
C LEU B 888 36.37 50.48 23.58
N GLY B 889 36.37 49.37 24.31
CA GLY B 889 35.91 49.44 25.67
C GLY B 889 36.89 50.05 26.64
N GLN B 890 38.13 50.29 26.21
CA GLN B 890 39.16 50.81 27.09
C GLN B 890 39.58 52.23 26.78
N ASN B 891 39.38 52.68 25.54
CA ASN B 891 39.80 54.02 25.17
C ASN B 891 39.16 55.05 26.08
N LEU B 892 39.94 56.07 26.43
CA LEU B 892 39.45 57.06 27.38
C LEU B 892 38.18 57.75 26.90
N LEU B 893 38.06 57.95 25.58
CA LEU B 893 36.93 58.71 25.06
C LEU B 893 35.61 58.12 25.52
N TYR B 894 35.53 56.80 25.61
CA TYR B 894 34.32 56.14 26.09
C TYR B 894 34.46 55.63 27.52
N ALA B 895 35.53 55.99 28.22
CA ALA B 895 35.77 55.50 29.56
C ALA B 895 35.99 56.58 30.59
N ASN B 896 36.18 57.84 30.19
CA ASN B 896 36.39 58.95 31.10
C ASN B 896 35.56 60.14 30.69
N SER B 897 34.29 59.91 30.43
CA SER B 897 33.43 60.97 29.92
C SER B 897 31.98 60.55 30.15
N ALA B 898 31.05 61.28 29.54
CA ALA B 898 29.64 60.97 29.61
C ALA B 898 29.09 60.94 28.20
N HIS B 899 28.06 60.12 27.98
CA HIS B 899 27.48 60.02 26.65
C HIS B 899 26.02 59.63 26.74
N ALA B 900 25.28 59.96 25.69
CA ALA B 900 23.90 59.59 25.51
C ALA B 900 23.78 58.62 24.35
N LEU B 901 22.86 57.67 24.44
CA LEU B 901 22.73 56.62 23.43
C LEU B 901 21.43 56.76 22.69
N ASP B 902 21.48 56.68 21.36
CA ASP B 902 20.27 56.72 20.54
C ASP B 902 20.26 55.58 19.54
N MET B 903 19.21 54.78 19.56
CA MET B 903 19.05 53.69 18.62
C MET B 903 17.69 53.81 17.94
N THR B 904 17.65 53.52 16.65
CA THR B 904 16.44 53.61 15.86
C THR B 904 16.29 52.35 15.02
N PHE B 905 15.14 51.70 15.15
CA PHE B 905 14.87 50.47 14.44
C PHE B 905 13.72 50.68 13.46
N GLU B 906 13.83 50.08 12.28
CA GLU B 906 12.71 49.98 11.36
C GLU B 906 12.48 48.51 11.07
N VAL B 907 11.23 48.07 11.24
CA VAL B 907 10.85 46.68 11.11
C VAL B 907 9.64 46.59 10.18
N ASP B 908 9.37 45.39 9.72
CA ASP B 908 8.16 45.17 8.93
C ASP B 908 6.93 45.15 9.83
N PRO B 909 5.80 45.65 9.34
CA PRO B 909 4.61 45.76 10.18
C PRO B 909 3.95 44.41 10.40
N MET B 910 3.20 44.32 11.49
CA MET B 910 2.44 43.13 11.82
C MET B 910 1.14 43.53 12.51
N ASP B 911 0.19 42.61 12.49
CA ASP B 911 -1.16 42.85 13.02
C ASP B 911 -1.29 42.39 14.47
N GLU B 912 -0.37 42.82 15.32
CA GLU B 912 -0.39 42.37 16.71
C GLU B 912 0.62 43.15 17.52
N PRO B 913 0.33 43.50 18.76
CA PRO B 913 1.35 44.14 19.59
C PRO B 913 2.55 43.23 19.74
N THR B 914 3.74 43.82 19.73
CA THR B 914 4.95 43.02 19.80
C THR B 914 5.93 43.69 20.75
N LEU B 915 7.00 42.97 21.07
CA LEU B 915 8.06 43.49 21.92
C LEU B 915 9.36 43.50 21.15
N LEU B 916 10.19 44.49 21.44
CA LEU B 916 11.52 44.59 20.89
C LEU B 916 12.49 44.25 22.00
N TYR B 917 13.33 43.23 21.76
CA TYR B 917 14.13 42.61 22.80
C TYR B 917 15.59 42.96 22.56
N VAL B 918 16.18 43.70 23.49
CA VAL B 918 17.54 44.21 23.35
C VAL B 918 18.39 43.66 24.47
N LEU B 919 19.57 43.15 24.12
CA LEU B 919 20.55 42.67 25.08
C LEU B 919 21.79 43.52 24.96
N PHE B 920 22.15 44.20 26.05
CA PHE B 920 23.45 44.85 26.16
C PHE B 920 24.41 43.84 26.76
N GLU B 921 25.37 43.35 25.97
CA GLU B 921 26.37 42.45 26.52
C GLU B 921 27.29 43.23 27.44
N VAL B 922 27.46 42.75 28.66
CA VAL B 922 28.18 43.47 29.69
C VAL B 922 29.02 42.47 30.48
N PHE B 923 29.73 42.98 31.48
CA PHE B 923 30.54 42.17 32.36
C PHE B 923 29.82 41.98 33.69
N ASP B 924 29.77 40.74 34.15
CA ASP B 924 29.17 40.41 35.45
C ASP B 924 30.05 39.38 36.14
N VAL B 925 30.61 39.75 37.29
CA VAL B 925 31.53 38.88 38.00
C VAL B 925 31.16 38.86 39.47
N VAL B 926 31.51 37.75 40.12
CA VAL B 926 31.25 37.56 41.54
C VAL B 926 32.53 37.06 42.22
N ARG B 927 32.81 37.58 43.41
CA ARG B 927 33.94 37.10 44.21
C ARG B 927 33.42 36.63 45.56
N VAL B 928 33.99 35.53 46.05
CA VAL B 928 33.52 34.87 47.26
C VAL B 928 34.71 34.61 48.18
N HIS B 929 34.51 34.86 49.47
CA HIS B 929 35.56 34.73 50.47
C HIS B 929 35.00 34.04 51.70
N ARG B 930 35.86 33.28 52.39
CA ARG B 930 35.43 32.46 53.52
C ARG B 930 36.46 32.52 54.64
N PRO B 931 36.30 33.45 55.57
CA PRO B 931 37.35 33.62 56.59
C PRO B 931 37.36 32.55 57.66
N HIS B 932 36.20 32.14 58.18
CA HIS B 932 36.19 31.22 59.32
C HIS B 932 35.30 30.03 58.97
N ARG B 933 35.06 29.19 59.98
CA ARG B 933 34.20 28.04 59.78
C ARG B 933 32.75 28.49 59.68
N GLY B 934 32.05 28.00 58.65
CA GLY B 934 30.63 28.26 58.52
C GLY B 934 30.27 29.72 58.36
N VAL B 935 31.07 30.46 57.58
CA VAL B 935 30.77 31.85 57.26
C VAL B 935 31.03 32.01 55.77
N ILE B 936 30.42 33.04 55.18
CA ILE B 936 30.64 33.30 53.76
C ILE B 936 30.30 34.75 53.44
N GLU B 937 31.19 35.42 52.71
CA GLU B 937 30.94 36.77 52.23
C GLU B 937 31.13 36.81 50.72
N THR B 938 30.36 37.66 50.06
CA THR B 938 30.44 37.78 48.61
C THR B 938 30.34 39.23 48.19
N VAL B 939 30.99 39.54 47.08
CA VAL B 939 30.94 40.85 46.46
C VAL B 939 30.57 40.67 45.00
N TYR B 940 29.53 41.36 44.55
CA TYR B 940 29.09 41.32 43.17
C TYR B 940 29.55 42.56 42.44
N LEU B 941 29.77 42.41 41.14
CA LEU B 941 30.06 43.57 40.31
C LEU B 941 29.53 43.31 38.92
N ARG B 942 28.97 44.34 38.30
CA ARG B 942 28.67 44.23 36.88
C ARG B 942 28.63 45.63 36.28
N THR B 943 29.23 45.75 35.11
CA THR B 943 29.37 47.02 34.42
C THR B 943 29.02 46.80 32.95
N PRO B 944 28.63 47.86 32.24
CA PRO B 944 28.52 49.28 32.63
C PRO B 944 27.30 49.65 33.45
N PHE B 945 26.29 48.79 33.48
CA PHE B 945 25.04 49.11 34.16
C PHE B 945 25.19 48.80 35.64
N SER B 946 25.66 49.81 36.37
CA SER B 946 26.06 49.63 37.76
C SER B 946 24.85 49.30 38.62
N ALA B 947 25.10 48.55 39.69
CA ALA B 947 24.10 48.33 40.73
C ALA B 947 24.86 48.10 42.04
N GLY B 948 25.02 49.16 42.82
CA GLY B 948 25.77 49.05 44.06
C GLY B 948 25.70 50.33 44.85
N ASN B 949 25.61 50.17 46.17
CA ASN B 949 25.51 51.30 47.08
C ASN B 949 26.82 52.08 47.06
N ALA B 950 26.81 53.23 47.73
CA ALA B 950 28.00 54.08 47.77
C ALA B 950 28.32 54.37 49.22
N THR B 951 29.57 54.17 49.59
CA THR B 951 29.97 54.36 50.98
C THR B 951 30.14 55.84 51.32
N ALA C 2 44.35 50.55 29.27
CA ALA C 2 45.11 51.74 28.92
C ALA C 2 44.49 52.97 29.55
N THR C 3 43.42 52.79 30.30
CA THR C 3 42.84 53.88 31.06
C THR C 3 43.19 53.69 32.52
N PRO C 4 44.07 54.51 33.09
CA PRO C 4 44.57 54.22 34.44
C PRO C 4 43.50 54.19 35.51
N SER C 5 42.49 55.05 35.39
CA SER C 5 41.57 55.24 36.52
C SER C 5 40.85 53.96 36.88
N MET C 6 40.44 53.18 35.88
CA MET C 6 39.74 51.93 36.15
C MET C 6 40.70 50.78 36.42
N MET C 7 41.99 50.97 36.18
CA MET C 7 42.94 49.86 36.26
C MET C 7 42.90 49.10 37.58
N PRO C 8 42.76 49.73 38.75
CA PRO C 8 42.72 48.92 39.98
C PRO C 8 41.49 48.06 40.06
N GLN C 9 40.31 48.65 39.85
CA GLN C 9 39.06 47.93 40.07
C GLN C 9 39.00 46.66 39.24
N TRP C 10 39.22 46.78 37.93
CA TRP C 10 39.19 45.59 37.07
C TRP C 10 40.23 44.58 37.54
N SER C 11 41.37 45.06 38.01
CA SER C 11 42.39 44.14 38.50
C SER C 11 41.90 43.36 39.71
N TYR C 12 41.04 43.96 40.52
CA TYR C 12 40.56 43.25 41.70
C TYR C 12 39.65 42.11 41.32
N MET C 13 38.68 42.38 40.44
CA MET C 13 37.72 41.37 40.02
C MET C 13 38.21 40.56 38.83
N HIS C 14 39.50 40.62 38.53
CA HIS C 14 40.10 39.79 37.50
C HIS C 14 39.49 40.03 36.13
N ILE C 15 38.98 41.23 35.89
CA ILE C 15 38.52 41.54 34.54
C ILE C 15 39.71 41.67 33.61
N SER C 16 40.74 42.39 34.04
CA SER C 16 41.97 42.52 33.25
C SER C 16 43.16 42.40 34.19
N GLY C 17 44.11 41.53 33.82
CA GLY C 17 45.28 41.38 34.65
C GLY C 17 45.91 40.01 34.61
N GLN C 18 46.12 39.44 35.79
CA GLN C 18 46.92 38.23 35.92
C GLN C 18 46.05 36.98 35.77
N ASP C 19 46.48 36.08 34.89
CA ASP C 19 45.80 34.80 34.74
C ASP C 19 45.90 34.02 36.04
N ALA C 20 45.14 32.94 36.12
CA ALA C 20 45.07 32.18 37.37
C ALA C 20 46.40 31.53 37.74
N SER C 21 47.29 31.34 36.77
CA SER C 21 48.55 30.69 37.05
C SER C 21 49.46 31.52 37.93
N GLU C 22 49.14 32.79 38.16
CA GLU C 22 50.06 33.71 38.81
C GLU C 22 49.60 34.14 40.20
N TYR C 23 48.36 34.61 40.34
CA TYR C 23 47.98 35.28 41.57
C TYR C 23 47.56 34.33 42.68
N LEU C 24 47.97 33.06 42.62
CA LEU C 24 47.68 32.12 43.68
C LEU C 24 48.95 31.73 44.43
N SER C 25 48.78 31.37 45.69
CA SER C 25 49.90 30.83 46.44
C SER C 25 50.39 29.56 45.77
N PRO C 26 51.67 29.43 45.48
CA PRO C 26 52.14 28.36 44.59
C PRO C 26 51.81 26.96 45.06
N GLY C 27 51.71 26.73 46.38
CA GLY C 27 51.34 25.41 46.84
C GLY C 27 50.01 24.95 46.29
N LEU C 28 49.03 25.86 46.24
CA LEU C 28 47.74 25.52 45.67
C LEU C 28 47.86 25.19 44.19
N VAL C 29 48.69 25.93 43.47
CA VAL C 29 48.87 25.65 42.05
C VAL C 29 49.44 24.26 41.85
N GLN C 30 50.44 23.90 42.65
CA GLN C 30 50.97 22.55 42.60
C GLN C 30 49.87 21.54 42.86
N PHE C 31 49.05 21.79 43.88
CA PHE C 31 47.98 20.85 44.21
C PHE C 31 47.03 20.67 43.03
N ALA C 32 46.62 21.77 42.42
CA ALA C 32 45.68 21.70 41.31
C ALA C 32 46.27 20.92 40.15
N ARG C 33 47.50 21.25 39.75
CA ARG C 33 48.12 20.51 38.66
C ARG C 33 48.37 19.06 39.03
N ALA C 34 48.44 18.75 40.32
CA ALA C 34 48.61 17.36 40.72
C ALA C 34 47.32 16.59 40.55
N THR C 35 46.19 17.17 40.94
CA THR C 35 44.97 16.38 41.01
C THR C 35 43.95 16.72 39.94
N GLU C 36 44.40 16.99 38.71
CA GLU C 36 43.46 17.30 37.65
C GLU C 36 42.75 16.06 37.12
N THR C 37 43.32 14.87 37.32
CA THR C 37 42.77 13.69 36.68
C THR C 37 41.41 13.32 37.25
N TYR C 38 41.28 13.30 38.57
CA TYR C 38 40.04 12.85 39.19
C TYR C 38 39.24 13.93 39.88
N PHE C 39 39.88 14.96 40.44
CA PHE C 39 39.17 15.99 41.17
C PHE C 39 39.63 17.35 40.67
N SER C 40 39.03 17.83 39.59
CA SER C 40 39.50 19.04 38.95
C SER C 40 39.10 20.27 39.73
N LEU C 41 39.78 21.38 39.44
CA LEU C 41 39.49 22.66 40.04
C LEU C 41 39.62 23.79 39.04
N ASN C 42 39.46 23.50 37.74
CA ASN C 42 39.76 24.49 36.73
C ASN C 42 38.73 25.62 36.73
N ASN C 43 37.45 25.28 36.76
CA ASN C 43 36.42 26.29 36.54
C ASN C 43 36.15 27.15 37.76
N LYS C 44 36.76 26.86 38.90
CA LYS C 44 36.50 27.65 40.10
C LYS C 44 37.17 29.01 40.09
N PHE C 45 37.92 29.34 39.04
CA PHE C 45 38.62 30.61 38.97
C PHE C 45 38.41 31.22 37.60
N ARG C 46 39.08 32.33 37.33
CA ARG C 46 38.80 33.12 36.13
C ARG C 46 40.09 33.54 35.45
N ASN C 47 40.20 33.24 34.15
CA ASN C 47 41.39 33.55 33.35
C ASN C 47 41.04 34.61 32.32
N PRO C 48 41.15 35.89 32.64
CA PRO C 48 40.70 36.92 31.72
C PRO C 48 41.58 37.06 30.50
N THR C 49 41.01 37.66 29.46
CA THR C 49 41.73 38.01 28.24
C THR C 49 41.41 39.43 27.86
N VAL C 50 42.36 40.10 27.21
CA VAL C 50 42.18 41.48 26.78
C VAL C 50 42.78 41.64 25.40
N ALA C 51 42.06 42.31 24.52
CA ALA C 51 42.54 42.61 23.19
C ALA C 51 43.54 43.76 23.23
N PRO C 52 44.38 43.89 22.20
CA PRO C 52 45.31 45.02 22.16
C PRO C 52 44.55 46.32 21.99
N THR C 53 45.26 47.42 22.22
CA THR C 53 44.61 48.71 22.14
C THR C 53 45.49 49.77 21.49
N HIS C 54 46.48 49.36 20.71
CA HIS C 54 47.44 50.33 20.22
C HIS C 54 48.08 49.83 18.94
N ASP C 55 47.99 50.64 17.89
CA ASP C 55 48.64 50.37 16.61
C ASP C 55 48.22 49.02 16.03
N VAL C 56 46.90 48.84 15.90
CA VAL C 56 46.35 47.75 15.12
C VAL C 56 45.39 48.34 14.11
N THR C 57 44.44 49.12 14.61
CA THR C 57 43.36 49.68 13.80
C THR C 57 43.58 51.16 13.59
N THR C 58 43.46 51.60 12.34
CA THR C 58 43.57 53.03 12.07
C THR C 58 42.38 53.78 12.64
N ASP C 59 42.47 55.10 12.54
CA ASP C 59 41.34 55.96 12.83
C ASP C 59 41.24 57.11 11.85
N ARG C 60 41.68 56.88 10.61
CA ARG C 60 41.39 57.80 9.52
C ARG C 60 40.06 57.39 8.89
N SER C 61 39.77 57.92 7.70
CA SER C 61 38.55 57.58 6.97
C SER C 61 38.89 56.60 5.87
N GLN C 62 38.36 55.38 5.98
CA GLN C 62 38.66 54.35 5.00
C GLN C 62 37.56 53.30 5.04
N ARG C 63 37.12 52.86 3.86
CA ARG C 63 35.99 51.95 3.74
C ARG C 63 36.42 50.50 3.87
N LEU C 64 35.45 49.64 4.14
CA LEU C 64 35.69 48.21 4.25
C LEU C 64 35.48 47.46 2.94
N THR C 65 34.95 48.11 1.92
CA THR C 65 34.67 47.42 0.66
C THR C 65 34.72 48.44 -0.47
N LEU C 66 35.05 47.97 -1.65
CA LEU C 66 34.99 48.79 -2.84
C LEU C 66 34.33 48.05 -3.98
N ARG C 67 33.65 48.80 -4.83
CA ARG C 67 32.94 48.28 -5.98
C ARG C 67 33.50 48.94 -7.23
N PHE C 68 34.05 48.15 -8.13
CA PHE C 68 34.74 48.63 -9.31
C PHE C 68 33.87 48.43 -10.54
N ILE C 69 33.74 49.49 -11.33
CA ILE C 69 32.96 49.49 -12.56
C ILE C 69 33.90 49.24 -13.73
N PRO C 70 33.51 48.45 -14.72
CA PRO C 70 34.42 48.17 -15.83
C PRO C 70 34.80 49.45 -16.55
N VAL C 71 36.06 49.51 -16.97
CA VAL C 71 36.49 50.59 -17.83
C VAL C 71 36.36 50.18 -19.29
N ASP C 72 36.25 48.87 -19.55
CA ASP C 72 35.93 48.43 -20.89
C ASP C 72 35.13 47.15 -20.85
N ARG C 73 34.14 47.05 -21.73
CA ARG C 73 33.37 45.82 -21.91
C ARG C 73 33.09 45.60 -23.38
N GLU C 74 32.95 44.33 -23.75
CA GLU C 74 32.70 43.98 -25.14
C GLU C 74 31.88 42.71 -25.20
N ASP C 75 30.93 42.68 -26.14
CA ASP C 75 29.99 41.58 -26.30
C ASP C 75 30.06 41.04 -27.71
N THR C 76 29.81 39.74 -27.83
CA THR C 76 29.89 39.06 -29.12
C THR C 76 28.86 37.94 -29.13
N ALA C 77 28.99 37.01 -30.08
CA ALA C 77 28.02 35.94 -30.20
C ALA C 77 27.99 35.07 -28.95
N TYR C 78 29.14 34.71 -28.43
CA TYR C 78 29.19 33.81 -27.28
C TYR C 78 30.20 34.19 -26.21
N SER C 79 30.96 35.25 -26.41
CA SER C 79 32.03 35.61 -25.48
C SER C 79 31.83 37.04 -25.01
N TYR C 80 31.86 37.22 -23.70
CA TYR C 80 31.73 38.54 -23.09
C TYR C 80 33.04 38.85 -22.39
N LYS C 81 33.66 39.99 -22.73
CA LYS C 81 34.99 40.31 -22.24
C LYS C 81 34.94 41.59 -21.43
N ALA C 82 35.62 41.59 -20.28
CA ALA C 82 35.59 42.71 -19.36
C ALA C 82 36.99 43.10 -18.95
N ARG C 83 37.19 44.40 -18.71
CA ARG C 83 38.50 44.96 -18.39
C ARG C 83 38.34 46.04 -17.34
N PHE C 84 38.93 45.82 -16.16
CA PHE C 84 38.86 46.69 -15.01
C PHE C 84 40.21 47.28 -14.68
N THR C 85 40.19 48.47 -14.08
CA THR C 85 41.38 49.18 -13.62
C THR C 85 41.40 49.10 -12.09
N LEU C 86 41.99 48.03 -11.58
CA LEU C 86 42.04 47.84 -10.14
C LEU C 86 43.09 48.76 -9.53
N ALA C 87 42.81 49.25 -8.32
CA ALA C 87 43.73 50.15 -7.65
C ALA C 87 43.78 49.82 -6.17
N VAL C 88 44.95 50.00 -5.57
CA VAL C 88 45.14 49.82 -4.14
C VAL C 88 45.87 51.04 -3.62
N GLY C 89 45.20 51.82 -2.79
CA GLY C 89 45.79 53.02 -2.23
C GLY C 89 46.82 52.71 -1.16
N ASP C 90 47.63 53.71 -0.86
CA ASP C 90 48.76 53.53 0.03
C ASP C 90 48.28 53.14 1.42
N ASN C 91 49.21 52.60 2.21
CA ASN C 91 48.91 52.12 3.55
C ASN C 91 47.74 51.15 3.55
N ARG C 92 47.70 50.28 2.55
CA ARG C 92 46.65 49.28 2.45
C ARG C 92 47.24 48.00 1.89
N VAL C 93 46.56 46.89 2.15
CA VAL C 93 46.98 45.58 1.66
C VAL C 93 45.75 44.85 1.13
N LEU C 94 45.72 44.62 -0.17
CA LEU C 94 44.61 43.94 -0.81
C LEU C 94 44.90 42.46 -0.88
N ASP C 95 43.92 41.64 -0.53
CA ASP C 95 44.04 40.20 -0.58
C ASP C 95 43.13 39.67 -1.67
N MET C 96 43.58 38.63 -2.38
CA MET C 96 42.82 38.11 -3.50
C MET C 96 41.74 37.11 -3.08
N ALA C 97 41.75 36.65 -1.83
CA ALA C 97 40.70 35.74 -1.41
C ALA C 97 39.34 36.41 -1.35
N SER C 98 39.30 37.74 -1.31
CA SER C 98 38.06 38.48 -1.16
C SER C 98 37.70 39.23 -2.43
N THR C 99 37.88 38.60 -3.58
CA THR C 99 37.49 39.18 -4.85
C THR C 99 36.56 38.23 -5.58
N TYR C 100 35.57 38.79 -6.24
CA TYR C 100 34.64 38.00 -7.04
C TYR C 100 33.98 38.92 -8.05
N PHE C 101 33.39 38.32 -9.07
CA PHE C 101 32.69 39.09 -10.09
C PHE C 101 31.19 39.02 -9.85
N ASP C 102 30.51 40.15 -10.03
CA ASP C 102 29.06 40.19 -9.92
C ASP C 102 28.46 40.23 -11.31
N ILE C 103 27.45 39.38 -11.54
CA ILE C 103 26.80 39.27 -12.84
C ILE C 103 25.30 39.39 -12.64
N ARG C 104 24.66 40.19 -13.48
CA ARG C 104 23.21 40.29 -13.54
C ARG C 104 22.75 40.06 -14.97
N GLY C 105 21.67 39.31 -15.13
CA GLY C 105 21.20 39.06 -16.48
C GLY C 105 19.84 38.42 -16.51
N VAL C 106 19.45 38.01 -17.71
CA VAL C 106 18.14 37.45 -18.00
C VAL C 106 18.32 36.04 -18.55
N LEU C 107 17.61 35.08 -17.98
CA LEU C 107 17.76 33.67 -18.31
C LEU C 107 16.42 33.09 -18.75
N ASP C 108 16.46 32.30 -19.83
CA ASP C 108 15.30 31.61 -20.39
C ASP C 108 15.65 30.13 -20.46
N ARG C 109 15.17 29.38 -19.48
CA ARG C 109 15.55 27.98 -19.33
C ARG C 109 15.09 27.11 -20.49
N GLY C 110 14.14 27.58 -21.29
CA GLY C 110 13.65 26.81 -22.41
C GLY C 110 12.26 26.27 -22.19
N PRO C 111 11.65 25.78 -23.25
CA PRO C 111 10.27 25.29 -23.15
C PRO C 111 10.17 23.83 -22.73
N THR C 112 11.27 23.28 -22.23
CA THR C 112 11.24 21.91 -21.73
C THR C 112 11.79 21.86 -20.32
N PHE C 113 11.30 22.76 -19.48
CA PHE C 113 11.70 22.83 -18.08
C PHE C 113 10.57 22.25 -17.25
N LYS C 114 10.72 21.01 -16.79
CA LYS C 114 9.68 20.34 -16.00
C LYS C 114 10.30 19.84 -14.70
N PRO C 115 10.24 20.62 -13.63
CA PRO C 115 10.92 20.29 -12.39
C PRO C 115 10.12 19.45 -11.40
N TYR C 116 8.98 18.87 -11.77
CA TYR C 116 8.20 18.12 -10.81
C TYR C 116 7.79 16.77 -11.36
N SER C 117 7.67 15.80 -10.46
CA SER C 117 7.22 14.47 -10.83
C SER C 117 5.71 14.43 -10.95
N GLY C 118 5.21 13.73 -11.94
CA GLY C 118 3.79 13.70 -12.15
C GLY C 118 3.30 15.01 -12.72
N THR C 119 1.98 15.18 -12.69
CA THR C 119 1.33 16.36 -13.21
C THR C 119 0.45 16.98 -12.13
N ALA C 120 -0.15 18.12 -12.45
CA ALA C 120 -0.82 18.93 -11.45
C ALA C 120 -2.19 19.41 -11.95
N TYR C 121 -2.98 18.50 -12.51
CA TYR C 121 -4.32 18.86 -12.96
C TYR C 121 -5.21 17.63 -12.84
N ASN C 122 -6.10 17.64 -11.85
CA ASN C 122 -6.99 16.51 -11.61
C ASN C 122 -6.20 15.21 -11.51
N ALA C 123 -5.15 15.26 -10.71
CA ALA C 123 -4.29 14.08 -10.58
C ALA C 123 -5.05 12.88 -10.04
N LEU C 124 -6.07 13.12 -9.23
CA LEU C 124 -6.83 12.00 -8.69
C LEU C 124 -7.65 11.29 -9.74
N ALA C 125 -7.97 11.97 -10.84
CA ALA C 125 -8.89 11.40 -11.82
C ALA C 125 -8.30 10.12 -12.42
N PRO C 126 -9.11 9.10 -12.64
CA PRO C 126 -8.58 7.87 -13.22
C PRO C 126 -8.04 8.13 -14.60
N LYS C 127 -7.08 7.30 -15.01
CA LYS C 127 -6.33 7.54 -16.23
C LYS C 127 -7.06 7.10 -17.48
N GLY C 128 -8.38 6.91 -17.42
CA GLY C 128 -9.12 6.60 -18.62
C GLY C 128 -10.42 7.37 -18.77
N ALA C 129 -10.84 8.06 -17.73
CA ALA C 129 -12.16 8.67 -17.73
C ALA C 129 -12.18 9.85 -18.70
N PRO C 130 -13.07 9.87 -19.68
CA PRO C 130 -13.11 10.96 -20.64
C PRO C 130 -13.94 12.13 -20.13
N ASN C 131 -13.66 13.30 -20.71
CA ASN C 131 -14.45 14.47 -20.40
C ASN C 131 -15.85 14.32 -20.98
N PRO C 132 -16.84 14.94 -20.35
CA PRO C 132 -18.17 15.01 -20.97
C PRO C 132 -18.06 15.64 -22.36
N CYS C 133 -18.35 14.83 -23.37
CA CYS C 133 -18.09 15.22 -24.75
C CYS C 133 -19.33 14.96 -25.59
N GLU C 134 -19.23 15.24 -26.88
CA GLU C 134 -20.31 14.94 -27.81
C GLU C 134 -19.75 14.96 -29.22
N TRP C 135 -20.02 13.90 -29.97
CA TRP C 135 -19.40 13.75 -31.28
C TRP C 135 -20.41 13.38 -32.36
N ASP C 136 -19.91 13.08 -33.55
CA ASP C 136 -20.73 12.84 -34.72
C ASP C 136 -20.61 11.39 -35.18
N GLU C 137 -21.66 10.90 -35.81
CA GLU C 137 -21.72 9.53 -36.29
C GLU C 137 -22.60 9.50 -37.55
N ALA C 138 -22.79 8.31 -38.09
CA ALA C 138 -23.61 8.12 -39.27
C ALA C 138 -24.26 6.75 -39.29
N GLN C 164 -26.15 10.12 -40.13
CA GLN C 164 -25.36 11.30 -39.85
C GLN C 164 -26.01 12.11 -38.73
N LYS C 165 -25.66 11.80 -37.49
CA LYS C 165 -26.26 12.44 -36.33
C LYS C 165 -25.20 12.72 -35.27
N THR C 166 -25.67 13.12 -34.10
CA THR C 166 -24.81 13.57 -33.02
C THR C 166 -25.14 12.81 -31.74
N HIS C 167 -24.11 12.33 -31.06
CA HIS C 167 -24.26 11.64 -29.79
C HIS C 167 -23.59 12.45 -28.69
N VAL C 168 -24.08 12.30 -27.46
CA VAL C 168 -23.59 13.05 -26.32
C VAL C 168 -23.29 12.10 -25.18
N PHE C 169 -22.15 12.31 -24.51
CA PHE C 169 -21.79 11.62 -23.29
C PHE C 169 -21.63 12.68 -22.21
N GLY C 170 -22.47 12.62 -21.18
CA GLY C 170 -22.51 13.71 -20.21
C GLY C 170 -22.81 13.30 -18.79
N GLN C 171 -23.08 14.29 -17.94
CA GLN C 171 -23.30 14.06 -16.53
C GLN C 171 -24.00 15.29 -15.96
N ALA C 172 -24.59 15.13 -14.79
CA ALA C 172 -25.31 16.25 -14.18
C ALA C 172 -25.39 16.09 -12.67
N PRO C 173 -24.53 16.74 -11.93
CA PRO C 173 -24.52 16.56 -10.48
C PRO C 173 -25.45 17.49 -9.72
N TYR C 174 -25.75 18.66 -10.28
CA TYR C 174 -26.47 19.67 -9.50
C TYR C 174 -27.95 19.37 -9.43
N SER C 175 -28.52 19.56 -8.24
CA SER C 175 -29.94 19.39 -8.02
C SER C 175 -30.66 20.72 -8.16
N GLY C 176 -31.74 20.74 -8.93
CA GLY C 176 -32.52 21.93 -9.15
C GLY C 176 -33.86 21.89 -8.45
N ILE C 177 -34.79 22.70 -8.95
CA ILE C 177 -36.15 22.75 -8.40
C ILE C 177 -37.17 22.48 -9.50
N ASN C 178 -37.18 23.34 -10.50
CA ASN C 178 -38.15 23.25 -11.58
C ASN C 178 -37.57 23.87 -12.84
N ILE C 179 -37.76 23.20 -13.96
CA ILE C 179 -37.18 23.62 -15.22
C ILE C 179 -38.21 24.42 -16.00
N THR C 180 -37.73 25.21 -16.96
CA THR C 180 -38.59 25.92 -17.90
C THR C 180 -37.80 26.20 -19.16
N LYS C 181 -38.52 26.58 -20.21
CA LYS C 181 -37.84 27.01 -21.43
C LYS C 181 -36.93 28.19 -21.18
N GLU C 182 -37.17 28.94 -20.10
CA GLU C 182 -36.33 30.08 -19.77
C GLU C 182 -34.99 29.65 -19.19
N GLY C 183 -34.96 28.55 -18.44
CA GLY C 183 -33.73 28.10 -17.83
C GLY C 183 -33.96 27.06 -16.75
N ILE C 184 -33.17 27.10 -15.68
CA ILE C 184 -33.34 26.21 -14.55
C ILE C 184 -33.33 27.03 -13.28
N GLN C 185 -34.33 26.80 -12.42
CA GLN C 185 -34.46 27.57 -11.21
C GLN C 185 -33.39 27.20 -10.20
N ILE C 186 -32.90 28.21 -9.49
CA ILE C 186 -31.84 28.03 -8.50
C ILE C 186 -32.28 28.60 -7.16
N GLY C 187 -33.15 29.60 -7.20
CA GLY C 187 -33.54 30.28 -5.98
C GLY C 187 -34.80 31.09 -6.22
N VAL C 188 -35.26 31.74 -5.16
CA VAL C 188 -36.51 32.50 -5.20
C VAL C 188 -36.28 33.87 -4.58
N GLU C 189 -36.56 34.92 -5.34
CA GLU C 189 -36.54 36.29 -4.82
C GLU C 189 -37.98 36.77 -4.73
N GLY C 190 -38.55 36.65 -3.55
CA GLY C 190 -39.94 37.03 -3.37
C GLY C 190 -40.84 35.99 -3.98
N GLN C 191 -41.41 36.30 -5.13
CA GLN C 191 -42.14 35.31 -5.91
C GLN C 191 -41.55 35.07 -7.29
N THR C 192 -40.73 35.98 -7.79
CA THR C 192 -40.08 35.75 -9.07
C THR C 192 -39.06 34.64 -8.93
N PRO C 193 -39.13 33.58 -9.73
CA PRO C 193 -38.08 32.56 -9.67
C PRO C 193 -36.76 33.12 -10.16
N LYS C 194 -35.68 32.57 -9.61
CA LYS C 194 -34.33 32.96 -9.97
C LYS C 194 -33.67 31.85 -10.77
N TYR C 195 -32.79 32.23 -11.68
CA TYR C 195 -32.20 31.29 -12.61
C TYR C 195 -30.70 31.50 -12.72
N ALA C 196 -30.00 30.43 -13.04
CA ALA C 196 -28.54 30.43 -13.01
C ALA C 196 -27.98 31.34 -14.10
N ASP C 197 -26.83 31.94 -13.79
CA ASP C 197 -26.12 32.73 -14.79
C ASP C 197 -25.41 31.80 -15.74
N LYS C 198 -25.71 31.94 -17.03
CA LYS C 198 -25.22 31.00 -18.03
C LYS C 198 -23.71 31.04 -18.18
N THR C 199 -23.03 32.05 -17.65
CA THR C 199 -21.58 32.12 -17.79
C THR C 199 -20.89 31.08 -16.92
N PHE C 200 -21.30 30.97 -15.66
CA PHE C 200 -20.49 30.20 -14.72
C PHE C 200 -21.33 29.31 -13.80
N GLN C 201 -22.54 28.92 -14.21
CA GLN C 201 -23.35 28.11 -13.32
C GLN C 201 -23.97 26.96 -14.09
N PRO C 202 -24.19 25.82 -13.42
CA PRO C 202 -23.77 25.57 -12.06
C PRO C 202 -22.29 25.19 -12.02
N GLU C 203 -21.63 25.44 -10.90
CA GLU C 203 -20.21 25.18 -10.83
C GLU C 203 -19.95 23.68 -10.83
N PRO C 204 -18.93 23.22 -11.56
CA PRO C 204 -18.68 21.78 -11.66
C PRO C 204 -18.39 21.11 -10.33
N GLN C 205 -17.93 21.85 -9.33
CA GLN C 205 -17.53 21.29 -8.06
C GLN C 205 -18.60 21.46 -6.98
N ILE C 206 -19.87 21.49 -7.36
CA ILE C 206 -20.95 21.59 -6.40
C ILE C 206 -21.93 20.45 -6.67
N GLY C 207 -22.34 19.77 -5.60
CA GLY C 207 -23.29 18.69 -5.75
C GLY C 207 -23.93 18.37 -4.41
N GLU C 208 -24.85 17.40 -4.45
CA GLU C 208 -25.49 16.95 -3.22
C GLU C 208 -24.46 16.32 -2.30
N SER C 209 -24.57 16.63 -1.01
CA SER C 209 -23.64 16.10 -0.03
C SER C 209 -24.07 14.76 0.54
N GLN C 210 -25.37 14.55 0.70
CA GLN C 210 -25.87 13.30 1.27
C GLN C 210 -25.47 12.13 0.40
N TRP C 211 -25.12 11.02 1.05
CA TRP C 211 -24.61 9.86 0.33
C TRP C 211 -25.70 8.91 -0.11
N TYR C 212 -26.65 8.60 0.78
CA TYR C 212 -27.73 7.68 0.43
C TYR C 212 -28.63 8.33 -0.60
N GLU C 213 -28.77 7.68 -1.75
CA GLU C 213 -29.45 8.30 -2.88
C GLU C 213 -30.92 8.55 -2.56
N THR C 214 -31.45 9.61 -3.16
CA THR C 214 -32.85 9.97 -3.00
C THR C 214 -33.40 10.33 -4.38
N GLU C 215 -34.59 10.89 -4.41
CA GLU C 215 -35.22 11.30 -5.65
C GLU C 215 -34.72 12.67 -6.07
N ILE C 216 -34.44 12.83 -7.36
CA ILE C 216 -34.14 14.13 -7.95
C ILE C 216 -34.82 14.20 -9.30
N ASN C 217 -35.19 15.42 -9.69
CA ASN C 217 -36.01 15.60 -10.88
C ASN C 217 -35.55 16.71 -11.80
N HIS C 218 -34.65 17.59 -11.40
CA HIS C 218 -34.31 18.77 -12.19
C HIS C 218 -32.80 19.00 -12.21
N ALA C 219 -32.05 17.95 -12.53
CA ALA C 219 -30.60 18.04 -12.53
C ALA C 219 -30.06 18.82 -13.72
N ALA C 220 -28.85 19.34 -13.56
CA ALA C 220 -28.17 20.11 -14.59
C ALA C 220 -26.70 19.77 -14.61
N GLY C 221 -26.07 20.04 -15.77
CA GLY C 221 -24.66 19.77 -15.95
C GLY C 221 -24.08 20.60 -17.07
N ARG C 222 -22.78 20.43 -17.30
CA ARG C 222 -22.05 21.15 -18.34
C ARG C 222 -21.39 20.17 -19.30
N VAL C 223 -21.11 20.63 -20.51
CA VAL C 223 -20.52 19.80 -21.55
C VAL C 223 -19.94 20.69 -22.63
N LEU C 224 -19.03 20.14 -23.42
CA LEU C 224 -18.31 20.87 -24.46
C LEU C 224 -18.85 20.48 -25.83
N LYS C 225 -19.03 21.48 -26.69
CA LYS C 225 -19.57 21.21 -28.02
C LYS C 225 -18.54 20.45 -28.86
N LYS C 226 -19.00 19.93 -30.00
CA LYS C 226 -18.18 19.07 -30.82
C LYS C 226 -17.00 19.79 -31.45
N THR C 227 -16.98 21.12 -31.40
CA THR C 227 -15.90 21.86 -32.07
C THR C 227 -14.55 21.62 -31.40
N THR C 228 -14.50 21.74 -30.08
CA THR C 228 -13.24 21.58 -29.38
C THR C 228 -12.80 20.12 -29.39
N PRO C 229 -11.53 19.84 -29.65
CA PRO C 229 -11.07 18.45 -29.67
C PRO C 229 -11.17 17.81 -28.30
N MET C 230 -11.31 16.49 -28.29
CA MET C 230 -11.49 15.74 -27.06
C MET C 230 -10.16 15.28 -26.49
N LYS C 231 -10.05 15.34 -25.18
CA LYS C 231 -8.89 14.87 -24.44
C LYS C 231 -9.38 14.19 -23.18
N PRO C 232 -8.58 13.30 -22.60
CA PRO C 232 -8.96 12.70 -21.32
C PRO C 232 -8.91 13.72 -20.20
N CYS C 233 -9.63 13.42 -19.13
CA CYS C 233 -9.73 14.35 -18.00
C CYS C 233 -8.38 14.57 -17.36
N TYR C 234 -7.48 13.61 -17.45
CA TYR C 234 -6.14 13.75 -16.89
C TYR C 234 -5.45 14.98 -17.48
N GLY C 235 -4.89 15.82 -16.61
CA GLY C 235 -4.18 16.99 -17.06
C GLY C 235 -4.93 17.83 -18.07
N SER C 236 -6.02 18.46 -17.65
CA SER C 236 -6.87 19.24 -18.55
C SER C 236 -6.96 20.66 -18.03
N TYR C 237 -6.66 21.63 -18.90
CA TYR C 237 -6.55 23.02 -18.50
C TYR C 237 -7.36 23.89 -19.45
N ALA C 238 -7.82 25.02 -18.93
CA ALA C 238 -8.54 26.00 -19.74
C ALA C 238 -8.51 27.33 -19.01
N LYS C 239 -8.01 28.35 -19.65
CA LYS C 239 -7.82 29.63 -18.99
C LYS C 239 -9.17 30.19 -18.54
N PRO C 240 -9.32 30.62 -17.29
CA PRO C 240 -10.53 31.33 -16.90
C PRO C 240 -10.64 32.66 -17.61
N THR C 241 -11.89 33.09 -17.85
CA THR C 241 -12.13 34.27 -18.66
C THR C 241 -13.10 35.25 -18.01
N ASN C 242 -13.30 35.15 -16.70
CA ASN C 242 -14.09 36.14 -15.97
C ASN C 242 -13.90 35.95 -14.48
N GLU C 243 -13.94 37.06 -13.75
CA GLU C 243 -13.63 37.05 -12.33
C GLU C 243 -14.48 36.05 -11.56
N ASN C 244 -15.71 35.81 -12.01
CA ASN C 244 -16.55 34.82 -11.35
C ASN C 244 -15.90 33.45 -11.35
N GLY C 245 -15.16 33.13 -12.41
CA GLY C 245 -14.45 31.87 -12.49
C GLY C 245 -14.87 30.97 -13.62
N GLY C 246 -15.77 31.38 -14.49
CA GLY C 246 -16.14 30.54 -15.60
C GLY C 246 -15.15 30.62 -16.74
N GLN C 247 -15.18 29.58 -17.58
CA GLN C 247 -14.36 29.52 -18.76
C GLN C 247 -15.25 29.36 -19.98
N GLY C 248 -14.97 30.13 -21.02
CA GLY C 248 -15.75 30.04 -22.24
C GLY C 248 -15.18 30.93 -23.31
N ILE C 249 -15.05 30.41 -24.53
CA ILE C 249 -14.38 31.17 -25.58
C ILE C 249 -15.19 32.41 -25.89
N LEU C 250 -14.65 33.58 -25.57
CA LEU C 250 -15.27 34.81 -25.99
C LEU C 250 -15.10 35.01 -27.49
N VAL C 251 -16.07 35.70 -28.09
CA VAL C 251 -15.99 36.06 -29.49
C VAL C 251 -16.45 37.50 -29.63
N LYS C 252 -16.12 38.11 -30.76
CA LYS C 252 -16.51 39.47 -31.04
C LYS C 252 -17.93 39.46 -31.61
N GLN C 253 -18.86 40.01 -30.85
CA GLN C 253 -20.24 40.07 -31.30
C GLN C 253 -20.36 40.94 -32.54
N GLN C 254 -21.39 40.68 -33.34
CA GLN C 254 -21.57 41.42 -34.59
C GLN C 254 -21.59 42.93 -34.34
N ASN C 255 -22.40 43.37 -33.37
CA ASN C 255 -22.23 44.71 -32.84
C ASN C 255 -20.96 44.75 -32.00
N GLY C 256 -20.21 45.84 -32.11
CA GLY C 256 -18.90 45.90 -31.52
C GLY C 256 -18.90 45.67 -30.03
N LYS C 257 -18.49 44.48 -29.63
CA LYS C 257 -18.48 44.00 -28.25
C LYS C 257 -17.89 42.59 -28.23
N LEU C 258 -17.70 42.07 -27.02
CA LEU C 258 -17.24 40.71 -26.81
C LEU C 258 -18.26 39.97 -25.96
N GLU C 259 -18.55 38.73 -26.30
CA GLU C 259 -19.62 38.01 -25.62
C GLU C 259 -19.39 36.51 -25.77
N SER C 260 -20.04 35.74 -24.90
CA SER C 260 -19.90 34.30 -24.88
C SER C 260 -20.94 33.64 -25.78
N GLN C 261 -20.78 32.34 -26.02
CA GLN C 261 -21.71 31.58 -26.85
C GLN C 261 -21.93 30.24 -26.16
N VAL C 262 -23.06 30.09 -25.49
CA VAL C 262 -23.42 28.85 -24.82
C VAL C 262 -24.82 28.46 -25.27
N GLU C 263 -25.09 27.16 -25.27
CA GLU C 263 -26.41 26.66 -25.64
C GLU C 263 -26.96 25.76 -24.55
N MET C 264 -28.28 25.63 -24.52
CA MET C 264 -28.95 24.86 -23.49
C MET C 264 -29.72 23.70 -24.12
N GLN C 265 -29.53 22.51 -23.57
CA GLN C 265 -30.21 21.31 -24.04
C GLN C 265 -31.03 20.71 -22.92
N PHE C 266 -32.15 20.08 -23.30
CA PHE C 266 -33.11 19.56 -22.35
C PHE C 266 -33.47 18.13 -22.71
N PHE C 267 -33.59 17.28 -21.70
CA PHE C 267 -33.85 15.86 -21.92
C PHE C 267 -34.91 15.36 -20.95
N SER C 268 -35.69 14.40 -21.41
CA SER C 268 -36.71 13.74 -20.61
C SER C 268 -36.61 12.23 -20.82
N THR C 269 -37.28 11.49 -19.97
CA THR C 269 -37.17 10.05 -20.05
C THR C 269 -37.67 9.54 -21.37
N THR C 270 -37.06 8.46 -21.83
CA THR C 270 -37.44 7.91 -23.10
C THR C 270 -38.89 7.52 -23.06
N GLU C 271 -39.18 6.39 -22.44
CA GLU C 271 -40.56 5.92 -22.37
C GLU C 271 -41.51 7.07 -22.20
N ALA C 272 -41.13 8.04 -21.40
CA ALA C 272 -41.95 9.19 -21.21
C ALA C 272 -42.10 9.96 -22.48
N THR C 273 -41.78 9.34 -23.61
CA THR C 273 -42.00 10.00 -24.87
C THR C 273 -42.96 9.17 -25.68
N ALA C 274 -43.56 8.17 -25.04
CA ALA C 274 -44.58 7.38 -25.71
C ALA C 274 -45.91 7.81 -25.17
N GLY C 275 -46.17 9.11 -25.21
CA GLY C 275 -47.44 9.63 -24.69
C GLY C 275 -47.63 11.07 -25.11
N ASN C 276 -48.87 11.53 -25.12
CA ASN C 276 -49.15 12.91 -25.49
C ASN C 276 -48.22 13.88 -24.80
N GLY C 277 -48.00 15.02 -25.42
CA GLY C 277 -47.18 16.02 -24.78
C GLY C 277 -47.88 16.53 -23.54
N ASP C 278 -48.75 15.71 -22.96
CA ASP C 278 -49.44 16.10 -21.74
C ASP C 278 -48.51 16.81 -20.79
N ASN C 279 -47.22 16.56 -20.92
CA ASN C 279 -46.23 17.19 -20.04
C ASN C 279 -44.85 17.17 -20.65
N LEU C 280 -44.35 15.98 -20.88
CA LEU C 280 -43.04 15.88 -21.43
C LEU C 280 -42.13 16.82 -20.67
N THR C 281 -42.47 17.15 -19.42
CA THR C 281 -41.61 18.11 -18.77
C THR C 281 -40.15 17.68 -18.89
N PRO C 282 -39.26 18.58 -19.30
CA PRO C 282 -37.84 18.23 -19.34
C PRO C 282 -37.33 17.87 -17.95
N LYS C 283 -36.40 16.92 -17.92
CA LYS C 283 -35.87 16.44 -16.65
C LYS C 283 -34.42 16.84 -16.41
N VAL C 284 -33.59 16.87 -17.44
CA VAL C 284 -32.17 17.13 -17.28
C VAL C 284 -31.76 18.26 -18.21
N VAL C 285 -30.96 19.19 -17.70
CA VAL C 285 -30.52 20.35 -18.47
C VAL C 285 -29.00 20.30 -18.61
N LEU C 286 -28.53 20.56 -19.82
CA LEU C 286 -27.10 20.63 -20.08
C LEU C 286 -26.76 21.99 -20.67
N TYR C 287 -25.57 22.45 -20.41
CA TYR C 287 -25.17 23.64 -21.06
C TYR C 287 -24.04 23.11 -21.90
N SER C 288 -23.93 23.61 -23.11
CA SER C 288 -22.87 23.19 -23.99
C SER C 288 -21.90 24.31 -24.17
N GLU C 289 -20.62 24.01 -24.29
CA GLU C 289 -19.65 25.08 -24.36
C GLU C 289 -18.56 24.70 -25.28
N ASP C 290 -17.50 25.49 -25.28
CA ASP C 290 -16.34 25.20 -26.10
C ASP C 290 -15.20 25.91 -25.42
N VAL C 291 -14.11 25.22 -25.10
CA VAL C 291 -13.08 25.87 -24.33
C VAL C 291 -11.72 25.56 -24.92
N ASP C 292 -10.70 26.44 -24.76
CA ASP C 292 -9.48 26.04 -25.44
C ASP C 292 -8.70 25.11 -24.52
N ILE C 293 -9.08 23.84 -24.55
CA ILE C 293 -8.40 22.84 -23.75
C ILE C 293 -6.99 22.63 -24.29
N GLU C 294 -6.06 22.29 -23.41
CA GLU C 294 -4.71 21.94 -23.81
C GLU C 294 -4.05 21.17 -22.68
N THR C 295 -3.09 20.33 -23.04
CA THR C 295 -2.31 19.58 -22.07
C THR C 295 -0.92 20.18 -21.98
N PRO C 296 -0.55 20.80 -20.89
CA PRO C 296 0.75 21.46 -20.83
C PRO C 296 1.88 20.53 -20.45
N ASP C 297 1.56 19.38 -19.84
CA ASP C 297 2.61 18.53 -19.31
C ASP C 297 2.42 17.04 -19.52
N THR C 298 1.39 16.61 -20.24
CA THR C 298 1.14 15.18 -20.42
C THR C 298 0.97 14.88 -21.89
N HIS C 299 1.19 13.62 -22.25
CA HIS C 299 1.11 13.18 -23.63
C HIS C 299 0.29 11.92 -23.75
N ILE C 300 -0.32 11.74 -24.92
CA ILE C 300 -1.15 10.56 -25.17
C ILE C 300 -0.26 9.33 -25.22
N SER C 301 -0.64 8.29 -24.50
CA SER C 301 0.10 7.04 -24.52
C SER C 301 -0.58 5.95 -25.32
N TYR C 302 -1.71 6.25 -25.96
CA TYR C 302 -2.44 5.24 -26.72
C TYR C 302 -3.37 5.93 -27.69
N MET C 303 -3.14 5.75 -28.98
CA MET C 303 -4.03 6.25 -30.02
C MET C 303 -4.63 5.07 -30.75
N PRO C 304 -5.91 4.76 -30.54
CA PRO C 304 -6.46 3.51 -31.11
C PRO C 304 -6.40 3.46 -32.62
N THR C 305 -6.56 4.59 -33.31
CA THR C 305 -6.61 4.58 -34.76
C THR C 305 -6.25 5.96 -35.29
N ILE C 306 -5.47 5.99 -36.36
CA ILE C 306 -4.93 7.22 -36.89
C ILE C 306 -6.01 8.15 -37.42
N LYS C 307 -7.26 7.69 -37.51
CA LYS C 307 -8.32 8.52 -38.06
C LYS C 307 -8.51 9.77 -37.23
N GLU C 308 -8.15 10.92 -37.79
CA GLU C 308 -8.20 12.19 -37.08
C GLU C 308 -9.63 12.71 -37.03
N GLY C 309 -9.81 13.85 -36.37
CA GLY C 309 -11.13 14.40 -36.16
C GLY C 309 -11.84 13.75 -34.99
N ASN C 310 -12.99 14.30 -34.64
CA ASN C 310 -13.78 13.75 -33.54
C ASN C 310 -14.56 12.54 -34.02
N SER C 311 -14.41 11.43 -33.31
CA SER C 311 -15.10 10.20 -33.68
C SER C 311 -15.25 9.35 -32.43
N ARG C 312 -16.13 8.35 -32.53
CA ARG C 312 -16.44 7.53 -31.37
C ARG C 312 -15.24 6.74 -30.89
N GLU C 313 -14.28 6.46 -31.78
CA GLU C 313 -13.12 5.66 -31.39
C GLU C 313 -12.28 6.39 -30.35
N LEU C 314 -12.05 7.70 -30.55
CA LEU C 314 -11.07 8.43 -29.77
C LEU C 314 -11.28 8.30 -28.28
N MET C 315 -12.47 7.86 -27.84
CA MET C 315 -12.71 7.78 -26.41
C MET C 315 -11.86 6.72 -25.73
N GLY C 316 -11.18 5.87 -26.47
CA GLY C 316 -10.35 4.91 -25.79
C GLY C 316 -9.00 5.40 -25.34
N GLN C 317 -8.65 6.65 -25.62
CA GLN C 317 -7.29 7.13 -25.41
C GLN C 317 -6.96 7.25 -23.92
N GLN C 318 -5.67 7.18 -23.62
CA GLN C 318 -5.15 7.33 -22.28
C GLN C 318 -3.95 8.27 -22.30
N SER C 319 -3.67 8.90 -21.17
CA SER C 319 -2.64 9.91 -21.07
C SER C 319 -1.63 9.57 -19.99
N MET C 320 -0.39 10.02 -20.18
CA MET C 320 0.72 9.77 -19.29
C MET C 320 1.48 11.07 -19.02
N PRO C 321 1.92 11.29 -17.78
CA PRO C 321 2.66 12.52 -17.48
C PRO C 321 4.05 12.50 -18.09
N ASN C 322 4.58 13.69 -18.36
CA ASN C 322 5.92 13.81 -18.91
C ASN C 322 6.97 13.54 -17.84
N ARG C 323 8.16 13.15 -18.30
CA ARG C 323 9.24 12.85 -17.39
C ARG C 323 9.70 14.12 -16.69
N PRO C 324 10.15 14.01 -15.45
CA PRO C 324 10.75 15.16 -14.78
C PRO C 324 12.07 15.53 -15.44
N ASN C 325 12.40 16.82 -15.40
CA ASN C 325 13.61 17.29 -16.06
C ASN C 325 14.02 18.61 -15.43
N TYR C 326 15.13 18.61 -14.70
CA TYR C 326 15.63 19.82 -14.08
C TYR C 326 16.62 20.52 -15.00
N ILE C 327 17.04 21.72 -14.57
CA ILE C 327 18.05 22.49 -15.27
C ILE C 327 18.52 23.59 -14.34
N ALA C 328 19.82 23.90 -14.37
CA ALA C 328 20.37 24.91 -13.46
C ALA C 328 21.77 25.30 -13.90
N PHE C 329 22.44 26.08 -13.05
CA PHE C 329 23.86 26.33 -13.17
C PHE C 329 24.66 25.20 -12.55
N ARG C 330 25.84 24.95 -13.10
CA ARG C 330 26.63 23.81 -12.67
C ARG C 330 27.17 24.04 -11.27
N ASP C 331 27.96 23.07 -10.80
CA ASP C 331 28.63 23.22 -9.52
C ASP C 331 29.71 24.27 -9.61
N ASN C 332 29.71 25.22 -8.68
CA ASN C 332 30.73 26.27 -8.61
C ASN C 332 30.84 27.04 -9.91
N PHE C 333 29.78 27.04 -10.71
CA PHE C 333 29.72 27.85 -11.93
C PHE C 333 30.78 27.44 -12.94
N ILE C 334 31.08 26.14 -12.99
CA ILE C 334 32.10 25.65 -13.92
C ILE C 334 31.73 26.05 -15.34
N GLY C 335 32.71 26.54 -16.07
CA GLY C 335 32.52 26.89 -17.47
C GLY C 335 32.06 28.30 -17.71
N LEU C 336 31.59 29.00 -16.67
CA LEU C 336 31.13 30.36 -16.86
C LEU C 336 32.27 31.27 -17.30
N MET C 337 33.43 31.12 -16.69
CA MET C 337 34.59 31.93 -17.00
C MET C 337 35.65 31.07 -17.66
N TYR C 338 36.32 31.64 -18.66
CA TYR C 338 37.26 30.88 -19.45
C TYR C 338 38.44 30.42 -18.60
N TYR C 339 39.02 29.29 -19.00
CA TYR C 339 40.16 28.72 -18.30
C TYR C 339 40.97 27.89 -19.28
N ASN C 340 42.30 27.93 -19.12
CA ASN C 340 43.21 27.04 -19.84
C ASN C 340 42.98 27.09 -21.35
N SER C 341 43.16 28.28 -21.93
CA SER C 341 43.07 28.42 -23.37
C SER C 341 43.81 29.70 -23.77
N THR C 342 44.93 29.55 -24.46
CA THR C 342 45.71 30.72 -24.83
C THR C 342 44.93 31.68 -25.70
N GLY C 343 43.85 31.21 -26.34
CA GLY C 343 43.07 32.09 -27.19
C GLY C 343 42.42 33.22 -26.42
N ASN C 344 42.00 32.95 -25.19
CA ASN C 344 41.28 33.93 -24.39
C ASN C 344 41.78 33.93 -22.96
N MET C 345 43.09 33.86 -22.78
CA MET C 345 43.66 33.85 -21.44
C MET C 345 43.45 35.19 -20.75
N GLY C 346 43.12 35.13 -19.47
CA GLY C 346 42.93 36.34 -18.70
C GLY C 346 44.24 36.98 -18.28
N VAL C 347 44.19 38.27 -17.96
CA VAL C 347 45.40 39.04 -17.75
C VAL C 347 45.27 39.86 -16.48
N LEU C 348 46.23 39.69 -15.57
CA LEU C 348 46.43 40.57 -14.42
C LEU C 348 47.83 41.14 -14.54
N ALA C 349 47.96 42.46 -14.53
CA ALA C 349 49.27 43.04 -14.81
C ALA C 349 49.43 44.37 -14.12
N GLY C 350 50.70 44.77 -13.97
CA GLY C 350 50.98 46.11 -13.50
C GLY C 350 50.55 47.13 -14.52
N GLN C 351 50.03 48.26 -14.03
CA GLN C 351 49.36 49.20 -14.91
C GLN C 351 50.31 49.73 -15.98
N ALA C 352 51.45 50.28 -15.55
CA ALA C 352 52.36 50.88 -16.52
C ALA C 352 53.14 49.81 -17.27
N SER C 353 53.60 48.78 -16.58
CA SER C 353 54.44 47.79 -17.20
C SER C 353 53.69 46.95 -18.22
N GLN C 354 52.41 46.67 -17.97
CA GLN C 354 51.62 45.80 -18.84
C GLN C 354 52.32 44.47 -19.08
N LEU C 355 52.91 43.92 -18.02
CA LEU C 355 53.56 42.63 -18.09
C LEU C 355 52.62 41.57 -17.55
N ASN C 356 52.28 40.59 -18.39
CA ASN C 356 51.34 39.56 -17.97
C ASN C 356 51.90 38.76 -16.80
N ALA C 357 51.06 38.54 -15.79
CA ALA C 357 51.46 37.78 -14.62
C ALA C 357 50.93 36.36 -14.62
N VAL C 358 50.05 36.01 -15.55
CA VAL C 358 49.44 34.69 -15.60
C VAL C 358 49.85 34.02 -16.90
N VAL C 359 50.34 32.80 -16.80
CA VAL C 359 50.67 31.99 -17.96
C VAL C 359 49.91 30.68 -17.82
N ASP C 360 49.28 30.25 -18.91
CA ASP C 360 48.51 29.03 -18.88
C ASP C 360 48.91 28.10 -20.01
N LEU C 361 48.89 26.81 -19.73
CA LEU C 361 49.23 25.79 -20.69
C LEU C 361 47.98 25.00 -21.04
N GLN C 362 47.88 24.49 -22.27
CA GLN C 362 46.69 23.67 -22.66
C GLN C 362 46.75 22.17 -22.54
N ASP C 363 46.97 21.69 -21.35
CA ASP C 363 46.94 20.28 -21.14
C ASP C 363 46.97 20.26 -19.66
N ARG C 364 46.47 21.31 -19.06
CA ARG C 364 46.35 21.38 -17.64
C ARG C 364 44.88 21.62 -17.42
N ASN C 365 44.16 20.71 -16.77
CA ASN C 365 42.73 20.94 -16.65
C ASN C 365 42.50 21.58 -15.30
N THR C 366 42.30 22.89 -15.27
CA THR C 366 42.17 23.60 -14.02
C THR C 366 40.99 23.18 -13.27
N GLU C 367 40.03 22.59 -13.93
CA GLU C 367 38.81 22.31 -13.25
C GLU C 367 38.80 21.07 -12.40
N LEU C 368 39.24 19.95 -12.89
CA LEU C 368 39.19 18.81 -12.01
C LEU C 368 39.86 19.31 -10.77
N SER C 369 40.58 20.42 -10.85
CA SER C 369 41.35 20.88 -9.72
C SER C 369 40.57 21.47 -8.62
N TYR C 370 39.83 22.51 -8.91
CA TYR C 370 39.19 23.15 -7.80
C TYR C 370 38.42 22.02 -7.22
N GLN C 371 37.94 21.12 -8.06
CA GLN C 371 37.10 20.08 -7.54
C GLN C 371 37.78 19.30 -6.44
N LEU C 372 38.84 18.59 -6.76
CA LEU C 372 39.43 17.79 -5.72
C LEU C 372 39.96 18.64 -4.54
N LEU C 373 40.38 19.87 -4.80
CA LEU C 373 40.97 20.63 -3.69
C LEU C 373 39.91 20.96 -2.70
N LEU C 374 38.73 21.23 -3.20
CA LEU C 374 37.64 21.54 -2.31
C LEU C 374 37.35 20.27 -1.61
N ASP C 375 37.19 19.21 -2.35
CA ASP C 375 37.00 17.96 -1.67
C ASP C 375 37.78 17.96 -0.43
N SER C 376 39.09 18.01 -0.55
CA SER C 376 39.94 17.81 0.66
C SER C 376 39.86 18.80 1.80
N ILE C 377 40.28 20.01 1.53
CA ILE C 377 40.30 21.00 2.58
C ILE C 377 38.92 21.31 3.12
N GLY C 378 38.07 20.31 3.29
CA GLY C 378 36.74 20.53 3.84
C GLY C 378 35.69 19.43 3.68
N ASP C 379 34.40 19.75 3.85
CA ASP C 379 33.33 18.75 3.71
C ASP C 379 32.39 19.11 2.61
N ARG C 380 32.43 18.39 1.51
CA ARG C 380 31.59 18.74 0.37
C ARG C 380 30.15 18.32 0.60
N THR C 381 29.92 17.38 1.48
CA THR C 381 28.55 16.92 1.65
C THR C 381 27.59 18.05 1.92
N ARG C 382 28.04 19.19 2.42
CA ARG C 382 27.07 20.22 2.73
C ARG C 382 26.98 21.20 1.59
N TYR C 383 25.97 22.05 1.60
CA TYR C 383 25.76 22.95 0.48
C TYR C 383 25.87 24.36 0.92
N PHE C 384 26.26 25.25 0.03
CA PHE C 384 26.45 26.63 0.40
C PHE C 384 25.93 27.41 -0.72
N SER C 385 25.42 28.58 -0.42
CA SER C 385 24.76 29.24 -1.54
C SER C 385 25.66 30.22 -2.26
N MET C 386 26.40 31.05 -1.52
CA MET C 386 27.08 32.20 -2.11
C MET C 386 27.92 31.82 -3.32
N TRP C 387 28.61 30.68 -3.25
CA TRP C 387 29.31 30.15 -4.41
C TRP C 387 28.52 29.05 -5.09
N ASN C 388 27.24 28.90 -4.77
CA ASN C 388 26.44 27.81 -5.30
C ASN C 388 27.11 26.47 -5.04
N GLN C 389 27.67 26.34 -3.83
CA GLN C 389 28.46 25.18 -3.48
C GLN C 389 27.53 24.01 -3.18
N ALA C 390 27.48 23.07 -4.10
CA ALA C 390 26.73 21.83 -3.91
C ALA C 390 27.48 20.73 -4.65
N VAL C 391 27.17 19.48 -4.33
CA VAL C 391 27.92 18.35 -4.83
C VAL C 391 26.99 17.43 -5.60
N ASP C 392 27.37 17.11 -6.83
CA ASP C 392 26.62 16.12 -7.59
C ASP C 392 26.75 14.77 -6.92
N SER C 393 25.62 14.10 -6.72
CA SER C 393 25.63 12.82 -6.02
C SER C 393 24.34 12.08 -6.33
N TYR C 394 24.46 10.79 -6.55
CA TYR C 394 23.28 9.99 -6.84
C TYR C 394 22.68 9.46 -5.55
N ASP C 395 21.54 8.80 -5.68
CA ASP C 395 20.93 8.17 -4.54
C ASP C 395 21.58 6.82 -4.26
N PRO C 396 21.90 6.51 -3.01
CA PRO C 396 22.62 5.26 -2.73
C PRO C 396 21.80 4.02 -3.02
N ASP C 397 20.49 4.14 -3.18
CA ASP C 397 19.63 2.97 -3.37
C ASP C 397 19.12 2.81 -4.79
N VAL C 398 19.50 3.70 -5.70
CA VAL C 398 19.12 3.54 -7.10
C VAL C 398 20.11 2.63 -7.81
N ARG C 399 21.40 2.94 -7.70
CA ARG C 399 22.42 2.23 -8.46
C ARG C 399 22.46 0.76 -8.09
N ILE C 400 22.34 0.45 -6.81
CA ILE C 400 22.31 -0.92 -6.32
C ILE C 400 20.90 -1.21 -5.85
N ILE C 401 20.36 -2.35 -6.26
CA ILE C 401 18.97 -2.70 -5.99
C ILE C 401 18.97 -3.64 -4.80
N GLU C 402 18.86 -3.06 -3.60
CA GLU C 402 18.83 -3.85 -2.37
C GLU C 402 17.41 -4.35 -2.16
N ASN C 403 17.03 -5.34 -2.98
CA ASN C 403 15.63 -5.74 -3.12
C ASN C 403 15.24 -6.80 -2.12
N HIS C 404 14.18 -6.53 -1.36
CA HIS C 404 13.75 -7.41 -0.28
C HIS C 404 12.43 -8.10 -0.52
N GLY C 405 11.67 -7.70 -1.53
CA GLY C 405 10.29 -8.13 -1.62
C GLY C 405 9.41 -7.12 -0.93
N THR C 406 8.41 -7.57 -0.19
CA THR C 406 7.54 -6.65 0.52
C THR C 406 6.82 -7.39 1.64
N GLU C 407 6.20 -6.60 2.52
CA GLU C 407 5.57 -7.13 3.73
C GLU C 407 4.06 -6.93 3.61
N ASP C 408 3.40 -7.92 3.02
CA ASP C 408 1.99 -7.82 2.66
C ASP C 408 1.24 -9.10 3.03
N GLU C 409 1.42 -9.57 4.26
CA GLU C 409 0.71 -10.77 4.67
C GLU C 409 -0.77 -10.53 4.91
N LEU C 410 -1.21 -9.28 5.03
CA LEU C 410 -2.58 -8.98 5.33
C LEU C 410 -3.23 -8.26 4.17
N PRO C 411 -4.39 -8.71 3.70
CA PRO C 411 -5.05 -8.03 2.59
C PRO C 411 -5.60 -6.68 3.01
N ASN C 412 -5.79 -5.72 2.15
CA ASN C 412 -6.32 -4.45 2.66
C ASN C 412 -7.64 -4.10 2.01
N TYR C 413 -8.76 -4.51 2.60
CA TYR C 413 -10.04 -4.34 1.96
C TYR C 413 -10.60 -2.95 1.96
N CYS C 414 -11.58 -2.69 1.09
CA CYS C 414 -12.26 -1.40 1.07
C CYS C 414 -13.76 -1.65 1.13
N PHE C 415 -14.52 -0.84 1.86
CA PHE C 415 -15.93 -1.15 2.02
C PHE C 415 -16.91 -0.10 1.53
N PRO C 416 -17.87 -0.45 0.66
CA PRO C 416 -18.81 0.47 0.01
C PRO C 416 -19.03 1.76 0.72
N LEU C 417 -19.14 2.84 -0.04
CA LEU C 417 -19.21 4.09 0.72
C LEU C 417 -20.21 3.98 1.87
N GLY C 418 -21.36 3.38 1.62
CA GLY C 418 -22.34 3.27 2.67
C GLY C 418 -22.19 2.09 3.59
N GLY C 419 -21.22 1.21 3.33
CA GLY C 419 -21.01 0.04 4.14
C GLY C 419 -21.84 -1.16 3.74
N VAL C 420 -22.91 -0.95 3.00
CA VAL C 420 -23.66 -2.08 2.51
C VAL C 420 -24.30 -1.64 1.21
N ILE C 421 -24.46 -2.55 0.28
CA ILE C 421 -25.12 -2.21 -0.96
C ILE C 421 -26.23 -3.20 -1.22
N ASN C 422 -25.93 -4.26 -1.96
CA ASN C 422 -26.91 -5.27 -2.19
C ASN C 422 -27.68 -5.50 -0.92
N THR C 423 -28.88 -4.94 -0.82
CA THR C 423 -29.68 -5.14 0.36
C THR C 423 -31.08 -5.56 -0.04
N GLU C 424 -31.62 -6.58 0.63
CA GLU C 424 -32.94 -7.09 0.27
C GLU C 424 -33.99 -6.57 1.21
N THR C 425 -35.22 -6.41 0.70
CA THR C 425 -36.29 -5.85 1.51
C THR C 425 -36.92 -6.90 2.37
N LEU C 426 -37.86 -6.51 3.22
CA LEU C 426 -38.54 -7.47 4.08
C LEU C 426 -39.69 -6.92 4.94
N THR C 427 -40.45 -7.79 5.58
CA THR C 427 -41.62 -7.40 6.36
C THR C 427 -41.72 -8.25 7.62
N LYS C 428 -42.05 -7.59 8.74
CA LYS C 428 -42.01 -8.22 10.05
C LYS C 428 -43.06 -9.32 10.17
N VAL C 429 -42.78 -10.27 11.05
CA VAL C 429 -43.66 -11.41 11.33
C VAL C 429 -43.65 -11.67 12.82
N LYS C 430 -44.80 -12.01 13.39
CA LYS C 430 -44.86 -12.30 14.81
C LYS C 430 -45.58 -13.61 15.07
N PRO C 431 -45.24 -14.29 16.16
CA PRO C 431 -45.98 -15.49 16.54
C PRO C 431 -47.38 -15.13 17.04
N LYS C 432 -48.32 -16.03 16.79
CA LYS C 432 -49.68 -15.89 17.29
C LYS C 432 -49.93 -16.97 18.34
N THR C 433 -50.67 -16.59 19.38
CA THR C 433 -50.91 -17.50 20.49
C THR C 433 -51.92 -18.58 20.12
N GLY C 434 -51.74 -19.77 20.68
CA GLY C 434 -52.66 -20.85 20.49
C GLY C 434 -52.55 -21.59 19.17
N GLN C 435 -51.55 -21.26 18.35
CA GLN C 435 -51.41 -21.91 17.05
C GLN C 435 -50.15 -22.74 16.93
N GLU C 436 -49.16 -22.51 17.81
CA GLU C 436 -47.98 -23.35 17.98
C GLU C 436 -46.99 -23.17 16.83
N ASN C 437 -47.38 -22.41 15.82
CA ASN C 437 -46.48 -21.82 14.83
C ASN C 437 -46.76 -20.35 14.64
N GLY C 438 -48.03 -19.96 14.70
CA GLY C 438 -48.46 -18.61 14.96
C GLY C 438 -47.88 -17.52 14.09
N TRP C 439 -47.15 -17.90 13.06
CA TRP C 439 -46.50 -16.90 12.23
C TRP C 439 -47.56 -16.12 11.45
N GLU C 440 -47.74 -14.87 11.82
CA GLU C 440 -48.70 -14.00 11.17
C GLU C 440 -48.05 -12.65 10.91
N LYS C 441 -48.57 -11.95 9.91
CA LYS C 441 -48.05 -10.64 9.59
C LYS C 441 -48.35 -9.65 10.71
N ASP C 442 -47.53 -8.61 10.81
CA ASP C 442 -47.74 -7.56 11.79
C ASP C 442 -47.12 -6.27 11.27
N ALA C 443 -47.94 -5.23 11.17
CA ALA C 443 -47.46 -3.92 10.73
C ALA C 443 -48.09 -2.80 11.55
N THR C 444 -48.42 -3.06 12.81
CA THR C 444 -49.11 -2.06 13.62
C THR C 444 -48.27 -0.81 13.79
N GLU C 445 -46.96 -0.97 14.06
CA GLU C 445 -46.07 0.16 14.25
C GLU C 445 -44.76 0.04 13.50
N PHE C 446 -44.51 -1.08 12.83
CA PHE C 446 -43.29 -1.28 12.06
C PHE C 446 -43.62 -1.22 10.58
N SER C 447 -42.83 -0.44 9.84
CA SER C 447 -43.10 -0.25 8.42
C SER C 447 -43.13 -1.58 7.69
N ASP C 448 -43.97 -1.62 6.65
CA ASP C 448 -44.11 -2.84 5.86
C ASP C 448 -42.84 -3.21 5.12
N LYS C 449 -41.96 -2.23 4.86
CA LYS C 449 -40.76 -2.46 4.06
C LYS C 449 -39.54 -2.04 4.85
N ASN C 450 -38.59 -2.96 5.01
CA ASN C 450 -37.31 -2.67 5.62
C ASN C 450 -36.20 -3.30 4.80
N GLU C 451 -35.00 -2.76 4.92
CA GLU C 451 -33.86 -3.21 4.14
C GLU C 451 -32.89 -3.95 5.06
N ILE C 452 -32.38 -5.09 4.58
CA ILE C 452 -31.52 -5.95 5.39
C ILE C 452 -30.60 -6.71 4.46
N ARG C 453 -29.35 -6.90 4.91
CA ARG C 453 -28.37 -7.68 4.19
C ARG C 453 -28.14 -9.00 4.91
N VAL C 454 -28.00 -10.07 4.14
CA VAL C 454 -27.72 -11.39 4.69
C VAL C 454 -26.30 -11.77 4.27
N GLY C 455 -25.47 -12.10 5.27
CA GLY C 455 -24.10 -12.48 5.01
C GLY C 455 -23.16 -11.30 4.98
N ASN C 456 -21.89 -11.61 4.68
CA ASN C 456 -20.87 -10.59 4.63
C ASN C 456 -21.19 -9.55 3.56
N ASN C 457 -20.46 -8.45 3.60
CA ASN C 457 -20.73 -7.33 2.72
C ASN C 457 -19.72 -7.28 1.57
N PHE C 458 -20.18 -6.72 0.46
CA PHE C 458 -19.37 -6.59 -0.74
C PHE C 458 -18.17 -5.68 -0.48
N ALA C 459 -17.04 -6.02 -1.08
CA ALA C 459 -15.80 -5.28 -0.90
C ALA C 459 -14.75 -5.79 -1.89
N MET C 460 -13.93 -4.87 -2.39
CA MET C 460 -12.91 -5.22 -3.36
C MET C 460 -11.54 -5.16 -2.69
N GLU C 461 -10.56 -5.82 -3.29
CA GLU C 461 -9.26 -6.01 -2.68
C GLU C 461 -8.18 -5.29 -3.46
N ILE C 462 -7.04 -5.05 -2.79
CA ILE C 462 -5.86 -4.51 -3.44
C ILE C 462 -4.65 -4.97 -2.65
N ASN C 463 -3.47 -4.87 -3.26
CA ASN C 463 -2.21 -5.07 -2.56
C ASN C 463 -1.45 -3.74 -2.58
N LEU C 464 -1.11 -3.24 -1.40
CA LEU C 464 -0.57 -1.89 -1.28
C LEU C 464 0.93 -1.86 -1.56
N ASN C 465 1.71 -2.54 -0.73
CA ASN C 465 3.16 -2.37 -0.77
C ASN C 465 3.72 -2.82 -2.10
N ALA C 466 3.17 -3.90 -2.67
CA ALA C 466 3.66 -4.35 -3.97
C ALA C 466 3.42 -3.30 -5.04
N ASN C 467 2.26 -2.66 -5.02
CA ASN C 467 1.99 -1.60 -5.99
C ASN C 467 2.95 -0.44 -5.81
N LEU C 468 3.19 -0.04 -4.56
CA LEU C 468 4.15 1.03 -4.31
C LEU C 468 5.51 0.68 -4.87
N TRP C 469 5.98 -0.53 -4.59
CA TRP C 469 7.30 -0.93 -5.01
C TRP C 469 7.41 -0.99 -6.52
N ARG C 470 6.40 -1.53 -7.19
CA ARG C 470 6.44 -1.59 -8.64
C ARG C 470 6.44 -0.20 -9.25
N ASN C 471 5.61 0.70 -8.72
CA ASN C 471 5.59 2.05 -9.24
C ASN C 471 6.95 2.72 -9.08
N PHE C 472 7.58 2.55 -7.91
CA PHE C 472 8.89 3.14 -7.69
C PHE C 472 9.92 2.59 -8.68
N LEU C 473 9.95 1.26 -8.83
CA LEU C 473 10.94 0.66 -9.72
C LEU C 473 10.76 1.15 -11.15
N TYR C 474 9.52 1.18 -11.64
CA TYR C 474 9.33 1.67 -12.99
C TYR C 474 9.74 3.13 -13.10
N SER C 475 9.45 3.92 -12.07
CA SER C 475 9.70 5.34 -12.16
C SER C 475 11.19 5.64 -12.23
N ASN C 476 12.00 4.93 -11.44
CA ASN C 476 13.38 5.36 -11.24
C ASN C 476 14.43 4.52 -11.95
N ILE C 477 14.09 3.34 -12.48
CA ILE C 477 15.07 2.46 -13.10
C ILE C 477 14.67 2.11 -14.53
N ALA C 478 13.40 1.75 -14.74
CA ALA C 478 13.00 1.31 -16.07
C ALA C 478 13.20 2.40 -17.09
N LEU C 479 12.86 3.64 -16.75
CA LEU C 479 12.88 4.71 -17.73
C LEU C 479 14.29 4.97 -18.26
N TYR C 480 15.30 4.88 -17.40
CA TYR C 480 16.65 5.26 -17.76
C TYR C 480 17.46 4.11 -18.35
N LEU C 481 16.81 3.13 -18.97
CA LEU C 481 17.53 2.09 -19.67
C LEU C 481 18.19 2.66 -20.92
N PRO C 482 19.14 1.94 -21.51
CA PRO C 482 19.73 2.41 -22.76
C PRO C 482 18.69 2.47 -23.85
N ASP C 483 18.89 3.40 -24.78
CA ASP C 483 17.90 3.61 -25.83
C ASP C 483 17.90 2.52 -26.89
N LYS C 484 18.63 1.43 -26.68
CA LYS C 484 18.57 0.34 -27.63
C LYS C 484 17.55 -0.72 -27.24
N LEU C 485 16.83 -0.54 -26.14
CA LEU C 485 15.82 -1.49 -25.72
C LEU C 485 14.41 -0.95 -25.79
N LYS C 486 14.24 0.33 -26.12
CA LYS C 486 12.92 0.91 -26.29
C LYS C 486 12.43 0.65 -27.71
N TYR C 487 11.31 1.27 -28.08
CA TYR C 487 10.73 1.06 -29.40
C TYR C 487 9.81 2.23 -29.72
N SER C 488 9.47 2.36 -30.98
CA SER C 488 8.64 3.46 -31.41
C SER C 488 7.18 3.24 -31.01
N PRO C 489 6.40 4.26 -30.67
CA PRO C 489 5.06 3.91 -30.18
C PRO C 489 4.16 3.35 -31.25
N SER C 490 2.83 3.46 -31.09
CA SER C 490 1.88 2.96 -32.10
C SER C 490 0.87 4.02 -32.57
N ASN C 491 0.53 4.00 -33.85
CA ASN C 491 -0.36 5.01 -34.42
C ASN C 491 -0.16 6.41 -33.85
N VAL C 492 1.07 6.78 -33.50
CA VAL C 492 1.37 8.15 -33.04
C VAL C 492 2.69 8.61 -33.68
N LYS C 493 3.22 9.77 -33.31
CA LYS C 493 4.42 10.28 -33.99
C LYS C 493 5.62 10.63 -33.11
N ILE C 494 6.78 10.08 -33.41
CA ILE C 494 7.97 10.37 -32.66
C ILE C 494 8.94 10.91 -33.66
N SER C 495 9.81 11.84 -33.27
CA SER C 495 10.74 12.47 -34.19
C SER C 495 11.76 11.51 -34.78
N ASP C 496 12.92 12.04 -35.17
CA ASP C 496 13.95 11.18 -35.71
C ASP C 496 15.33 11.70 -35.45
N ASN C 497 15.53 12.41 -34.35
CA ASN C 497 16.86 12.84 -33.99
C ASN C 497 16.91 12.27 -32.65
N PRO C 498 17.57 11.15 -32.53
CA PRO C 498 17.57 10.49 -31.24
C PRO C 498 18.16 11.33 -30.15
N ASN C 499 17.76 12.58 -30.01
CA ASN C 499 18.23 13.38 -28.91
C ASN C 499 17.20 14.39 -28.40
N THR C 500 16.22 14.76 -29.20
CA THR C 500 15.22 15.67 -28.72
C THR C 500 14.57 15.16 -27.48
N TYR C 501 13.83 16.00 -26.77
CA TYR C 501 13.08 15.55 -25.60
C TYR C 501 12.11 14.58 -26.13
N ASP C 502 11.42 15.02 -27.17
CA ASP C 502 10.49 14.14 -27.78
C ASP C 502 11.11 12.82 -27.95
N TYR C 503 12.38 12.79 -28.34
CA TYR C 503 12.78 11.40 -28.55
C TYR C 503 12.88 10.66 -27.22
N MET C 504 13.43 11.31 -26.20
CA MET C 504 13.58 10.62 -24.93
C MET C 504 12.32 10.68 -24.08
N ASN C 505 11.32 11.47 -24.46
CA ASN C 505 10.12 11.56 -23.65
C ASN C 505 8.95 10.78 -24.22
N LYS C 506 8.90 10.54 -25.52
CA LYS C 506 7.74 9.89 -26.11
C LYS C 506 7.91 8.40 -26.31
N ARG C 507 9.14 7.90 -26.35
CA ARG C 507 9.34 6.46 -26.44
C ARG C 507 8.82 5.79 -25.17
N VAL C 508 8.81 4.46 -25.19
CA VAL C 508 8.21 3.69 -24.10
C VAL C 508 8.87 2.33 -24.01
N VAL C 509 8.89 1.77 -22.81
CA VAL C 509 9.58 0.52 -22.53
C VAL C 509 8.74 -0.33 -21.59
N ALA C 510 8.60 -1.61 -21.92
CA ALA C 510 7.71 -2.49 -21.19
C ALA C 510 8.19 -2.68 -19.76
N PRO C 511 7.32 -2.51 -18.76
CA PRO C 511 7.75 -2.69 -17.37
C PRO C 511 8.12 -4.11 -17.02
N GLY C 512 8.05 -5.04 -17.96
CA GLY C 512 8.43 -6.41 -17.66
C GLY C 512 9.92 -6.60 -17.48
N LEU C 513 10.73 -5.70 -18.02
CA LEU C 513 12.17 -5.83 -17.89
C LEU C 513 12.59 -5.77 -16.43
N VAL C 514 12.07 -4.79 -15.69
CA VAL C 514 12.40 -4.61 -14.27
C VAL C 514 11.09 -4.51 -13.51
N ASP C 515 10.61 -5.63 -13.00
CA ASP C 515 9.45 -5.67 -12.12
C ASP C 515 9.86 -6.33 -10.81
N CYS C 516 8.92 -6.47 -9.91
CA CYS C 516 9.23 -6.91 -8.54
C CYS C 516 9.78 -8.30 -8.49
N TYR C 517 10.01 -8.98 -9.60
CA TYR C 517 10.51 -10.33 -9.59
C TYR C 517 11.87 -10.40 -10.28
N ILE C 518 12.73 -9.43 -10.01
CA ILE C 518 14.05 -9.38 -10.62
C ILE C 518 15.10 -9.50 -9.52
N ASN C 519 16.03 -10.44 -9.72
CA ASN C 519 17.19 -10.59 -8.84
C ASN C 519 16.79 -10.63 -7.38
N LEU C 520 15.72 -11.36 -7.09
CA LEU C 520 15.08 -11.26 -5.78
C LEU C 520 16.07 -11.57 -4.66
N GLY C 521 16.04 -10.73 -3.63
CA GLY C 521 16.88 -10.93 -2.47
C GLY C 521 18.36 -10.78 -2.71
N ALA C 522 18.76 -10.18 -3.83
CA ALA C 522 20.16 -10.10 -4.21
C ALA C 522 20.59 -8.65 -4.30
N ARG C 523 21.56 -8.27 -3.49
CA ARG C 523 22.17 -6.95 -3.59
C ARG C 523 22.98 -6.92 -4.88
N TRP C 524 22.41 -6.34 -5.92
CA TRP C 524 23.01 -6.43 -7.24
C TRP C 524 22.50 -5.27 -8.10
N SER C 525 23.25 -4.96 -9.14
CA SER C 525 22.89 -3.89 -10.06
C SER C 525 22.75 -4.44 -11.47
N LEU C 526 21.81 -3.88 -12.23
CA LEU C 526 21.53 -4.36 -13.57
C LEU C 526 22.73 -4.16 -14.48
N ASP C 527 22.75 -4.92 -15.57
CA ASP C 527 23.90 -4.88 -16.47
C ASP C 527 23.92 -3.58 -17.26
N TYR C 528 22.89 -3.34 -18.07
CA TYR C 528 22.91 -2.19 -18.97
C TYR C 528 22.98 -0.88 -18.23
N MET C 529 22.66 -0.86 -16.95
CA MET C 529 22.75 0.36 -16.15
C MET C 529 24.16 0.68 -15.67
N ASP C 530 25.08 -0.28 -15.74
CA ASP C 530 26.42 -0.05 -15.21
C ASP C 530 27.13 1.07 -15.96
N ASN C 531 27.06 1.05 -17.29
CA ASN C 531 27.81 1.98 -18.12
C ASN C 531 27.00 3.21 -18.50
N VAL C 532 25.87 3.45 -17.86
CA VAL C 532 25.12 4.68 -18.03
C VAL C 532 25.33 5.52 -16.78
N ASN C 533 25.69 6.77 -16.97
CA ASN C 533 26.03 7.62 -15.85
C ASN C 533 24.83 7.81 -14.95
N PRO C 534 24.93 7.45 -13.66
CA PRO C 534 23.82 7.71 -12.75
C PRO C 534 23.76 9.15 -12.26
N PHE C 535 24.75 9.98 -12.57
CA PHE C 535 24.64 11.36 -12.15
C PHE C 535 23.62 12.13 -12.97
N ASN C 536 23.24 11.61 -14.13
CA ASN C 536 22.14 12.16 -14.90
C ASN C 536 20.87 11.50 -14.41
N HIS C 537 20.09 12.23 -13.63
CA HIS C 537 18.96 11.65 -12.91
C HIS C 537 18.10 12.81 -12.41
N HIS C 538 17.02 12.48 -11.72
CA HIS C 538 16.21 13.50 -11.05
C HIS C 538 16.23 13.30 -9.55
N ARG C 539 17.29 12.68 -9.03
CA ARG C 539 17.49 12.58 -7.60
C ARG C 539 18.88 13.04 -7.19
N ASN C 540 19.59 13.76 -8.03
CA ASN C 540 20.85 14.38 -7.64
C ASN C 540 20.52 15.52 -6.70
N ALA C 541 20.59 15.24 -5.40
CA ALA C 541 20.18 16.23 -4.41
C ALA C 541 20.86 17.56 -4.66
N GLY C 542 22.13 17.54 -5.04
CA GLY C 542 22.79 18.76 -5.45
C GLY C 542 22.12 19.41 -6.64
N LEU C 543 21.76 18.60 -7.64
CA LEU C 543 21.19 19.17 -8.85
C LEU C 543 19.79 19.74 -8.58
N ARG C 544 18.97 19.04 -7.81
CA ARG C 544 17.66 19.57 -7.52
C ARG C 544 17.76 20.81 -6.64
N TYR C 545 18.70 20.82 -5.71
CA TYR C 545 18.93 22.03 -4.93
C TYR C 545 19.27 23.20 -5.85
N ARG C 546 20.20 22.99 -6.77
CA ARG C 546 20.63 24.10 -7.62
C ARG C 546 19.51 24.54 -8.55
N SER C 547 18.66 23.61 -8.99
CA SER C 547 17.56 24.00 -9.86
C SER C 547 16.50 24.77 -9.08
N MET C 548 16.16 24.29 -7.89
CA MET C 548 15.18 25.00 -7.08
C MET C 548 15.66 26.38 -6.69
N LEU C 549 16.96 26.54 -6.45
CA LEU C 549 17.45 27.79 -5.90
C LEU C 549 17.16 28.97 -6.83
N LEU C 550 17.10 28.72 -8.12
CA LEU C 550 16.73 29.79 -9.04
C LEU C 550 15.23 30.06 -9.05
N GLY C 551 14.42 29.12 -8.58
CA GLY C 551 12.98 29.22 -8.66
C GLY C 551 12.43 28.30 -9.76
N ASN C 552 11.12 28.07 -9.67
CA ASN C 552 10.48 27.08 -10.51
C ASN C 552 10.01 27.63 -11.85
N GLY C 553 10.07 28.93 -12.06
CA GLY C 553 9.57 29.51 -13.29
C GLY C 553 10.43 29.14 -14.49
N ARG C 554 10.14 29.84 -15.60
CA ARG C 554 10.92 29.68 -16.81
C ARG C 554 11.72 30.92 -17.19
N TYR C 555 11.21 32.11 -16.90
CA TYR C 555 11.87 33.36 -17.26
C TYR C 555 12.36 34.01 -15.98
N VAL C 556 13.69 34.09 -15.81
CA VAL C 556 14.22 34.55 -14.53
C VAL C 556 15.29 35.61 -14.68
N PRO C 557 15.18 36.73 -13.97
CA PRO C 557 16.34 37.62 -13.81
C PRO C 557 17.23 37.11 -12.69
N PHE C 558 18.50 36.89 -13.00
CA PHE C 558 19.41 36.28 -12.05
C PHE C 558 20.59 37.20 -11.76
N HIS C 559 21.17 37.00 -10.58
CA HIS C 559 22.13 37.94 -10.01
C HIS C 559 23.04 37.13 -9.10
N ILE C 560 24.26 36.87 -9.57
CA ILE C 560 25.16 35.94 -8.91
C ILE C 560 26.52 36.58 -8.73
N GLN C 561 27.33 35.96 -7.88
CA GLN C 561 28.73 36.31 -7.69
C GLN C 561 29.56 35.07 -7.97
N VAL C 562 30.56 35.21 -8.82
CA VAL C 562 31.40 34.11 -9.27
C VAL C 562 32.78 34.29 -8.66
N PRO C 563 33.34 33.28 -8.00
CA PRO C 563 34.66 33.41 -7.40
C PRO C 563 35.75 33.16 -8.44
N GLN C 564 36.98 33.53 -8.05
CA GLN C 564 38.17 33.30 -8.85
C GLN C 564 38.88 32.07 -8.33
N LYS C 565 39.29 31.18 -9.24
CA LYS C 565 39.81 29.88 -8.85
C LYS C 565 41.23 29.59 -9.31
N PHE C 566 41.83 30.43 -10.14
CA PHE C 566 43.19 30.17 -10.58
C PHE C 566 44.12 30.11 -9.37
N PHE C 567 45.01 29.11 -9.36
CA PHE C 567 45.84 28.89 -8.19
C PHE C 567 46.93 29.95 -8.05
N ALA C 568 47.51 30.37 -9.18
CA ALA C 568 48.62 31.32 -9.10
C ALA C 568 48.21 32.69 -8.63
N ILE C 569 46.91 32.99 -8.57
CA ILE C 569 46.46 34.24 -7.98
C ILE C 569 45.33 33.98 -7.01
N LYS C 570 45.23 32.74 -6.53
CA LYS C 570 44.16 32.41 -5.58
C LYS C 570 44.33 33.19 -4.28
N ASN C 571 45.51 33.14 -3.69
CA ASN C 571 45.75 33.73 -2.38
C ASN C 571 46.86 34.77 -2.36
N LEU C 572 47.33 35.20 -3.53
CA LEU C 572 48.44 36.14 -3.59
C LEU C 572 48.08 37.44 -2.90
N LEU C 573 48.99 37.95 -2.07
CA LEU C 573 48.78 39.18 -1.32
C LEU C 573 49.34 40.34 -2.13
N LEU C 574 48.45 41.16 -2.69
CA LEU C 574 48.88 42.27 -3.53
C LEU C 574 49.38 43.42 -2.68
N LEU C 575 50.06 44.36 -3.32
CA LEU C 575 50.72 45.49 -2.71
C LEU C 575 50.35 46.77 -3.44
N PRO C 576 50.48 47.93 -2.79
CA PRO C 576 49.84 49.15 -3.31
C PRO C 576 50.25 49.47 -4.73
N GLY C 577 49.34 50.14 -5.45
CA GLY C 577 49.60 50.56 -6.80
C GLY C 577 48.40 50.29 -7.68
N SER C 578 48.60 50.47 -8.99
CA SER C 578 47.55 50.27 -9.97
C SER C 578 47.81 48.99 -10.77
N TYR C 579 46.74 48.33 -11.17
CA TYR C 579 46.86 47.09 -11.93
C TYR C 579 45.67 46.98 -12.86
N THR C 580 45.83 46.18 -13.90
CA THR C 580 44.79 45.91 -14.87
C THR C 580 44.33 44.47 -14.74
N TYR C 581 43.02 44.26 -14.76
CA TYR C 581 42.41 42.96 -14.53
C TYR C 581 41.39 42.72 -15.63
N GLU C 582 41.67 41.76 -16.51
CA GLU C 582 40.82 41.55 -17.68
C GLU C 582 40.52 40.07 -17.81
N TRP C 583 39.26 39.75 -18.08
CA TRP C 583 38.83 38.35 -18.09
C TRP C 583 37.71 38.17 -19.10
N ASN C 584 37.37 36.91 -19.34
CA ASN C 584 36.37 36.55 -20.34
C ASN C 584 35.30 35.64 -19.74
N PHE C 585 34.19 35.50 -20.46
CA PHE C 585 33.10 34.62 -20.05
C PHE C 585 32.42 34.04 -21.27
N ARG C 586 31.95 32.80 -21.11
CA ARG C 586 31.21 32.13 -22.17
C ARG C 586 29.75 32.52 -22.15
N LYS C 587 29.06 32.23 -23.25
CA LYS C 587 27.62 32.36 -23.34
C LYS C 587 26.96 31.13 -23.91
N ASP C 588 27.72 30.14 -24.35
CA ASP C 588 27.17 28.90 -24.89
C ASP C 588 26.25 28.27 -23.86
N VAL C 589 24.95 28.22 -24.16
CA VAL C 589 23.98 27.76 -23.18
C VAL C 589 24.23 26.30 -22.81
N ASN C 590 24.81 25.52 -23.72
CA ASN C 590 24.97 24.11 -23.45
C ASN C 590 26.07 23.83 -22.45
N MET C 591 27.04 24.74 -22.31
CA MET C 591 28.11 24.51 -21.36
C MET C 591 27.70 24.87 -19.94
N VAL C 592 27.31 26.12 -19.72
CA VAL C 592 27.13 26.61 -18.36
C VAL C 592 25.92 25.95 -17.71
N LEU C 593 24.88 25.66 -18.49
CA LEU C 593 23.67 25.06 -17.93
C LEU C 593 23.85 23.56 -17.84
N GLN C 594 23.33 22.98 -16.77
CA GLN C 594 23.30 21.53 -16.61
C GLN C 594 21.85 21.06 -16.63
N SER C 595 21.62 19.99 -17.39
CA SER C 595 20.34 19.31 -17.51
C SER C 595 20.27 18.14 -16.55
N SER C 596 19.24 17.30 -16.71
CA SER C 596 19.16 16.06 -15.99
C SER C 596 19.01 14.86 -16.89
N LEU C 597 18.79 15.06 -18.20
CA LEU C 597 18.63 13.97 -19.14
C LEU C 597 19.71 13.93 -20.20
N GLY C 598 20.01 15.07 -20.83
CA GLY C 598 21.00 15.10 -21.87
C GLY C 598 20.52 15.79 -23.12
N ASN C 599 19.40 16.49 -23.02
CA ASN C 599 18.89 17.22 -24.16
C ASN C 599 19.77 18.42 -24.45
N ASP C 600 20.24 18.51 -25.69
CA ASP C 600 21.01 19.67 -26.12
C ASP C 600 20.12 20.90 -26.09
N LEU C 601 20.44 21.85 -25.22
CA LEU C 601 19.52 22.96 -25.00
C LEU C 601 19.50 23.96 -26.14
N ARG C 602 20.51 23.95 -27.01
CA ARG C 602 20.50 24.86 -28.15
C ARG C 602 19.31 24.58 -29.03
N VAL C 603 19.08 23.31 -29.38
CA VAL C 603 17.95 22.97 -30.23
C VAL C 603 16.65 23.29 -29.52
N ASP C 604 16.53 22.91 -28.25
CA ASP C 604 15.30 23.17 -27.53
C ASP C 604 15.01 24.65 -27.37
N GLY C 605 16.01 25.50 -27.49
CA GLY C 605 15.75 26.93 -27.49
C GLY C 605 15.83 27.58 -26.14
N ALA C 606 16.92 27.37 -25.42
CA ALA C 606 17.17 28.12 -24.20
C ALA C 606 18.16 29.23 -24.48
N SER C 607 18.16 30.25 -23.63
CA SER C 607 18.97 31.41 -23.91
C SER C 607 19.37 32.12 -22.62
N ILE C 608 20.38 32.99 -22.75
CA ILE C 608 20.92 33.72 -21.61
C ILE C 608 21.46 35.04 -22.12
N LYS C 609 21.38 36.07 -21.29
CA LYS C 609 21.89 37.37 -21.70
C LYS C 609 22.40 38.14 -20.50
N PHE C 610 23.53 38.83 -20.70
CA PHE C 610 24.21 39.57 -19.64
C PHE C 610 23.89 41.06 -19.75
N ASP C 611 23.62 41.69 -18.61
CA ASP C 611 23.32 43.12 -18.58
C ASP C 611 24.53 43.95 -18.18
N SER C 612 25.09 43.68 -17.01
CA SER C 612 26.18 44.47 -16.49
C SER C 612 27.01 43.64 -15.54
N ILE C 613 28.31 43.94 -15.48
CA ILE C 613 29.24 43.25 -14.59
C ILE C 613 29.86 44.27 -13.66
N CYS C 614 30.05 43.88 -12.40
CA CYS C 614 30.68 44.72 -11.41
C CYS C 614 31.68 43.89 -10.63
N LEU C 615 32.68 44.55 -10.06
CA LEU C 615 33.71 43.89 -9.27
C LEU C 615 33.64 44.35 -7.83
N TYR C 616 34.00 43.47 -6.90
CA TYR C 616 34.02 43.82 -5.49
C TYR C 616 35.35 43.44 -4.88
N ALA C 617 35.72 44.15 -3.82
CA ALA C 617 36.94 43.82 -3.09
C ALA C 617 36.81 44.29 -1.66
N THR C 618 37.48 43.57 -0.75
CA THR C 618 37.44 43.85 0.67
C THR C 618 38.86 44.11 1.16
N PHE C 619 39.00 45.06 2.06
CA PHE C 619 40.29 45.44 2.63
C PHE C 619 40.33 45.13 4.11
N PHE C 620 41.41 45.53 4.75
CA PHE C 620 41.53 45.44 6.19
C PHE C 620 41.87 46.82 6.73
N PRO C 621 41.17 47.30 7.73
CA PRO C 621 41.45 48.61 8.31
C PRO C 621 42.69 48.62 9.20
N MET C 622 43.80 48.11 8.66
CA MET C 622 45.03 48.01 9.42
C MET C 622 45.63 49.40 9.64
N ALA C 623 46.25 49.58 10.80
CA ALA C 623 46.89 50.85 11.10
C ALA C 623 47.97 51.17 10.08
N HIS C 624 48.15 52.47 9.81
CA HIS C 624 48.93 52.88 8.65
C HIS C 624 50.41 52.56 8.81
N ASN C 625 51.00 52.91 9.96
CA ASN C 625 52.42 52.67 10.13
C ASN C 625 52.74 51.18 10.06
N THR C 626 51.92 50.35 10.71
CA THR C 626 52.12 48.91 10.61
C THR C 626 52.00 48.44 9.17
N ALA C 627 51.05 49.00 8.42
CA ALA C 627 50.91 48.61 7.03
C ALA C 627 52.15 48.95 6.22
N SER C 628 52.69 50.14 6.42
CA SER C 628 53.90 50.52 5.69
C SER C 628 55.05 49.61 6.04
N THR C 629 55.22 49.31 7.33
CA THR C 629 56.31 48.41 7.73
C THR C 629 56.14 47.04 7.10
N LEU C 630 54.92 46.51 7.12
CA LEU C 630 54.67 45.20 6.53
C LEU C 630 54.96 45.22 5.04
N GLU C 631 54.57 46.29 4.36
CA GLU C 631 54.86 46.43 2.94
C GLU C 631 56.37 46.36 2.71
N ALA C 632 57.13 47.19 3.43
CA ALA C 632 58.56 47.24 3.20
C ALA C 632 59.20 45.88 3.46
N MET C 633 58.79 45.22 4.55
CA MET C 633 59.36 43.91 4.83
C MET C 633 59.01 42.91 3.73
N LEU C 634 57.77 42.93 3.26
CA LEU C 634 57.36 42.00 2.21
C LEU C 634 58.05 42.28 0.90
N ARG C 635 58.56 43.50 0.69
CA ARG C 635 59.16 43.80 -0.59
C ARG C 635 60.55 43.21 -0.78
N ASN C 636 61.30 42.97 0.29
CA ASN C 636 62.63 42.41 0.14
C ASN C 636 62.55 41.06 -0.55
N ASP C 637 63.42 40.86 -1.54
CA ASP C 637 63.27 39.73 -2.44
C ASP C 637 63.40 38.38 -1.74
N THR C 638 63.92 38.36 -0.52
CA THR C 638 64.00 37.10 0.21
C THR C 638 62.66 36.66 0.76
N ASN C 639 61.61 37.45 0.59
CA ASN C 639 60.29 37.11 1.10
C ASN C 639 59.28 37.01 -0.04
N ASP C 640 59.63 36.28 -1.10
CA ASP C 640 58.75 36.13 -2.23
C ASP C 640 57.53 35.30 -1.84
N GLN C 641 56.65 35.07 -2.82
CA GLN C 641 55.44 34.29 -2.59
C GLN C 641 55.52 33.00 -3.37
N SER C 642 55.34 31.87 -2.69
CA SER C 642 55.36 30.58 -3.33
C SER C 642 53.94 30.04 -3.44
N PHE C 643 53.68 29.30 -4.52
CA PHE C 643 52.35 28.73 -4.69
C PHE C 643 52.42 27.44 -5.47
N ASN C 644 51.66 26.46 -5.00
CA ASN C 644 51.61 25.14 -5.61
C ASN C 644 50.16 24.74 -5.81
N ASP C 645 49.82 24.35 -7.04
CA ASP C 645 48.49 23.86 -7.34
C ASP C 645 48.22 22.57 -6.57
N TYR C 646 46.94 22.25 -6.40
CA TYR C 646 46.62 21.01 -5.70
C TYR C 646 46.81 19.79 -6.61
N LEU C 647 46.10 19.75 -7.73
CA LEU C 647 46.20 18.58 -8.60
C LEU C 647 47.60 18.44 -9.17
N SER C 648 48.05 19.44 -9.93
CA SER C 648 49.45 19.59 -10.31
C SER C 648 49.94 18.35 -11.06
N ALA C 649 49.40 18.19 -12.27
CA ALA C 649 49.79 17.07 -13.10
C ALA C 649 49.70 17.47 -14.57
N ALA C 650 50.18 16.58 -15.42
CA ALA C 650 50.03 16.71 -16.86
C ALA C 650 48.89 15.82 -17.33
N ASN C 651 48.12 16.32 -18.29
CA ASN C 651 46.89 15.67 -18.71
C ASN C 651 46.97 15.30 -20.17
N MET C 652 46.68 14.04 -20.48
CA MET C 652 46.69 13.60 -21.87
C MET C 652 45.47 12.74 -22.14
N LEU C 653 44.97 12.84 -23.37
CA LEU C 653 43.77 12.13 -23.80
C LEU C 653 44.09 11.28 -25.01
N TYR C 654 43.59 10.05 -25.03
CA TYR C 654 43.86 9.18 -26.17
C TYR C 654 42.57 8.52 -26.65
N PRO C 655 42.26 8.59 -27.94
CA PRO C 655 41.01 8.01 -28.42
C PRO C 655 41.03 6.50 -28.37
N ILE C 656 39.82 5.93 -28.24
CA ILE C 656 39.61 4.49 -28.21
C ILE C 656 38.41 4.18 -29.08
N PRO C 657 38.58 3.46 -30.17
CA PRO C 657 37.48 3.19 -31.10
C PRO C 657 36.55 2.15 -30.50
N ALA C 658 35.41 1.97 -31.17
CA ALA C 658 34.37 1.09 -30.65
C ALA C 658 34.83 -0.36 -30.65
N ASN C 659 34.52 -1.06 -29.56
CA ASN C 659 34.86 -2.46 -29.36
C ASN C 659 36.37 -2.71 -29.29
N ALA C 660 37.14 -1.69 -28.94
CA ALA C 660 38.58 -1.88 -28.86
C ALA C 660 38.92 -2.71 -27.63
N THR C 661 40.14 -3.25 -27.63
CA THR C 661 40.59 -4.09 -26.53
C THR C 661 41.99 -3.68 -26.07
N ASN C 662 42.76 -3.08 -26.97
CA ASN C 662 44.13 -2.70 -26.65
C ASN C 662 44.38 -1.24 -26.99
N VAL C 663 45.10 -0.57 -26.11
CA VAL C 663 45.49 0.81 -26.33
C VAL C 663 46.96 0.96 -25.95
N PRO C 664 47.85 1.08 -26.91
CA PRO C 664 49.25 1.36 -26.59
C PRO C 664 49.56 2.84 -26.66
N ILE C 665 50.38 3.35 -25.75
CA ILE C 665 50.81 4.74 -25.79
C ILE C 665 52.32 4.80 -25.63
N SER C 666 52.91 5.84 -26.23
CA SER C 666 54.36 6.00 -26.29
C SER C 666 54.76 7.39 -25.84
N ILE C 667 55.96 7.48 -25.26
CA ILE C 667 56.54 8.74 -24.82
C ILE C 667 57.99 8.77 -25.26
N PRO C 668 58.37 9.67 -26.15
CA PRO C 668 59.75 9.71 -26.64
C PRO C 668 60.73 10.08 -25.54
N SER C 669 61.99 9.73 -25.78
CA SER C 669 63.00 9.80 -24.73
C SER C 669 63.09 11.20 -24.14
N ARG C 670 63.19 11.25 -22.82
CA ARG C 670 63.14 12.51 -22.10
C ARG C 670 63.72 12.28 -20.72
N ASN C 671 64.16 13.36 -20.09
CA ASN C 671 64.53 13.29 -18.69
C ASN C 671 63.31 12.96 -17.84
N TRP C 672 63.57 12.36 -16.68
CA TRP C 672 62.53 12.00 -15.73
C TRP C 672 62.94 12.40 -14.32
N ALA C 673 63.45 13.60 -14.17
CA ALA C 673 63.85 14.06 -12.86
C ALA C 673 62.63 14.37 -12.00
N ALA C 674 62.63 13.86 -10.77
CA ALA C 674 61.63 14.22 -9.76
C ALA C 674 60.21 13.93 -10.26
N PHE C 675 59.94 12.65 -10.45
CA PHE C 675 58.65 12.18 -10.90
C PHE C 675 57.71 11.99 -9.71
N ARG C 676 56.45 11.70 -10.00
CA ARG C 676 55.58 11.33 -8.89
C ARG C 676 54.78 10.06 -9.13
N GLY C 677 54.30 9.83 -10.35
CA GLY C 677 53.59 8.61 -10.64
C GLY C 677 52.45 8.85 -11.61
N TRP C 678 51.61 7.83 -11.76
CA TRP C 678 50.52 7.83 -12.74
C TRP C 678 49.17 7.91 -12.04
N ALA C 679 48.18 8.37 -12.80
CA ALA C 679 46.79 8.31 -12.34
C ALA C 679 45.88 8.33 -13.56
N PHE C 680 45.11 7.27 -13.77
CA PHE C 680 44.33 7.16 -14.99
C PHE C 680 42.86 6.91 -14.70
N THR C 681 42.05 7.21 -15.72
CA THR C 681 40.61 6.96 -15.72
C THR C 681 40.13 6.92 -17.17
N ARG C 682 38.82 6.69 -17.35
CA ARG C 682 38.22 6.48 -18.66
C ARG C 682 37.03 7.41 -18.85
N LEU C 683 36.75 7.78 -20.10
CA LEU C 683 35.73 8.76 -20.42
C LEU C 683 34.92 8.33 -21.64
N LYS C 684 33.62 8.63 -21.71
CA LYS C 684 32.77 8.14 -22.84
C LYS C 684 32.56 9.16 -23.95
N THR C 685 33.26 9.03 -25.06
CA THR C 685 33.22 10.09 -26.08
C THR C 685 32.07 11.06 -26.02
N LYS C 686 30.97 10.77 -26.68
CA LYS C 686 29.89 11.76 -26.78
C LYS C 686 29.79 12.61 -25.54
N GLU C 687 30.13 12.09 -24.39
CA GLU C 687 30.10 12.95 -23.24
C GLU C 687 31.18 14.07 -23.23
N THR C 688 32.47 13.75 -23.18
CA THR C 688 33.55 14.74 -23.14
C THR C 688 33.50 15.82 -24.17
N PRO C 689 33.75 17.05 -23.77
CA PRO C 689 33.65 18.19 -24.68
C PRO C 689 34.76 18.27 -25.66
N SER C 690 35.04 19.45 -26.20
CA SER C 690 36.23 19.62 -27.03
C SER C 690 36.68 21.07 -26.89
N LEU C 691 37.56 21.30 -25.93
CA LEU C 691 38.02 22.65 -25.63
C LEU C 691 39.05 23.11 -26.66
N GLY C 692 39.66 24.26 -26.37
CA GLY C 692 40.74 24.78 -27.17
C GLY C 692 40.35 25.86 -28.14
N SER C 693 39.13 26.35 -28.08
CA SER C 693 38.69 27.42 -28.96
C SER C 693 37.54 28.16 -28.33
N GLY C 694 37.08 29.21 -28.99
CA GLY C 694 36.00 30.01 -28.45
C GLY C 694 34.70 29.25 -28.36
N TYR C 695 34.45 28.35 -29.34
CA TYR C 695 33.19 27.61 -29.40
C TYR C 695 33.25 26.31 -30.19
N ASP C 696 32.34 25.38 -29.97
CA ASP C 696 32.33 24.15 -30.78
C ASP C 696 30.94 23.78 -31.21
N PRO C 697 30.82 22.94 -32.23
CA PRO C 697 29.50 22.48 -32.61
C PRO C 697 29.59 21.03 -32.52
N TYR C 698 29.12 20.35 -33.53
CA TYR C 698 29.26 18.93 -33.57
C TYR C 698 29.25 18.25 -32.20
N TYR C 699 28.56 18.80 -31.21
CA TYR C 699 28.59 18.21 -29.89
C TYR C 699 27.27 18.31 -29.19
N THR C 700 26.51 17.23 -29.16
CA THR C 700 25.20 17.29 -28.57
C THR C 700 25.04 16.34 -27.43
N TYR C 701 24.73 16.84 -26.25
CA TYR C 701 24.49 16.00 -25.11
C TYR C 701 24.43 16.93 -23.94
N SER C 702 24.43 16.45 -22.72
CA SER C 702 24.39 17.38 -21.64
C SER C 702 24.47 16.71 -20.33
N GLY C 703 24.79 15.44 -20.33
CA GLY C 703 24.77 14.70 -19.08
C GLY C 703 25.51 15.32 -17.93
N SER C 704 26.70 14.81 -17.68
CA SER C 704 27.49 15.40 -16.64
C SER C 704 28.92 15.31 -17.03
N ILE C 705 29.41 16.28 -17.79
CA ILE C 705 30.75 16.20 -18.30
C ILE C 705 31.47 15.51 -17.21
N PRO C 706 31.92 14.30 -17.45
CA PRO C 706 32.60 13.70 -16.33
C PRO C 706 34.02 14.25 -16.30
N TYR C 707 34.70 14.25 -17.43
CA TYR C 707 36.06 14.78 -17.51
C TYR C 707 36.17 16.16 -17.01
N LEU C 708 35.23 16.60 -16.21
CA LEU C 708 35.37 17.95 -15.83
C LEU C 708 34.56 18.25 -14.63
N ASP C 709 34.45 17.31 -13.72
CA ASP C 709 33.75 17.68 -12.51
C ASP C 709 33.86 16.68 -11.46
N GLY C 710 34.14 15.46 -11.86
CA GLY C 710 34.30 14.41 -10.88
C GLY C 710 33.55 13.15 -11.16
N THR C 711 32.29 13.28 -11.42
CA THR C 711 31.51 12.11 -11.63
C THR C 711 32.28 11.26 -12.57
N PHE C 712 32.70 10.10 -12.10
CA PHE C 712 33.41 9.17 -12.94
C PHE C 712 32.74 7.87 -12.74
N TYR C 713 32.50 7.10 -13.78
CA TYR C 713 31.68 5.90 -13.60
C TYR C 713 31.85 4.71 -14.50
N LEU C 714 33.02 4.49 -15.08
CA LEU C 714 33.18 3.28 -15.85
C LEU C 714 34.40 2.56 -15.33
N ASN C 715 34.99 3.04 -14.25
CA ASN C 715 36.19 2.44 -13.72
C ASN C 715 35.98 1.00 -13.40
N HIS C 716 34.88 0.41 -13.84
CA HIS C 716 34.61 -0.95 -13.43
C HIS C 716 34.87 -1.88 -14.52
N THR C 717 35.74 -1.50 -15.42
CA THR C 717 35.91 -2.34 -16.57
C THR C 717 37.25 -2.27 -17.22
N PHE C 718 38.34 -2.17 -16.49
CA PHE C 718 39.61 -2.17 -17.17
C PHE C 718 40.06 -3.61 -17.07
N LYS C 719 41.22 -3.97 -17.60
CA LYS C 719 41.66 -5.36 -17.42
C LYS C 719 43.09 -5.45 -16.92
N LYS C 720 44.04 -4.89 -17.67
CA LYS C 720 45.43 -4.96 -17.22
C LYS C 720 46.22 -3.79 -17.76
N VAL C 721 47.23 -3.38 -17.02
CA VAL C 721 48.08 -2.25 -17.37
C VAL C 721 49.53 -2.70 -17.29
N ALA C 722 50.31 -2.39 -18.33
CA ALA C 722 51.71 -2.78 -18.40
C ALA C 722 52.57 -1.57 -18.71
N ILE C 723 53.76 -1.52 -18.10
CA ILE C 723 54.67 -0.40 -18.24
C ILE C 723 56.03 -0.93 -18.66
N THR C 724 56.66 -0.27 -19.63
CA THR C 724 58.01 -0.64 -20.05
C THR C 724 58.87 0.61 -20.22
N PHE C 725 60.14 0.45 -19.90
CA PHE C 725 61.14 1.49 -20.02
C PHE C 725 62.21 1.03 -20.99
N ASP C 726 62.38 1.78 -22.07
CA ASP C 726 63.45 1.54 -23.03
C ASP C 726 63.48 0.09 -23.53
N SER C 727 62.29 -0.44 -23.81
CA SER C 727 62.10 -1.69 -24.54
C SER C 727 62.63 -2.91 -23.82
N SER C 728 63.12 -2.79 -22.59
CA SER C 728 63.63 -3.97 -21.89
C SER C 728 63.18 -4.08 -20.45
N VAL C 729 62.77 -3.01 -19.80
CA VAL C 729 62.49 -3.02 -18.37
C VAL C 729 61.00 -3.24 -18.14
N SER C 730 60.67 -4.18 -17.27
CA SER C 730 59.29 -4.39 -16.85
C SER C 730 59.12 -3.77 -15.48
N TRP C 731 58.87 -2.46 -15.47
CA TRP C 731 58.72 -1.75 -14.22
C TRP C 731 57.55 -2.35 -13.43
N PRO C 732 57.66 -2.47 -12.12
CA PRO C 732 58.83 -2.07 -11.35
C PRO C 732 59.84 -3.18 -11.27
N GLY C 733 59.51 -4.32 -11.86
CA GLY C 733 60.51 -5.37 -11.95
C GLY C 733 61.00 -5.82 -10.59
N ASN C 734 62.22 -6.37 -10.61
CA ASN C 734 62.87 -6.89 -9.41
C ASN C 734 62.00 -7.90 -8.68
N ASP C 735 61.01 -8.45 -9.37
CA ASP C 735 60.25 -9.59 -8.90
C ASP C 735 59.57 -9.31 -7.56
N ARG C 736 58.66 -8.35 -7.57
CA ARG C 736 57.90 -7.99 -6.38
C ARG C 736 56.52 -8.63 -6.35
N LEU C 737 55.71 -8.35 -7.37
CA LEU C 737 54.28 -8.64 -7.35
C LEU C 737 54.02 -10.14 -7.55
N LEU C 738 52.75 -10.52 -7.45
CA LEU C 738 52.36 -11.90 -7.74
C LEU C 738 52.61 -12.24 -9.20
N THR C 739 52.24 -11.33 -10.09
CA THR C 739 52.60 -11.45 -11.50
C THR C 739 53.60 -10.37 -11.83
N PRO C 740 54.88 -10.71 -12.01
CA PRO C 740 55.91 -9.66 -12.07
C PRO C 740 55.74 -8.68 -13.21
N ASN C 741 55.27 -9.13 -14.37
CA ASN C 741 55.41 -8.29 -15.56
C ASN C 741 54.51 -7.06 -15.49
N GLU C 742 53.31 -7.18 -14.92
CA GLU C 742 52.37 -6.06 -14.93
C GLU C 742 51.26 -6.31 -13.92
N PHE C 743 50.41 -5.30 -13.77
CA PHE C 743 49.29 -5.35 -12.83
C PHE C 743 48.04 -5.84 -13.57
N GLU C 744 47.41 -6.87 -13.02
CA GLU C 744 46.13 -7.36 -13.53
C GLU C 744 45.08 -7.10 -12.47
N ILE C 745 44.14 -6.20 -12.77
CA ILE C 745 43.20 -5.74 -11.75
C ILE C 745 42.15 -6.80 -11.47
N LYS C 746 41.36 -7.16 -12.47
CA LYS C 746 40.27 -8.11 -12.29
C LYS C 746 40.46 -9.31 -13.19
N ARG C 747 40.17 -10.49 -12.64
CA ARG C 747 40.32 -11.74 -13.35
C ARG C 747 38.95 -12.27 -13.76
N SER C 748 38.91 -12.89 -14.93
CA SER C 748 37.69 -13.58 -15.35
C SER C 748 37.62 -14.96 -14.73
N VAL C 749 38.59 -15.81 -15.05
CA VAL C 749 38.62 -17.19 -14.58
C VAL C 749 39.87 -17.39 -13.76
N ASP C 750 39.70 -17.76 -12.49
CA ASP C 750 40.81 -17.95 -11.57
C ASP C 750 40.95 -19.44 -11.29
N GLY C 751 42.14 -19.97 -11.53
CA GLY C 751 42.48 -21.32 -11.16
C GLY C 751 43.37 -21.44 -9.94
N GLU C 752 43.67 -20.35 -9.26
CA GLU C 752 44.58 -20.40 -8.12
C GLU C 752 44.10 -19.59 -6.93
N GLY C 753 42.95 -18.94 -7.01
CA GLY C 753 42.48 -18.15 -5.89
C GLY C 753 43.28 -16.89 -5.64
N TYR C 754 43.19 -15.93 -6.56
CA TYR C 754 43.88 -14.66 -6.41
C TYR C 754 42.94 -13.51 -6.08
N ASN C 755 41.68 -13.79 -5.77
CA ASN C 755 40.71 -12.75 -5.50
C ASN C 755 40.49 -12.59 -4.01
N VAL C 756 40.10 -11.38 -3.60
CA VAL C 756 39.87 -11.08 -2.20
C VAL C 756 38.58 -10.30 -2.03
N ALA C 757 38.08 -10.30 -0.80
CA ALA C 757 36.84 -9.63 -0.43
C ALA C 757 35.65 -10.16 -1.23
N GLN C 758 35.73 -11.41 -1.67
CA GLN C 758 34.74 -12.08 -2.49
C GLN C 758 34.45 -11.34 -3.79
N CYS C 759 35.21 -10.30 -4.09
CA CYS C 759 35.08 -9.64 -5.37
C CYS C 759 35.95 -10.36 -6.39
N ASN C 760 36.00 -9.82 -7.60
CA ASN C 760 36.86 -10.35 -8.65
C ASN C 760 38.09 -9.49 -8.85
N MET C 761 38.63 -8.92 -7.79
CA MET C 761 39.81 -8.08 -7.87
C MET C 761 41.02 -8.83 -7.31
N THR C 762 42.13 -8.77 -8.03
CA THR C 762 43.35 -9.43 -7.60
C THR C 762 43.89 -8.77 -6.33
N LYS C 763 44.51 -9.60 -5.49
CA LYS C 763 45.03 -9.09 -4.21
C LYS C 763 45.97 -7.92 -4.44
N ASP C 764 46.90 -8.07 -5.38
CA ASP C 764 47.95 -7.08 -5.57
C ASP C 764 47.37 -5.69 -5.77
N TRP C 765 46.31 -5.57 -6.55
CA TRP C 765 45.77 -4.24 -6.77
C TRP C 765 45.20 -3.66 -5.49
N PHE C 766 44.53 -4.49 -4.70
CA PHE C 766 44.03 -4.02 -3.41
C PHE C 766 45.18 -3.53 -2.55
N LEU C 767 46.27 -4.30 -2.50
CA LEU C 767 47.41 -3.92 -1.69
C LEU C 767 47.98 -2.59 -2.14
N VAL C 768 48.17 -2.43 -3.45
CA VAL C 768 48.76 -1.20 -3.96
C VAL C 768 47.87 -0.02 -3.66
N GLN C 769 46.57 -0.17 -3.88
CA GLN C 769 45.68 0.96 -3.62
C GLN C 769 45.69 1.35 -2.16
N MET C 770 45.62 0.36 -1.27
CA MET C 770 45.64 0.68 0.15
C MET C 770 46.93 1.40 0.52
N LEU C 771 48.07 0.92 0.01
CA LEU C 771 49.34 1.56 0.33
C LEU C 771 49.33 3.01 -0.14
N ALA C 772 49.04 3.22 -1.42
CA ALA C 772 49.14 4.56 -1.95
C ALA C 772 48.11 5.50 -1.37
N ASN C 773 47.06 4.97 -0.74
CA ASN C 773 46.11 5.89 -0.13
C ASN C 773 46.44 6.21 1.31
N TYR C 774 46.85 5.22 2.11
CA TYR C 774 47.02 5.48 3.53
C TYR C 774 48.30 4.88 4.11
N ASN C 775 49.23 4.41 3.28
CA ASN C 775 50.44 3.75 3.77
C ASN C 775 50.08 2.59 4.69
N ILE C 776 49.01 1.87 4.33
CA ILE C 776 48.45 0.81 5.17
C ILE C 776 48.57 -0.50 4.42
N GLY C 777 49.07 -1.52 5.10
CA GLY C 777 49.11 -2.84 4.48
C GLY C 777 50.28 -3.71 4.87
N TYR C 778 51.34 -3.13 5.40
CA TYR C 778 52.45 -3.95 5.85
C TYR C 778 52.25 -4.48 7.25
N GLN C 779 51.13 -4.17 7.88
CA GLN C 779 50.85 -4.63 9.23
C GLN C 779 49.39 -5.08 9.32
N GLY C 780 48.93 -5.81 8.32
CA GLY C 780 47.55 -6.22 8.27
C GLY C 780 46.69 -5.21 7.53
N PHE C 781 45.38 -5.32 7.75
CA PHE C 781 44.40 -4.42 7.16
C PHE C 781 43.39 -4.01 8.22
N TYR C 782 42.79 -2.85 8.00
CA TYR C 782 41.74 -2.35 8.89
C TYR C 782 41.16 -1.10 8.27
N ILE C 783 39.93 -0.80 8.65
CA ILE C 783 39.21 0.34 8.08
C ILE C 783 39.95 1.63 8.46
N PRO C 784 40.37 2.43 7.51
CA PRO C 784 41.04 3.69 7.84
C PRO C 784 40.09 4.64 8.52
N GLU C 785 40.64 5.48 9.40
CA GLU C 785 39.83 6.42 10.13
C GLU C 785 39.17 7.41 9.18
N SER C 786 38.22 8.17 9.71
CA SER C 786 37.42 9.06 8.88
C SER C 786 38.30 10.10 8.20
N TYR C 787 39.12 10.80 8.98
CA TYR C 787 39.75 12.02 8.47
C TYR C 787 40.69 11.72 7.31
N LYS C 788 41.46 10.64 7.39
CA LYS C 788 42.35 10.29 6.30
C LYS C 788 41.63 9.70 5.10
N ASP C 789 40.30 9.65 5.13
CA ASP C 789 39.51 9.07 4.05
C ASP C 789 38.38 10.03 3.71
N ARG C 790 38.66 10.96 2.79
CA ARG C 790 37.70 11.99 2.45
C ARG C 790 36.67 11.44 1.46
N MET C 791 35.86 12.32 0.89
CA MET C 791 34.76 11.88 0.04
C MET C 791 35.28 11.16 -1.21
N TYR C 792 36.21 11.78 -1.92
CA TYR C 792 36.71 11.20 -3.16
C TYR C 792 37.68 10.06 -2.94
N SER C 793 37.78 9.53 -1.74
CA SER C 793 38.82 8.55 -1.43
C SER C 793 38.52 7.25 -2.15
N PHE C 794 39.33 6.23 -1.91
CA PHE C 794 39.11 4.93 -2.51
C PHE C 794 38.17 4.08 -1.69
N PHE C 795 38.53 3.80 -0.44
CA PHE C 795 37.78 2.85 0.36
C PHE C 795 36.37 3.33 0.64
N ARG C 796 36.10 4.62 0.53
CA ARG C 796 34.74 5.11 0.68
C ARG C 796 33.84 4.58 -0.42
N ASN C 797 34.40 4.36 -1.62
CA ASN C 797 33.63 4.02 -2.81
C ASN C 797 33.94 2.63 -3.33
N PHE C 798 34.04 1.65 -2.44
CA PHE C 798 34.31 0.28 -2.83
C PHE C 798 33.02 -0.53 -2.63
N GLN C 799 32.54 -1.15 -3.70
CA GLN C 799 31.29 -1.92 -3.63
C GLN C 799 31.47 -3.31 -4.23
N PRO C 800 31.41 -4.37 -3.44
CA PRO C 800 31.40 -5.72 -4.01
C PRO C 800 29.99 -6.26 -4.18
N MET C 801 29.75 -6.96 -5.28
CA MET C 801 28.42 -7.47 -5.59
C MET C 801 28.51 -8.88 -6.14
N SER C 802 27.46 -9.66 -5.89
CA SER C 802 27.42 -11.02 -6.38
C SER C 802 25.98 -11.48 -6.47
N ARG C 803 25.69 -12.32 -7.47
CA ARG C 803 24.37 -12.88 -7.64
C ARG C 803 24.50 -14.29 -8.19
N GLN C 804 23.37 -14.99 -8.23
CA GLN C 804 23.30 -16.31 -8.81
C GLN C 804 22.31 -16.31 -9.96
N VAL C 805 22.59 -17.13 -10.97
CA VAL C 805 21.68 -17.33 -12.08
C VAL C 805 21.58 -18.81 -12.37
N VAL C 806 20.67 -19.15 -13.26
CA VAL C 806 20.35 -20.55 -13.56
C VAL C 806 21.27 -21.05 -14.64
N ASP C 807 21.91 -22.19 -14.40
CA ASP C 807 22.75 -22.80 -15.41
C ASP C 807 21.89 -23.31 -16.56
N ASP C 808 22.55 -23.64 -17.65
CA ASP C 808 21.84 -24.16 -18.81
C ASP C 808 22.32 -25.53 -19.24
N THR C 809 23.63 -25.78 -19.22
CA THR C 809 24.14 -27.06 -19.67
C THR C 809 24.08 -28.13 -18.59
N LYS C 810 23.60 -27.81 -17.39
CA LYS C 810 23.39 -28.80 -16.35
C LYS C 810 21.94 -28.97 -15.95
N TYR C 811 21.11 -27.94 -16.09
CA TYR C 811 19.67 -28.12 -15.91
C TYR C 811 19.15 -28.99 -17.04
N LYS C 812 18.33 -29.98 -16.69
CA LYS C 812 17.95 -31.00 -17.67
C LYS C 812 17.14 -30.41 -18.81
N ASP C 813 16.24 -29.49 -18.50
CA ASP C 813 15.28 -28.98 -19.48
C ASP C 813 15.22 -27.46 -19.43
N TYR C 814 16.39 -26.82 -19.48
CA TYR C 814 16.43 -25.38 -19.58
C TYR C 814 15.67 -24.92 -20.81
N GLN C 815 14.93 -23.83 -20.67
CA GLN C 815 14.11 -23.32 -21.78
C GLN C 815 14.21 -21.81 -21.80
N GLN C 816 14.91 -21.28 -22.79
CA GLN C 816 15.01 -19.84 -22.97
C GLN C 816 13.67 -19.27 -23.40
N VAL C 817 13.29 -18.15 -22.77
CA VAL C 817 12.03 -17.49 -23.06
C VAL C 817 12.31 -16.04 -23.37
N GLY C 818 11.99 -15.63 -24.59
CA GLY C 818 12.19 -14.24 -24.98
C GLY C 818 11.34 -13.30 -24.16
N ILE C 819 11.46 -12.00 -24.41
CA ILE C 819 10.67 -11.02 -23.67
C ILE C 819 9.18 -11.17 -24.02
N LEU C 820 8.88 -11.48 -25.26
CA LEU C 820 7.50 -11.49 -25.71
C LEU C 820 6.71 -12.65 -25.19
N HIS C 821 7.19 -13.52 -24.30
CA HIS C 821 6.36 -14.64 -23.86
C HIS C 821 6.51 -14.93 -22.37
N GLN C 822 6.91 -13.96 -21.57
CA GLN C 822 6.94 -14.10 -20.13
C GLN C 822 5.65 -13.52 -19.56
N HIS C 823 4.96 -14.29 -18.73
CA HIS C 823 3.61 -13.92 -18.33
C HIS C 823 3.40 -14.06 -16.84
N ASN C 824 4.32 -13.50 -16.05
CA ASN C 824 4.06 -13.37 -14.63
C ASN C 824 3.07 -12.23 -14.41
N ASN C 825 2.24 -12.37 -13.37
CA ASN C 825 1.13 -11.46 -13.13
C ASN C 825 0.30 -11.31 -14.40
N SER C 826 -0.30 -12.44 -14.80
CA SER C 826 -0.81 -12.57 -16.16
C SER C 826 -1.91 -11.58 -16.48
N GLY C 827 -2.84 -11.37 -15.55
CA GLY C 827 -4.03 -10.65 -15.93
C GLY C 827 -4.37 -9.43 -15.10
N PHE C 828 -3.36 -8.69 -14.66
CA PHE C 828 -3.64 -7.51 -13.87
C PHE C 828 -2.72 -6.34 -14.21
N VAL C 829 -1.85 -6.48 -15.22
CA VAL C 829 -0.97 -5.41 -15.64
C VAL C 829 -0.93 -5.39 -17.16
N GLY C 830 -0.30 -4.35 -17.69
CA GLY C 830 -0.26 -4.15 -19.13
C GLY C 830 0.50 -5.22 -19.88
N TYR C 831 0.67 -5.04 -21.17
CA TYR C 831 1.43 -5.95 -22.02
C TYR C 831 2.28 -5.11 -22.96
N LEU C 832 3.60 -5.17 -22.78
CA LEU C 832 4.55 -4.42 -23.58
C LEU C 832 4.26 -2.92 -23.54
N ALA C 833 3.65 -2.46 -22.46
CA ALA C 833 3.29 -1.06 -22.30
C ALA C 833 2.84 -0.86 -20.86
N PRO C 834 2.88 0.36 -20.37
CA PRO C 834 2.34 0.63 -19.04
C PRO C 834 0.86 0.97 -19.06
N THR C 835 0.18 0.70 -20.17
CA THR C 835 -1.20 1.14 -20.32
C THR C 835 -2.18 0.28 -19.53
N MET C 836 -3.46 0.34 -19.90
CA MET C 836 -4.50 -0.29 -19.12
C MET C 836 -4.30 -1.79 -19.05
N ARG C 837 -4.78 -2.39 -17.95
CA ARG C 837 -4.58 -3.80 -17.72
C ARG C 837 -5.32 -4.63 -18.74
N GLU C 838 -4.94 -5.90 -18.83
CA GLU C 838 -5.49 -6.81 -19.82
C GLU C 838 -5.23 -8.24 -19.38
N GLY C 839 -5.84 -9.18 -20.10
CA GLY C 839 -5.50 -10.58 -19.97
C GLY C 839 -6.13 -11.23 -18.76
N GLN C 840 -6.16 -12.57 -18.81
CA GLN C 840 -6.79 -13.37 -17.79
C GLN C 840 -5.78 -13.83 -16.75
N ALA C 841 -6.26 -14.55 -15.74
CA ALA C 841 -5.41 -15.08 -14.69
C ALA C 841 -4.96 -16.49 -15.04
N TYR C 842 -3.77 -16.84 -14.56
CA TYR C 842 -3.15 -18.12 -14.91
C TYR C 842 -1.90 -18.31 -14.06
N PRO C 843 -1.60 -19.53 -13.63
CA PRO C 843 -0.29 -19.78 -13.02
C PRO C 843 0.84 -19.36 -13.94
N ALA C 844 1.88 -18.79 -13.35
CA ALA C 844 2.95 -18.13 -14.09
C ALA C 844 3.92 -19.16 -14.68
N ASN C 845 4.92 -18.64 -15.41
CA ASN C 845 5.90 -19.48 -16.08
C ASN C 845 7.31 -18.93 -15.96
N PHE C 846 7.54 -17.92 -15.14
CA PHE C 846 8.81 -17.21 -15.12
C PHE C 846 8.83 -16.29 -13.91
N PRO C 847 9.98 -16.04 -13.29
CA PRO C 847 11.33 -16.55 -13.52
C PRO C 847 11.54 -17.90 -12.88
N TYR C 848 12.60 -18.59 -13.27
CA TYR C 848 12.88 -19.90 -12.72
C TYR C 848 13.07 -19.80 -11.21
N PRO C 849 12.64 -20.78 -10.45
CA PRO C 849 12.82 -20.72 -9.00
C PRO C 849 14.27 -20.91 -8.63
N LEU C 850 14.64 -20.39 -7.46
CA LEU C 850 15.99 -20.53 -6.95
C LEU C 850 16.07 -21.13 -5.56
N ILE C 851 15.04 -21.01 -4.74
CA ILE C 851 15.06 -21.54 -3.39
C ILE C 851 13.99 -22.62 -3.30
N GLY C 852 13.87 -23.25 -2.13
CA GLY C 852 12.88 -24.29 -1.94
C GLY C 852 13.35 -25.63 -2.43
N LYS C 853 12.56 -26.65 -2.13
CA LYS C 853 12.94 -28.03 -2.39
C LYS C 853 12.85 -28.40 -3.85
N THR C 854 12.70 -27.43 -4.74
CA THR C 854 12.66 -27.72 -6.17
C THR C 854 13.54 -26.75 -6.95
N ALA C 855 14.63 -26.30 -6.35
CA ALA C 855 15.47 -25.30 -6.98
C ALA C 855 16.22 -25.88 -8.17
N VAL C 856 16.53 -25.00 -9.12
CA VAL C 856 17.28 -25.37 -10.31
C VAL C 856 18.75 -25.40 -9.97
N ASP C 857 19.57 -25.92 -10.87
CA ASP C 857 21.02 -25.84 -10.72
C ASP C 857 21.51 -24.46 -11.15
N SER C 858 22.47 -23.92 -10.41
CA SER C 858 22.83 -22.52 -10.55
C SER C 858 24.32 -22.34 -10.70
N ILE C 859 24.69 -21.23 -11.32
CA ILE C 859 26.06 -20.74 -11.33
C ILE C 859 26.05 -19.35 -10.71
N THR C 860 27.25 -18.83 -10.48
CA THR C 860 27.41 -17.58 -9.74
C THR C 860 28.12 -16.55 -10.60
N GLN C 861 27.84 -15.28 -10.31
CA GLN C 861 28.55 -14.18 -10.95
C GLN C 861 28.95 -13.19 -9.87
N LYS C 862 30.21 -12.75 -9.91
CA LYS C 862 30.74 -11.77 -8.97
C LYS C 862 31.33 -10.60 -9.74
N LYS C 863 31.24 -9.42 -9.17
CA LYS C 863 31.89 -8.25 -9.75
C LYS C 863 31.91 -7.14 -8.71
N PHE C 864 32.33 -5.96 -9.12
CA PHE C 864 32.45 -4.85 -8.19
C PHE C 864 32.28 -3.54 -8.92
N LEU C 865 32.00 -2.51 -8.15
CA LEU C 865 31.78 -1.18 -8.65
C LEU C 865 32.57 -0.19 -7.79
N CYS C 866 33.17 0.79 -8.46
CA CYS C 866 33.94 1.79 -7.77
C CYS C 866 33.84 3.12 -8.44
N ASP C 867 32.63 3.60 -8.66
CA ASP C 867 32.44 4.90 -9.27
C ASP C 867 32.99 6.01 -8.43
N ARG C 868 33.25 7.15 -9.05
CA ARG C 868 33.82 8.25 -8.33
C ARG C 868 35.13 7.86 -7.73
N THR C 869 36.23 7.79 -8.48
CA THR C 869 37.56 7.52 -7.93
C THR C 869 38.50 7.15 -9.01
N LEU C 870 39.79 7.28 -8.78
CA LEU C 870 40.68 7.00 -9.89
C LEU C 870 41.70 6.00 -9.49
N TRP C 871 41.89 5.01 -10.34
CA TRP C 871 42.89 4.05 -10.06
C TRP C 871 44.15 4.88 -9.99
N ARG C 872 45.15 4.53 -9.18
CA ARG C 872 46.41 5.31 -9.20
C ARG C 872 47.66 4.48 -9.16
N ILE C 873 48.83 5.07 -9.44
CA ILE C 873 50.02 4.25 -9.30
C ILE C 873 51.14 5.13 -8.76
N PRO C 874 51.61 4.91 -7.55
CA PRO C 874 52.67 5.77 -7.00
C PRO C 874 54.02 5.39 -7.56
N PHE C 875 54.99 6.28 -7.36
CA PHE C 875 56.34 6.06 -7.85
C PHE C 875 57.30 6.03 -6.66
N SER C 876 57.49 4.84 -6.11
CA SER C 876 58.42 4.63 -5.02
C SER C 876 59.05 3.25 -5.17
N SER C 877 59.91 2.91 -4.23
CA SER C 877 60.42 1.55 -4.14
C SER C 877 59.59 0.70 -3.19
N ASN C 878 58.61 1.30 -2.52
CA ASN C 878 57.78 0.55 -1.60
C ASN C 878 56.31 0.95 -1.73
N PHE C 879 55.98 1.81 -2.69
CA PHE C 879 54.62 2.29 -2.91
C PHE C 879 54.05 3.02 -1.70
N MET C 880 54.91 3.43 -0.78
CA MET C 880 54.45 4.11 0.42
C MET C 880 54.64 5.60 0.25
N SER C 881 53.61 6.36 0.59
CA SER C 881 53.73 7.81 0.52
C SER C 881 54.62 8.30 1.64
N MET C 882 55.91 8.48 1.35
CA MET C 882 56.88 8.88 2.36
C MET C 882 57.29 10.35 2.25
N GLY C 883 56.70 11.10 1.34
CA GLY C 883 56.99 12.52 1.24
C GLY C 883 56.53 13.08 -0.08
N ALA C 884 56.59 14.41 -0.16
CA ALA C 884 56.23 15.08 -1.40
C ALA C 884 57.16 14.69 -2.54
N LEU C 885 58.45 14.61 -2.27
CA LEU C 885 59.45 14.31 -3.29
C LEU C 885 59.97 12.90 -3.03
N THR C 886 59.46 11.94 -3.81
CA THR C 886 59.78 10.55 -3.56
C THR C 886 61.22 10.25 -3.96
N ASP C 887 61.71 9.10 -3.48
CA ASP C 887 63.12 8.79 -3.65
C ASP C 887 63.49 8.58 -5.12
N LEU C 888 62.65 7.90 -5.88
CA LEU C 888 63.06 7.50 -7.23
C LEU C 888 63.36 8.71 -8.10
N GLY C 889 62.66 9.82 -7.89
CA GLY C 889 63.02 11.04 -8.59
C GLY C 889 64.43 11.48 -8.28
N GLN C 890 64.78 11.47 -6.99
CA GLN C 890 66.14 11.84 -6.61
C GLN C 890 67.16 10.88 -7.20
N ASN C 891 66.84 9.58 -7.18
CA ASN C 891 67.77 8.61 -7.73
C ASN C 891 68.00 8.86 -9.22
N LEU C 892 66.95 9.19 -9.94
CA LEU C 892 67.12 9.52 -11.36
C LEU C 892 67.96 10.77 -11.53
N LEU C 893 67.76 11.77 -10.66
CA LEU C 893 68.63 12.93 -10.69
C LEU C 893 70.08 12.53 -10.51
N TYR C 894 70.32 11.59 -9.60
CA TYR C 894 71.66 11.05 -9.39
C TYR C 894 72.20 10.48 -10.69
N ALA C 895 71.40 9.66 -11.38
CA ALA C 895 71.89 9.00 -12.59
C ALA C 895 72.24 10.01 -13.67
N ASN C 896 71.45 11.07 -13.79
CA ASN C 896 71.64 12.10 -14.82
C ASN C 896 71.58 11.47 -16.21
N SER C 897 70.40 10.95 -16.55
CA SER C 897 70.23 10.21 -17.78
C SER C 897 68.92 10.63 -18.43
N ALA C 898 68.51 9.87 -19.46
CA ALA C 898 67.27 10.10 -20.16
C ALA C 898 66.77 8.77 -20.69
N HIS C 899 65.45 8.65 -20.84
CA HIS C 899 64.85 7.38 -21.21
C HIS C 899 63.54 7.61 -21.93
N ALA C 900 63.08 6.58 -22.63
CA ALA C 900 61.79 6.57 -23.30
C ALA C 900 60.82 5.68 -22.54
N LEU C 901 59.53 5.84 -22.84
CA LEU C 901 58.47 5.21 -22.05
C LEU C 901 57.41 4.56 -22.93
N ASP C 902 56.95 3.38 -22.54
CA ASP C 902 55.85 2.74 -23.23
C ASP C 902 54.83 2.25 -22.20
N MET C 903 53.54 2.37 -22.53
CA MET C 903 52.50 1.85 -21.68
C MET C 903 51.47 1.14 -22.52
N THR C 904 50.86 0.11 -21.95
CA THR C 904 49.85 -0.67 -22.66
C THR C 904 48.65 -0.89 -21.76
N PHE C 905 47.46 -0.58 -22.26
CA PHE C 905 46.21 -0.73 -21.51
C PHE C 905 45.32 -1.75 -22.20
N GLU C 906 44.76 -2.67 -21.43
CA GLU C 906 43.77 -3.61 -21.92
C GLU C 906 42.51 -3.43 -21.08
N VAL C 907 41.38 -3.20 -21.76
CA VAL C 907 40.16 -2.71 -21.14
C VAL C 907 39.00 -3.61 -21.52
N ASP C 908 37.86 -3.40 -20.86
CA ASP C 908 36.63 -4.07 -21.24
C ASP C 908 36.05 -3.43 -22.49
N PRO C 909 35.40 -4.21 -23.34
CA PRO C 909 34.88 -3.66 -24.60
C PRO C 909 33.59 -2.90 -24.38
N MET C 910 33.40 -1.86 -25.18
CA MET C 910 32.17 -1.08 -25.15
C MET C 910 31.78 -0.72 -26.58
N ASP C 911 30.48 -0.50 -26.77
CA ASP C 911 29.93 -0.20 -28.09
C ASP C 911 29.75 1.31 -28.26
N GLU C 912 30.85 2.04 -28.11
CA GLU C 912 30.79 3.50 -28.11
C GLU C 912 32.21 4.06 -28.13
N PRO C 913 32.44 5.16 -28.83
CA PRO C 913 33.78 5.78 -28.80
C PRO C 913 34.11 6.26 -27.39
N THR C 914 35.37 6.11 -27.00
CA THR C 914 35.76 6.50 -25.65
C THR C 914 37.12 7.19 -25.67
N LEU C 915 37.51 7.71 -24.52
CA LEU C 915 38.80 8.33 -24.33
C LEU C 915 39.47 7.76 -23.10
N LEU C 916 40.79 7.67 -23.16
CA LEU C 916 41.62 7.31 -22.03
C LEU C 916 42.26 8.57 -21.48
N TYR C 917 42.06 8.83 -20.19
CA TYR C 917 42.48 10.08 -19.55
C TYR C 917 43.60 9.76 -18.59
N VAL C 918 44.79 10.28 -18.90
CA VAL C 918 46.01 9.93 -18.19
C VAL C 918 46.60 11.17 -17.55
N LEU C 919 46.94 11.06 -16.26
CA LEU C 919 47.56 12.13 -15.50
C LEU C 919 48.94 11.67 -15.07
N PHE C 920 49.95 12.47 -15.41
CA PHE C 920 51.30 12.29 -14.89
C PHE C 920 51.45 13.25 -13.73
N GLU C 921 51.51 12.71 -12.51
CA GLU C 921 51.70 13.55 -11.34
C GLU C 921 53.12 14.11 -11.35
N VAL C 922 53.24 15.43 -11.30
CA VAL C 922 54.51 16.11 -11.43
C VAL C 922 54.57 17.24 -10.41
N PHE C 923 55.64 18.01 -10.46
CA PHE C 923 55.80 19.19 -9.64
C PHE C 923 55.55 20.44 -10.47
N ASP C 924 54.88 21.41 -9.88
CA ASP C 924 54.62 22.67 -10.56
C ASP C 924 54.43 23.75 -9.53
N VAL C 925 55.26 24.79 -9.58
CA VAL C 925 55.27 25.86 -8.58
C VAL C 925 55.39 27.20 -9.29
N VAL C 926 54.99 28.25 -8.55
CA VAL C 926 55.15 29.63 -8.99
C VAL C 926 55.77 30.42 -7.85
N ARG C 927 56.67 31.34 -8.19
CA ARG C 927 57.25 32.25 -7.22
C ARG C 927 57.09 33.68 -7.72
N VAL C 928 56.60 34.56 -6.84
CA VAL C 928 56.20 35.91 -7.21
C VAL C 928 57.03 36.90 -6.42
N HIS C 929 57.58 37.89 -7.14
CA HIS C 929 58.45 38.91 -6.59
C HIS C 929 57.92 40.29 -6.94
N ARG C 930 57.98 41.21 -5.99
CA ARG C 930 57.38 42.54 -6.11
C ARG C 930 58.38 43.61 -5.69
N PRO C 931 59.27 44.01 -6.57
CA PRO C 931 60.31 44.97 -6.18
C PRO C 931 59.76 46.34 -5.77
N HIS C 932 59.03 47.00 -6.66
CA HIS C 932 58.68 48.39 -6.45
C HIS C 932 57.17 48.56 -6.39
N ARG C 933 56.76 49.83 -6.30
CA ARG C 933 55.34 50.16 -6.34
C ARG C 933 54.79 49.90 -7.74
N GLY C 934 53.67 49.19 -7.80
CA GLY C 934 53.01 49.00 -9.08
C GLY C 934 53.82 48.23 -10.09
N VAL C 935 54.54 47.20 -9.65
CA VAL C 935 55.15 46.24 -10.56
C VAL C 935 55.06 44.87 -9.93
N ILE C 936 55.10 43.84 -10.77
CA ILE C 936 55.06 42.46 -10.29
C ILE C 936 55.72 41.57 -11.33
N GLU C 937 56.66 40.75 -10.88
CA GLU C 937 57.29 39.76 -11.73
C GLU C 937 57.05 38.37 -11.16
N THR C 938 56.98 37.39 -12.04
CA THR C 938 56.69 36.03 -11.62
C THR C 938 57.59 35.06 -12.35
N VAL C 939 57.84 33.92 -11.73
CA VAL C 939 58.59 32.84 -12.34
C VAL C 939 57.84 31.54 -12.12
N TYR C 940 57.47 30.88 -13.21
CA TYR C 940 56.85 29.57 -13.14
C TYR C 940 57.90 28.48 -13.26
N LEU C 941 57.52 27.28 -12.85
CA LEU C 941 58.39 26.13 -13.07
C LEU C 941 57.57 24.86 -12.94
N ARG C 942 57.56 24.05 -14.00
CA ARG C 942 56.90 22.75 -13.94
C ARG C 942 57.88 21.69 -14.43
N THR C 943 58.09 20.66 -13.63
CA THR C 943 58.98 19.57 -13.93
C THR C 943 58.29 18.24 -13.65
N PRO C 944 58.62 17.19 -14.39
CA PRO C 944 59.61 17.10 -15.47
C PRO C 944 59.21 17.78 -16.78
N PHE C 945 57.94 17.75 -17.12
CA PHE C 945 57.49 18.28 -18.42
C PHE C 945 57.47 19.79 -18.35
N SER C 946 58.60 20.39 -18.72
CA SER C 946 58.72 21.84 -18.72
C SER C 946 57.93 22.43 -19.87
N ALA C 947 57.83 23.75 -19.89
CA ALA C 947 57.06 24.43 -20.91
C ALA C 947 57.70 25.68 -21.49
N GLY C 948 58.87 26.09 -21.02
CA GLY C 948 59.47 27.34 -21.43
C GLY C 948 60.75 27.16 -22.20
N ASN C 949 60.98 28.07 -23.15
CA ASN C 949 62.21 28.09 -23.93
C ASN C 949 63.30 28.96 -23.31
N ALA C 950 63.04 29.53 -22.13
CA ALA C 950 64.01 30.41 -21.49
C ALA C 950 63.76 30.48 -19.99
N ALA D 44 -32.09 -5.19 -16.47
CA ALA D 44 -31.48 -5.20 -17.79
C ALA D 44 -30.32 -4.22 -17.88
N ASN D 45 -30.01 -3.59 -16.75
CA ASN D 45 -28.93 -2.62 -16.65
C ASN D 45 -28.33 -2.69 -15.26
N THR D 46 -27.58 -1.65 -14.90
CA THR D 46 -27.10 -1.47 -13.53
C THR D 46 -26.36 -2.70 -13.03
N PHE D 47 -25.18 -2.96 -13.59
CA PHE D 47 -24.48 -4.24 -13.45
C PHE D 47 -24.35 -4.73 -12.01
N LEU D 48 -24.60 -3.87 -11.03
CA LEU D 48 -24.72 -4.34 -9.66
C LEU D 48 -25.98 -5.18 -9.52
N VAL D 51 -25.60 -8.90 -10.04
CA VAL D 51 -25.25 -9.69 -8.86
C VAL D 51 -26.54 -10.23 -8.29
N ARG D 52 -27.64 -9.57 -8.65
CA ARG D 52 -28.98 -9.97 -8.23
C ARG D 52 -29.65 -10.75 -9.35
N LYS D 53 -30.08 -11.98 -9.04
CA LYS D 53 -30.73 -12.82 -10.02
C LYS D 53 -32.05 -12.19 -10.46
N GLY D 54 -32.30 -12.19 -11.77
CA GLY D 54 -33.47 -11.55 -12.30
C GLY D 54 -34.77 -12.17 -11.83
N ASN D 55 -35.81 -11.34 -11.69
CA ASN D 55 -37.13 -11.80 -11.28
C ASN D 55 -38.10 -11.53 -12.43
N LEU D 56 -39.23 -12.21 -12.42
CA LEU D 56 -40.25 -12.03 -13.45
C LEU D 56 -40.91 -10.68 -13.26
N ARG D 58 -40.21 -8.32 -11.56
CA ARG D 58 -39.27 -7.21 -11.52
C ARG D 58 -38.82 -6.79 -12.92
N CYS D 60 -39.17 -8.25 -15.92
CA CYS D 60 -39.99 -8.56 -17.09
C CYS D 60 -41.14 -7.60 -17.28
N VAL D 61 -42.01 -7.51 -16.28
CA VAL D 61 -43.16 -6.64 -16.39
C VAL D 61 -42.72 -5.19 -16.30
N THR D 64 -37.88 -4.41 -18.58
CA THR D 64 -38.05 -5.03 -19.88
C THR D 64 -37.04 -6.18 -19.99
N CYS D 65 -37.33 -7.30 -19.34
CA CYS D 65 -36.37 -8.37 -19.18
C CYS D 65 -36.03 -9.03 -20.51
N SER D 66 -34.74 -9.35 -20.66
CA SER D 66 -34.29 -10.14 -21.78
C SER D 66 -34.74 -11.59 -21.60
N TYR D 67 -34.54 -12.37 -22.65
CA TYR D 67 -34.95 -13.77 -22.64
C TYR D 67 -34.17 -14.55 -21.59
N ALA D 70 -35.68 -13.12 -18.36
CA ALA D 70 -36.95 -13.85 -18.28
C ALA D 70 -36.72 -15.31 -17.89
N PHE D 71 -35.55 -15.83 -18.25
CA PHE D 71 -35.28 -17.24 -18.09
C PHE D 71 -34.98 -17.52 -16.63
N ALA D 73 -36.06 -15.82 -14.54
CA ALA D 73 -37.17 -15.04 -14.00
C ALA D 73 -38.38 -15.96 -14.03
N LEU D 74 -38.17 -17.15 -14.57
CA LEU D 74 -39.25 -18.13 -14.75
C LEU D 74 -38.75 -19.58 -14.64
N SER D 76 -38.76 -22.41 -15.79
CA SER D 76 -39.45 -23.38 -16.64
C SER D 76 -39.46 -22.97 -18.10
N SER D 77 -39.15 -23.92 -18.98
CA SER D 77 -39.18 -23.65 -20.42
C SER D 77 -40.59 -23.28 -20.87
N THR D 78 -41.60 -24.01 -20.39
CA THR D 78 -42.97 -23.68 -20.75
C THR D 78 -43.35 -22.29 -20.23
N ALA D 79 -42.79 -21.90 -19.09
CA ALA D 79 -43.04 -20.56 -18.57
C ALA D 79 -42.57 -19.50 -19.55
N THR D 80 -41.38 -19.69 -20.15
CA THR D 80 -40.89 -18.73 -21.13
C THR D 80 -41.67 -18.84 -22.43
N ASP D 81 -42.16 -20.03 -22.77
CA ASP D 81 -43.02 -20.17 -23.94
C ASP D 81 -44.28 -19.33 -23.80
N VAL D 82 -44.99 -19.49 -22.69
CA VAL D 82 -46.20 -18.70 -22.44
C VAL D 82 -45.84 -17.23 -22.31
N PHE D 83 -44.68 -16.95 -21.71
CA PHE D 83 -44.20 -15.58 -21.56
C PHE D 83 -44.07 -14.90 -22.92
N TRP D 84 -43.44 -15.59 -23.87
CA TRP D 84 -43.23 -14.97 -25.17
C TRP D 84 -44.53 -14.93 -25.97
N ALA D 85 -45.39 -15.92 -25.80
CA ALA D 85 -46.71 -15.84 -26.43
C ALA D 85 -47.44 -14.58 -25.98
N LYS D 86 -47.48 -14.35 -24.65
CA LYS D 86 -48.09 -13.14 -24.13
C LYS D 86 -47.42 -11.90 -24.69
N TYR D 87 -46.10 -11.80 -24.55
CA TYR D 87 -45.40 -10.60 -24.98
C TYR D 87 -45.57 -10.35 -26.47
N THR D 88 -45.76 -11.42 -27.24
CA THR D 88 -46.16 -11.27 -28.63
C THR D 88 -47.54 -10.64 -28.73
N ALA D 89 -48.46 -11.07 -27.87
CA ALA D 89 -49.80 -10.49 -27.88
C ALA D 89 -49.90 -9.24 -26.99
N CYS D 90 -48.91 -8.98 -26.15
CA CYS D 90 -49.03 -7.95 -25.12
C CYS D 90 -48.08 -6.77 -25.34
N GLU D 91 -47.55 -6.60 -26.54
CA GLU D 91 -46.85 -5.35 -26.83
C GLU D 91 -47.82 -4.18 -26.80
N THR D 92 -49.09 -4.45 -27.08
CA THR D 92 -50.16 -3.46 -27.00
C THR D 92 -50.46 -3.05 -25.56
N ALA D 93 -50.01 -3.82 -24.57
CA ALA D 93 -50.30 -3.55 -23.16
C ALA D 93 -49.05 -3.51 -22.31
N ARG D 94 -47.90 -3.16 -22.90
CA ARG D 94 -46.63 -3.20 -22.17
C ARG D 94 -46.70 -2.40 -20.88
N THR D 95 -47.26 -1.20 -20.92
CA THR D 95 -47.45 -0.38 -19.74
C THR D 95 -48.85 0.20 -19.76
N PRO D 96 -49.47 0.41 -18.58
CA PRO D 96 -48.93 0.17 -17.24
C PRO D 96 -48.80 -1.31 -16.86
N ARG D 97 -48.19 -1.56 -15.71
CA ARG D 97 -47.99 -2.92 -15.22
C ARG D 97 -49.32 -3.66 -15.10
N ASP D 98 -50.39 -2.93 -14.79
CA ASP D 98 -51.72 -3.55 -14.76
C ASP D 98 -52.14 -4.01 -16.15
N LYS D 99 -51.90 -3.19 -17.18
CA LYS D 99 -52.21 -3.59 -18.54
C LYS D 99 -51.47 -4.86 -18.92
N LEU D 100 -50.16 -4.89 -18.67
CA LEU D 100 -49.35 -6.04 -19.03
C LEU D 100 -49.77 -7.28 -18.24
N ALA D 101 -50.03 -7.12 -16.94
CA ALA D 101 -50.41 -8.26 -16.12
C ALA D 101 -51.76 -8.83 -16.55
N ALA D 102 -52.71 -7.95 -16.87
CA ALA D 102 -54.02 -8.40 -17.32
C ALA D 102 -53.93 -9.03 -18.69
N CYS D 103 -52.98 -8.58 -19.51
CA CYS D 103 -52.78 -9.22 -20.82
C CYS D 103 -52.10 -10.57 -20.68
N LEU D 104 -51.21 -10.71 -19.70
CA LEU D 104 -50.57 -11.99 -19.45
C LEU D 104 -51.55 -13.02 -18.90
N GLU D 105 -52.29 -12.64 -17.86
CA GLU D 105 -53.16 -13.60 -17.18
C GLU D 105 -54.21 -14.17 -18.14
N GLY D 106 -54.81 -13.31 -18.97
CA GLY D 106 -55.77 -13.78 -19.95
C GLY D 106 -57.18 -13.93 -19.45
N ASN D 107 -57.44 -13.67 -18.17
CA ASN D 107 -58.80 -13.71 -17.67
C ASN D 107 -59.62 -12.51 -18.12
N CYS D 108 -59.09 -11.72 -19.06
CA CYS D 108 -59.83 -10.64 -19.69
C CYS D 108 -59.37 -10.52 -21.14
N ALA D 109 -59.87 -9.48 -21.81
CA ALA D 109 -59.56 -9.26 -23.21
C ALA D 109 -58.57 -8.11 -23.34
N GLU D 110 -57.47 -8.34 -24.03
CA GLU D 110 -56.51 -7.31 -24.35
C GLU D 110 -56.15 -7.39 -25.82
N GLY D 111 -56.07 -6.24 -26.48
CA GLY D 111 -55.83 -6.21 -27.92
C GLY D 111 -56.94 -6.97 -28.62
N LEU D 112 -56.54 -7.86 -29.55
CA LEU D 112 -57.52 -8.72 -30.18
C LEU D 112 -57.99 -9.85 -29.27
N GLY D 113 -57.40 -9.99 -28.08
CA GLY D 113 -57.91 -10.92 -27.10
C GLY D 113 -57.46 -12.35 -27.27
N THR D 114 -56.57 -12.62 -28.23
CA THR D 114 -56.06 -13.98 -28.39
C THR D 114 -55.30 -14.43 -27.15
N ASN D 115 -54.91 -13.49 -26.29
CA ASN D 115 -54.25 -13.82 -25.03
C ASN D 115 -55.24 -14.26 -23.97
N TYR D 116 -56.53 -14.35 -24.29
CA TYR D 116 -57.55 -14.69 -23.31
C TYR D 116 -57.30 -16.07 -22.70
N ARG D 117 -57.41 -16.16 -21.38
CA ARG D 117 -57.24 -17.41 -20.64
C ARG D 117 -58.26 -17.58 -19.52
N GLY D 118 -59.43 -16.96 -19.62
CA GLY D 118 -60.39 -16.99 -18.53
C GLY D 118 -61.39 -18.13 -18.67
N HIS D 119 -62.49 -17.99 -17.91
CA HIS D 119 -63.53 -19.01 -17.82
C HIS D 119 -64.70 -18.74 -18.77
N VAL D 120 -64.66 -17.65 -19.53
CA VAL D 120 -65.81 -17.24 -20.31
C VAL D 120 -66.05 -18.23 -21.44
N ASN D 121 -67.16 -18.97 -21.35
CA ASN D 121 -67.55 -19.93 -22.37
C ASN D 121 -68.90 -19.60 -22.99
N ILE D 122 -69.16 -18.32 -23.24
CA ILE D 122 -70.43 -17.86 -23.79
C ILE D 122 -70.17 -16.87 -24.91
N THR D 123 -70.74 -17.13 -26.08
CA THR D 123 -70.44 -16.35 -27.27
C THR D 123 -71.19 -15.02 -27.27
N ARG D 124 -71.14 -14.34 -28.42
CA ARG D 124 -71.91 -13.11 -28.60
C ARG D 124 -73.41 -13.38 -28.63
N SER D 125 -73.85 -14.42 -29.33
CA SER D 125 -75.27 -14.75 -29.41
C SER D 125 -75.69 -15.78 -28.37
N GLY D 126 -74.77 -16.24 -27.53
CA GLY D 126 -75.11 -17.10 -26.41
C GLY D 126 -75.12 -18.58 -26.69
N ILE D 127 -74.62 -19.02 -27.84
CA ILE D 127 -74.57 -20.45 -28.12
C ILE D 127 -73.43 -21.08 -27.32
N GLU D 128 -73.67 -22.27 -26.78
CA GLU D 128 -72.69 -22.93 -25.92
C GLU D 128 -71.39 -23.18 -26.66
N CYS D 129 -70.27 -22.99 -25.96
CA CYS D 129 -68.97 -23.15 -26.57
C CYS D 129 -68.65 -24.62 -26.81
N GLN D 130 -68.09 -24.90 -27.99
CA GLN D 130 -67.61 -26.25 -28.29
C GLN D 130 -66.23 -26.47 -27.72
N LEU D 131 -66.02 -27.63 -27.10
CA LEU D 131 -64.70 -27.99 -26.61
C LEU D 131 -63.74 -28.18 -27.78
N TRP D 132 -62.56 -27.57 -27.68
CA TRP D 132 -61.64 -27.53 -28.81
C TRP D 132 -60.97 -28.87 -29.05
N ARG D 133 -60.95 -29.74 -28.03
CA ARG D 133 -60.50 -31.11 -28.23
C ARG D 133 -61.50 -31.94 -29.03
N SER D 134 -62.79 -31.80 -28.75
CA SER D 134 -63.80 -32.49 -29.53
C SER D 134 -63.94 -31.84 -30.91
N ARG D 135 -63.75 -32.66 -31.94
CA ARG D 135 -63.89 -32.21 -33.32
C ARG D 135 -65.34 -31.86 -33.66
N TYR D 136 -66.29 -32.23 -32.81
CA TYR D 136 -67.69 -31.90 -32.98
C TYR D 136 -68.04 -30.66 -32.16
N PRO D 137 -68.90 -29.77 -32.69
CA PRO D 137 -69.48 -29.87 -34.03
C PRO D 137 -68.53 -29.46 -35.14
N HIS D 138 -67.76 -28.40 -34.94
CA HIS D 138 -66.85 -27.90 -35.94
C HIS D 138 -65.42 -28.27 -35.56
N LYS D 139 -64.74 -28.94 -36.47
CA LYS D 139 -63.41 -29.49 -36.18
C LYS D 139 -62.36 -28.39 -36.22
N PRO D 140 -61.70 -28.08 -35.10
CA PRO D 140 -60.68 -27.03 -35.12
C PRO D 140 -59.35 -27.57 -35.63
N GLU D 141 -58.98 -27.16 -36.84
CA GLU D 141 -57.62 -27.42 -37.31
C GLU D 141 -56.61 -26.55 -36.57
N ILE D 142 -57.08 -25.55 -35.83
CA ILE D 142 -56.24 -24.63 -35.10
C ILE D 142 -55.97 -25.20 -33.71
N ASN D 143 -54.73 -25.61 -33.49
CA ASN D 143 -54.29 -26.10 -32.19
C ASN D 143 -52.82 -25.77 -32.04
N SER D 144 -52.16 -26.48 -31.12
CA SER D 144 -50.73 -26.28 -30.91
C SER D 144 -49.93 -26.47 -32.20
N THR D 145 -50.41 -27.29 -33.13
CA THR D 145 -49.72 -27.51 -34.39
C THR D 145 -49.67 -26.25 -35.25
N THR D 146 -50.74 -25.46 -35.26
CA THR D 146 -50.77 -24.27 -36.10
C THR D 146 -50.31 -23.02 -35.35
N HIS D 147 -50.99 -22.66 -34.26
CA HIS D 147 -50.65 -21.48 -33.46
C HIS D 147 -50.55 -21.89 -31.99
N PRO D 148 -49.40 -22.43 -31.58
CA PRO D 148 -49.28 -22.92 -30.19
C PRO D 148 -49.33 -21.83 -29.14
N GLY D 149 -49.11 -20.57 -29.53
CA GLY D 149 -49.05 -19.49 -28.56
C GLY D 149 -50.33 -19.19 -27.81
N ALA D 150 -51.48 -19.31 -28.47
CA ALA D 150 -52.77 -18.99 -27.85
C ALA D 150 -53.14 -19.96 -26.73
N ASP D 151 -52.48 -21.11 -26.65
CA ASP D 151 -52.65 -22.04 -25.52
C ASP D 151 -54.12 -22.40 -25.31
N LEU D 152 -54.70 -23.07 -26.31
CA LEU D 152 -56.14 -23.33 -26.35
C LEU D 152 -56.54 -24.25 -25.19
N GLN D 153 -57.57 -23.82 -24.47
CA GLN D 153 -57.98 -24.42 -23.22
C GLN D 153 -59.06 -25.47 -23.42
N GLU D 154 -59.66 -25.90 -22.30
CA GLU D 154 -60.60 -27.02 -22.22
C GLU D 154 -61.81 -26.70 -23.09
N ASN D 155 -62.58 -25.65 -22.77
CA ASN D 155 -63.80 -25.31 -23.51
C ASN D 155 -63.88 -23.80 -23.74
N PHE D 156 -63.03 -23.04 -23.06
CA PHE D 156 -63.09 -21.60 -23.10
C PHE D 156 -62.69 -21.07 -24.46
N CYS D 157 -63.16 -19.87 -24.77
CA CYS D 157 -62.97 -19.29 -26.09
C CYS D 157 -61.49 -19.07 -26.38
N ARG D 158 -61.13 -19.16 -27.67
CA ARG D 158 -59.74 -19.03 -28.09
C ARG D 158 -59.69 -18.49 -29.52
N ASN D 159 -58.70 -17.65 -29.77
CA ASN D 159 -58.48 -17.06 -31.08
C ASN D 159 -57.04 -17.27 -31.52
N PRO D 160 -56.66 -18.53 -31.81
CA PRO D 160 -55.30 -18.76 -32.33
C PRO D 160 -55.12 -18.30 -33.77
N ASP D 161 -56.15 -18.41 -34.61
CA ASP D 161 -56.07 -18.05 -36.02
C ASP D 161 -56.31 -16.57 -36.27
N SER D 162 -56.37 -15.77 -35.21
CA SER D 162 -56.46 -14.31 -35.32
C SER D 162 -57.74 -13.87 -36.06
N SER D 163 -58.89 -14.21 -35.48
CA SER D 163 -60.15 -13.65 -35.93
C SER D 163 -60.31 -12.23 -35.40
N THR D 164 -60.85 -11.34 -36.23
CA THR D 164 -60.93 -9.93 -35.86
C THR D 164 -62.05 -9.65 -34.87
N THR D 165 -62.88 -10.63 -34.56
CA THR D 165 -64.02 -10.42 -33.68
C THR D 165 -63.64 -10.42 -32.20
N GLY D 166 -62.36 -10.57 -31.87
CA GLY D 166 -61.95 -10.71 -30.50
C GLY D 166 -61.86 -12.18 -30.13
N PRO D 167 -61.76 -12.47 -28.83
CA PRO D 167 -61.75 -13.88 -28.41
C PRO D 167 -63.06 -14.55 -28.78
N TRP D 168 -62.96 -15.79 -29.26
CA TRP D 168 -64.11 -16.49 -29.81
C TRP D 168 -64.00 -17.97 -29.52
N CYS D 169 -65.14 -18.66 -29.61
CA CYS D 169 -65.12 -20.10 -29.40
C CYS D 169 -66.00 -20.79 -30.43
N TYR D 170 -65.60 -21.98 -30.83
CA TYR D 170 -66.43 -22.74 -31.76
C TYR D 170 -67.78 -22.94 -31.08
N THR D 171 -68.86 -22.62 -31.78
CA THR D 171 -70.19 -22.78 -31.22
C THR D 171 -70.61 -24.23 -31.29
N THR D 172 -71.21 -24.74 -30.23
CA THR D 172 -71.68 -26.13 -30.22
C THR D 172 -72.69 -26.36 -31.34
N ASP D 173 -73.18 -25.29 -31.94
CA ASP D 173 -74.14 -25.42 -33.03
C ASP D 173 -73.44 -25.71 -34.35
N PRO D 174 -73.81 -26.82 -35.00
CA PRO D 174 -73.18 -27.19 -36.27
C PRO D 174 -73.41 -26.16 -37.37
N THR D 175 -74.47 -25.38 -37.24
CA THR D 175 -74.75 -24.34 -38.23
C THR D 175 -73.92 -23.10 -37.95
N VAL D 176 -73.20 -23.10 -36.85
CA VAL D 176 -72.37 -21.95 -36.49
C VAL D 176 -70.96 -22.40 -36.13
N ARG D 177 -69.99 -22.08 -36.98
CA ARG D 177 -68.61 -22.48 -36.73
C ARG D 177 -68.04 -21.75 -35.52
N ARG D 178 -67.81 -20.45 -35.67
CA ARG D 178 -67.21 -19.69 -34.58
C ARG D 178 -68.09 -18.55 -34.10
N GLN D 179 -67.68 -17.88 -33.03
CA GLN D 179 -68.44 -16.77 -32.50
C GLN D 179 -67.65 -16.10 -31.38
N GLU D 180 -67.51 -14.78 -31.48
CA GLU D 180 -66.81 -14.00 -30.46
C GLU D 180 -67.59 -14.07 -29.15
N CYS D 181 -66.85 -14.07 -28.04
CA CYS D 181 -67.42 -14.28 -26.72
C CYS D 181 -67.46 -12.96 -25.95
N SER D 182 -68.32 -12.92 -24.94
CA SER D 182 -68.45 -11.76 -24.07
C SER D 182 -67.23 -11.73 -23.15
N ILE D 183 -66.10 -11.26 -23.68
CA ILE D 183 -64.83 -11.28 -22.98
C ILE D 183 -64.55 -9.89 -22.41
N PRO D 184 -64.52 -9.74 -21.09
CA PRO D 184 -64.25 -8.42 -20.51
C PRO D 184 -62.91 -7.87 -20.97
N VAL D 185 -62.90 -6.59 -21.32
CA VAL D 185 -61.69 -5.92 -21.76
C VAL D 185 -60.79 -5.66 -20.56
N CYS D 186 -59.50 -5.95 -20.70
CA CYS D 186 -58.57 -5.72 -19.60
C CYS D 186 -58.44 -4.24 -19.31
N GLY D 187 -58.74 -3.85 -18.06
CA GLY D 187 -58.62 -2.48 -17.62
C GLY D 187 -59.87 -1.64 -17.73
N GLN D 188 -60.97 -2.20 -18.23
CA GLN D 188 -62.22 -1.46 -18.38
C GLN D 188 -63.41 -2.37 -18.12
N ASP D 189 -64.52 -1.78 -17.68
CA ASP D 189 -65.75 -2.54 -17.48
C ASP D 189 -66.47 -2.70 -18.81
N GLN D 190 -65.81 -3.34 -19.77
CA GLN D 190 -66.36 -3.59 -21.09
C GLN D 190 -66.07 -5.01 -21.50
N VAL D 191 -67.11 -5.72 -21.93
CA VAL D 191 -66.95 -7.04 -22.54
C VAL D 191 -66.78 -6.84 -24.04
N THR D 192 -66.12 -7.81 -24.69
CA THR D 192 -65.83 -7.67 -26.11
C THR D 192 -67.10 -7.48 -26.92
N VAL D 193 -68.20 -8.12 -26.51
CA VAL D 193 -69.48 -8.01 -27.21
C VAL D 193 -70.59 -7.87 -26.18
N ALA D 194 -71.56 -7.02 -26.49
CA ALA D 194 -72.75 -6.90 -25.66
C ALA D 194 -73.46 -8.25 -25.56
N MET D 195 -73.86 -8.61 -24.36
CA MET D 195 -74.42 -9.93 -24.11
C MET D 195 -75.85 -10.03 -24.66
N THR D 196 -76.01 -10.78 -25.74
CA THR D 196 -77.32 -11.02 -26.37
C THR D 196 -77.50 -12.52 -26.55
N PRO D 197 -77.86 -13.23 -25.48
CA PRO D 197 -77.97 -14.69 -25.56
C PRO D 197 -79.11 -15.12 -26.47
N ARG D 198 -78.96 -16.32 -27.06
CA ARG D 198 -79.98 -16.88 -27.93
C ARG D 198 -81.15 -17.42 -27.11
N SER D 199 -82.08 -16.55 -26.74
CA SER D 199 -83.23 -16.94 -25.93
C SER D 199 -84.08 -17.96 -26.67
N GLU D 200 -84.70 -18.87 -25.93
CA GLU D 200 -85.58 -19.85 -26.53
C GLU D 200 -86.81 -19.18 -27.10
N GLY D 201 -87.50 -19.88 -28.02
CA GLY D 201 -88.67 -19.33 -28.67
C GLY D 201 -89.75 -18.87 -27.71
N SER D 202 -90.22 -17.65 -27.88
CA SER D 202 -91.23 -17.11 -26.97
C SER D 202 -92.60 -17.70 -27.28
N SER D 203 -93.24 -18.25 -26.25
CA SER D 203 -94.53 -18.93 -26.42
C SER D 203 -95.68 -17.93 -26.41
N VAL D 204 -95.36 -16.66 -26.15
CA VAL D 204 -96.37 -15.61 -26.20
C VAL D 204 -96.69 -15.17 -27.62
N ASN D 205 -95.80 -15.41 -28.58
CA ASN D 205 -96.00 -15.01 -29.96
C ASN D 205 -96.32 -16.16 -30.90
N LEU D 206 -96.45 -17.39 -30.38
CA LEU D 206 -96.67 -18.57 -31.20
C LEU D 206 -98.06 -19.12 -30.91
N SER D 207 -98.80 -19.45 -31.97
CA SER D 207 -100.11 -20.07 -31.82
C SER D 207 -99.96 -21.55 -31.49
N PRO D 208 -100.39 -22.01 -30.33
CA PRO D 208 -100.15 -23.39 -29.93
C PRO D 208 -101.21 -24.32 -30.48
N PRO D 209 -100.81 -25.45 -31.07
CA PRO D 209 -101.81 -26.43 -31.52
C PRO D 209 -102.40 -27.19 -30.35
N LEU D 210 -103.73 -27.24 -30.29
CA LEU D 210 -104.42 -27.91 -29.18
C LEU D 210 -104.90 -29.29 -29.61
N GLU D 211 -104.40 -29.77 -30.76
CA GLU D 211 -104.69 -31.13 -31.21
C GLU D 211 -103.84 -32.11 -30.41
N GLN D 212 -104.47 -33.17 -29.91
CA GLN D 212 -103.73 -34.22 -29.22
C GLN D 212 -102.80 -34.93 -30.18
N CYS D 213 -101.66 -35.39 -29.67
CA CYS D 213 -100.70 -36.08 -30.53
C CYS D 213 -101.33 -37.34 -31.09
N VAL D 214 -101.17 -37.53 -32.39
CA VAL D 214 -101.94 -38.53 -33.14
C VAL D 214 -101.42 -39.93 -32.84
N PRO D 215 -102.27 -40.84 -32.40
CA PRO D 215 -101.87 -42.24 -32.25
C PRO D 215 -101.98 -42.98 -33.58
N ASP D 216 -101.70 -44.28 -33.52
CA ASP D 216 -101.76 -45.17 -34.69
C ASP D 216 -100.81 -44.73 -35.78
N ARG D 217 -99.81 -43.90 -35.42
CA ARG D 217 -98.80 -43.43 -36.36
C ARG D 217 -99.42 -42.72 -37.56
N GLY D 218 -100.50 -41.97 -37.33
CA GLY D 218 -101.13 -41.23 -38.40
C GLY D 218 -101.86 -42.08 -39.41
N GLN D 219 -102.32 -43.27 -39.02
CA GLN D 219 -103.03 -44.14 -39.95
C GLN D 219 -104.35 -43.52 -40.41
N GLN D 220 -105.06 -42.84 -39.52
CA GLN D 220 -106.36 -42.27 -39.83
C GLN D 220 -106.37 -40.74 -39.79
N TYR D 221 -105.25 -40.10 -40.13
CA TYR D 221 -105.15 -38.65 -40.13
C TYR D 221 -106.14 -38.07 -41.15
N GLN D 222 -106.68 -36.88 -40.85
CA GLN D 222 -107.70 -36.27 -41.69
C GLN D 222 -107.40 -34.81 -42.03
N GLY D 223 -106.23 -34.30 -41.67
CA GLY D 223 -105.91 -32.90 -41.91
C GLY D 223 -105.58 -32.62 -43.37
N ARG D 224 -105.41 -31.33 -43.66
CA ARG D 224 -105.18 -30.86 -45.02
C ARG D 224 -103.70 -30.79 -45.38
N LEU D 225 -102.83 -31.34 -44.55
CA LEU D 225 -101.40 -31.36 -44.88
C LEU D 225 -101.16 -32.28 -46.06
N ALA D 226 -100.94 -31.67 -47.24
CA ALA D 226 -100.70 -32.42 -48.47
C ALA D 226 -99.31 -32.16 -49.03
N VAL D 227 -98.42 -31.59 -48.23
CA VAL D 227 -97.04 -31.33 -48.63
C VAL D 227 -96.12 -32.11 -47.69
N THR D 228 -94.91 -32.40 -48.16
CA THR D 228 -93.98 -33.21 -47.41
C THR D 228 -93.42 -32.43 -46.21
N THR D 229 -92.46 -33.07 -45.53
CA THR D 229 -91.88 -32.46 -44.33
C THR D 229 -91.28 -31.10 -44.62
N HIS D 230 -90.59 -30.95 -45.74
CA HIS D 230 -89.89 -29.72 -46.07
C HIS D 230 -90.65 -28.84 -47.05
N GLY D 231 -91.88 -29.21 -47.42
CA GLY D 231 -92.71 -28.33 -48.22
C GLY D 231 -92.97 -28.76 -49.64
N LEU D 232 -92.39 -29.87 -50.10
CA LEU D 232 -92.67 -30.35 -51.44
C LEU D 232 -94.05 -31.01 -51.48
N PRO D 233 -94.98 -30.52 -52.31
CA PRO D 233 -96.34 -31.05 -52.27
C PRO D 233 -96.43 -32.51 -52.71
N CYS D 234 -97.33 -33.25 -52.05
CA CYS D 234 -97.60 -34.63 -52.43
C CYS D 234 -98.63 -34.67 -53.55
N LEU D 235 -98.48 -35.62 -54.46
CA LEU D 235 -99.46 -35.81 -55.52
C LEU D 235 -100.78 -36.32 -54.96
N ALA D 236 -101.84 -36.14 -55.72
CA ALA D 236 -103.14 -36.68 -55.33
C ALA D 236 -103.16 -38.19 -55.54
N TRP D 237 -103.83 -38.90 -54.64
CA TRP D 237 -103.94 -40.35 -54.79
C TRP D 237 -104.79 -40.73 -55.99
N ALA D 238 -105.49 -39.76 -56.59
CA ALA D 238 -106.20 -40.00 -57.84
C ALA D 238 -105.28 -39.90 -59.06
N SER D 239 -104.05 -39.43 -58.89
CA SER D 239 -103.11 -39.36 -60.00
C SER D 239 -102.67 -40.76 -60.42
N ALA D 240 -102.04 -40.84 -61.60
CA ALA D 240 -101.74 -42.14 -62.18
C ALA D 240 -100.76 -42.93 -61.31
N GLN D 241 -99.64 -42.31 -60.93
CA GLN D 241 -98.62 -43.05 -60.18
C GLN D 241 -99.11 -43.43 -58.79
N ALA D 242 -99.78 -42.51 -58.10
CA ALA D 242 -100.26 -42.81 -56.75
C ALA D 242 -101.31 -43.92 -56.76
N LYS D 243 -102.24 -43.87 -57.72
CA LYS D 243 -103.23 -44.94 -57.85
C LYS D 243 -102.55 -46.26 -58.19
N ALA D 244 -101.57 -46.24 -59.08
CA ALA D 244 -100.86 -47.47 -59.46
C ALA D 244 -100.13 -48.05 -58.26
N LEU D 245 -99.55 -47.19 -57.41
CA LEU D 245 -98.83 -47.68 -56.24
C LEU D 245 -99.80 -48.22 -55.19
N SER D 246 -100.94 -47.57 -55.00
CA SER D 246 -101.95 -48.10 -54.10
C SER D 246 -102.51 -49.44 -54.56
N LYS D 247 -102.72 -49.62 -55.87
CA LYS D 247 -103.29 -50.87 -56.36
C LYS D 247 -102.37 -52.05 -56.12
N HIS D 248 -101.07 -51.89 -56.39
CA HIS D 248 -100.11 -53.00 -56.33
C HIS D 248 -99.56 -53.24 -54.93
N GLN D 249 -99.72 -52.29 -54.01
CA GLN D 249 -99.21 -52.43 -52.66
C GLN D 249 -100.27 -52.99 -51.73
N ASP D 250 -99.84 -53.56 -50.61
CA ASP D 250 -100.74 -54.15 -49.62
C ASP D 250 -101.12 -53.07 -48.61
N PHE D 251 -101.69 -51.99 -49.13
CA PHE D 251 -102.08 -50.84 -48.32
C PHE D 251 -103.42 -51.12 -47.63
N ASN D 252 -103.48 -50.81 -46.33
CA ASN D 252 -104.66 -51.06 -45.52
C ASN D 252 -105.86 -50.27 -46.04
N SER D 253 -107.00 -50.95 -46.20
CA SER D 253 -108.23 -50.25 -46.59
C SER D 253 -108.84 -49.49 -45.44
N ALA D 254 -108.73 -50.00 -44.21
CA ALA D 254 -109.26 -49.30 -43.06
C ALA D 254 -108.56 -47.96 -42.86
N VAL D 255 -107.33 -47.83 -43.34
CA VAL D 255 -106.61 -46.56 -43.32
C VAL D 255 -107.28 -45.65 -44.35
N GLN D 256 -107.61 -44.43 -43.93
CA GLN D 256 -108.38 -43.52 -44.77
C GLN D 256 -107.52 -43.02 -45.92
N LEU D 257 -107.99 -43.25 -47.14
CA LEU D 257 -107.27 -42.87 -48.36
C LEU D 257 -107.87 -41.59 -48.94
N VAL D 258 -107.33 -40.46 -48.49
CA VAL D 258 -107.81 -39.15 -48.90
C VAL D 258 -107.18 -38.77 -50.23
N GLU D 259 -107.65 -37.67 -50.83
CA GLU D 259 -107.26 -37.25 -52.17
C GLU D 259 -105.74 -37.13 -52.33
N ASN D 260 -105.10 -36.26 -51.55
CA ASN D 260 -103.68 -35.98 -51.71
C ASN D 260 -102.93 -35.98 -50.38
N PHE D 261 -103.63 -36.18 -49.28
CA PHE D 261 -103.00 -36.10 -47.97
C PHE D 261 -102.14 -37.33 -47.70
N CYS D 262 -100.99 -37.11 -47.07
CA CYS D 262 -100.09 -38.20 -46.77
C CYS D 262 -100.66 -39.10 -45.68
N ARG D 263 -100.61 -40.41 -45.90
CA ARG D 263 -101.22 -41.37 -44.99
C ARG D 263 -100.23 -42.50 -44.70
N ASN D 264 -100.66 -43.41 -43.82
CA ASN D 264 -99.86 -44.55 -43.38
C ASN D 264 -100.68 -45.82 -43.48
N PRO D 265 -100.90 -46.34 -44.70
CA PRO D 265 -101.65 -47.59 -44.83
C PRO D 265 -100.81 -48.84 -44.66
N ASP D 266 -99.49 -48.73 -44.70
CA ASP D 266 -98.60 -49.87 -44.49
C ASP D 266 -98.18 -50.02 -43.04
N GLY D 267 -98.68 -49.17 -42.14
CA GLY D 267 -98.28 -49.21 -40.75
C GLY D 267 -96.84 -48.81 -40.50
N ASP D 268 -96.37 -47.75 -41.15
CA ASP D 268 -95.03 -47.24 -40.91
C ASP D 268 -94.94 -46.62 -39.53
N GLU D 269 -93.88 -46.97 -38.78
CA GLU D 269 -93.69 -46.40 -37.46
C GLU D 269 -92.92 -45.10 -37.49
N GLU D 270 -92.28 -44.75 -38.61
CA GLU D 270 -91.51 -43.51 -38.66
C GLU D 270 -92.41 -42.30 -38.89
N GLY D 271 -93.65 -42.52 -39.30
CA GLY D 271 -94.60 -41.44 -39.51
C GLY D 271 -95.41 -41.59 -40.77
N VAL D 272 -96.26 -40.61 -41.07
CA VAL D 272 -97.03 -40.65 -42.31
C VAL D 272 -96.10 -40.38 -43.48
N TRP D 273 -96.59 -40.67 -44.70
CA TRP D 273 -95.73 -40.61 -45.87
C TRP D 273 -96.58 -40.54 -47.13
N CYS D 274 -95.91 -40.27 -48.25
CA CYS D 274 -96.53 -40.14 -49.55
C CYS D 274 -95.50 -40.39 -50.64
N TYR D 275 -96.00 -40.69 -51.83
CA TYR D 275 -95.14 -40.78 -53.01
C TYR D 275 -95.20 -39.48 -53.80
N VAL D 276 -94.09 -39.15 -54.48
CA VAL D 276 -94.02 -37.95 -55.30
C VAL D 276 -93.64 -38.35 -56.71
N ALA D 277 -93.95 -37.46 -57.65
CA ALA D 277 -93.60 -37.69 -59.05
C ALA D 277 -92.10 -37.51 -59.25
N GLY D 278 -91.59 -38.13 -60.31
CA GLY D 278 -90.19 -38.01 -60.67
C GLY D 278 -89.59 -39.40 -60.84
N LYS D 279 -88.46 -39.61 -60.16
CA LYS D 279 -87.88 -40.93 -60.11
C LYS D 279 -88.82 -41.88 -59.39
N PRO D 280 -89.12 -43.03 -60.00
CA PRO D 280 -90.12 -43.94 -59.41
C PRO D 280 -89.69 -44.45 -58.04
N GLY D 281 -90.67 -44.59 -57.15
CA GLY D 281 -90.43 -45.11 -55.81
C GLY D 281 -90.08 -44.07 -54.77
N ASP D 282 -90.02 -42.79 -55.13
CA ASP D 282 -89.66 -41.76 -54.16
C ASP D 282 -90.68 -41.68 -53.05
N PHE D 283 -90.20 -41.62 -51.81
CA PHE D 283 -91.04 -41.59 -50.63
C PHE D 283 -90.67 -40.36 -49.79
N GLY D 284 -91.69 -39.74 -49.20
CA GLY D 284 -91.47 -38.57 -48.37
C GLY D 284 -92.50 -38.48 -47.28
N TYR D 285 -92.01 -38.25 -46.06
CA TYR D 285 -92.89 -38.12 -44.91
C TYR D 285 -93.60 -36.77 -44.92
N CYS D 286 -94.55 -36.62 -44.01
CA CYS D 286 -95.20 -35.35 -43.74
C CYS D 286 -95.25 -35.14 -42.23
N ASP D 287 -94.27 -34.40 -41.72
CA ASP D 287 -94.00 -34.30 -40.29
C ASP D 287 -95.21 -33.71 -39.58
N LEU D 288 -95.48 -34.17 -38.36
CA LEU D 288 -96.65 -33.77 -37.58
C LEU D 288 -96.26 -33.65 -36.12
N ASN D 289 -97.27 -33.59 -35.27
CA ASN D 289 -97.09 -33.55 -33.81
C ASN D 289 -97.05 -34.99 -33.31
N TYR D 290 -96.05 -35.74 -33.77
CA TYR D 290 -95.90 -37.12 -33.34
C TYR D 290 -95.41 -37.18 -31.89
N CYS D 291 -96.02 -38.06 -31.12
CA CYS D 291 -95.63 -38.22 -29.72
C CYS D 291 -94.23 -38.83 -29.63
N GLU D 292 -93.54 -38.54 -28.53
CA GLU D 292 -92.26 -39.20 -28.24
C GLU D 292 -92.54 -40.63 -27.83
N GLU D 293 -92.50 -41.54 -28.80
CA GLU D 293 -92.97 -42.91 -28.60
C GLU D 293 -91.75 -43.84 -28.53
N ALA D 294 -91.78 -44.72 -27.53
CA ALA D 294 -90.74 -45.74 -27.36
C ALA D 294 -91.40 -47.10 -27.22
N VAL D 295 -90.64 -48.16 -27.50
CA VAL D 295 -91.14 -49.53 -27.42
C VAL D 295 -91.49 -49.92 -25.98
N GLU D 296 -91.16 -49.07 -25.01
CA GLU D 296 -91.26 -49.47 -23.60
C GLU D 296 -92.70 -49.47 -23.09
N GLU D 297 -93.52 -48.53 -23.55
CA GLU D 297 -94.80 -48.23 -22.92
C GLU D 297 -95.96 -49.10 -23.42
N GLU D 298 -95.68 -50.29 -23.94
CA GLU D 298 -96.75 -51.20 -24.38
C GLU D 298 -96.87 -52.33 -23.37
N THR D 299 -98.09 -52.56 -22.88
CA THR D 299 -98.35 -53.63 -21.92
C THR D 299 -98.88 -54.86 -22.66
N GLY D 300 -98.16 -55.98 -22.51
CA GLY D 300 -98.52 -57.20 -23.20
C GLY D 300 -99.81 -57.84 -22.73
N ASP D 301 -100.51 -58.51 -23.63
CA ASP D 301 -101.76 -59.19 -23.29
C ASP D 301 -101.51 -60.67 -23.02
N GLY D 302 -100.25 -61.09 -23.04
CA GLY D 302 -99.92 -62.48 -22.84
C GLY D 302 -98.87 -62.72 -21.77
N LEU D 303 -98.21 -61.65 -21.33
CA LEU D 303 -97.19 -61.74 -20.28
C LEU D 303 -97.80 -61.20 -18.99
N ASP D 304 -98.26 -62.13 -18.14
CA ASP D 304 -98.95 -61.76 -16.91
C ASP D 304 -97.97 -61.22 -15.88
N GLU D 305 -98.50 -60.94 -14.69
CA GLU D 305 -97.70 -60.40 -13.59
C GLU D 305 -96.98 -61.51 -12.83
N ASP D 306 -96.01 -62.15 -13.47
CA ASP D 306 -95.22 -63.20 -12.83
C ASP D 306 -93.73 -63.03 -13.12
N SER D 307 -93.23 -61.79 -12.98
CA SER D 307 -91.85 -61.46 -13.33
C SER D 307 -90.86 -61.81 -12.23
N ASP D 308 -90.58 -63.10 -12.03
CA ASP D 308 -89.57 -63.56 -11.07
C ASP D 308 -89.01 -64.89 -11.58
N ARG D 309 -87.72 -65.11 -11.33
CA ARG D 309 -87.03 -66.34 -11.72
C ARG D 309 -87.11 -66.56 -13.23
N ALA D 310 -86.42 -65.72 -14.01
CA ALA D 310 -86.42 -65.77 -15.46
C ALA D 310 -86.31 -67.20 -16.00
N ILE D 311 -87.29 -67.62 -16.79
CA ILE D 311 -87.39 -69.02 -17.20
C ILE D 311 -86.74 -69.17 -18.57
N GLU D 312 -85.87 -70.17 -18.70
CA GLU D 312 -85.31 -70.54 -19.99
C GLU D 312 -86.38 -71.17 -20.87
N GLY D 313 -86.29 -70.94 -22.18
CA GLY D 313 -87.24 -71.47 -23.12
C GLY D 313 -87.29 -72.99 -23.11
N ARG D 314 -88.48 -73.56 -22.98
CA ARG D 314 -88.65 -75.00 -22.83
C ARG D 314 -88.80 -75.62 -24.23
N THR D 315 -87.67 -75.92 -24.87
CA THR D 315 -87.61 -76.58 -26.17
C THR D 315 -88.44 -75.88 -27.23
N ALA D 316 -88.56 -74.55 -27.16
CA ALA D 316 -89.35 -73.78 -28.11
C ALA D 316 -88.40 -72.91 -28.93
N THR D 317 -87.94 -73.46 -30.06
CA THR D 317 -87.11 -72.69 -30.98
C THR D 317 -88.03 -71.91 -31.91
N SER D 318 -87.85 -70.59 -31.95
CA SER D 318 -88.78 -69.72 -32.66
C SER D 318 -88.64 -69.90 -34.17
N GLU D 319 -89.76 -70.14 -34.85
CA GLU D 319 -89.77 -70.17 -36.30
C GLU D 319 -89.74 -68.75 -36.84
N TYR D 320 -88.72 -68.45 -37.63
CA TYR D 320 -88.53 -67.09 -38.13
C TYR D 320 -89.60 -66.79 -39.18
N GLN D 321 -90.65 -66.09 -38.77
CA GLN D 321 -91.69 -65.64 -39.69
C GLN D 321 -91.13 -64.50 -40.52
N THR D 322 -90.71 -64.81 -41.74
CA THR D 322 -90.08 -63.83 -42.60
C THR D 322 -91.00 -62.63 -42.83
N PHE D 323 -90.45 -61.43 -42.69
CA PHE D 323 -91.20 -60.19 -42.86
C PHE D 323 -91.09 -59.62 -44.27
N PHE D 324 -90.00 -59.91 -44.97
CA PHE D 324 -89.83 -59.45 -46.34
C PHE D 324 -89.93 -60.62 -47.31
N ASN D 325 -90.11 -60.29 -48.58
CA ASN D 325 -90.18 -61.29 -49.63
C ASN D 325 -88.77 -61.62 -50.13
N PRO D 326 -88.37 -62.89 -50.17
CA PRO D 326 -87.00 -63.22 -50.61
C PRO D 326 -86.67 -62.74 -52.01
N ARG D 327 -87.66 -62.65 -52.91
CA ARG D 327 -87.39 -62.20 -54.28
C ARG D 327 -86.96 -60.74 -54.30
N THR D 328 -87.58 -59.90 -53.48
CA THR D 328 -87.30 -58.47 -53.51
C THR D 328 -86.25 -58.05 -52.49
N PHE D 329 -86.28 -58.66 -51.29
CA PHE D 329 -85.33 -58.25 -50.25
C PHE D 329 -84.02 -59.02 -50.35
N GLY D 330 -83.98 -60.09 -51.13
CA GLY D 330 -82.76 -60.86 -51.28
C GLY D 330 -82.62 -61.95 -50.25
N SER D 331 -81.46 -62.60 -50.29
CA SER D 331 -81.19 -63.74 -49.42
C SER D 331 -80.75 -63.28 -48.04
N GLY D 332 -80.56 -64.25 -47.14
CA GLY D 332 -80.07 -64.02 -45.80
C GLY D 332 -81.15 -63.61 -44.81
N GLU D 333 -82.38 -63.43 -45.29
CA GLU D 333 -83.47 -63.01 -44.40
C GLU D 333 -83.80 -64.08 -43.37
N ALA D 334 -84.02 -65.32 -43.83
CA ALA D 334 -84.56 -66.35 -42.94
C ALA D 334 -83.56 -66.74 -41.85
N ASP D 335 -82.29 -66.85 -42.19
CA ASP D 335 -81.26 -67.31 -41.27
C ASP D 335 -80.34 -66.20 -40.78
N CYS D 336 -80.89 -65.00 -40.54
CA CYS D 336 -80.08 -63.89 -40.10
C CYS D 336 -79.58 -64.10 -38.67
N GLY D 337 -78.51 -63.39 -38.32
CA GLY D 337 -78.06 -63.29 -36.94
C GLY D 337 -77.73 -64.59 -36.25
N LEU D 338 -77.09 -65.54 -36.92
CA LEU D 338 -76.62 -66.78 -36.30
C LEU D 338 -75.16 -66.98 -36.69
N ARG D 339 -74.29 -67.09 -35.69
CA ARG D 339 -72.90 -67.39 -35.96
C ARG D 339 -72.73 -68.87 -36.27
N PRO D 340 -72.27 -69.22 -37.47
CA PRO D 340 -72.10 -70.64 -37.79
C PRO D 340 -71.10 -71.37 -36.90
N LEU D 341 -69.99 -70.73 -36.55
CA LEU D 341 -68.95 -71.38 -35.75
C LEU D 341 -69.19 -71.24 -34.25
N PHE D 342 -70.21 -70.50 -33.83
CA PHE D 342 -70.46 -70.33 -32.40
C PHE D 342 -71.80 -70.95 -31.99
N GLU D 343 -72.89 -70.50 -32.62
CA GLU D 343 -74.20 -71.03 -32.26
C GLU D 343 -74.54 -72.27 -33.08
N LYS D 344 -74.23 -72.25 -34.37
CA LYS D 344 -74.45 -73.43 -35.19
C LYS D 344 -73.41 -74.51 -34.94
N LYS D 345 -72.22 -74.14 -34.45
CA LYS D 345 -71.20 -75.09 -34.05
C LYS D 345 -71.28 -75.44 -32.58
N SER D 346 -72.25 -74.89 -31.86
CA SER D 346 -72.44 -75.17 -30.42
C SER D 346 -71.23 -74.75 -29.61
N LEU D 347 -70.67 -73.58 -29.94
CA LEU D 347 -69.56 -73.00 -29.21
C LEU D 347 -70.00 -71.71 -28.54
N GLU D 348 -70.05 -71.71 -27.21
CA GLU D 348 -70.50 -70.57 -26.44
C GLU D 348 -69.34 -69.65 -26.11
N ASP D 349 -69.47 -68.39 -26.50
CA ASP D 349 -68.39 -67.43 -26.32
C ASP D 349 -68.24 -67.06 -24.84
N LYS D 350 -67.08 -66.50 -24.52
CA LYS D 350 -66.73 -66.21 -23.13
C LYS D 350 -67.67 -65.19 -22.50
N THR D 351 -68.01 -64.13 -23.23
CA THR D 351 -68.78 -63.02 -22.69
C THR D 351 -70.28 -63.15 -22.92
N GLU D 352 -70.75 -64.27 -23.46
CA GLU D 352 -72.18 -64.46 -23.63
C GLU D 352 -72.89 -64.57 -22.29
N ARG D 353 -72.29 -65.29 -21.34
CA ARG D 353 -72.90 -65.43 -20.02
C ARG D 353 -72.88 -64.13 -19.23
N GLU D 354 -72.01 -63.19 -19.61
CA GLU D 354 -71.92 -61.88 -18.96
C GLU D 354 -73.09 -60.97 -19.31
N LEU D 355 -73.91 -61.36 -20.29
CA LEU D 355 -75.10 -60.58 -20.60
C LEU D 355 -76.19 -60.72 -19.56
N LEU D 356 -76.09 -61.72 -18.67
CA LEU D 356 -77.06 -61.89 -17.61
C LEU D 356 -76.97 -60.75 -16.62
N GLU D 357 -78.12 -60.12 -16.33
CA GLU D 357 -78.13 -59.05 -15.35
C GLU D 357 -78.06 -59.61 -13.93
N SER D 358 -78.24 -60.92 -13.78
CA SER D 358 -78.21 -61.55 -12.46
C SER D 358 -76.82 -61.57 -11.84
N TYR D 359 -75.81 -61.05 -12.53
CA TYR D 359 -74.48 -60.92 -11.96
C TYR D 359 -74.53 -60.03 -10.73
N ILE D 360 -73.62 -60.25 -9.78
CA ILE D 360 -73.58 -59.43 -8.58
C ILE D 360 -73.25 -58.00 -8.97
N ASP D 361 -74.25 -57.12 -8.85
CA ASP D 361 -74.14 -55.70 -9.19
C ASP D 361 -73.75 -55.47 -10.65
N GLY D 362 -73.77 -56.53 -11.47
CA GLY D 362 -73.39 -56.42 -12.86
C GLY D 362 -72.04 -55.81 -13.12
N ARG D 363 -70.95 -56.48 -12.70
CA ARG D 363 -69.62 -55.88 -12.73
C ARG D 363 -69.24 -55.46 -14.15
N ILE D 364 -68.61 -54.28 -14.24
CA ILE D 364 -68.33 -53.67 -15.54
C ILE D 364 -67.40 -54.57 -16.32
N VAL D 365 -67.74 -54.82 -17.58
CA VAL D 365 -67.00 -55.71 -18.46
C VAL D 365 -66.07 -54.86 -19.30
N GLU D 366 -64.78 -55.17 -19.26
CA GLU D 366 -63.81 -54.48 -20.11
C GLU D 366 -63.64 -55.24 -21.43
N GLY D 367 -63.77 -54.51 -22.53
CA GLY D 367 -63.59 -55.12 -23.84
C GLY D 367 -62.19 -55.65 -24.04
N SER D 368 -62.10 -56.89 -24.49
CA SER D 368 -60.84 -57.60 -24.61
C SER D 368 -60.58 -57.97 -26.07
N ASP D 369 -59.48 -58.69 -26.28
CA ASP D 369 -59.13 -59.16 -27.63
C ASP D 369 -60.15 -60.21 -28.07
N ALA D 370 -61.03 -59.81 -28.99
CA ALA D 370 -62.17 -60.62 -29.35
C ALA D 370 -61.74 -61.83 -30.19
N GLU D 371 -62.59 -62.85 -30.17
CA GLU D 371 -62.41 -64.01 -31.03
C GLU D 371 -62.70 -63.65 -32.48
N ILE D 372 -62.07 -64.38 -33.40
CA ILE D 372 -62.14 -64.04 -34.81
C ILE D 372 -63.55 -64.23 -35.34
N GLY D 373 -64.04 -63.22 -36.05
CA GLY D 373 -65.28 -63.34 -36.80
C GLY D 373 -66.55 -63.34 -35.99
N MET D 374 -66.51 -62.91 -34.73
CA MET D 374 -67.72 -62.93 -33.91
C MET D 374 -68.75 -61.91 -34.38
N SER D 375 -68.36 -60.98 -35.26
CA SER D 375 -69.27 -59.97 -35.79
C SER D 375 -69.25 -60.06 -37.32
N PRO D 376 -70.09 -60.94 -37.88
CA PRO D 376 -70.04 -61.17 -39.33
C PRO D 376 -70.65 -60.05 -40.18
N TRP D 377 -71.38 -59.11 -39.57
CA TRP D 377 -72.07 -58.09 -40.34
C TRP D 377 -71.40 -56.73 -40.26
N GLN D 378 -70.48 -56.52 -39.32
CA GLN D 378 -69.82 -55.22 -39.21
C GLN D 378 -68.91 -54.99 -40.40
N VAL D 379 -68.89 -53.75 -40.89
CA VAL D 379 -68.13 -53.38 -42.08
C VAL D 379 -67.35 -52.10 -41.80
N MET D 380 -66.07 -52.09 -42.15
CA MET D 380 -65.23 -50.92 -42.05
C MET D 380 -65.32 -50.12 -43.34
N LEU D 381 -65.80 -48.87 -43.25
CA LEU D 381 -65.95 -48.00 -44.40
C LEU D 381 -64.72 -47.09 -44.47
N PHE D 382 -63.87 -47.34 -45.46
CA PHE D 382 -62.67 -46.56 -45.69
C PHE D 382 -62.93 -45.55 -46.81
N ARG D 383 -62.16 -44.46 -46.81
CA ARG D 383 -62.20 -43.53 -47.91
C ARG D 383 -61.54 -44.15 -49.14
N LYS D 384 -61.93 -43.68 -50.32
CA LYS D 384 -61.44 -44.28 -51.56
C LYS D 384 -59.92 -44.26 -51.63
N SER D 385 -59.33 -43.09 -51.43
CA SER D 385 -57.88 -42.96 -51.43
C SER D 385 -57.50 -41.68 -50.68
N PRO D 386 -56.55 -41.75 -49.73
CA PRO D 386 -55.83 -42.97 -49.32
C PRO D 386 -56.65 -43.84 -48.38
N GLN D 387 -56.14 -45.03 -48.06
CA GLN D 387 -56.83 -45.94 -47.15
C GLN D 387 -56.93 -45.30 -45.77
N GLU D 388 -58.12 -44.86 -45.40
CA GLU D 388 -58.35 -44.15 -44.15
C GLU D 388 -59.62 -44.69 -43.51
N LEU D 389 -59.50 -45.20 -42.29
CA LEU D 389 -60.65 -45.75 -41.59
C LEU D 389 -61.58 -44.63 -41.17
N LEU D 390 -62.65 -44.42 -41.94
CA LEU D 390 -63.57 -43.32 -41.69
C LEU D 390 -64.77 -43.72 -40.83
N CYS D 391 -65.56 -44.70 -41.27
CA CYS D 391 -66.80 -44.98 -40.57
C CYS D 391 -67.00 -46.48 -40.39
N GLY D 392 -68.08 -46.81 -39.67
CA GLY D 392 -68.53 -48.19 -39.59
C GLY D 392 -69.95 -48.34 -40.11
N ALA D 393 -70.24 -49.55 -40.57
CA ALA D 393 -71.55 -49.83 -41.15
C ALA D 393 -71.95 -51.25 -40.77
N SER D 394 -73.24 -51.54 -40.95
CA SER D 394 -73.80 -52.86 -40.67
C SER D 394 -74.30 -53.49 -41.95
N LEU D 395 -73.82 -54.71 -42.23
CA LEU D 395 -74.32 -55.50 -43.35
C LEU D 395 -75.57 -56.24 -42.88
N ILE D 396 -76.71 -55.55 -42.88
CA ILE D 396 -77.94 -56.07 -42.32
C ILE D 396 -78.62 -57.08 -43.24
N SER D 397 -78.19 -57.22 -44.48
CA SER D 397 -78.78 -58.19 -45.41
C SER D 397 -77.69 -58.66 -46.35
N ASP D 398 -78.11 -59.29 -47.46
CA ASP D 398 -77.16 -59.73 -48.47
C ASP D 398 -76.90 -58.65 -49.52
N ARG D 399 -77.75 -57.62 -49.61
CA ARG D 399 -77.54 -56.54 -50.57
C ARG D 399 -77.88 -55.15 -50.04
N TRP D 400 -78.10 -54.97 -48.75
CA TRP D 400 -78.42 -53.68 -48.17
C TRP D 400 -77.54 -53.41 -46.96
N VAL D 401 -76.99 -52.20 -46.88
CA VAL D 401 -76.06 -51.82 -45.82
C VAL D 401 -76.61 -50.58 -45.14
N LEU D 402 -76.62 -50.59 -43.81
CA LEU D 402 -77.11 -49.48 -43.01
C LEU D 402 -75.94 -48.71 -42.42
N THR D 403 -75.89 -47.41 -42.68
CA THR D 403 -74.85 -46.55 -42.16
C THR D 403 -75.47 -45.22 -41.75
N ALA D 404 -74.80 -44.54 -40.82
CA ALA D 404 -75.28 -43.25 -40.36
C ALA D 404 -75.18 -42.21 -41.46
N ALA D 405 -76.19 -41.35 -41.54
CA ALA D 405 -76.18 -40.28 -42.54
C ALA D 405 -75.02 -39.31 -42.29
N HIS D 406 -74.52 -39.28 -41.05
CA HIS D 406 -73.36 -38.45 -40.74
C HIS D 406 -72.10 -38.90 -41.48
N CYS D 407 -72.03 -40.18 -41.87
CA CYS D 407 -70.85 -40.68 -42.56
C CYS D 407 -70.74 -40.13 -43.98
N LEU D 408 -71.79 -39.43 -44.45
CA LEU D 408 -71.84 -38.95 -45.83
C LEU D 408 -71.89 -37.44 -45.93
N LEU D 409 -72.50 -36.76 -44.94
CA LEU D 409 -72.64 -35.30 -44.98
C LEU D 409 -72.67 -34.75 -43.56
N TYR D 410 -71.75 -33.83 -43.27
CA TYR D 410 -71.81 -33.00 -42.06
C TYR D 410 -71.10 -31.70 -42.35
N PRO D 411 -71.84 -30.59 -42.43
CA PRO D 411 -71.29 -29.33 -42.96
C PRO D 411 -70.05 -28.85 -42.21
N PRO D 412 -70.00 -28.92 -40.87
CA PRO D 412 -68.82 -28.40 -40.17
C PRO D 412 -67.51 -29.09 -40.53
N TRP D 413 -67.53 -30.38 -40.84
CA TRP D 413 -66.31 -31.12 -41.16
C TRP D 413 -66.07 -31.21 -42.67
N ASP D 414 -66.94 -30.59 -43.47
CA ASP D 414 -66.77 -30.48 -44.93
C ASP D 414 -66.62 -31.86 -45.58
N LYS D 415 -67.54 -32.77 -45.30
CA LYS D 415 -67.57 -34.07 -45.95
C LYS D 415 -68.75 -34.15 -46.90
N ASN D 416 -68.48 -34.37 -48.19
CA ASN D 416 -69.52 -34.46 -49.21
C ASN D 416 -69.14 -35.61 -50.14
N PHE D 417 -69.89 -36.71 -50.05
CA PHE D 417 -69.49 -37.96 -50.67
C PHE D 417 -70.31 -38.24 -51.93
N THR D 418 -69.65 -38.79 -52.94
CA THR D 418 -70.28 -39.36 -54.12
C THR D 418 -70.07 -40.87 -54.14
N GLU D 419 -70.48 -41.50 -55.26
CA GLU D 419 -70.37 -42.95 -55.36
C GLU D 419 -68.92 -43.42 -55.35
N ASN D 420 -68.05 -42.78 -56.13
CA ASN D 420 -66.68 -43.25 -56.26
C ASN D 420 -65.75 -42.65 -55.21
N ASP D 421 -66.25 -42.30 -54.03
CA ASP D 421 -65.43 -41.70 -53.00
C ASP D 421 -65.38 -42.50 -51.70
N LEU D 422 -65.86 -43.75 -51.70
CA LEU D 422 -65.80 -44.61 -50.53
C LEU D 422 -65.66 -46.07 -50.93
N LEU D 423 -65.07 -46.87 -50.04
CA LEU D 423 -64.96 -48.31 -50.23
C LEU D 423 -65.31 -48.99 -48.91
N VAL D 424 -65.82 -50.22 -49.01
CA VAL D 424 -66.22 -50.96 -47.81
C VAL D 424 -65.39 -52.23 -47.72
N ARG D 425 -65.12 -52.66 -46.49
CA ARG D 425 -64.42 -53.91 -46.24
C ARG D 425 -65.19 -54.69 -45.18
N ILE D 426 -65.60 -55.91 -45.52
CA ILE D 426 -66.54 -56.69 -44.74
C ILE D 426 -65.83 -57.89 -44.14
N GLY D 427 -66.00 -58.08 -42.83
CA GLY D 427 -65.41 -59.22 -42.15
C GLY D 427 -64.00 -58.99 -41.62
N LYS D 428 -63.74 -57.83 -41.03
CA LYS D 428 -62.39 -57.46 -40.64
C LYS D 428 -62.15 -57.75 -39.17
N HIS D 429 -60.90 -58.12 -38.86
CA HIS D 429 -60.42 -58.28 -37.49
C HIS D 429 -59.30 -57.31 -37.17
N SER D 430 -58.37 -57.09 -38.09
CA SER D 430 -57.30 -56.12 -37.91
C SER D 430 -57.17 -55.26 -39.16
N ARG D 431 -57.05 -53.95 -38.96
CA ARG D 431 -57.04 -53.01 -40.08
C ARG D 431 -55.70 -53.03 -40.81
N THR D 432 -54.61 -53.27 -40.09
CA THR D 432 -53.28 -53.25 -40.68
C THR D 432 -53.03 -54.42 -41.62
N ARG D 433 -53.78 -55.50 -41.49
CA ARG D 433 -53.65 -56.66 -42.37
C ARG D 433 -54.91 -56.84 -43.19
N TYR D 434 -54.73 -57.09 -44.49
CA TYR D 434 -55.81 -57.59 -45.32
C TYR D 434 -55.78 -59.12 -45.26
N GLU D 435 -56.45 -59.69 -44.26
CA GLU D 435 -56.54 -61.14 -44.16
C GLU D 435 -57.52 -61.65 -45.21
N ARG D 436 -57.01 -61.98 -46.39
CA ARG D 436 -57.83 -62.46 -47.50
C ARG D 436 -58.55 -63.74 -47.10
N ASN D 437 -58.03 -64.43 -46.08
CA ASN D 437 -58.61 -65.69 -45.63
C ASN D 437 -60.01 -65.50 -45.06
N ILE D 438 -60.39 -64.28 -44.68
CA ILE D 438 -61.69 -64.03 -44.07
C ILE D 438 -62.47 -62.94 -44.80
N GLU D 439 -61.90 -61.74 -44.94
CA GLU D 439 -62.68 -60.57 -45.30
C GLU D 439 -62.76 -60.37 -46.81
N LYS D 440 -63.64 -59.45 -47.22
CA LYS D 440 -63.84 -59.12 -48.62
C LYS D 440 -63.82 -57.60 -48.79
N ILE D 441 -63.23 -57.14 -49.89
CA ILE D 441 -63.13 -55.72 -50.21
C ILE D 441 -64.11 -55.42 -51.33
N SER D 442 -64.98 -54.43 -51.12
CA SER D 442 -66.11 -54.19 -52.00
C SER D 442 -66.33 -52.71 -52.25
N MET D 443 -66.99 -52.42 -53.36
CA MET D 443 -67.52 -51.10 -53.67
C MET D 443 -69.03 -51.18 -53.81
N LEU D 444 -69.68 -50.02 -53.73
CA LEU D 444 -71.14 -49.95 -53.81
C LEU D 444 -71.56 -49.29 -55.11
N GLU D 445 -72.88 -49.23 -55.33
CA GLU D 445 -73.44 -48.76 -56.59
C GLU D 445 -74.51 -47.69 -56.41
N LYS D 446 -75.13 -47.61 -55.24
CA LYS D 446 -76.16 -46.61 -54.97
C LYS D 446 -76.24 -46.37 -53.47
N ILE D 447 -76.52 -45.12 -53.09
CA ILE D 447 -76.70 -44.74 -51.70
C ILE D 447 -77.94 -43.87 -51.59
N TYR D 448 -78.79 -44.17 -50.61
CA TYR D 448 -80.03 -43.45 -50.35
C TYR D 448 -79.91 -42.70 -49.04
N ILE D 449 -80.10 -41.39 -49.09
CA ILE D 449 -80.05 -40.54 -47.91
C ILE D 449 -81.45 -40.41 -47.34
N HIS D 450 -81.57 -40.59 -46.03
CA HIS D 450 -82.86 -40.41 -45.36
C HIS D 450 -83.32 -38.96 -45.52
N PRO D 451 -84.52 -38.72 -46.05
CA PRO D 451 -84.94 -37.34 -46.32
C PRO D 451 -84.96 -36.44 -45.10
N ARG D 452 -85.31 -36.99 -43.93
CA ARG D 452 -85.45 -36.18 -42.73
C ARG D 452 -84.13 -35.99 -41.98
N TYR D 453 -82.99 -36.16 -42.65
CA TYR D 453 -81.71 -35.97 -41.99
C TYR D 453 -81.51 -34.51 -41.64
N ASN D 454 -81.64 -34.19 -40.34
CA ASN D 454 -81.53 -32.83 -39.83
C ASN D 454 -80.32 -32.79 -38.88
N TRP D 455 -79.18 -32.35 -39.41
CA TRP D 455 -77.96 -32.24 -38.63
C TRP D 455 -77.91 -30.99 -37.76
N ARG D 456 -78.89 -30.10 -37.89
CA ARG D 456 -78.86 -28.83 -37.19
C ARG D 456 -78.93 -28.98 -35.68
N GLU D 457 -79.79 -29.87 -35.17
CA GLU D 457 -80.11 -29.88 -33.74
C GLU D 457 -79.53 -31.09 -33.00
N ASN D 458 -79.87 -32.32 -33.40
CA ASN D 458 -79.47 -33.44 -32.58
C ASN D 458 -79.15 -34.72 -33.35
N LEU D 459 -79.04 -34.68 -34.68
CA LEU D 459 -78.63 -35.83 -35.50
C LEU D 459 -79.57 -37.02 -35.31
N ASP D 460 -80.83 -36.76 -35.00
CA ASP D 460 -81.81 -37.84 -34.95
C ASP D 460 -82.14 -38.31 -36.36
N ARG D 461 -82.68 -39.53 -36.46
CA ARG D 461 -82.92 -40.17 -37.75
C ARG D 461 -81.65 -40.20 -38.58
N ASP D 462 -80.54 -40.53 -37.93
CA ASP D 462 -79.24 -40.65 -38.59
C ASP D 462 -79.23 -41.91 -39.43
N ILE D 463 -79.93 -41.87 -40.56
CA ILE D 463 -80.23 -43.06 -41.36
C ILE D 463 -79.66 -42.86 -42.76
N ALA D 464 -79.05 -43.92 -43.31
CA ALA D 464 -78.53 -43.93 -44.66
C ALA D 464 -78.43 -45.37 -45.13
N LEU D 465 -78.91 -45.64 -46.35
CA LEU D 465 -78.92 -46.98 -46.89
C LEU D 465 -77.95 -47.05 -48.07
N MET D 466 -77.37 -48.21 -48.29
CA MET D 466 -76.43 -48.43 -49.39
C MET D 466 -76.73 -49.77 -50.05
N LYS D 467 -76.53 -49.84 -51.37
CA LYS D 467 -76.71 -51.06 -52.11
C LYS D 467 -75.36 -51.59 -52.56
N LEU D 468 -75.12 -52.88 -52.33
CA LEU D 468 -73.84 -53.49 -52.66
C LEU D 468 -73.72 -53.68 -54.17
N LYS D 469 -72.65 -53.12 -54.75
CA LYS D 469 -72.41 -53.29 -56.17
C LYS D 469 -71.99 -54.72 -56.50
N LYS D 470 -71.23 -55.35 -55.61
CA LYS D 470 -70.77 -56.71 -55.79
C LYS D 470 -71.31 -57.56 -54.65
N PRO D 471 -72.35 -58.35 -54.90
CA PRO D 471 -72.85 -59.26 -53.86
C PRO D 471 -71.76 -60.22 -53.40
N VAL D 472 -71.69 -60.41 -52.11
CA VAL D 472 -70.62 -61.21 -51.49
C VAL D 472 -71.05 -62.67 -51.47
N ALA D 473 -70.17 -63.54 -51.94
CA ALA D 473 -70.43 -64.97 -51.91
C ALA D 473 -70.62 -65.43 -50.47
N PHE D 474 -71.60 -66.30 -50.24
CA PHE D 474 -71.95 -66.71 -48.90
C PHE D 474 -70.77 -67.40 -48.23
N SER D 475 -70.64 -67.18 -46.93
CA SER D 475 -69.54 -67.74 -46.16
C SER D 475 -70.00 -67.92 -44.71
N ASP D 476 -69.24 -68.71 -43.96
CA ASP D 476 -69.57 -68.97 -42.57
C ASP D 476 -69.08 -67.87 -41.64
N TYR D 477 -68.34 -66.89 -42.16
CA TYR D 477 -67.85 -65.77 -41.37
C TYR D 477 -68.55 -64.46 -41.71
N ILE D 478 -69.50 -64.47 -42.64
CA ILE D 478 -70.29 -63.29 -43.00
C ILE D 478 -71.75 -63.69 -42.92
N HIS D 479 -72.57 -62.87 -42.24
CA HIS D 479 -73.97 -63.22 -42.01
C HIS D 479 -74.74 -61.98 -41.61
N PRO D 480 -75.89 -61.71 -42.22
CA PRO D 480 -76.70 -60.57 -41.78
C PRO D 480 -77.30 -60.79 -40.39
N VAL D 481 -77.54 -59.67 -39.71
CA VAL D 481 -78.13 -59.66 -38.38
C VAL D 481 -79.62 -59.35 -38.50
N CYS D 482 -80.43 -60.06 -37.72
CA CYS D 482 -81.86 -59.85 -37.75
C CYS D 482 -82.24 -58.49 -37.19
N LEU D 483 -83.31 -57.91 -37.75
CA LEU D 483 -83.87 -56.65 -37.28
C LEU D 483 -85.16 -56.91 -36.52
N PRO D 484 -85.18 -56.71 -35.21
CA PRO D 484 -86.35 -57.09 -34.41
C PRO D 484 -87.56 -56.21 -34.66
N ASP D 485 -88.72 -56.76 -34.33
CA ASP D 485 -89.97 -56.03 -34.38
C ASP D 485 -90.17 -55.27 -33.07
N ARG D 486 -91.36 -54.68 -32.91
CA ARG D 486 -91.66 -53.98 -31.66
C ARG D 486 -91.86 -54.96 -30.51
N GLU D 487 -92.59 -56.05 -30.77
CA GLU D 487 -92.86 -57.02 -29.70
C GLU D 487 -91.59 -57.71 -29.26
N THR D 488 -90.73 -58.07 -30.22
CA THR D 488 -89.48 -58.74 -29.86
C THR D 488 -88.58 -57.83 -29.02
N ALA D 489 -88.46 -56.56 -29.42
CA ALA D 489 -87.63 -55.62 -28.67
C ALA D 489 -88.21 -55.37 -27.28
N ALA D 490 -89.54 -55.25 -27.18
CA ALA D 490 -90.17 -55.04 -25.88
C ALA D 490 -89.94 -56.25 -24.98
N SER D 491 -90.06 -57.46 -25.54
CA SER D 491 -89.80 -58.67 -24.76
C SER D 491 -88.36 -58.71 -24.28
N LEU D 492 -87.40 -58.39 -25.16
CA LEU D 492 -86.00 -58.43 -24.79
C LEU D 492 -85.68 -57.40 -23.71
N LEU D 493 -86.22 -56.18 -23.84
CA LEU D 493 -86.06 -55.19 -22.78
C LEU D 493 -86.71 -55.65 -21.49
N GLN D 494 -87.75 -56.48 -21.59
CA GLN D 494 -88.37 -57.10 -20.42
C GLN D 494 -87.83 -58.49 -20.13
N ALA D 495 -86.86 -58.98 -20.91
CA ALA D 495 -86.24 -60.28 -20.67
C ALA D 495 -84.93 -60.19 -19.90
N GLY D 496 -84.42 -58.98 -19.64
CA GLY D 496 -83.18 -58.85 -18.89
C GLY D 496 -81.94 -59.37 -19.59
N TYR D 497 -81.75 -59.06 -20.87
CA TYR D 497 -80.55 -59.42 -21.60
C TYR D 497 -79.78 -58.17 -22.01
N LYS D 498 -78.51 -58.11 -21.59
CA LYS D 498 -77.69 -56.93 -21.85
C LYS D 498 -77.16 -56.95 -23.28
N GLY D 499 -77.08 -55.76 -23.88
CA GLY D 499 -76.68 -55.66 -25.26
C GLY D 499 -75.19 -55.87 -25.48
N ARG D 500 -74.84 -56.19 -26.73
CA ARG D 500 -73.47 -56.40 -27.14
C ARG D 500 -73.05 -55.30 -28.12
N VAL D 501 -72.10 -54.48 -27.70
CA VAL D 501 -71.66 -53.33 -28.47
C VAL D 501 -70.31 -53.64 -29.12
N THR D 502 -70.26 -53.46 -30.44
CA THR D 502 -69.07 -53.74 -31.22
C THR D 502 -68.48 -52.45 -31.74
N GLY D 503 -67.17 -52.33 -31.68
CA GLY D 503 -66.50 -51.15 -32.19
C GLY D 503 -65.00 -51.32 -32.15
N TRP D 504 -64.32 -50.48 -32.93
CA TRP D 504 -62.86 -50.50 -33.04
C TRP D 504 -62.22 -49.25 -32.43
N GLY D 505 -62.99 -48.49 -31.65
CA GLY D 505 -62.44 -47.33 -30.98
C GLY D 505 -62.27 -46.10 -31.84
N ASN D 506 -62.85 -46.09 -33.04
CA ASN D 506 -62.74 -44.91 -33.91
C ASN D 506 -63.67 -43.79 -33.47
N LEU D 507 -64.66 -44.09 -32.62
CA LEU D 507 -65.61 -43.07 -32.19
C LEU D 507 -64.92 -41.94 -31.43
N LYS D 508 -64.03 -42.30 -30.49
CA LYS D 508 -63.40 -41.30 -29.65
C LYS D 508 -62.49 -40.37 -30.46
N GLU D 509 -61.69 -40.95 -31.36
CA GLU D 509 -60.77 -40.13 -32.15
C GLU D 509 -61.51 -39.33 -33.23
N THR D 510 -62.61 -39.87 -33.75
CA THR D 510 -63.40 -39.12 -34.72
C THR D 510 -64.07 -37.91 -34.07
N TRP D 511 -64.74 -38.13 -32.93
CA TRP D 511 -65.41 -37.02 -32.26
C TRP D 511 -64.47 -36.11 -31.47
N THR D 512 -63.39 -36.65 -30.90
CA THR D 512 -62.52 -35.91 -30.00
C THR D 512 -61.05 -36.10 -30.38
N ALA D 513 -60.21 -35.17 -29.94
CA ALA D 513 -58.79 -35.18 -30.28
C ALA D 513 -57.88 -35.31 -29.06
N ASN D 514 -58.18 -36.21 -28.12
CA ASN D 514 -57.31 -36.44 -26.97
C ASN D 514 -56.09 -37.27 -27.37
N VAL D 515 -54.93 -36.94 -26.83
CA VAL D 515 -53.66 -37.59 -27.19
C VAL D 515 -53.24 -38.45 -26.00
N GLY D 516 -52.78 -39.67 -26.28
CA GLY D 516 -52.31 -40.57 -25.24
C GLY D 516 -52.77 -42.00 -25.43
N LYS D 517 -53.87 -42.17 -26.16
CA LYS D 517 -54.43 -43.49 -26.44
C LYS D 517 -54.69 -43.59 -27.93
N GLY D 518 -53.71 -44.10 -28.67
CA GLY D 518 -53.88 -44.28 -30.10
C GLY D 518 -54.88 -45.37 -30.42
N GLN D 519 -54.90 -45.76 -31.70
CA GLN D 519 -55.85 -46.77 -32.13
C GLN D 519 -55.37 -48.15 -31.70
N PRO D 520 -56.13 -48.87 -30.87
CA PRO D 520 -55.72 -50.21 -30.45
C PRO D 520 -55.76 -51.19 -31.62
N SER D 521 -54.99 -52.26 -31.50
CA SER D 521 -54.78 -53.19 -32.62
C SER D 521 -55.76 -54.35 -32.63
N VAL D 522 -56.71 -54.41 -31.69
CA VAL D 522 -57.66 -55.51 -31.63
C VAL D 522 -59.08 -54.97 -31.59
N LEU D 523 -60.02 -55.79 -32.03
CA LEU D 523 -61.43 -55.42 -32.02
C LEU D 523 -61.95 -55.30 -30.59
N GLN D 524 -62.89 -54.39 -30.38
CA GLN D 524 -63.52 -54.17 -29.09
C GLN D 524 -64.98 -54.63 -29.12
N VAL D 525 -65.33 -55.49 -28.17
CA VAL D 525 -66.71 -55.94 -27.98
C VAL D 525 -67.01 -55.91 -26.48
N VAL D 526 -68.09 -55.24 -26.11
CA VAL D 526 -68.40 -55.01 -24.71
C VAL D 526 -69.85 -55.39 -24.45
N ASN D 527 -70.18 -55.68 -23.20
CA ASN D 527 -71.54 -55.97 -22.78
C ASN D 527 -72.12 -54.76 -22.07
N LEU D 528 -72.93 -53.98 -22.78
CA LEU D 528 -73.52 -52.76 -22.24
C LEU D 528 -74.94 -53.03 -21.77
N PRO D 529 -75.25 -52.80 -20.50
CA PRO D 529 -76.64 -52.92 -20.06
C PRO D 529 -77.48 -51.73 -20.52
N ILE D 530 -78.76 -51.98 -20.70
CA ILE D 530 -79.69 -50.93 -21.11
C ILE D 530 -79.94 -49.99 -19.93
N VAL D 531 -79.80 -48.70 -20.18
CA VAL D 531 -80.07 -47.65 -19.21
C VAL D 531 -81.50 -47.16 -19.43
N GLU D 532 -82.27 -47.06 -18.35
CA GLU D 532 -83.64 -46.58 -18.45
C GLU D 532 -83.68 -45.09 -18.73
N ARG D 533 -84.84 -44.62 -19.20
CA ARG D 533 -84.98 -43.25 -19.71
C ARG D 533 -84.67 -42.15 -18.71
N PRO D 534 -85.07 -42.22 -17.43
CA PRO D 534 -84.83 -41.07 -16.54
C PRO D 534 -83.36 -40.69 -16.40
N VAL D 535 -82.51 -41.64 -16.01
CA VAL D 535 -81.08 -41.34 -15.88
C VAL D 535 -80.49 -40.94 -17.22
N CYS D 536 -81.06 -41.47 -18.31
CA CYS D 536 -80.60 -41.11 -19.65
C CYS D 536 -80.85 -39.63 -19.93
N LYS D 537 -82.08 -39.17 -19.71
CA LYS D 537 -82.41 -37.77 -19.96
C LYS D 537 -81.64 -36.85 -19.02
N ASP D 538 -81.50 -37.26 -17.76
CA ASP D 538 -80.81 -36.42 -16.78
C ASP D 538 -79.31 -36.31 -17.04
N SER D 539 -78.77 -37.14 -17.94
CA SER D 539 -77.32 -37.16 -18.16
C SER D 539 -76.82 -35.98 -18.99
N THR D 540 -77.60 -35.50 -19.96
CA THR D 540 -77.15 -34.41 -20.83
C THR D 540 -78.35 -33.56 -21.26
N ARG D 541 -78.05 -32.35 -21.72
CA ARG D 541 -79.08 -31.41 -22.15
C ARG D 541 -79.66 -31.72 -23.53
N ILE D 542 -79.02 -32.60 -24.30
CA ILE D 542 -79.56 -32.97 -25.61
C ILE D 542 -80.86 -33.73 -25.42
N ARG D 543 -81.89 -33.32 -26.14
CA ARG D 543 -83.19 -33.98 -26.08
C ARG D 543 -83.05 -35.44 -26.46
N ILE D 544 -83.66 -36.33 -25.68
CA ILE D 544 -83.74 -37.74 -26.02
C ILE D 544 -84.91 -37.91 -26.99
N THR D 545 -84.61 -37.88 -28.29
CA THR D 545 -85.64 -37.84 -29.31
C THR D 545 -86.41 -39.16 -29.37
N ASP D 546 -87.55 -39.13 -30.07
CA ASP D 546 -88.44 -40.27 -30.18
C ASP D 546 -87.83 -41.46 -30.90
N ASN D 547 -86.73 -41.27 -31.62
CA ASN D 547 -86.05 -42.37 -32.31
C ASN D 547 -84.73 -42.75 -31.67
N MET D 548 -84.57 -42.57 -30.37
CA MET D 548 -83.33 -42.91 -29.67
C MET D 548 -83.62 -43.58 -28.34
N PHE D 549 -82.69 -44.43 -27.91
CA PHE D 549 -82.73 -45.06 -26.60
C PHE D 549 -81.32 -45.09 -26.02
N CYS D 550 -81.23 -45.60 -24.80
CA CYS D 550 -80.02 -45.50 -23.99
C CYS D 550 -79.27 -46.82 -23.96
N ALA D 551 -77.97 -46.73 -23.68
CA ALA D 551 -77.11 -47.90 -23.50
C ALA D 551 -75.78 -47.43 -22.93
N GLY D 552 -75.16 -48.28 -22.11
CA GLY D 552 -73.88 -47.97 -21.52
C GLY D 552 -73.84 -48.33 -20.05
N TYR D 553 -72.64 -48.29 -19.49
CA TYR D 553 -72.47 -48.55 -18.07
C TYR D 553 -72.77 -47.30 -17.25
N LYS D 554 -73.03 -47.52 -15.97
CA LYS D 554 -73.23 -46.41 -15.05
C LYS D 554 -71.87 -45.88 -14.59
N PRO D 555 -71.57 -44.60 -14.83
CA PRO D 555 -70.21 -44.12 -14.54
C PRO D 555 -69.94 -44.04 -13.05
N ASP D 556 -68.66 -44.08 -12.68
CA ASP D 556 -68.29 -43.96 -11.28
C ASP D 556 -67.49 -42.69 -11.05
N GLU D 557 -67.31 -42.31 -9.79
CA GLU D 557 -66.57 -41.11 -9.44
C GLU D 557 -65.08 -41.28 -9.75
N GLY D 558 -64.55 -40.44 -10.62
CA GLY D 558 -63.14 -40.45 -10.94
C GLY D 558 -62.70 -41.54 -11.91
N LYS D 559 -63.60 -42.45 -12.28
CA LYS D 559 -63.28 -43.56 -13.16
C LYS D 559 -64.13 -43.48 -14.42
N ARG D 560 -63.61 -42.77 -15.42
CA ARG D 560 -64.33 -42.60 -16.68
C ARG D 560 -64.51 -43.96 -17.35
N GLY D 561 -65.75 -44.27 -17.71
CA GLY D 561 -66.05 -45.54 -18.33
C GLY D 561 -65.62 -45.58 -19.78
N ASP D 562 -66.06 -46.65 -20.45
CA ASP D 562 -65.79 -46.87 -21.87
C ASP D 562 -66.99 -46.52 -22.76
N ALA D 563 -67.81 -45.54 -22.36
CA ALA D 563 -68.99 -45.18 -23.13
C ALA D 563 -68.66 -44.49 -24.46
N CYS D 564 -67.42 -44.05 -24.66
CA CYS D 564 -67.00 -43.41 -25.90
C CYS D 564 -66.10 -44.36 -26.67
N GLU D 565 -66.43 -45.64 -26.67
CA GLU D 565 -65.74 -46.63 -27.47
C GLU D 565 -66.65 -47.08 -28.61
N GLY D 566 -66.05 -47.41 -29.73
CA GLY D 566 -66.80 -47.85 -30.89
C GLY D 566 -66.42 -47.12 -32.16
N ASP D 567 -67.34 -47.21 -33.13
CA ASP D 567 -67.14 -46.68 -34.47
C ASP D 567 -68.32 -45.80 -34.85
N SER D 568 -68.09 -44.86 -35.78
CA SER D 568 -69.16 -44.03 -36.27
C SER D 568 -70.10 -44.85 -37.15
N GLY D 569 -71.40 -44.73 -36.89
CA GLY D 569 -72.40 -45.46 -37.65
C GLY D 569 -72.54 -46.93 -37.29
N GLY D 570 -72.06 -47.35 -36.12
CA GLY D 570 -72.12 -48.73 -35.72
C GLY D 570 -73.49 -49.13 -35.18
N PRO D 571 -73.79 -50.43 -35.24
CA PRO D 571 -75.06 -50.92 -34.71
C PRO D 571 -74.96 -51.35 -33.25
N PHE D 572 -76.08 -51.26 -32.56
CA PHE D 572 -76.21 -51.72 -31.18
C PHE D 572 -76.83 -53.12 -31.20
N VAL D 573 -75.99 -54.14 -31.03
CA VAL D 573 -76.41 -55.52 -31.17
C VAL D 573 -76.77 -56.09 -29.80
N MET D 574 -77.76 -56.98 -29.79
CA MET D 574 -78.25 -57.63 -28.59
C MET D 574 -78.47 -59.11 -28.90
N LYS D 575 -78.50 -59.94 -27.86
CA LYS D 575 -78.75 -61.36 -28.02
C LYS D 575 -80.15 -61.68 -27.49
N SER D 576 -80.83 -62.59 -28.17
CA SER D 576 -82.15 -63.02 -27.76
C SER D 576 -82.17 -64.52 -27.46
N PRO D 577 -82.19 -64.92 -26.19
CA PRO D 577 -82.37 -66.35 -25.88
C PRO D 577 -83.70 -66.89 -26.34
N PHE D 578 -84.71 -66.03 -26.51
CA PHE D 578 -86.02 -66.46 -26.99
C PHE D 578 -86.02 -66.86 -28.44
N ASN D 579 -85.21 -66.21 -29.28
CA ASN D 579 -85.12 -66.56 -30.70
C ASN D 579 -83.78 -67.17 -31.08
N ASN D 580 -82.84 -67.27 -30.13
CA ASN D 580 -81.51 -67.83 -30.34
C ASN D 580 -80.70 -67.07 -31.39
N ARG D 581 -81.15 -65.87 -31.78
CA ARG D 581 -80.48 -65.08 -32.79
C ARG D 581 -80.12 -63.70 -32.24
N TRP D 582 -79.34 -62.96 -33.02
CA TRP D 582 -78.85 -61.64 -32.63
C TRP D 582 -79.65 -60.56 -33.36
N TYR D 583 -79.86 -59.44 -32.70
CA TYR D 583 -80.68 -58.35 -33.23
C TYR D 583 -79.94 -57.03 -33.18
N GLN D 584 -80.23 -56.15 -34.14
CA GLN D 584 -79.74 -54.78 -34.09
C GLN D 584 -80.88 -53.85 -33.67
N MET D 585 -80.64 -53.02 -32.64
CA MET D 585 -81.68 -52.12 -32.16
C MET D 585 -81.30 -50.65 -32.25
N GLY D 586 -80.01 -50.31 -32.19
CA GLY D 586 -79.61 -48.92 -32.19
C GLY D 586 -78.41 -48.67 -33.08
N ILE D 587 -78.36 -47.45 -33.61
CA ILE D 587 -77.24 -46.96 -34.42
C ILE D 587 -76.46 -45.97 -33.59
N VAL D 588 -75.14 -46.13 -33.56
CA VAL D 588 -74.27 -45.27 -32.78
C VAL D 588 -74.33 -43.85 -33.33
N SER D 589 -74.87 -42.93 -32.53
CA SER D 589 -74.94 -41.52 -32.87
C SER D 589 -73.82 -40.77 -32.12
N TRP D 590 -73.85 -39.45 -32.17
CA TRP D 590 -72.87 -38.66 -31.44
C TRP D 590 -73.02 -38.88 -29.94
N GLY D 591 -71.96 -39.40 -29.32
CA GLY D 591 -72.01 -39.74 -27.92
C GLY D 591 -71.57 -38.59 -27.04
N GLU D 592 -72.28 -38.44 -25.91
CA GLU D 592 -71.97 -37.36 -24.99
C GLU D 592 -70.80 -37.72 -24.08
N GLY D 593 -70.44 -38.99 -24.00
CA GLY D 593 -69.32 -39.39 -23.18
C GLY D 593 -67.98 -38.91 -23.67
N CYS D 594 -67.90 -38.44 -24.92
CA CYS D 594 -66.63 -38.02 -25.48
C CYS D 594 -66.31 -36.56 -25.13
N ASP D 595 -67.34 -35.72 -25.01
CA ASP D 595 -67.13 -34.31 -24.73
C ASP D 595 -66.92 -34.01 -23.26
N ARG D 596 -67.79 -34.49 -22.38
CA ARG D 596 -67.70 -34.24 -20.95
C ARG D 596 -67.70 -35.58 -20.21
N ASP D 597 -67.07 -35.61 -19.04
CA ASP D 597 -66.92 -36.86 -18.31
C ASP D 597 -68.25 -37.31 -17.73
N GLY D 598 -68.34 -38.61 -17.45
CA GLY D 598 -69.51 -39.17 -16.80
C GLY D 598 -70.79 -39.10 -17.59
N LYS D 599 -70.78 -39.49 -18.87
CA LYS D 599 -71.97 -39.50 -19.71
C LYS D 599 -72.24 -40.91 -20.20
N TYR D 600 -73.49 -41.15 -20.59
CA TYR D 600 -73.94 -42.44 -21.09
C TYR D 600 -73.96 -42.45 -22.61
N GLY D 601 -74.50 -43.54 -23.16
CA GLY D 601 -74.57 -43.68 -24.60
C GLY D 601 -76.01 -43.57 -25.11
N PHE D 602 -76.18 -42.76 -26.15
CA PHE D 602 -77.48 -42.46 -26.73
C PHE D 602 -77.45 -42.85 -28.20
N TYR D 603 -78.38 -43.70 -28.63
CA TYR D 603 -78.30 -44.30 -29.97
C TYR D 603 -79.66 -44.29 -30.64
N THR D 604 -79.64 -44.27 -31.98
CA THR D 604 -80.84 -44.07 -32.78
C THR D 604 -81.62 -45.36 -32.96
N HIS D 605 -82.93 -45.30 -32.75
CA HIS D 605 -83.80 -46.46 -32.93
C HIS D 605 -83.76 -46.96 -34.37
N VAL D 606 -83.78 -48.28 -34.52
CA VAL D 606 -83.75 -48.91 -35.84
C VAL D 606 -84.83 -49.95 -36.05
N PHE D 607 -85.59 -50.30 -35.01
CA PHE D 607 -86.58 -51.36 -35.17
C PHE D 607 -87.83 -50.89 -35.90
N ARG D 608 -87.96 -49.60 -36.16
CA ARG D 608 -89.09 -49.06 -36.90
C ARG D 608 -88.83 -48.99 -38.40
N LEU D 609 -87.68 -49.46 -38.87
CA LEU D 609 -87.27 -49.27 -40.26
C LEU D 609 -87.95 -50.20 -41.25
N LYS D 610 -88.64 -51.24 -40.77
CA LYS D 610 -89.09 -52.30 -41.67
C LYS D 610 -89.97 -51.75 -42.80
N LYS D 611 -91.02 -51.00 -42.43
CA LYS D 611 -91.88 -50.43 -43.46
C LYS D 611 -91.12 -49.44 -44.33
N TRP D 612 -90.15 -48.74 -43.76
CA TRP D 612 -89.27 -47.89 -44.57
C TRP D 612 -88.39 -48.73 -45.48
N ILE D 613 -87.92 -49.88 -44.98
CA ILE D 613 -86.99 -50.70 -45.76
C ILE D 613 -87.60 -51.11 -47.09
N GLN D 614 -88.86 -51.56 -47.05
CA GLN D 614 -89.55 -51.91 -48.29
C GLN D 614 -89.59 -50.74 -49.26
N LYS D 615 -89.76 -49.52 -48.71
CA LYS D 615 -89.85 -48.33 -49.56
C LYS D 615 -88.62 -48.18 -50.45
N VAL D 616 -87.49 -48.76 -50.02
CA VAL D 616 -86.30 -48.69 -50.86
C VAL D 616 -86.23 -49.86 -51.83
N ILE D 617 -86.59 -51.06 -51.37
CA ILE D 617 -86.32 -52.24 -52.20
C ILE D 617 -87.28 -52.32 -53.38
N ASP D 618 -88.50 -51.78 -53.22
CA ASP D 618 -89.39 -51.66 -54.38
C ASP D 618 -88.85 -50.69 -55.41
N GLN D 619 -88.00 -49.74 -54.98
CA GLN D 619 -87.30 -48.90 -55.93
C GLN D 619 -86.34 -49.70 -56.80
N PHE D 620 -86.01 -50.93 -56.38
CA PHE D 620 -85.18 -51.83 -57.17
C PHE D 620 -85.91 -53.11 -57.55
N GLY D 621 -87.15 -53.29 -57.12
CA GLY D 621 -87.93 -54.46 -57.48
C GLY D 621 -89.02 -54.16 -58.49
N GLU D 622 -88.86 -53.07 -59.24
CA GLU D 622 -89.83 -52.72 -60.27
C GLU D 622 -89.16 -52.61 -61.64
#